data_7ZC1
#
_entry.id   7ZC1
#
_cell.length_a   1.00
_cell.length_b   1.00
_cell.length_c   1.00
_cell.angle_alpha   90.00
_cell.angle_beta   90.00
_cell.angle_gamma   90.00
#
_symmetry.space_group_name_H-M   'P 1'
#
loop_
_entity.id
_entity.type
_entity.pdbx_description
1 polymer 'Ribulose bisphosphate carboxylase large chain'
2 polymer 'Ribulose bisphosphate carboxylase, small subunit'
#
loop_
_entity_poly.entity_id
_entity_poly.type
_entity_poly.pdbx_seq_one_letter_code
_entity_poly.pdbx_strand_id
1 'polypeptide(L)'
;MSKKYDAGVKEYRDTYWTPDYVPLDTDLLACFKCTGQEGVPKEEVAAAVAAESSTGTWSTVWSELLVDLDFYKGRCYRIE
DVPGDKEAFYAFIAYPLDLFEEGSVTNVLTSLVGNVFGFKALRHLRLEDIRFPMAFIKTCPGPPNGICVERDRMNKYGRP
LLGCTIKPKLGLSGKNYGRVVYECLRGGLDFTKDDENINSQPFQRWQNRFEFVAEAVALAQQETGEKKGHYLNCTAATPE
EMYERAEFAKELGQPIIMHDYITGGFTANTGLSKWCRKNGMLLHIHRAMHAVIDRHPKHGIHFRVLAKCLRLSGGDQLHT
GTVVGKLEGDRQTTLGFIDQLRESFIPEDRSRGNFFDQDWGSMPGVFAVASGGIHVWHMPALVAIFGDDSVLQFGGGTHG
HPWGSAAGAAANRVALEACVKARNAGREIEKESRDILMEAAKHSPELAIALETWKEIKFEFDTVDKLDVQ
;
A,D,G,J,M,P,S,V
2 'polypeptide(L)'
;MPFKSTVGDYQTVATLETFGFLPPMTQDEIYDQIAYIIAQGWSPLIEHVHPSRSMATYWSYWKLPFFGEKDLGVIVSELE
ACHRAYPDHHVRLVGYDAYTQSQGACFVVFEGR
;
B,E,H,K,N,Q,T,W
#
# COMPACT_ATOMS: atom_id res chain seq x y z
N GLU A 11 24.43 44.61 30.04
CA GLU A 11 24.21 43.88 31.28
C GLU A 11 22.91 43.09 31.23
N TYR A 12 23.00 41.80 31.54
CA TYR A 12 21.85 40.92 31.53
C TYR A 12 21.58 40.24 32.87
N ARG A 13 22.36 40.54 33.90
CA ARG A 13 22.15 39.92 35.21
C ARG A 13 20.78 40.28 35.77
N ASP A 14 20.34 41.53 35.56
CA ASP A 14 19.14 42.06 36.20
C ASP A 14 17.91 41.23 35.88
N THR A 15 17.87 40.60 34.71
CA THR A 15 16.74 39.77 34.32
C THR A 15 17.09 38.31 34.07
N TYR A 16 18.38 37.95 34.09
CA TYR A 16 18.77 36.55 33.88
C TYR A 16 19.71 36.02 34.94
N TRP A 17 19.88 36.71 36.05
CA TRP A 17 20.54 36.15 37.23
C TRP A 17 19.59 36.25 38.41
N THR A 18 19.33 35.13 39.05
CA THR A 18 18.35 35.05 40.14
C THR A 18 19.05 34.77 41.45
N PRO A 19 19.24 35.77 42.32
CA PRO A 19 20.01 35.54 43.55
C PRO A 19 19.34 34.58 44.54
N ASP A 20 18.00 34.48 44.54
CA ASP A 20 17.31 33.70 45.56
C ASP A 20 16.22 32.79 44.98
N TYR A 21 16.29 32.47 43.69
CA TYR A 21 15.28 31.61 43.10
C TYR A 21 15.56 30.14 43.42
N VAL A 22 14.49 29.39 43.67
CA VAL A 22 14.55 27.96 43.93
C VAL A 22 13.92 27.25 42.73
N PRO A 23 14.61 26.31 42.09
CA PRO A 23 14.07 25.67 40.89
C PRO A 23 12.79 24.90 41.20
N LEU A 24 11.87 24.91 40.24
CA LEU A 24 10.66 24.11 40.31
C LEU A 24 10.98 22.67 39.91
N ASP A 25 10.23 21.73 40.48
CA ASP A 25 10.43 20.30 40.27
C ASP A 25 10.11 19.84 38.86
N THR A 26 9.52 20.69 38.03
CA THR A 26 9.25 20.40 36.64
C THR A 26 10.22 21.11 35.70
N ASP A 27 11.19 21.83 36.24
CA ASP A 27 12.15 22.54 35.43
C ASP A 27 13.26 21.62 34.96
N LEU A 28 13.99 22.05 33.94
CA LEU A 28 15.18 21.37 33.48
C LEU A 28 16.40 22.12 34.01
N LEU A 29 17.21 21.44 34.81
CA LEU A 29 18.36 22.06 35.46
C LEU A 29 19.63 21.62 34.76
N ALA A 30 20.47 22.60 34.41
CA ALA A 30 21.70 22.35 33.68
C ALA A 30 22.87 22.95 34.44
N CYS A 31 24.00 22.23 34.43
CA CYS A 31 25.23 22.67 35.07
C CYS A 31 26.28 22.96 34.01
N PHE A 32 26.86 24.15 34.06
CA PHE A 32 27.88 24.56 33.10
C PHE A 32 29.14 24.95 33.86
N LYS A 33 30.27 24.36 33.50
CA LYS A 33 31.56 24.84 33.98
C LYS A 33 32.03 25.95 33.06
N CYS A 34 32.00 27.19 33.55
CA CYS A 34 32.17 28.37 32.72
C CYS A 34 33.47 29.10 33.07
N THR A 35 34.16 29.58 32.03
CA THR A 35 35.31 30.46 32.19
C THR A 35 35.11 31.64 31.24
N GLY A 36 34.73 32.78 31.80
CA GLY A 36 34.64 34.00 31.02
C GLY A 36 36.00 34.61 30.78
N GLN A 37 35.98 35.79 30.17
CA GLN A 37 37.23 36.52 29.97
C GLN A 37 37.79 36.97 31.32
N GLU A 38 39.07 37.35 31.32
CA GLU A 38 39.71 37.74 32.57
C GLU A 38 39.09 39.03 33.12
N GLY A 39 38.84 39.03 34.42
CA GLY A 39 38.28 40.19 35.09
C GLY A 39 36.88 40.56 34.66
N VAL A 40 36.03 39.57 34.42
CA VAL A 40 34.62 39.84 34.10
C VAL A 40 33.76 39.36 35.27
N PRO A 41 32.59 39.97 35.47
CA PRO A 41 31.66 39.48 36.51
C PRO A 41 31.20 38.06 36.20
N LYS A 42 31.40 37.16 37.17
CA LYS A 42 30.96 35.78 37.00
C LYS A 42 29.45 35.69 36.88
N GLU A 43 28.73 36.50 37.66
CA GLU A 43 27.28 36.54 37.55
C GLU A 43 26.85 37.00 36.17
N GLU A 44 27.53 38.01 35.62
CA GLU A 44 27.17 38.52 34.31
C GLU A 44 27.38 37.48 33.22
N VAL A 45 28.52 36.77 33.25
CA VAL A 45 28.77 35.78 32.22
C VAL A 45 27.84 34.58 32.36
N ALA A 46 27.52 34.20 33.60
CA ALA A 46 26.54 33.13 33.81
C ALA A 46 25.17 33.52 33.27
N ALA A 47 24.76 34.78 33.51
CA ALA A 47 23.49 35.24 32.99
C ALA A 47 23.51 35.34 31.47
N ALA A 48 24.67 35.70 30.90
CA ALA A 48 24.82 35.73 29.46
C ALA A 48 24.66 34.34 28.86
N VAL A 49 25.25 33.33 29.49
CA VAL A 49 25.09 31.95 29.03
C VAL A 49 23.63 31.53 29.13
N ALA A 50 22.99 31.83 30.26
CA ALA A 50 21.59 31.46 30.45
C ALA A 50 20.70 32.11 29.40
N ALA A 51 20.91 33.39 29.12
CA ALA A 51 20.12 34.08 28.10
C ALA A 51 20.41 33.50 26.72
N GLU A 52 21.68 33.30 26.38
CA GLU A 52 22.07 32.77 25.09
C GLU A 52 21.50 31.38 24.86
N SER A 53 21.11 30.68 25.93
CA SER A 53 20.34 29.46 25.77
C SER A 53 18.88 29.72 25.39
N SER A 54 18.30 30.83 25.85
CA SER A 54 16.90 31.10 25.57
C SER A 54 16.69 32.37 24.73
N THR A 55 17.21 33.50 25.19
CA THR A 55 16.86 34.79 24.61
C THR A 55 18.10 35.67 24.44
N GLY A 56 18.18 36.35 23.30
CA GLY A 56 19.27 37.26 23.02
C GLY A 56 18.94 38.39 22.07
N THR A 57 19.14 39.63 22.51
CA THR A 57 18.90 40.81 21.69
C THR A 57 20.05 41.77 21.85
N TRP A 58 20.36 42.50 20.78
CA TRP A 58 21.44 43.47 20.79
C TRP A 58 20.98 44.87 21.17
N SER A 59 19.68 45.12 21.22
CA SER A 59 19.15 46.42 21.59
C SER A 59 17.68 46.24 21.97
N THR A 60 17.00 47.37 22.18
CA THR A 60 15.59 47.34 22.53
C THR A 60 14.77 46.72 21.40
N VAL A 61 13.82 45.87 21.77
CA VAL A 61 13.06 45.07 20.81
C VAL A 61 11.57 45.19 21.13
N TRP A 62 10.75 44.88 20.12
CA TRP A 62 9.31 45.08 20.22
C TRP A 62 8.52 43.78 20.42
N SER A 63 8.80 42.75 19.62
CA SER A 63 7.97 41.55 19.59
C SER A 63 7.99 40.80 20.92
N GLU A 64 9.03 41.01 21.72
CA GLU A 64 9.12 40.34 23.02
C GLU A 64 8.09 40.86 24.01
N LEU A 65 7.39 41.94 23.70
CA LEU A 65 6.30 42.42 24.53
C LEU A 65 4.96 41.79 24.17
N LEU A 66 4.90 40.97 23.13
CA LEU A 66 3.70 40.23 22.78
C LEU A 66 3.64 38.85 23.43
N VAL A 67 4.77 38.35 23.93
CA VAL A 67 4.81 37.10 24.69
C VAL A 67 5.54 37.37 25.99
N ASP A 68 5.08 36.75 27.07
CA ASP A 68 5.65 37.01 28.38
C ASP A 68 7.06 36.43 28.48
N LEU A 69 8.06 37.27 28.21
CA LEU A 69 9.45 36.83 28.33
C LEU A 69 9.79 36.42 29.76
N ASP A 70 9.05 36.95 30.74
CA ASP A 70 9.32 36.63 32.14
C ASP A 70 9.14 35.14 32.42
N PHE A 71 8.09 34.54 31.86
CA PHE A 71 7.80 33.12 32.09
C PHE A 71 8.63 32.20 31.21
N TYR A 72 8.85 32.58 29.94
CA TYR A 72 9.62 31.76 29.01
C TYR A 72 11.07 32.23 28.95
N LYS A 73 11.77 32.07 30.07
CA LYS A 73 13.18 32.41 30.14
C LYS A 73 13.87 31.53 31.17
N GLY A 74 15.15 31.25 30.92
CA GLY A 74 15.91 30.47 31.87
C GLY A 74 16.35 31.28 33.07
N ARG A 75 16.75 30.57 34.13
CA ARG A 75 17.18 31.20 35.36
C ARG A 75 18.43 30.49 35.86
N CYS A 76 19.56 31.17 35.80
CA CYS A 76 20.76 30.74 36.52
C CYS A 76 20.64 31.18 37.97
N TYR A 77 20.61 30.20 38.88
CA TYR A 77 20.28 30.45 40.28
C TYR A 77 21.41 30.16 41.25
N ARG A 78 22.53 29.62 40.79
CA ARG A 78 23.60 29.30 41.72
C ARG A 78 24.94 29.26 40.99
N ILE A 79 25.89 30.03 41.50
CA ILE A 79 27.27 30.02 41.04
C ILE A 79 28.13 29.49 42.17
N GLU A 80 28.82 28.38 41.93
CA GLU A 80 29.67 27.73 42.90
C GLU A 80 31.12 27.70 42.40
N ASP A 81 32.05 27.78 43.33
CA ASP A 81 33.47 27.83 42.99
C ASP A 81 33.97 26.42 42.70
N VAL A 82 34.58 26.24 41.53
CA VAL A 82 35.06 24.91 41.13
C VAL A 82 36.22 24.51 42.03
N PRO A 83 36.25 23.29 42.57
CA PRO A 83 37.38 22.88 43.40
C PRO A 83 38.62 22.58 42.58
N GLY A 84 39.43 23.61 42.31
CA GLY A 84 40.64 23.44 41.54
C GLY A 84 40.98 24.62 40.65
N ASP A 85 39.97 25.39 40.27
CA ASP A 85 40.18 26.63 39.54
C ASP A 85 39.24 27.70 40.06
N LYS A 86 39.77 28.89 40.31
CA LYS A 86 38.97 30.01 40.76
C LYS A 86 38.47 30.87 39.61
N GLU A 87 38.99 30.67 38.40
CA GLU A 87 38.42 31.30 37.22
C GLU A 87 37.29 30.49 36.62
N ALA A 88 37.40 29.16 36.65
CA ALA A 88 36.30 28.29 36.26
C ALA A 88 35.30 28.17 37.41
N PHE A 89 34.02 28.22 37.09
CA PHE A 89 32.98 28.14 38.11
C PHE A 89 31.81 27.33 37.59
N TYR A 90 31.20 26.56 38.48
CA TYR A 90 29.99 25.83 38.14
C TYR A 90 28.78 26.76 38.20
N ALA A 91 27.97 26.72 37.16
CA ALA A 91 26.76 27.53 37.07
C ALA A 91 25.57 26.62 36.83
N PHE A 92 24.51 26.82 37.62
CA PHE A 92 23.30 26.03 37.56
C PHE A 92 22.19 26.88 36.97
N ILE A 93 21.71 26.50 35.78
CA ILE A 93 20.70 27.26 35.05
C ILE A 93 19.42 26.44 34.99
N ALA A 94 18.30 27.08 35.28
CA ALA A 94 16.99 26.45 35.21
C ALA A 94 16.34 26.71 33.86
N TYR A 95 15.39 25.84 33.51
CA TYR A 95 14.65 25.97 32.26
C TYR A 95 13.20 25.59 32.49
N PRO A 96 12.25 26.46 32.16
CA PRO A 96 10.84 26.05 32.21
C PRO A 96 10.57 24.88 31.28
N LEU A 97 9.66 24.00 31.72
CA LEU A 97 9.40 22.75 31.02
C LEU A 97 8.96 22.98 29.58
N ASP A 98 8.29 24.10 29.32
CA ASP A 98 7.71 24.37 28.02
C ASP A 98 8.74 24.68 26.94
N LEU A 99 10.01 24.89 27.31
CA LEU A 99 11.03 25.25 26.32
C LEU A 99 11.48 24.07 25.47
N PHE A 100 10.88 22.88 25.56
CA PHE A 100 11.38 21.72 24.84
C PHE A 100 10.21 20.95 24.24
N GLU A 101 10.54 19.93 23.46
CA GLU A 101 9.55 19.03 22.87
C GLU A 101 9.30 17.86 23.81
N GLU A 102 8.10 17.30 23.72
CA GLU A 102 7.71 16.18 24.56
C GLU A 102 8.41 14.90 24.13
N GLY A 103 9.63 14.68 24.61
CA GLY A 103 10.37 13.49 24.29
C GLY A 103 11.30 13.61 23.11
N SER A 104 11.94 14.77 22.93
CA SER A 104 12.89 14.98 21.84
C SER A 104 14.23 15.33 22.47
N VAL A 105 15.15 14.36 22.56
CA VAL A 105 16.49 14.66 23.02
C VAL A 105 17.18 15.62 22.05
N THR A 106 16.84 15.52 20.77
CA THR A 106 17.38 16.44 19.77
C THR A 106 17.03 17.88 20.12
N ASN A 107 15.77 18.11 20.50
CA ASN A 107 15.36 19.45 20.90
C ASN A 107 16.10 19.92 22.13
N VAL A 108 16.33 19.01 23.08
CA VAL A 108 17.09 19.36 24.28
C VAL A 108 18.50 19.82 23.91
N LEU A 109 19.16 19.07 23.02
CA LEU A 109 20.53 19.45 22.64
C LEU A 109 20.53 20.77 21.88
N THR A 110 19.56 20.97 20.99
CA THR A 110 19.49 22.24 20.25
C THR A 110 19.27 23.42 21.21
N SER A 111 18.38 23.26 22.18
CA SER A 111 18.09 24.35 23.11
C SER A 111 19.20 24.56 24.13
N LEU A 112 20.04 23.54 24.35
CA LEU A 112 21.08 23.68 25.36
C LEU A 112 22.42 24.15 24.82
N VAL A 113 22.87 23.60 23.68
CA VAL A 113 24.19 23.93 23.15
C VAL A 113 24.11 24.41 21.70
N GLY A 114 22.91 24.86 21.29
CA GLY A 114 22.74 25.27 19.90
C GLY A 114 23.59 26.46 19.52
N ASN A 115 23.58 27.51 20.36
CA ASN A 115 24.28 28.74 20.06
C ASN A 115 25.14 29.27 21.20
N VAL A 116 25.08 28.67 22.39
CA VAL A 116 25.78 29.22 23.55
C VAL A 116 27.29 29.17 23.37
N PHE A 117 27.79 28.19 22.63
CA PHE A 117 29.23 28.01 22.48
C PHE A 117 29.88 29.03 21.55
N GLY A 118 29.09 29.89 20.90
CA GLY A 118 29.62 30.87 19.98
C GLY A 118 29.79 32.27 20.54
N PHE A 119 29.41 32.51 21.79
CA PHE A 119 29.51 33.84 22.36
C PHE A 119 30.96 34.15 22.71
N LYS A 120 31.43 35.33 22.30
CA LYS A 120 32.82 35.71 22.50
C LYS A 120 33.16 35.96 23.97
N ALA A 121 32.17 36.32 24.79
CA ALA A 121 32.43 36.66 26.18
C ALA A 121 32.73 35.43 27.05
N LEU A 122 32.94 34.25 26.48
CA LEU A 122 33.24 33.05 27.25
C LEU A 122 34.53 32.43 26.71
N ARG A 123 35.55 32.36 27.55
CA ARG A 123 36.80 31.70 27.14
C ARG A 123 36.56 30.21 26.91
N HIS A 124 35.87 29.55 27.84
CA HIS A 124 35.54 28.14 27.72
C HIS A 124 34.18 27.89 28.35
N LEU A 125 33.48 26.90 27.81
CA LEU A 125 32.19 26.48 28.36
C LEU A 125 32.09 24.96 28.26
N ARG A 126 31.66 24.33 29.35
CA ARG A 126 31.52 22.88 29.38
C ARG A 126 30.21 22.51 30.07
N LEU A 127 29.39 21.72 29.38
CA LEU A 127 28.16 21.21 29.97
C LEU A 127 28.48 20.01 30.86
N GLU A 128 28.16 20.13 32.14
CA GLU A 128 28.54 19.11 33.12
C GLU A 128 27.41 18.14 33.46
N ASP A 129 26.28 18.66 33.94
CA ASP A 129 25.21 17.81 34.42
C ASP A 129 23.86 18.38 34.02
N ILE A 130 22.89 17.49 33.84
CA ILE A 130 21.51 17.86 33.49
C ILE A 130 20.57 17.11 34.41
N ARG A 131 19.60 17.83 34.99
CA ARG A 131 18.58 17.22 35.85
C ARG A 131 17.27 17.21 35.07
N PHE A 132 16.99 16.08 34.43
CA PHE A 132 15.76 15.98 33.63
C PHE A 132 14.56 15.81 34.54
N PRO A 133 13.49 16.60 34.34
CA PRO A 133 12.30 16.42 35.16
C PRO A 133 11.62 15.09 34.87
N MET A 134 10.89 14.60 35.87
CA MET A 134 10.20 13.31 35.73
C MET A 134 9.23 13.33 34.56
N ALA A 135 8.58 14.47 34.31
CA ALA A 135 7.62 14.57 33.22
C ALA A 135 8.28 14.32 31.88
N PHE A 136 9.38 15.01 31.60
CA PHE A 136 10.06 14.86 30.32
C PHE A 136 10.59 13.44 30.14
N ILE A 137 11.03 12.80 31.22
CA ILE A 137 11.46 11.41 31.13
C ILE A 137 10.27 10.51 30.80
N LYS A 138 9.12 10.76 31.41
CA LYS A 138 7.94 9.97 31.09
C LYS A 138 7.44 10.20 29.67
N THR A 139 7.77 11.35 29.07
CA THR A 139 7.35 11.61 27.70
C THR A 139 8.18 10.82 26.69
N CYS A 140 9.48 10.68 26.93
CA CYS A 140 10.35 10.06 25.94
C CYS A 140 10.08 8.55 25.86
N PRO A 141 10.30 7.95 24.69
CA PRO A 141 10.07 6.50 24.57
C PRO A 141 10.95 5.65 25.48
N GLY A 142 12.20 6.08 25.72
CA GLY A 142 13.10 5.33 26.56
C GLY A 142 13.64 4.09 25.87
N PRO A 143 14.47 3.33 26.57
CA PRO A 143 14.99 2.08 26.01
C PRO A 143 13.86 1.13 25.65
N PRO A 144 13.97 0.43 24.51
CA PRO A 144 12.88 -0.45 24.09
C PRO A 144 12.67 -1.65 25.00
N ASN A 145 13.74 -2.23 25.55
CA ASN A 145 13.62 -3.43 26.37
C ASN A 145 13.94 -3.17 27.83
N GLY A 146 15.14 -2.71 28.14
CA GLY A 146 15.56 -2.55 29.52
C GLY A 146 16.50 -3.65 29.97
N ILE A 147 17.10 -3.44 31.14
CA ILE A 147 18.12 -4.36 31.66
C ILE A 147 17.51 -5.72 31.97
N CYS A 148 16.49 -5.74 32.83
CA CYS A 148 15.89 -7.01 33.23
C CYS A 148 15.22 -7.70 32.05
N VAL A 149 14.62 -6.93 31.15
CA VAL A 149 13.95 -7.52 30.00
C VAL A 149 14.98 -8.15 29.05
N GLU A 150 16.13 -7.49 28.87
CA GLU A 150 17.19 -8.11 28.07
C GLU A 150 17.70 -9.38 28.72
N ARG A 151 17.88 -9.37 30.05
CA ARG A 151 18.30 -10.57 30.75
C ARG A 151 17.28 -11.70 30.56
N ASP A 152 15.99 -11.37 30.61
CA ASP A 152 14.96 -12.37 30.38
C ASP A 152 15.01 -12.91 28.95
N ARG A 153 15.20 -12.02 27.97
CA ARG A 153 15.22 -12.45 26.58
C ARG A 153 16.47 -13.25 26.23
N MET A 154 17.56 -13.07 26.97
CA MET A 154 18.76 -13.87 26.78
C MET A 154 18.91 -14.99 27.78
N ASN A 155 18.12 -14.98 28.86
CA ASN A 155 18.19 -16.01 29.91
C ASN A 155 19.61 -16.13 30.48
N LYS A 156 20.26 -14.98 30.65
CA LYS A 156 21.62 -14.92 31.17
C LYS A 156 21.63 -14.09 32.45
N TYR A 157 22.17 -14.66 33.52
CA TYR A 157 22.18 -14.02 34.83
C TYR A 157 23.46 -14.40 35.54
N GLY A 158 23.60 -13.97 36.80
CA GLY A 158 24.72 -14.37 37.63
C GLY A 158 26.02 -13.67 37.29
N ARG A 159 26.34 -13.59 36.01
CA ARG A 159 27.59 -13.04 35.52
C ARG A 159 27.33 -11.89 34.55
N PRO A 160 28.27 -10.97 34.40
CA PRO A 160 28.22 -10.05 33.26
C PRO A 160 28.39 -10.81 31.95
N LEU A 161 27.99 -10.18 30.86
CA LEU A 161 28.05 -10.81 29.55
C LEU A 161 29.37 -10.49 28.87
N LEU A 162 29.72 -11.32 27.88
CA LEU A 162 31.04 -11.29 27.26
C LEU A 162 30.88 -11.11 25.76
N GLY A 163 31.42 -10.02 25.22
CA GLY A 163 31.43 -9.77 23.80
C GLY A 163 32.85 -9.70 23.25
N CYS A 164 32.93 -9.37 21.97
CA CYS A 164 34.21 -9.12 21.31
C CYS A 164 33.97 -8.48 19.96
N THR A 165 34.82 -7.52 19.61
CA THR A 165 34.79 -6.95 18.27
C THR A 165 35.46 -7.91 17.30
N ILE A 166 34.89 -8.02 16.09
CA ILE A 166 35.44 -8.91 15.08
C ILE A 166 36.64 -8.22 14.43
N LYS A 167 37.84 -8.72 14.73
CA LYS A 167 39.10 -8.27 14.15
C LYS A 167 39.45 -9.13 12.94
N PRO A 168 40.06 -8.56 11.89
CA PRO A 168 40.46 -7.14 11.74
C PRO A 168 39.28 -6.20 11.56
N LYS A 169 39.56 -4.89 11.49
CA LYS A 169 38.49 -3.90 11.40
C LYS A 169 37.64 -4.08 10.15
N LEU A 170 38.20 -4.64 9.09
CA LEU A 170 37.48 -4.82 7.84
C LEU A 170 38.24 -5.83 6.99
N GLY A 171 37.75 -6.05 5.76
CA GLY A 171 38.37 -6.95 4.82
C GLY A 171 37.70 -8.30 4.69
N LEU A 172 36.79 -8.65 5.59
CA LEU A 172 36.18 -9.98 5.59
C LEU A 172 35.00 -10.04 4.63
N SER A 173 34.89 -11.16 3.93
CA SER A 173 33.71 -11.44 3.14
C SER A 173 32.59 -11.96 4.04
N GLY A 174 31.41 -12.16 3.45
CA GLY A 174 30.29 -12.65 4.23
C GLY A 174 30.56 -13.98 4.88
N LYS A 175 31.10 -14.94 4.11
CA LYS A 175 31.40 -16.26 4.66
C LYS A 175 32.49 -16.17 5.72
N ASN A 176 33.57 -15.43 5.43
CA ASN A 176 34.67 -15.32 6.38
C ASN A 176 34.23 -14.61 7.66
N TYR A 177 33.49 -13.51 7.51
CA TYR A 177 32.98 -12.80 8.69
C TYR A 177 32.07 -13.71 9.51
N GLY A 178 31.20 -14.45 8.84
CA GLY A 178 30.29 -15.34 9.54
C GLY A 178 31.02 -16.44 10.29
N ARG A 179 32.02 -17.05 9.66
CA ARG A 179 32.74 -18.13 10.33
C ARG A 179 33.58 -17.60 11.48
N VAL A 180 34.15 -16.40 11.35
CA VAL A 180 34.87 -15.81 12.47
C VAL A 180 33.93 -15.53 13.63
N VAL A 181 32.74 -15.00 13.34
CA VAL A 181 31.75 -14.76 14.38
C VAL A 181 31.33 -16.07 15.04
N TYR A 182 31.16 -17.13 14.24
CA TYR A 182 30.79 -18.42 14.79
C TYR A 182 31.89 -18.96 15.71
N GLU A 183 33.15 -18.84 15.30
CA GLU A 183 34.26 -19.30 16.13
C GLU A 183 34.32 -18.53 17.44
N CYS A 184 34.11 -17.21 17.39
CA CYS A 184 34.08 -16.43 18.61
C CYS A 184 32.90 -16.82 19.50
N LEU A 185 31.74 -17.08 18.89
CA LEU A 185 30.52 -17.29 19.66
C LEU A 185 30.49 -18.66 20.32
N ARG A 186 30.99 -19.70 19.62
CA ARG A 186 30.91 -21.06 20.14
C ARG A 186 31.77 -21.29 21.38
N GLY A 187 32.65 -20.35 21.72
CA GLY A 187 33.47 -20.47 22.91
C GLY A 187 32.83 -19.99 24.19
N GLY A 188 31.50 -19.86 24.23
CA GLY A 188 30.81 -19.32 25.37
C GLY A 188 30.68 -17.82 25.40
N LEU A 189 31.18 -17.13 24.38
CA LEU A 189 31.03 -15.68 24.29
C LEU A 189 29.57 -15.32 24.11
N ASP A 190 29.12 -14.27 24.80
CA ASP A 190 27.71 -13.89 24.75
C ASP A 190 27.34 -13.28 23.41
N PHE A 191 28.06 -12.26 22.97
CA PHE A 191 27.74 -11.56 21.74
C PHE A 191 29.03 -11.23 20.99
N THR A 192 28.86 -10.68 19.79
CA THR A 192 29.93 -10.07 19.02
C THR A 192 29.38 -8.81 18.39
N LYS A 193 30.19 -7.75 18.37
CA LYS A 193 29.78 -6.47 17.78
C LYS A 193 30.53 -6.24 16.48
N ASP A 194 29.80 -5.85 15.45
CA ASP A 194 30.44 -5.41 14.22
C ASP A 194 31.19 -4.11 14.49
N ASP A 195 32.12 -3.78 13.59
CA ASP A 195 32.91 -2.57 13.76
C ASP A 195 32.08 -1.34 13.42
N GLU A 196 32.32 -0.27 14.18
CA GLU A 196 31.45 0.91 14.12
C GLU A 196 31.49 1.58 12.76
N ASN A 197 32.59 1.43 12.02
CA ASN A 197 32.75 2.06 10.72
C ASN A 197 32.47 1.09 9.57
N ILE A 198 31.88 -0.06 9.86
CA ILE A 198 31.63 -1.10 8.86
C ILE A 198 30.13 -1.38 8.83
N ASN A 199 29.45 -0.83 7.83
CA ASN A 199 28.05 -1.12 7.57
C ASN A 199 27.82 -1.76 6.22
N SER A 200 28.33 -1.15 5.15
CA SER A 200 28.21 -1.68 3.80
C SER A 200 29.42 -1.20 3.01
N GLN A 201 30.16 -2.14 2.43
CA GLN A 201 31.43 -1.85 1.80
C GLN A 201 31.49 -2.47 0.41
N PRO A 202 32.33 -1.93 -0.48
CA PRO A 202 32.50 -2.60 -1.78
C PRO A 202 33.02 -4.01 -1.67
N PHE A 203 33.83 -4.32 -0.66
CA PHE A 203 34.29 -5.68 -0.46
C PHE A 203 33.26 -6.55 0.26
N GLN A 204 32.24 -5.94 0.86
CA GLN A 204 31.28 -6.69 1.66
C GLN A 204 29.95 -5.94 1.66
N ARG A 205 28.96 -6.49 0.97
CA ARG A 205 27.61 -5.93 1.01
C ARG A 205 26.88 -6.45 2.24
N TRP A 206 26.11 -5.56 2.87
CA TRP A 206 25.55 -5.86 4.20
C TRP A 206 24.61 -7.06 4.19
N GLN A 207 23.92 -7.31 3.07
CA GLN A 207 22.99 -8.42 3.02
C GLN A 207 23.71 -9.75 3.22
N ASN A 208 24.84 -9.94 2.54
CA ASN A 208 25.60 -11.18 2.68
C ASN A 208 26.11 -11.35 4.11
N ARG A 209 26.62 -10.28 4.72
CA ARG A 209 27.12 -10.37 6.08
C ARG A 209 25.99 -10.74 7.04
N PHE A 210 24.82 -10.10 6.89
CA PHE A 210 23.71 -10.41 7.78
C PHE A 210 23.25 -11.85 7.61
N GLU A 211 23.15 -12.33 6.37
CA GLU A 211 22.70 -13.70 6.12
C GLU A 211 23.68 -14.71 6.72
N PHE A 212 24.98 -14.54 6.43
CA PHE A 212 25.97 -15.50 6.91
C PHE A 212 26.09 -15.44 8.43
N VAL A 213 26.03 -14.25 9.02
CA VAL A 213 26.15 -14.15 10.47
C VAL A 213 24.91 -14.71 11.15
N ALA A 214 23.74 -14.57 10.54
CA ALA A 214 22.55 -15.20 11.10
C ALA A 214 22.66 -16.71 11.06
N GLU A 215 23.15 -17.26 9.94
CA GLU A 215 23.35 -18.70 9.85
C GLU A 215 24.35 -19.19 10.89
N ALA A 216 25.45 -18.45 11.06
CA ALA A 216 26.46 -18.83 12.04
C ALA A 216 25.93 -18.75 13.46
N VAL A 217 25.14 -17.71 13.76
CA VAL A 217 24.55 -17.57 15.09
C VAL A 217 23.59 -18.72 15.36
N ALA A 218 22.78 -19.10 14.36
CA ALA A 218 21.87 -20.22 14.54
C ALA A 218 22.64 -21.52 14.79
N LEU A 219 23.70 -21.75 14.02
CA LEU A 219 24.50 -22.97 14.19
C LEU A 219 25.14 -23.01 15.58
N ALA A 220 25.72 -21.89 16.00
CA ALA A 220 26.37 -21.85 17.32
C ALA A 220 25.35 -22.01 18.44
N GLN A 221 24.16 -21.41 18.27
CA GLN A 221 23.10 -21.56 19.27
C GLN A 221 22.66 -23.01 19.39
N GLN A 222 22.52 -23.71 18.26
CA GLN A 222 22.19 -25.12 18.30
C GLN A 222 23.29 -25.94 18.96
N GLU A 223 24.55 -25.62 18.65
CA GLU A 223 25.65 -26.45 19.15
C GLU A 223 25.87 -26.25 20.66
N THR A 224 25.95 -25.00 21.11
CA THR A 224 26.32 -24.74 22.50
C THR A 224 25.15 -24.88 23.46
N GLY A 225 23.92 -24.94 22.96
CA GLY A 225 22.75 -25.01 23.83
C GLY A 225 22.52 -23.74 24.64
N GLU A 226 22.70 -22.58 24.04
CA GLU A 226 22.45 -21.30 24.69
C GLU A 226 21.91 -20.32 23.68
N LYS A 227 21.01 -19.43 24.11
CA LYS A 227 20.48 -18.39 23.25
C LYS A 227 21.56 -17.34 23.02
N LYS A 228 22.03 -17.23 21.78
CA LYS A 228 23.13 -16.34 21.44
C LYS A 228 22.70 -15.35 20.37
N GLY A 229 23.56 -14.38 20.11
CA GLY A 229 23.29 -13.40 19.09
C GLY A 229 24.51 -12.56 18.79
N HIS A 230 24.47 -11.87 17.66
CA HIS A 230 25.53 -10.97 17.22
C HIS A 230 24.94 -9.58 17.00
N TYR A 231 25.73 -8.55 17.29
CA TYR A 231 25.27 -7.18 17.10
C TYR A 231 25.35 -6.83 15.61
N LEU A 232 24.22 -6.52 15.01
CA LEU A 232 24.13 -6.15 13.60
C LEU A 232 23.98 -4.63 13.49
N ASN A 233 24.76 -4.02 12.61
CA ASN A 233 24.75 -2.57 12.47
C ASN A 233 23.76 -2.15 11.39
N CYS A 234 22.94 -1.15 11.72
CA CYS A 234 22.00 -0.57 10.77
C CYS A 234 22.30 0.89 10.45
N THR A 235 23.34 1.47 11.05
CA THR A 235 23.73 2.83 10.70
C THR A 235 24.15 2.88 9.24
N ALA A 236 23.51 3.75 8.47
CA ALA A 236 23.73 3.78 7.02
C ALA A 236 23.47 5.20 6.53
N ALA A 237 23.39 5.35 5.19
CA ALA A 237 23.25 6.67 4.60
C ALA A 237 21.85 7.24 4.83
N THR A 238 20.81 6.42 4.67
CA THR A 238 19.46 6.93 4.77
C THR A 238 18.67 6.18 5.83
N PRO A 239 17.68 6.82 6.46
CA PRO A 239 16.81 6.09 7.39
C PRO A 239 16.06 4.95 6.75
N GLU A 240 15.71 5.07 5.47
CA GLU A 240 15.04 3.97 4.77
C GLU A 240 15.92 2.73 4.75
N GLU A 241 17.20 2.90 4.42
CA GLU A 241 18.12 1.76 4.44
C GLU A 241 18.27 1.20 5.84
N MET A 242 18.31 2.06 6.85
CA MET A 242 18.41 1.61 8.24
C MET A 242 17.23 0.73 8.62
N TYR A 243 16.01 1.20 8.33
CA TYR A 243 14.82 0.42 8.64
C TYR A 243 14.78 -0.87 7.84
N GLU A 244 15.20 -0.82 6.58
CA GLU A 244 15.21 -2.02 5.74
C GLU A 244 16.15 -3.08 6.33
N ARG A 245 17.36 -2.67 6.72
CA ARG A 245 18.31 -3.61 7.31
C ARG A 245 17.81 -4.12 8.65
N ALA A 246 17.19 -3.26 9.45
CA ALA A 246 16.65 -3.69 10.74
C ALA A 246 15.55 -4.74 10.55
N GLU A 247 14.66 -4.51 9.59
CA GLU A 247 13.58 -5.47 9.35
C GLU A 247 14.12 -6.76 8.73
N PHE A 248 15.16 -6.66 7.91
CA PHE A 248 15.81 -7.87 7.39
C PHE A 248 16.42 -8.69 8.52
N ALA A 249 17.07 -8.02 9.48
CA ALA A 249 17.59 -8.73 10.65
C ALA A 249 16.46 -9.34 11.47
N LYS A 250 15.34 -8.62 11.59
CA LYS A 250 14.18 -9.16 12.29
C LYS A 250 13.66 -10.43 11.63
N GLU A 251 13.61 -10.44 10.29
CA GLU A 251 13.14 -11.63 9.58
C GLU A 251 14.09 -12.80 9.76
N LEU A 252 15.40 -12.54 9.88
CA LEU A 252 16.39 -13.58 10.05
C LEU A 252 16.51 -14.05 11.51
N GLY A 253 15.59 -13.66 12.38
CA GLY A 253 15.58 -14.16 13.74
C GLY A 253 16.70 -13.67 14.62
N GLN A 254 17.41 -12.62 14.20
CA GLN A 254 18.48 -12.08 15.03
C GLN A 254 17.88 -11.22 16.15
N PRO A 255 18.24 -11.48 17.41
CA PRO A 255 17.58 -10.81 18.53
C PRO A 255 18.14 -9.46 18.92
N ILE A 256 19.16 -8.95 18.23
CA ILE A 256 19.76 -7.68 18.63
C ILE A 256 20.41 -7.04 17.40
N ILE A 257 20.32 -5.71 17.34
CA ILE A 257 20.99 -4.91 16.32
C ILE A 257 21.74 -3.78 17.02
N MET A 258 22.71 -3.20 16.31
CA MET A 258 23.56 -2.17 16.87
C MET A 258 23.51 -0.92 15.99
N HIS A 259 23.90 0.21 16.59
CA HIS A 259 23.82 1.50 15.91
C HIS A 259 24.82 2.46 16.54
N ASP A 260 25.19 3.48 15.77
CA ASP A 260 26.04 4.59 16.24
C ASP A 260 25.14 5.83 16.32
N TYR A 261 24.80 6.23 17.55
CA TYR A 261 23.78 7.26 17.70
C TYR A 261 24.32 8.66 17.42
N ILE A 262 25.60 8.92 17.69
CA ILE A 262 26.13 10.26 17.44
C ILE A 262 26.30 10.50 15.94
N THR A 263 26.96 9.55 15.25
CA THR A 263 27.18 9.71 13.81
C THR A 263 25.88 9.62 13.05
N GLY A 264 25.07 8.59 13.34
CA GLY A 264 23.77 8.47 12.69
C GLY A 264 22.85 9.61 13.05
N GLY A 265 22.86 10.04 14.31
CA GLY A 265 22.03 11.13 14.75
C GLY A 265 21.08 10.77 15.86
N PHE A 266 20.74 11.75 16.71
CA PHE A 266 19.78 11.51 17.78
C PHE A 266 18.40 11.16 17.22
N THR A 267 18.01 11.83 16.13
CA THR A 267 16.73 11.52 15.48
C THR A 267 16.72 10.08 14.98
N ALA A 268 17.79 9.67 14.31
CA ALA A 268 17.88 8.30 13.82
C ALA A 268 17.88 7.29 14.96
N ASN A 269 18.59 7.61 16.05
CA ASN A 269 18.62 6.72 17.21
C ASN A 269 17.23 6.56 17.83
N THR A 270 16.52 7.68 17.97
CA THR A 270 15.16 7.62 18.53
C THR A 270 14.23 6.82 17.64
N GLY A 271 14.31 7.04 16.33
CA GLY A 271 13.49 6.25 15.41
C GLY A 271 13.82 4.77 15.46
N LEU A 272 15.11 4.44 15.53
CA LEU A 272 15.52 3.04 15.62
C LEU A 272 15.04 2.41 16.91
N SER A 273 15.12 3.13 18.03
CA SER A 273 14.63 2.59 19.30
C SER A 273 13.13 2.38 19.28
N LYS A 274 12.38 3.33 18.70
CA LYS A 274 10.94 3.16 18.57
C LYS A 274 10.61 1.95 17.71
N TRP A 275 11.33 1.76 16.61
CA TRP A 275 11.11 0.61 15.76
C TRP A 275 11.43 -0.69 16.49
N CYS A 276 12.52 -0.69 17.28
CA CYS A 276 12.87 -1.88 18.05
C CYS A 276 11.79 -2.24 19.07
N ARG A 277 11.25 -1.22 19.75
CA ARG A 277 10.16 -1.48 20.68
C ARG A 277 8.93 -2.01 19.94
N LYS A 278 8.61 -1.42 18.79
CA LYS A 278 7.45 -1.84 18.02
C LYS A 278 7.62 -3.24 17.43
N ASN A 279 8.86 -3.69 17.24
CA ASN A 279 9.15 -4.99 16.66
C ASN A 279 9.79 -5.96 17.65
N GLY A 280 9.96 -5.56 18.91
CA GLY A 280 10.55 -6.44 19.91
C GLY A 280 12.00 -6.78 19.63
N MET A 281 12.84 -5.76 19.44
CA MET A 281 14.24 -5.95 19.11
C MET A 281 15.13 -5.28 20.14
N LEU A 282 16.30 -5.86 20.37
CA LEU A 282 17.31 -5.29 21.23
C LEU A 282 18.19 -4.31 20.45
N LEU A 283 18.63 -3.25 21.13
CA LEU A 283 19.38 -2.17 20.50
C LEU A 283 20.73 -2.01 21.20
N HIS A 284 21.80 -2.21 20.45
CA HIS A 284 23.16 -1.95 20.92
C HIS A 284 23.63 -0.62 20.34
N ILE A 285 24.44 0.10 21.11
CA ILE A 285 24.91 1.42 20.69
C ILE A 285 26.39 1.55 21.01
N HIS A 286 27.14 2.15 20.09
CA HIS A 286 28.53 2.49 20.29
C HIS A 286 28.68 4.00 20.30
N ARG A 287 29.70 4.48 21.03
CA ARG A 287 29.90 5.91 21.27
C ARG A 287 30.89 6.55 20.31
N ALA A 288 30.89 6.14 19.04
CA ALA A 288 31.82 6.70 18.07
C ALA A 288 31.68 8.21 17.99
N MET A 289 32.83 8.90 18.05
CA MET A 289 32.97 10.36 18.01
C MET A 289 32.60 11.02 19.34
N HIS A 290 32.43 10.24 20.41
CA HIS A 290 32.16 10.84 21.72
C HIS A 290 33.37 11.58 22.26
N ALA A 291 34.58 11.06 21.98
CA ALA A 291 35.78 11.68 22.48
C ALA A 291 35.97 13.08 21.91
N VAL A 292 35.61 13.29 20.64
CA VAL A 292 35.66 14.62 20.04
C VAL A 292 34.81 15.61 20.84
N ILE A 293 33.88 15.12 21.65
CA ILE A 293 33.07 15.97 22.51
C ILE A 293 33.54 15.96 23.96
N ASP A 294 34.26 14.92 24.40
CA ASP A 294 34.65 14.82 25.79
C ASP A 294 36.12 14.53 26.04
N ARG A 295 36.96 14.48 24.99
CA ARG A 295 38.39 14.25 25.21
C ARG A 295 39.00 15.40 26.02
N HIS A 296 38.63 16.63 25.69
CA HIS A 296 39.15 17.78 26.42
C HIS A 296 38.52 17.84 27.81
N PRO A 297 39.31 17.82 28.89
CA PRO A 297 38.72 17.77 30.23
C PRO A 297 38.17 19.10 30.73
N LYS A 298 38.42 20.20 30.02
CA LYS A 298 37.98 21.52 30.45
C LYS A 298 36.89 22.13 29.59
N HIS A 299 36.72 21.66 28.36
CA HIS A 299 35.77 22.26 27.44
C HIS A 299 35.06 21.15 26.66
N GLY A 300 33.81 21.41 26.29
CA GLY A 300 33.00 20.47 25.53
C GLY A 300 31.77 20.04 26.31
N ILE A 301 31.39 18.78 26.15
CA ILE A 301 30.28 18.17 26.88
C ILE A 301 30.80 16.91 27.57
N HIS A 302 30.54 16.79 28.87
CA HIS A 302 30.96 15.60 29.59
C HIS A 302 30.16 14.39 29.12
N PHE A 303 30.79 13.22 29.16
CA PHE A 303 30.16 12.01 28.65
C PHE A 303 28.92 11.62 29.44
N ARG A 304 28.78 12.08 30.69
CA ARG A 304 27.58 11.78 31.46
C ARG A 304 26.35 12.40 30.81
N VAL A 305 26.48 13.60 30.25
CA VAL A 305 25.36 14.24 29.57
C VAL A 305 24.94 13.43 28.35
N LEU A 306 25.93 12.99 27.56
CA LEU A 306 25.63 12.18 26.39
C LEU A 306 24.99 10.86 26.80
N ALA A 307 25.45 10.27 27.90
CA ALA A 307 24.85 9.03 28.40
C ALA A 307 23.41 9.25 28.82
N LYS A 308 23.12 10.35 29.51
CA LYS A 308 21.75 10.70 29.86
C LYS A 308 20.89 10.86 28.61
N CYS A 309 21.42 11.56 27.60
CA CYS A 309 20.66 11.78 26.38
C CYS A 309 20.36 10.47 25.67
N LEU A 310 21.34 9.56 25.62
CA LEU A 310 21.11 8.27 24.97
C LEU A 310 20.11 7.44 25.75
N ARG A 311 20.19 7.45 27.08
CA ARG A 311 19.24 6.69 27.89
C ARG A 311 17.82 7.21 27.69
N LEU A 312 17.67 8.54 27.61
CA LEU A 312 16.35 9.10 27.32
C LEU A 312 15.89 8.73 25.92
N SER A 313 16.78 8.80 24.93
CA SER A 313 16.43 8.50 23.55
C SER A 313 16.21 7.02 23.30
N GLY A 314 16.55 6.17 24.25
CA GLY A 314 16.39 4.74 24.06
C GLY A 314 17.71 4.05 23.79
N GLY A 315 17.79 2.79 24.18
CA GLY A 315 18.98 1.98 23.96
C GLY A 315 19.24 1.03 25.11
N ASP A 316 19.88 -0.09 24.79
CA ASP A 316 20.13 -1.14 25.77
C ASP A 316 21.58 -1.22 26.22
N GLN A 317 22.53 -0.76 25.40
CA GLN A 317 23.95 -0.85 25.73
C GLN A 317 24.65 0.44 25.32
N LEU A 318 25.66 0.83 26.09
CA LEU A 318 26.43 2.04 25.82
C LEU A 318 27.89 1.82 26.18
N HIS A 319 28.79 2.16 25.25
CA HIS A 319 30.21 1.97 25.48
C HIS A 319 30.76 2.96 26.48
N THR A 320 31.69 2.50 27.32
CA THR A 320 32.33 3.36 28.33
C THR A 320 33.82 3.17 28.46
N GLY A 321 34.42 2.11 27.92
CA GLY A 321 35.68 1.68 28.52
C GLY A 321 35.34 1.17 29.91
N THR A 322 36.36 0.96 30.75
CA THR A 322 36.08 0.90 32.17
C THR A 322 36.51 2.23 32.77
N VAL A 323 37.76 2.38 33.20
CA VAL A 323 38.60 3.53 32.97
C VAL A 323 40.01 2.94 32.91
N VAL A 324 40.12 1.72 33.43
CA VAL A 324 41.39 1.13 33.83
C VAL A 324 41.92 0.23 32.72
N GLY A 325 43.22 -0.09 32.82
CA GLY A 325 43.90 -0.88 31.81
C GLY A 325 45.08 -0.11 31.25
N LYS A 326 44.86 1.19 31.02
CA LYS A 326 45.91 2.07 30.53
C LYS A 326 46.04 3.28 31.45
N LEU A 327 44.92 3.74 32.02
CA LEU A 327 44.88 4.97 32.84
C LEU A 327 44.07 4.68 34.10
N GLU A 328 44.75 4.64 35.25
CA GLU A 328 44.08 4.44 36.53
C GLU A 328 43.01 5.51 36.73
N GLY A 329 43.33 6.74 36.35
CA GLY A 329 42.44 7.87 36.21
C GLY A 329 41.64 8.16 37.46
N ASP A 330 40.37 8.51 37.23
CA ASP A 330 39.47 9.06 38.25
C ASP A 330 38.18 8.23 38.25
N ARG A 331 38.31 6.92 38.43
CA ARG A 331 37.20 5.98 38.28
C ARG A 331 35.95 6.41 39.05
N GLN A 332 36.06 7.37 39.97
CA GLN A 332 34.90 7.84 40.73
C GLN A 332 33.79 8.36 39.82
N THR A 333 34.13 9.30 38.93
CA THR A 333 33.12 9.86 38.04
C THR A 333 32.64 8.85 37.02
N THR A 334 33.51 7.91 36.63
CA THR A 334 33.08 6.83 35.75
C THR A 334 31.99 5.99 36.41
N LEU A 335 32.24 5.56 37.65
CA LEU A 335 31.24 4.84 38.42
C LEU A 335 29.99 5.70 38.62
N GLY A 336 30.16 7.01 38.71
CA GLY A 336 29.02 7.91 38.78
C GLY A 336 28.14 7.83 37.56
N PHE A 337 28.73 7.91 36.37
CA PHE A 337 27.87 7.81 35.17
C PHE A 337 27.33 6.39 35.01
N ILE A 338 28.05 5.39 35.54
CA ILE A 338 27.50 4.03 35.59
C ILE A 338 26.23 4.01 36.44
N ASP A 339 26.27 4.67 37.59
CA ASP A 339 25.10 4.80 38.45
C ASP A 339 23.96 5.47 37.70
N GLN A 340 24.27 6.56 37.00
CA GLN A 340 23.25 7.24 36.19
C GLN A 340 22.76 6.36 35.05
N LEU A 341 23.52 5.35 34.63
CA LEU A 341 23.11 4.44 33.57
C LEU A 341 22.23 3.31 34.08
N ARG A 342 22.40 2.88 35.33
CA ARG A 342 21.72 1.70 35.85
C ARG A 342 20.60 2.01 36.82
N GLU A 343 20.87 2.81 37.85
CA GLU A 343 19.91 3.00 38.93
C GLU A 343 18.76 3.91 38.52
N SER A 344 17.60 3.69 39.14
CA SER A 344 16.44 4.54 38.91
C SER A 344 16.62 5.91 39.55
N PHE A 345 17.28 5.96 40.71
CA PHE A 345 17.58 7.22 41.39
C PHE A 345 19.04 7.22 41.80
N ILE A 346 19.63 8.42 41.79
CA ILE A 346 21.03 8.57 42.21
C ILE A 346 21.14 9.80 43.11
N PRO A 347 21.64 9.65 44.33
CA PRO A 347 21.87 10.82 45.18
C PRO A 347 23.04 11.67 44.67
N GLU A 348 23.06 12.92 45.11
CA GLU A 348 24.11 13.84 44.68
C GLU A 348 25.47 13.37 45.15
N ASP A 349 26.47 13.54 44.29
CA ASP A 349 27.85 13.16 44.61
C ASP A 349 28.77 14.06 43.79
N ARG A 350 29.41 15.02 44.47
CA ARG A 350 30.32 15.93 43.78
C ARG A 350 31.53 15.19 43.23
N SER A 351 32.04 14.21 43.99
CA SER A 351 33.18 13.44 43.52
C SER A 351 32.85 12.62 42.28
N ARG A 352 31.64 12.05 42.24
CA ARG A 352 31.21 11.27 41.08
C ARG A 352 30.68 12.14 39.95
N GLY A 353 30.72 13.46 40.10
CA GLY A 353 30.18 14.35 39.08
C GLY A 353 28.68 14.28 38.94
N ASN A 354 27.95 14.19 40.05
CA ASN A 354 26.49 14.17 40.05
C ASN A 354 26.01 15.36 40.86
N PHE A 355 25.61 16.42 40.17
CA PHE A 355 25.27 17.69 40.79
C PHE A 355 23.78 17.85 41.08
N PHE A 356 22.98 16.82 40.82
CA PHE A 356 21.54 16.93 41.04
C PHE A 356 21.00 15.61 41.58
N ASP A 357 19.90 15.72 42.32
CA ASP A 357 19.16 14.55 42.80
C ASP A 357 18.24 14.10 41.66
N GLN A 358 18.74 13.16 40.86
CA GLN A 358 18.05 12.74 39.64
C GLN A 358 17.34 11.41 39.89
N ASP A 359 16.04 11.39 39.60
CA ASP A 359 15.22 10.19 39.71
C ASP A 359 14.63 9.88 38.34
N TRP A 360 14.69 8.61 37.95
CA TRP A 360 14.13 8.15 36.69
C TRP A 360 12.79 7.47 36.85
N GLY A 361 12.18 7.54 38.03
CA GLY A 361 10.93 6.83 38.26
C GLY A 361 11.15 5.33 38.20
N SER A 362 10.38 4.66 37.35
CA SER A 362 10.55 3.23 37.13
C SER A 362 10.90 2.96 35.67
N MET A 363 11.75 3.81 35.09
CA MET A 363 12.16 3.68 33.70
C MET A 363 13.43 2.85 33.62
N PRO A 364 13.41 1.72 32.90
CA PRO A 364 14.54 0.79 32.97
C PRO A 364 15.84 1.40 32.49
N GLY A 365 16.94 0.92 33.07
CA GLY A 365 18.26 1.44 32.77
C GLY A 365 18.87 0.82 31.52
N VAL A 366 20.17 1.06 31.36
CA VAL A 366 20.91 0.67 30.16
C VAL A 366 22.17 -0.08 30.59
N PHE A 367 22.48 -1.15 29.88
CA PHE A 367 23.72 -1.88 30.13
C PHE A 367 24.93 -1.03 29.79
N ALA A 368 26.01 -1.24 30.54
CA ALA A 368 27.28 -0.59 30.28
C ALA A 368 28.18 -1.51 29.47
N VAL A 369 28.94 -0.91 28.55
CA VAL A 369 29.85 -1.64 27.68
C VAL A 369 31.27 -1.19 27.99
N ALA A 370 32.13 -2.16 28.30
CA ALA A 370 33.53 -1.92 28.60
C ALA A 370 34.38 -2.65 27.56
N SER A 371 35.09 -1.88 26.73
CA SER A 371 35.88 -2.46 25.65
C SER A 371 37.05 -1.54 25.34
N GLY A 372 38.09 -2.12 24.74
CA GLY A 372 39.26 -1.36 24.36
C GLY A 372 40.40 -1.42 25.36
N GLY A 373 41.53 -1.95 24.93
CA GLY A 373 42.71 -2.02 25.78
C GLY A 373 42.54 -2.88 27.01
N ILE A 374 41.77 -3.96 26.91
CA ILE A 374 41.51 -4.85 28.04
C ILE A 374 41.68 -6.29 27.59
N HIS A 375 42.05 -7.15 28.54
CA HIS A 375 42.16 -8.58 28.31
C HIS A 375 42.02 -9.28 29.66
N VAL A 376 42.44 -10.54 29.72
CA VAL A 376 42.12 -11.40 30.87
C VAL A 376 42.64 -10.82 32.17
N TRP A 377 43.81 -10.16 32.14
CA TRP A 377 44.46 -9.75 33.38
C TRP A 377 43.64 -8.71 34.14
N HIS A 378 42.81 -7.93 33.44
CA HIS A 378 42.09 -6.83 34.07
C HIS A 378 40.74 -7.25 34.66
N MET A 379 40.25 -8.44 34.31
CA MET A 379 38.86 -8.78 34.56
C MET A 379 38.40 -8.65 36.02
N PRO A 380 39.17 -9.05 37.04
CA PRO A 380 38.67 -8.90 38.43
C PRO A 380 38.30 -7.47 38.79
N ALA A 381 39.18 -6.52 38.47
CA ALA A 381 38.87 -5.12 38.74
C ALA A 381 37.68 -4.65 37.92
N LEU A 382 37.54 -5.13 36.69
CA LEU A 382 36.39 -4.76 35.86
C LEU A 382 35.09 -5.22 36.50
N VAL A 383 35.06 -6.46 36.99
CA VAL A 383 33.89 -6.98 37.69
C VAL A 383 33.62 -6.15 38.94
N ALA A 384 34.67 -5.80 39.67
CA ALA A 384 34.48 -5.05 40.91
C ALA A 384 33.88 -3.68 40.64
N ILE A 385 34.31 -3.02 39.57
CA ILE A 385 33.90 -1.62 39.35
C ILE A 385 32.56 -1.56 38.61
N PHE A 386 32.33 -2.46 37.66
CA PHE A 386 31.14 -2.40 36.81
C PHE A 386 29.96 -3.21 37.35
N GLY A 387 30.17 -3.97 38.42
CA GLY A 387 29.06 -4.77 38.91
C GLY A 387 28.70 -5.87 37.92
N ASP A 388 27.48 -6.37 38.06
CA ASP A 388 26.99 -7.47 37.22
C ASP A 388 26.25 -7.00 35.98
N ASP A 389 25.88 -5.72 35.92
CA ASP A 389 25.09 -5.19 34.80
C ASP A 389 26.05 -4.49 33.83
N SER A 390 26.79 -5.29 33.07
CA SER A 390 27.75 -4.76 32.11
C SER A 390 28.14 -5.87 31.15
N VAL A 391 28.85 -5.48 30.08
CA VAL A 391 29.36 -6.42 29.09
C VAL A 391 30.82 -6.09 28.83
N LEU A 392 31.63 -7.14 28.65
CA LEU A 392 33.06 -7.00 28.42
C LEU A 392 33.41 -7.50 27.03
N GLN A 393 34.13 -6.70 26.26
CA GLN A 393 34.53 -7.03 24.91
C GLN A 393 36.06 -7.07 24.82
N PHE A 394 36.58 -8.15 24.23
CA PHE A 394 38.03 -8.32 24.03
C PHE A 394 38.23 -8.73 22.57
N GLY A 395 38.34 -7.74 21.68
CA GLY A 395 38.52 -8.01 20.28
C GLY A 395 39.86 -8.67 19.98
N GLY A 396 40.94 -7.94 20.20
CA GLY A 396 42.26 -8.51 19.96
C GLY A 396 42.62 -9.63 20.92
N GLY A 397 42.23 -9.48 22.19
CA GLY A 397 42.64 -10.45 23.20
C GLY A 397 42.11 -11.84 22.91
N THR A 398 40.82 -11.95 22.59
CA THR A 398 40.26 -13.25 22.24
C THR A 398 40.79 -13.75 20.89
N HIS A 399 40.89 -12.85 19.91
CA HIS A 399 41.38 -13.26 18.60
C HIS A 399 42.89 -13.48 18.60
N GLY A 400 43.64 -12.61 19.29
CA GLY A 400 45.08 -12.76 19.34
C GLY A 400 45.58 -13.91 20.19
N HIS A 401 44.68 -14.63 20.84
CA HIS A 401 45.08 -15.81 21.60
C HIS A 401 45.67 -16.85 20.64
N PRO A 402 46.84 -17.41 20.95
CA PRO A 402 47.49 -18.31 19.99
C PRO A 402 46.69 -19.57 19.67
N TRP A 403 45.78 -19.98 20.54
CA TRP A 403 44.99 -21.18 20.31
C TRP A 403 43.73 -20.92 19.49
N GLY A 404 43.45 -19.68 19.16
CA GLY A 404 42.28 -19.36 18.36
C GLY A 404 41.26 -18.55 19.13
N SER A 405 40.32 -17.97 18.37
CA SER A 405 39.30 -17.11 18.98
C SER A 405 38.40 -17.90 19.93
N ALA A 406 38.06 -19.15 19.57
CA ALA A 406 37.22 -19.95 20.44
C ALA A 406 37.89 -20.23 21.77
N ALA A 407 39.17 -20.59 21.74
CA ALA A 407 39.89 -20.86 22.98
C ALA A 407 40.04 -19.61 23.83
N GLY A 408 40.34 -18.46 23.19
CA GLY A 408 40.43 -17.22 23.94
C GLY A 408 39.11 -16.83 24.58
N ALA A 409 38.01 -16.99 23.84
CA ALA A 409 36.69 -16.69 24.39
C ALA A 409 36.35 -17.61 25.55
N ALA A 410 36.69 -18.90 25.43
CA ALA A 410 36.46 -19.83 26.52
C ALA A 410 37.29 -19.46 27.75
N ALA A 411 38.55 -19.06 27.53
CA ALA A 411 39.40 -18.66 28.64
C ALA A 411 38.83 -17.43 29.36
N ASN A 412 38.39 -16.44 28.59
CA ASN A 412 37.80 -15.26 29.21
C ASN A 412 36.50 -15.61 29.93
N ARG A 413 35.71 -16.52 29.35
CA ARG A 413 34.46 -16.93 29.98
C ARG A 413 34.71 -17.61 31.32
N VAL A 414 35.66 -18.55 31.36
CA VAL A 414 35.94 -19.24 32.61
C VAL A 414 36.60 -18.30 33.62
N ALA A 415 37.40 -17.35 33.15
CA ALA A 415 37.96 -16.34 34.06
C ALA A 415 36.84 -15.52 34.69
N LEU A 416 35.87 -15.09 33.88
CA LEU A 416 34.74 -14.34 34.40
C LEU A 416 33.93 -15.17 35.39
N GLU A 417 33.71 -16.44 35.07
CA GLU A 417 32.96 -17.33 35.97
C GLU A 417 33.67 -17.47 37.31
N ALA A 418 34.99 -17.71 37.28
CA ALA A 418 35.74 -17.86 38.53
C ALA A 418 35.74 -16.55 39.31
N CYS A 419 35.88 -15.42 38.63
CA CYS A 419 35.90 -14.13 39.31
C CYS A 419 34.57 -13.83 39.99
N VAL A 420 33.46 -14.06 39.27
CA VAL A 420 32.16 -13.79 39.87
C VAL A 420 31.86 -14.81 40.98
N LYS A 421 32.36 -16.03 40.87
CA LYS A 421 32.22 -16.99 41.95
C LYS A 421 32.94 -16.52 43.20
N ALA A 422 34.19 -16.08 43.05
CA ALA A 422 34.95 -15.59 44.19
C ALA A 422 34.32 -14.34 44.79
N ARG A 423 33.79 -13.45 43.94
CA ARG A 423 33.09 -12.28 44.44
C ARG A 423 31.85 -12.67 45.22
N ASN A 424 31.08 -13.62 44.70
CA ASN A 424 29.93 -14.14 45.44
C ASN A 424 30.36 -14.87 46.71
N ALA A 425 31.59 -15.40 46.72
CA ALA A 425 32.10 -16.05 47.93
C ALA A 425 32.35 -15.07 49.06
N GLY A 426 32.30 -13.77 48.79
CA GLY A 426 32.58 -12.76 49.80
C GLY A 426 34.03 -12.34 49.87
N ARG A 427 34.80 -12.52 48.80
CA ARG A 427 36.23 -12.29 48.80
C ARG A 427 36.56 -10.97 48.10
N GLU A 428 37.64 -10.34 48.56
CA GLU A 428 38.16 -9.12 47.94
C GLU A 428 38.99 -9.53 46.73
N ILE A 429 38.41 -9.34 45.54
CA ILE A 429 38.97 -9.93 44.33
C ILE A 429 40.22 -9.19 43.89
N GLU A 430 40.28 -7.87 44.13
CA GLU A 430 41.33 -7.05 43.53
C GLU A 430 42.72 -7.49 43.98
N LYS A 431 42.87 -7.81 45.27
CA LYS A 431 44.19 -8.15 45.80
C LYS A 431 44.62 -9.55 45.40
N GLU A 432 43.80 -10.55 45.72
CA GLU A 432 44.13 -11.95 45.44
C GLU A 432 43.80 -12.38 44.02
N SER A 433 43.69 -11.41 43.09
CA SER A 433 43.32 -11.73 41.72
C SER A 433 44.27 -12.73 41.09
N ARG A 434 45.57 -12.63 41.42
CA ARG A 434 46.54 -13.58 40.88
C ARG A 434 46.23 -15.00 41.32
N ASP A 435 45.89 -15.20 42.59
CA ASP A 435 45.51 -16.52 43.06
C ASP A 435 44.24 -17.00 42.36
N ILE A 436 43.28 -16.10 42.15
CA ILE A 436 42.04 -16.47 41.48
C ILE A 436 42.32 -16.97 40.06
N LEU A 437 43.14 -16.22 39.32
CA LEU A 437 43.43 -16.62 37.95
C LEU A 437 44.28 -17.88 37.89
N MET A 438 45.19 -18.08 38.83
CA MET A 438 45.94 -19.34 38.88
C MET A 438 45.02 -20.51 39.16
N GLU A 439 44.09 -20.36 40.10
CA GLU A 439 43.14 -21.42 40.41
C GLU A 439 42.25 -21.72 39.21
N ALA A 440 41.83 -20.69 38.48
CA ALA A 440 41.07 -20.90 37.26
C ALA A 440 41.91 -21.63 36.21
N ALA A 441 43.18 -21.26 36.07
CA ALA A 441 44.06 -21.91 35.12
C ALA A 441 44.35 -23.36 35.49
N LYS A 442 44.17 -23.73 36.75
CA LYS A 442 44.32 -25.13 37.15
C LYS A 442 43.33 -26.06 36.45
N HIS A 443 42.37 -25.53 35.69
CA HIS A 443 41.49 -26.35 34.88
C HIS A 443 41.32 -25.83 33.46
N SER A 444 42.04 -24.77 33.07
CA SER A 444 41.91 -24.18 31.73
C SER A 444 43.29 -23.79 31.24
N PRO A 445 43.98 -24.68 30.54
CA PRO A 445 45.32 -24.35 30.02
C PRO A 445 45.33 -23.15 29.09
N GLU A 446 44.25 -22.94 28.33
CA GLU A 446 44.18 -21.76 27.47
C GLU A 446 44.19 -20.49 28.31
N LEU A 447 43.50 -20.49 29.45
CA LEU A 447 43.57 -19.36 30.37
C LEU A 447 44.99 -19.18 30.89
N ALA A 448 45.68 -20.29 31.18
CA ALA A 448 47.05 -20.19 31.68
C ALA A 448 47.96 -19.53 30.64
N ILE A 449 47.87 -19.97 29.38
CA ILE A 449 48.74 -19.39 28.36
C ILE A 449 48.36 -17.95 28.08
N ALA A 450 47.06 -17.60 28.16
CA ALA A 450 46.66 -16.22 27.97
C ALA A 450 47.23 -15.32 29.07
N LEU A 451 47.08 -15.74 30.33
CA LEU A 451 47.67 -14.98 31.44
C LEU A 451 49.18 -14.90 31.32
N GLU A 452 49.80 -15.93 30.73
CA GLU A 452 51.23 -15.86 30.44
C GLU A 452 51.54 -14.82 29.37
N THR A 453 50.68 -14.67 28.37
CA THR A 453 50.96 -13.79 27.24
C THR A 453 51.07 -12.33 27.68
N TRP A 454 50.17 -11.87 28.55
CA TRP A 454 50.10 -10.45 28.88
C TRP A 454 50.22 -10.22 30.38
N LYS A 455 51.20 -10.88 31.00
CA LYS A 455 51.45 -10.72 32.43
C LYS A 455 51.79 -9.28 32.80
N VAL B 7 48.77 -26.04 20.66
CA VAL B 7 48.78 -27.50 20.77
C VAL B 7 47.49 -27.99 21.39
N GLY B 8 46.78 -28.84 20.66
CA GLY B 8 45.52 -29.38 21.14
C GLY B 8 44.35 -28.47 20.84
N ASP B 9 43.17 -29.09 20.76
CA ASP B 9 41.94 -28.37 20.47
C ASP B 9 41.01 -28.40 21.68
N TYR B 10 40.06 -27.47 21.70
CA TYR B 10 39.03 -27.41 22.72
C TYR B 10 37.72 -27.85 22.09
N GLN B 11 37.27 -29.05 22.44
CA GLN B 11 36.06 -29.60 21.85
C GLN B 11 34.83 -28.89 22.39
N THR B 12 33.82 -28.72 21.53
CA THR B 12 32.57 -28.12 21.95
C THR B 12 31.88 -29.03 22.96
N VAL B 13 31.40 -28.43 24.04
CA VAL B 13 30.77 -29.16 25.15
C VAL B 13 29.39 -28.57 25.40
N ALA B 14 28.39 -29.43 25.53
CA ALA B 14 27.05 -28.98 25.89
C ALA B 14 27.08 -28.55 27.35
N THR B 15 27.23 -27.26 27.58
CA THR B 15 27.40 -26.71 28.91
C THR B 15 26.06 -26.22 29.46
N LEU B 16 26.08 -25.88 30.74
CA LEU B 16 24.83 -25.65 31.46
C LEU B 16 24.79 -24.30 32.16
N GLU B 17 25.06 -23.21 31.41
CA GLU B 17 24.63 -21.89 31.85
C GLU B 17 25.25 -21.40 33.16
N THR B 18 26.49 -20.88 33.10
CA THR B 18 27.11 -20.22 34.24
C THR B 18 27.46 -21.20 35.37
N PHE B 19 28.66 -21.80 35.24
CA PHE B 19 29.19 -22.94 35.99
C PHE B 19 28.79 -24.26 35.35
N GLY B 20 28.44 -24.22 34.07
CA GLY B 20 28.39 -25.44 33.28
C GLY B 20 29.77 -25.91 32.85
N PHE B 21 30.74 -24.99 32.79
CA PHE B 21 32.10 -25.35 32.37
C PHE B 21 32.88 -26.00 33.50
N LEU B 22 32.79 -25.45 34.70
CA LEU B 22 33.55 -25.95 35.83
C LEU B 22 33.04 -27.33 36.24
N PRO B 23 33.88 -28.12 36.92
CA PRO B 23 33.41 -29.41 37.43
C PRO B 23 32.26 -29.22 38.39
N PRO B 24 31.44 -30.24 38.60
CA PRO B 24 30.27 -30.09 39.47
C PRO B 24 30.66 -29.61 40.87
N MET B 25 29.88 -28.67 41.38
CA MET B 25 30.20 -28.00 42.63
C MET B 25 30.12 -28.97 43.80
N THR B 26 31.00 -28.76 44.79
CA THR B 26 30.96 -29.54 46.01
C THR B 26 29.86 -29.02 46.93
N GLN B 27 29.50 -29.84 47.91
CA GLN B 27 28.38 -29.52 48.78
C GLN B 27 28.67 -28.27 49.61
N ASP B 28 29.91 -28.11 50.06
CA ASP B 28 30.27 -26.89 50.80
C ASP B 28 30.13 -25.65 49.92
N GLU B 29 30.46 -25.78 48.63
CA GLU B 29 30.25 -24.68 47.71
C GLU B 29 28.76 -24.38 47.53
N ILE B 30 27.92 -25.42 47.55
CA ILE B 30 26.47 -25.20 47.52
C ILE B 30 26.01 -24.45 48.76
N TYR B 31 26.56 -24.82 49.93
CA TYR B 31 26.26 -24.10 51.15
C TYR B 31 26.64 -22.62 51.03
N ASP B 32 27.82 -22.35 50.49
CA ASP B 32 28.27 -20.97 50.33
C ASP B 32 27.38 -20.20 49.36
N GLN B 33 26.97 -20.85 48.26
CA GLN B 33 26.10 -20.20 47.29
C GLN B 33 24.75 -19.85 47.90
N ILE B 34 24.14 -20.80 48.62
CA ILE B 34 22.84 -20.52 49.23
C ILE B 34 22.97 -19.48 50.34
N ALA B 35 24.08 -19.49 51.08
CA ALA B 35 24.31 -18.45 52.07
C ALA B 35 24.42 -17.08 51.44
N TYR B 36 25.09 -17.00 50.28
CA TYR B 36 25.14 -15.74 49.55
C TYR B 36 23.75 -15.30 49.10
N ILE B 37 22.95 -16.25 48.60
CA ILE B 37 21.58 -15.92 48.19
C ILE B 37 20.80 -15.36 49.37
N ILE B 38 20.99 -15.95 50.55
CA ILE B 38 20.33 -15.43 51.76
C ILE B 38 20.85 -14.03 52.07
N ALA B 39 22.15 -13.81 51.96
CA ALA B 39 22.74 -12.53 52.29
C ALA B 39 22.30 -11.42 51.34
N GLN B 40 21.83 -11.76 50.14
CA GLN B 40 21.35 -10.77 49.19
C GLN B 40 19.85 -10.52 49.31
N GLY B 41 19.17 -11.19 50.23
CA GLY B 41 17.74 -11.00 50.37
C GLY B 41 16.91 -11.67 49.30
N TRP B 42 17.51 -12.53 48.49
CA TRP B 42 16.80 -13.23 47.43
C TRP B 42 16.08 -14.44 48.00
N SER B 43 15.42 -15.21 47.14
CA SER B 43 14.69 -16.39 47.59
C SER B 43 15.10 -17.60 46.77
N PRO B 44 15.35 -18.74 47.42
CA PRO B 44 15.71 -19.94 46.68
C PRO B 44 14.53 -20.52 45.92
N LEU B 45 14.83 -21.13 44.78
CA LEU B 45 13.82 -21.79 43.97
C LEU B 45 14.47 -22.93 43.21
N ILE B 46 13.83 -24.10 43.21
CA ILE B 46 14.38 -25.33 42.65
C ILE B 46 13.68 -25.61 41.32
N GLU B 47 14.47 -25.85 40.28
CA GLU B 47 13.95 -26.17 38.95
C GLU B 47 14.57 -27.48 38.48
N HIS B 48 13.71 -28.37 37.96
CA HIS B 48 14.15 -29.61 37.35
C HIS B 48 13.47 -29.76 36.00
N VAL B 49 14.19 -30.32 35.03
CA VAL B 49 13.64 -30.52 33.69
C VAL B 49 14.47 -31.60 33.00
N HIS B 50 13.84 -32.29 32.06
CA HIS B 50 14.54 -33.28 31.28
C HIS B 50 15.62 -32.61 30.44
N PRO B 51 16.81 -33.20 30.33
CA PRO B 51 17.89 -32.55 29.57
C PRO B 51 17.56 -32.32 28.11
N SER B 52 16.64 -33.11 27.54
CA SER B 52 16.26 -32.92 26.14
C SER B 52 15.57 -31.57 25.92
N ARG B 53 14.94 -31.02 26.95
CA ARG B 53 14.21 -29.77 26.86
C ARG B 53 14.94 -28.62 27.54
N SER B 54 16.28 -28.64 27.49
CA SER B 54 17.05 -27.58 28.13
C SER B 54 16.81 -26.22 27.47
N MET B 55 16.38 -26.21 26.21
CA MET B 55 16.17 -24.98 25.47
C MET B 55 14.84 -24.32 25.77
N ALA B 56 14.01 -24.92 26.62
CA ALA B 56 12.74 -24.32 26.99
C ALA B 56 12.98 -23.06 27.83
N THR B 57 11.92 -22.28 28.01
CA THR B 57 11.98 -21.04 28.76
C THR B 57 11.69 -21.22 30.24
N TYR B 58 10.80 -22.15 30.61
CA TYR B 58 10.42 -22.39 31.99
C TYR B 58 10.60 -23.87 32.30
N TRP B 59 11.33 -24.16 33.37
CA TRP B 59 11.53 -25.52 33.81
C TRP B 59 10.43 -25.92 34.80
N SER B 60 10.36 -27.21 35.11
CA SER B 60 9.37 -27.71 36.05
C SER B 60 9.79 -27.31 37.46
N TYR B 61 9.02 -26.43 38.09
CA TYR B 61 9.38 -25.89 39.39
C TYR B 61 9.03 -26.88 40.50
N TRP B 62 9.85 -26.89 41.55
CA TRP B 62 9.58 -27.66 42.75
C TRP B 62 8.59 -26.88 43.61
N LYS B 63 8.46 -27.24 44.89
CA LYS B 63 7.58 -26.53 45.82
C LYS B 63 7.83 -25.03 45.75
N LEU B 64 6.81 -24.24 46.09
CA LEU B 64 6.83 -22.80 45.85
C LEU B 64 8.07 -22.15 46.49
N PRO B 65 8.54 -21.03 45.93
CA PRO B 65 9.73 -20.39 46.46
C PRO B 65 9.57 -20.04 47.93
N PHE B 66 10.65 -20.20 48.68
CA PHE B 66 10.64 -20.07 50.13
C PHE B 66 10.99 -18.63 50.50
N PHE B 67 9.99 -17.88 50.96
CA PHE B 67 10.16 -16.47 51.32
C PHE B 67 10.25 -16.36 52.83
N GLY B 68 11.24 -15.62 53.31
CA GLY B 68 11.55 -15.57 54.72
C GLY B 68 12.36 -16.73 55.23
N GLU B 69 12.74 -17.67 54.36
CA GLU B 69 13.54 -18.82 54.76
C GLU B 69 15.01 -18.43 54.78
N LYS B 70 15.66 -18.60 55.93
CA LYS B 70 17.05 -18.19 56.12
C LYS B 70 17.93 -19.33 56.60
N ASP B 71 17.51 -20.58 56.41
CA ASP B 71 18.26 -21.75 56.86
C ASP B 71 18.82 -22.49 55.67
N LEU B 72 20.09 -22.88 55.76
CA LEU B 72 20.73 -23.62 54.67
C LEU B 72 20.29 -25.08 54.67
N GLY B 73 20.09 -25.67 55.86
CA GLY B 73 19.81 -27.09 55.94
C GLY B 73 18.53 -27.50 55.24
N VAL B 74 17.48 -26.70 55.38
CA VAL B 74 16.22 -27.00 54.71
C VAL B 74 16.40 -26.92 53.19
N ILE B 75 17.20 -25.96 52.73
CA ILE B 75 17.47 -25.84 51.30
C ILE B 75 18.19 -27.08 50.79
N VAL B 76 19.18 -27.56 51.54
CA VAL B 76 19.92 -28.75 51.14
C VAL B 76 19.01 -29.97 51.14
N SER B 77 18.14 -30.07 52.14
CA SER B 77 17.20 -31.20 52.19
C SER B 77 16.26 -31.17 50.99
N GLU B 78 15.75 -30.00 50.64
CA GLU B 78 14.90 -29.88 49.47
C GLU B 78 15.66 -30.22 48.19
N LEU B 79 16.91 -29.81 48.10
CA LEU B 79 17.73 -30.13 46.92
C LEU B 79 17.91 -31.63 46.77
N GLU B 80 18.25 -32.32 47.86
CA GLU B 80 18.45 -33.77 47.76
C GLU B 80 17.13 -34.49 47.50
N ALA B 81 16.03 -34.00 48.09
CA ALA B 81 14.73 -34.62 47.84
C ALA B 81 14.33 -34.48 46.37
N CYS B 82 14.50 -33.29 45.79
CA CYS B 82 14.15 -33.10 44.40
C CYS B 82 15.08 -33.87 43.47
N HIS B 83 16.36 -33.99 43.86
CA HIS B 83 17.30 -34.80 43.09
C HIS B 83 16.86 -36.26 43.07
N ARG B 84 16.43 -36.79 44.22
CA ARG B 84 15.90 -38.14 44.26
C ARG B 84 14.57 -38.27 43.53
N ALA B 85 13.82 -37.16 43.41
CA ALA B 85 12.55 -37.22 42.68
C ALA B 85 12.78 -37.48 41.20
N TYR B 86 13.71 -36.74 40.59
CA TYR B 86 14.06 -36.90 39.17
C TYR B 86 15.57 -36.99 39.03
N PRO B 87 16.14 -38.17 39.32
CA PRO B 87 17.60 -38.32 39.23
C PRO B 87 18.15 -38.32 37.81
N ASP B 88 17.28 -38.25 36.79
CA ASP B 88 17.72 -38.16 35.40
C ASP B 88 17.51 -36.78 34.80
N HIS B 89 16.85 -35.88 35.51
CA HIS B 89 16.64 -34.52 35.03
C HIS B 89 17.78 -33.61 35.46
N HIS B 90 17.93 -32.50 34.73
CA HIS B 90 18.83 -31.43 35.16
C HIS B 90 18.16 -30.62 36.25
N VAL B 91 18.87 -30.41 37.37
CA VAL B 91 18.34 -29.71 38.52
C VAL B 91 19.23 -28.51 38.81
N ARG B 92 18.62 -27.32 38.87
CA ARG B 92 19.34 -26.08 39.13
C ARG B 92 18.66 -25.32 40.26
N LEU B 93 19.42 -24.41 40.87
CA LEU B 93 18.95 -23.57 41.95
C LEU B 93 19.03 -22.11 41.54
N VAL B 94 17.96 -21.36 41.76
CA VAL B 94 17.83 -19.99 41.30
C VAL B 94 17.48 -19.09 42.47
N GLY B 95 18.14 -17.94 42.57
CA GLY B 95 17.79 -16.93 43.54
C GLY B 95 16.97 -15.83 42.90
N TYR B 96 15.78 -15.60 43.45
CA TYR B 96 14.82 -14.65 42.88
C TYR B 96 14.83 -13.36 43.68
N ASP B 97 14.91 -12.23 42.98
CA ASP B 97 14.86 -10.90 43.59
C ASP B 97 13.50 -10.31 43.29
N ALA B 98 12.73 -10.05 44.35
CA ALA B 98 11.39 -9.51 44.18
C ALA B 98 11.41 -8.05 43.73
N TYR B 99 12.40 -7.28 44.18
CA TYR B 99 12.43 -5.84 43.91
C TYR B 99 12.86 -5.52 42.48
N THR B 100 13.54 -6.45 41.80
CA THR B 100 13.97 -6.23 40.42
C THR B 100 13.34 -7.20 39.43
N GLN B 101 12.59 -8.19 39.89
CA GLN B 101 11.88 -9.14 39.03
C GLN B 101 12.85 -9.83 38.06
N SER B 102 14.01 -10.22 38.58
CA SER B 102 15.01 -10.92 37.79
C SER B 102 15.59 -12.06 38.63
N GLN B 103 16.47 -12.85 38.00
CA GLN B 103 17.17 -13.94 38.68
C GLN B 103 18.53 -13.41 39.13
N GLY B 104 18.68 -13.21 40.44
CA GLY B 104 19.93 -12.69 40.95
C GLY B 104 21.12 -13.60 40.72
N ALA B 105 20.89 -14.91 40.83
CA ALA B 105 21.95 -15.89 40.60
C ALA B 105 21.30 -17.25 40.36
N CYS B 106 21.84 -18.00 39.41
CA CYS B 106 21.31 -19.31 39.08
C CYS B 106 22.41 -20.17 38.49
N PHE B 107 22.40 -21.45 38.83
CA PHE B 107 23.37 -22.40 38.33
C PHE B 107 22.86 -23.81 38.59
N VAL B 108 23.39 -24.77 37.83
CA VAL B 108 22.95 -26.16 37.96
C VAL B 108 23.61 -26.80 39.16
N VAL B 109 22.85 -27.63 39.87
CA VAL B 109 23.34 -28.38 41.02
C VAL B 109 23.58 -29.84 40.66
N PHE B 110 22.58 -30.49 40.08
CA PHE B 110 22.67 -31.89 39.66
C PHE B 110 22.42 -31.98 38.16
N GLU B 111 23.30 -32.70 37.48
CA GLU B 111 23.13 -33.00 36.06
C GLU B 111 22.66 -34.43 35.89
N GLY B 112 21.75 -34.64 34.94
CA GLY B 112 21.15 -35.95 34.76
C GLY B 112 22.11 -36.95 34.15
N ARG B 113 21.70 -38.22 34.17
CA ARG B 113 22.50 -39.30 33.61
C ARG B 113 22.62 -39.15 32.10
N GLU C 11 -48.29 19.71 26.66
CA GLU C 11 -48.87 18.37 26.57
C GLU C 11 -48.44 17.68 25.28
N TYR C 12 -47.92 16.46 25.42
CA TYR C 12 -47.46 15.67 24.28
C TYR C 12 -48.16 14.33 24.16
N ARG C 13 -49.09 14.00 25.05
CA ARG C 13 -49.79 12.71 24.97
C ARG C 13 -50.57 12.58 23.67
N ASP C 14 -51.16 13.67 23.20
CA ASP C 14 -52.08 13.63 22.07
C ASP C 14 -51.42 13.06 20.82
N THR C 15 -50.11 13.25 20.66
CA THR C 15 -49.40 12.74 19.50
C THR C 15 -48.30 11.73 19.86
N TYR C 16 -48.00 11.53 21.14
CA TYR C 16 -46.96 10.57 21.52
C TYR C 16 -47.42 9.57 22.58
N TRP C 17 -48.71 9.48 22.86
CA TRP C 17 -49.27 8.38 23.64
C TRP C 17 -50.35 7.70 22.81
N THR C 18 -50.20 6.38 22.62
CA THR C 18 -51.10 5.62 21.76
C THR C 18 -51.92 4.66 22.61
N PRO C 19 -53.20 4.95 22.86
CA PRO C 19 -53.99 4.09 23.76
C PRO C 19 -54.27 2.70 23.21
N ASP C 20 -54.30 2.52 21.88
CA ASP C 20 -54.69 1.24 21.30
C ASP C 20 -53.78 0.77 20.19
N TYR C 21 -52.55 1.28 20.12
CA TYR C 21 -51.64 0.87 19.06
C TYR C 21 -50.99 -0.47 19.39
N VAL C 22 -50.83 -1.29 18.37
CA VAL C 22 -50.17 -2.59 18.46
C VAL C 22 -48.83 -2.50 17.73
N PRO C 23 -47.72 -2.82 18.37
CA PRO C 23 -46.42 -2.66 17.71
C PRO C 23 -46.30 -3.55 16.48
N LEU C 24 -45.61 -3.04 15.47
CA LEU C 24 -45.27 -3.82 14.29
C LEU C 24 -44.06 -4.70 14.58
N ASP C 25 -44.03 -5.86 13.90
CA ASP C 25 -42.98 -6.85 14.11
C ASP C 25 -41.60 -6.42 13.64
N THR C 26 -41.49 -5.28 12.95
CA THR C 26 -40.23 -4.71 12.55
C THR C 26 -39.83 -3.52 13.41
N ASP C 27 -40.61 -3.19 14.43
CA ASP C 27 -40.32 -2.06 15.28
C ASP C 27 -39.31 -2.45 16.36
N LEU C 28 -38.71 -1.44 16.96
CA LEU C 28 -37.85 -1.64 18.11
C LEU C 28 -38.63 -1.26 19.37
N LEU C 29 -38.80 -2.22 20.27
CA LEU C 29 -39.60 -2.03 21.46
C LEU C 29 -38.69 -1.87 22.67
N ALA C 30 -38.93 -0.82 23.45
CA ALA C 30 -38.10 -0.50 24.61
C ALA C 30 -38.98 -0.38 25.84
N CYS C 31 -38.46 -0.86 26.97
CA CYS C 31 -39.16 -0.80 28.25
C CYS C 31 -38.40 0.13 29.18
N PHE C 32 -39.10 1.10 29.75
CA PHE C 32 -38.51 2.07 30.67
C PHE C 32 -39.25 2.02 31.99
N LYS C 33 -38.52 1.85 33.09
CA LYS C 33 -39.10 2.03 34.42
C LYS C 33 -38.99 3.50 34.77
N CYS C 34 -40.13 4.20 34.78
CA CYS C 34 -40.15 5.65 34.84
C CYS C 34 -40.77 6.13 36.15
N THR C 35 -40.18 7.18 36.73
CA THR C 35 -40.74 7.87 37.88
C THR C 35 -40.71 9.36 37.57
N GLY C 36 -41.86 9.93 37.23
CA GLY C 36 -41.98 11.35 37.04
C GLY C 36 -42.06 12.09 38.37
N GLN C 37 -42.27 13.39 38.27
CA GLN C 37 -42.46 14.19 39.48
C GLN C 37 -43.76 13.79 40.17
N GLU C 38 -43.89 14.19 41.43
CA GLU C 38 -45.07 13.80 42.20
C GLU C 38 -46.33 14.46 41.63
N GLY C 39 -47.39 13.67 41.51
CA GLY C 39 -48.66 14.17 41.01
C GLY C 39 -48.65 14.61 39.56
N VAL C 40 -47.93 13.90 38.70
CA VAL C 40 -47.93 14.20 37.27
C VAL C 40 -48.64 13.08 36.53
N PRO C 41 -49.25 13.36 35.38
CA PRO C 41 -49.85 12.28 34.57
C PRO C 41 -48.80 11.29 34.11
N LYS C 42 -49.02 10.02 34.41
CA LYS C 42 -48.09 8.98 33.98
C LYS C 42 -48.06 8.86 32.46
N GLU C 43 -49.22 8.99 31.82
CA GLU C 43 -49.26 8.98 30.36
C GLU C 43 -48.46 10.14 29.79
N GLU C 44 -48.57 11.33 30.40
CA GLU C 44 -47.86 12.50 29.89
C GLU C 44 -46.35 12.33 30.01
N VAL C 45 -45.87 11.82 31.15
CA VAL C 45 -44.43 11.65 31.31
C VAL C 45 -43.91 10.53 30.42
N ALA C 46 -44.69 9.46 30.23
CA ALA C 46 -44.29 8.42 29.29
C ALA C 46 -44.20 8.96 27.87
N ALA C 47 -45.17 9.80 27.47
CA ALA C 47 -45.13 10.39 26.14
C ALA C 47 -43.97 11.36 26.01
N ALA C 48 -43.65 12.07 27.09
CA ALA C 48 -42.49 12.97 27.09
C ALA C 48 -41.20 12.19 26.89
N VAL C 49 -41.06 11.04 27.57
CA VAL C 49 -39.88 10.21 27.38
C VAL C 49 -39.81 9.72 25.94
N ALA C 50 -40.94 9.23 25.42
CA ALA C 50 -40.97 8.72 24.04
C ALA C 50 -40.59 9.80 23.04
N ALA C 51 -41.13 11.01 23.21
CA ALA C 51 -40.78 12.10 22.31
C ALA C 51 -39.30 12.49 22.45
N GLU C 52 -38.82 12.61 23.70
CA GLU C 52 -37.44 12.98 23.95
C GLU C 52 -36.47 11.96 23.38
N SER C 53 -36.93 10.74 23.11
CA SER C 53 -36.13 9.79 22.35
C SER C 53 -36.10 10.12 20.86
N SER C 54 -37.18 10.70 20.31
CA SER C 54 -37.21 10.99 18.88
C SER C 54 -37.32 12.48 18.57
N THR C 55 -38.32 13.17 19.12
CA THR C 55 -38.66 14.52 18.71
C THR C 55 -38.96 15.41 19.90
N GLY C 56 -38.45 16.65 19.85
CA GLY C 56 -38.69 17.60 20.90
C GLY C 56 -38.62 19.05 20.44
N THR C 57 -39.71 19.80 20.68
CA THR C 57 -39.77 21.21 20.34
C THR C 57 -40.39 21.98 21.50
N TRP C 58 -39.94 23.22 21.68
CA TRP C 58 -40.45 24.07 22.74
C TRP C 58 -41.63 24.93 22.31
N SER C 59 -41.91 25.00 21.01
CA SER C 59 -43.03 25.79 20.51
C SER C 59 -43.34 25.32 19.09
N THR C 60 -44.22 26.05 18.41
CA THR C 60 -44.58 25.71 17.05
C THR C 60 -43.38 25.82 16.13
N VAL C 61 -43.23 24.85 15.22
CA VAL C 61 -42.05 24.73 14.39
C VAL C 61 -42.48 24.54 12.94
N TRP C 62 -41.56 24.82 12.02
CA TRP C 62 -41.87 24.83 10.59
C TRP C 62 -41.30 23.61 9.85
N SER C 63 -40.03 23.28 10.06
CA SER C 63 -39.35 22.27 9.25
C SER C 63 -39.96 20.88 9.42
N GLU C 64 -40.65 20.64 10.54
CA GLU C 64 -41.28 19.35 10.76
C GLU C 64 -42.46 19.10 9.83
N LEU C 65 -42.90 20.10 9.09
CA LEU C 65 -43.94 19.92 8.07
C LEU C 65 -43.38 19.52 6.72
N LEU C 66 -42.05 19.49 6.57
CA LEU C 66 -41.43 19.01 5.34
C LEU C 66 -41.12 17.52 5.37
N VAL C 67 -41.15 16.90 6.55
CA VAL C 67 -40.99 15.45 6.68
C VAL C 67 -42.14 14.94 7.54
N ASP C 68 -42.68 13.77 7.20
CA ASP C 68 -43.83 13.25 7.91
C ASP C 68 -43.45 12.82 9.32
N LEU C 69 -43.67 13.73 10.29
CA LEU C 69 -43.40 13.41 11.68
C LEU C 69 -44.27 12.26 12.17
N ASP C 70 -45.41 12.03 11.53
CA ASP C 70 -46.33 10.97 11.94
C ASP C 70 -45.68 9.60 11.82
N PHE C 71 -44.95 9.38 10.73
CA PHE C 71 -44.31 8.09 10.48
C PHE C 71 -42.99 7.93 11.22
N TYR C 72 -42.19 9.00 11.30
CA TYR C 72 -40.90 8.94 11.98
C TYR C 72 -41.02 9.46 13.42
N LYS C 73 -41.78 8.73 14.23
CA LYS C 73 -41.92 9.06 15.64
C LYS C 73 -42.16 7.79 16.43
N GLY C 74 -41.71 7.80 17.68
CA GLY C 74 -41.94 6.67 18.56
C GLY C 74 -43.35 6.64 19.10
N ARG C 75 -43.74 5.47 19.61
CA ARG C 75 -45.08 5.27 20.16
C ARG C 75 -44.95 4.50 21.47
N CYS C 76 -45.23 5.17 22.58
CA CYS C 76 -45.46 4.49 23.86
C CYS C 76 -46.89 3.96 23.87
N TYR C 77 -47.03 2.64 23.95
CA TYR C 77 -48.33 1.98 23.76
C TYR C 77 -48.84 1.26 24.99
N ARG C 78 -48.07 1.16 26.06
CA ARG C 78 -48.54 0.44 27.24
C ARG C 78 -47.83 0.94 28.48
N ILE C 79 -48.63 1.34 29.48
CA ILE C 79 -48.15 1.69 30.79
C ILE C 79 -48.68 0.65 31.78
N GLU C 80 -47.76 -0.04 32.46
CA GLU C 80 -48.09 -1.07 33.41
C GLU C 80 -47.56 -0.70 34.79
N ASP C 81 -48.29 -1.12 35.83
CA ASP C 81 -47.94 -0.78 37.20
C ASP C 81 -46.83 -1.69 37.69
N VAL C 82 -45.74 -1.11 38.16
CA VAL C 82 -44.59 -1.90 38.63
C VAL C 82 -44.98 -2.67 39.88
N PRO C 83 -44.68 -3.97 39.98
CA PRO C 83 -45.02 -4.71 41.19
C PRO C 83 -44.09 -4.37 42.35
N GLY C 84 -44.42 -3.33 43.10
CA GLY C 84 -43.63 -2.92 44.25
C GLY C 84 -43.60 -1.42 44.47
N ASP C 85 -43.83 -0.65 43.42
CA ASP C 85 -43.96 0.79 43.54
C ASP C 85 -45.09 1.28 42.62
N LYS C 86 -45.96 2.11 43.17
CA LYS C 86 -47.05 2.69 42.40
C LYS C 86 -46.69 4.04 41.78
N GLU C 87 -45.56 4.62 42.17
CA GLU C 87 -45.03 5.79 41.48
C GLU C 87 -44.16 5.40 40.30
N ALA C 88 -43.37 4.34 40.44
CA ALA C 88 -42.63 3.79 39.31
C ALA C 88 -43.55 2.94 38.45
N PHE C 89 -43.42 3.07 37.14
CA PHE C 89 -44.27 2.34 36.20
C PHE C 89 -43.45 1.91 35.00
N TYR C 90 -43.74 0.71 34.49
CA TYR C 90 -43.13 0.24 33.26
C TYR C 90 -43.82 0.87 32.07
N ALA C 91 -43.02 1.40 31.14
CA ALA C 91 -43.53 2.01 29.93
C ALA C 91 -42.89 1.33 28.72
N PHE C 92 -43.72 0.95 27.75
CA PHE C 92 -43.28 0.26 26.54
C PHE C 92 -43.40 1.22 25.37
N ILE C 93 -42.26 1.59 24.78
CA ILE C 93 -42.21 2.55 23.69
C ILE C 93 -41.76 1.84 22.42
N ALA C 94 -42.47 2.10 21.33
CA ALA C 94 -42.13 1.54 20.03
C ALA C 94 -41.25 2.50 19.24
N TYR C 95 -40.53 1.95 18.27
CA TYR C 95 -39.66 2.73 17.41
C TYR C 95 -39.71 2.20 15.99
N PRO C 96 -40.05 3.01 14.99
CA PRO C 96 -39.95 2.56 13.61
C PRO C 96 -38.54 2.16 13.25
N LEU C 97 -38.42 1.12 12.41
CA LEU C 97 -37.13 0.52 12.10
C LEU C 97 -36.16 1.53 11.51
N ASP C 98 -36.67 2.53 10.80
CA ASP C 98 -35.83 3.48 10.08
C ASP C 98 -35.09 4.44 11.00
N LEU C 99 -35.41 4.48 12.29
CA LEU C 99 -34.76 5.43 13.20
C LEU C 99 -33.34 5.03 13.57
N PHE C 100 -32.74 3.98 13.00
CA PHE C 100 -31.44 3.51 13.45
C PHE C 100 -30.59 3.15 12.23
N GLU C 101 -29.34 2.82 12.48
CA GLU C 101 -28.40 2.39 11.46
C GLU C 101 -28.45 0.87 11.32
N GLU C 102 -28.14 0.39 10.12
CA GLU C 102 -28.18 -1.05 9.84
C GLU C 102 -27.02 -1.76 10.50
N GLY C 103 -27.18 -2.13 11.77
CA GLY C 103 -26.15 -2.84 12.49
C GLY C 103 -25.22 -1.98 13.30
N SER C 104 -25.72 -0.90 13.90
CA SER C 104 -24.90 -0.02 14.73
C SER C 104 -25.52 0.00 16.12
N VAL C 105 -24.94 -0.77 17.05
CA VAL C 105 -25.39 -0.71 18.44
C VAL C 105 -25.13 0.67 19.01
N THR C 106 -24.07 1.34 18.53
CA THR C 106 -23.80 2.71 18.96
C THR C 106 -24.96 3.63 18.63
N ASN C 107 -25.50 3.51 17.41
CA ASN C 107 -26.63 4.32 17.02
C ASN C 107 -27.85 4.01 17.89
N VAL C 108 -28.05 2.73 18.23
CA VAL C 108 -29.16 2.36 19.09
C VAL C 108 -29.02 3.04 20.45
N LEU C 109 -27.83 3.01 21.03
CA LEU C 109 -27.65 3.64 22.34
C LEU C 109 -27.83 5.15 22.26
N THR C 110 -27.32 5.78 21.19
CA THR C 110 -27.49 7.22 21.04
C THR C 110 -28.96 7.59 20.89
N SER C 111 -29.72 6.83 20.11
CA SER C 111 -31.13 7.13 19.91
C SER C 111 -31.98 6.76 21.12
N LEU C 112 -31.50 5.88 21.99
CA LEU C 112 -32.31 5.45 23.13
C LEU C 112 -32.05 6.26 24.39
N VAL C 113 -30.78 6.52 24.73
CA VAL C 113 -30.46 7.20 25.98
C VAL C 113 -29.60 8.44 25.74
N GLY C 114 -29.62 8.95 24.52
CA GLY C 114 -28.77 10.09 24.19
C GLY C 114 -29.12 11.34 24.98
N ASN C 115 -30.42 11.68 25.04
CA ASN C 115 -30.85 12.91 25.70
C ASN C 115 -32.02 12.70 26.65
N VAL C 116 -32.61 11.51 26.73
CA VAL C 116 -33.81 11.33 27.53
C VAL C 116 -33.53 11.50 29.02
N PHE C 117 -32.31 11.18 29.45
CA PHE C 117 -31.99 11.23 30.87
C PHE C 117 -31.80 12.64 31.40
N GLY C 118 -31.85 13.66 30.55
CA GLY C 118 -31.67 15.03 30.96
C GLY C 118 -32.93 15.84 31.17
N PHE C 119 -34.11 15.26 30.91
CA PHE C 119 -35.36 16.00 31.05
C PHE C 119 -35.72 16.14 32.53
N LYS C 120 -36.05 17.36 32.94
CA LYS C 120 -36.34 17.64 34.34
C LYS C 120 -37.64 17.01 34.82
N ALA C 121 -38.57 16.74 33.91
CA ALA C 121 -39.88 16.19 34.32
C ALA C 121 -39.81 14.72 34.72
N LEU C 122 -38.63 14.12 34.88
CA LEU C 122 -38.50 12.72 35.28
C LEU C 122 -37.61 12.65 36.51
N ARG C 123 -38.16 12.17 37.63
CA ARG C 123 -37.34 11.97 38.82
C ARG C 123 -36.30 10.89 38.59
N HIS C 124 -36.70 9.76 38.00
CA HIS C 124 -35.77 8.69 37.68
C HIS C 124 -36.23 8.00 36.40
N LEU C 125 -35.27 7.48 35.65
CA LEU C 125 -35.54 6.73 34.44
C LEU C 125 -34.56 5.56 34.35
N ARG C 126 -35.09 4.38 34.04
CA ARG C 126 -34.26 3.20 33.92
C ARG C 126 -34.68 2.39 32.70
N LEU C 127 -33.72 2.11 31.82
CA LEU C 127 -33.98 1.26 30.67
C LEU C 127 -33.96 -0.20 31.10
N GLU C 128 -35.06 -0.90 30.90
CA GLU C 128 -35.21 -2.26 31.40
C GLU C 128 -34.99 -3.32 30.32
N ASP C 129 -35.77 -3.28 29.24
CA ASP C 129 -35.72 -4.33 28.23
C ASP C 129 -35.84 -3.72 26.84
N ILE C 130 -35.24 -4.40 25.86
CA ILE C 130 -35.29 -3.99 24.47
C ILE C 130 -35.65 -5.21 23.63
N ARG C 131 -36.60 -5.05 22.72
CA ARG C 131 -37.00 -6.12 21.79
C ARG C 131 -36.47 -5.76 20.41
N PHE C 132 -35.31 -6.30 20.08
CA PHE C 132 -34.70 -6.00 18.79
C PHE C 132 -35.42 -6.76 17.68
N PRO C 133 -35.80 -6.10 16.59
CA PRO C 133 -36.45 -6.81 15.48
C PRO C 133 -35.47 -7.75 14.80
N MET C 134 -36.03 -8.80 14.18
CA MET C 134 -35.20 -9.79 13.50
C MET C 134 -34.34 -9.15 12.42
N ALA C 135 -34.88 -8.14 11.73
CA ALA C 135 -34.14 -7.47 10.66
C ALA C 135 -32.86 -6.83 11.18
N PHE C 136 -32.99 -6.03 12.24
CA PHE C 136 -31.81 -5.35 12.79
C PHE C 136 -30.78 -6.34 13.31
N ILE C 137 -31.23 -7.46 13.87
CA ILE C 137 -30.29 -8.50 14.30
C ILE C 137 -29.58 -9.10 13.11
N LYS C 138 -30.30 -9.34 12.01
CA LYS C 138 -29.66 -9.88 10.82
C LYS C 138 -28.71 -8.88 10.17
N THR C 139 -28.89 -7.58 10.43
CA THR C 139 -27.97 -6.59 9.86
C THR C 139 -26.64 -6.56 10.59
N CYS C 140 -26.65 -6.72 11.92
CA CYS C 140 -25.43 -6.58 12.69
C CYS C 140 -24.48 -7.75 12.44
N PRO C 141 -23.17 -7.53 12.54
CA PRO C 141 -22.21 -8.64 12.32
C PRO C 141 -22.38 -9.78 13.30
N GLY C 142 -22.73 -9.51 14.56
CA GLY C 142 -22.89 -10.54 15.55
C GLY C 142 -21.55 -11.09 16.02
N PRO C 143 -21.60 -12.05 16.94
CA PRO C 143 -20.37 -12.68 17.41
C PRO C 143 -19.59 -13.31 16.27
N PRO C 144 -18.26 -13.19 16.27
CA PRO C 144 -17.48 -13.72 15.15
C PRO C 144 -17.51 -15.23 15.06
N ASN C 145 -17.53 -15.95 16.18
CA ASN C 145 -17.46 -17.41 16.16
C ASN C 145 -18.76 -18.05 16.63
N GLY C 146 -19.19 -17.78 17.85
CA GLY C 146 -20.36 -18.43 18.41
C GLY C 146 -20.00 -19.52 19.41
N ILE C 147 -21.01 -20.00 20.12
CA ILE C 147 -20.81 -20.97 21.19
C ILE C 147 -20.28 -22.28 20.64
N CYS C 148 -21.03 -22.89 19.72
CA CYS C 148 -20.64 -24.18 19.18
C CYS C 148 -19.34 -24.09 18.40
N VAL C 149 -19.12 -22.97 17.69
CA VAL C 149 -17.89 -22.81 16.93
C VAL C 149 -16.69 -22.69 17.85
N GLU C 150 -16.85 -21.96 18.98
CA GLU C 150 -15.77 -21.91 19.95
C GLU C 150 -15.49 -23.29 20.55
N ARG C 151 -16.55 -24.04 20.86
CA ARG C 151 -16.35 -25.40 21.37
C ARG C 151 -15.60 -26.26 20.35
N ASP C 152 -15.93 -26.11 19.07
CA ASP C 152 -15.22 -26.85 18.02
C ASP C 152 -13.76 -26.44 17.95
N ARG C 153 -13.49 -25.13 18.01
CA ARG C 153 -12.12 -24.65 17.90
C ARG C 153 -11.27 -24.99 19.11
N MET C 154 -11.89 -25.21 20.27
CA MET C 154 -11.17 -25.65 21.46
C MET C 154 -11.29 -27.14 21.72
N ASN C 155 -12.22 -27.82 21.05
CA ASN C 155 -12.44 -29.27 21.24
C ASN C 155 -12.72 -29.59 22.71
N LYS C 156 -13.49 -28.73 23.36
CA LYS C 156 -13.84 -28.90 24.77
C LYS C 156 -15.35 -28.99 24.90
N TYR C 157 -15.83 -30.04 25.55
CA TYR C 157 -17.26 -30.30 25.69
C TYR C 157 -17.50 -30.94 27.05
N GLY C 158 -18.75 -31.33 27.30
CA GLY C 158 -19.10 -32.05 28.51
C GLY C 158 -19.15 -31.20 29.75
N ARG C 159 -18.14 -30.35 29.95
CA ARG C 159 -17.99 -29.53 31.13
C ARG C 159 -17.92 -28.06 30.75
N PRO C 160 -18.28 -27.16 31.67
CA PRO C 160 -17.92 -25.75 31.48
C PRO C 160 -16.41 -25.57 31.53
N LEU C 161 -15.95 -24.46 31.01
CA LEU C 161 -14.53 -24.18 30.94
C LEU C 161 -14.07 -23.42 32.19
N LEU C 162 -12.76 -23.48 32.44
CA LEU C 162 -12.19 -22.98 33.68
C LEU C 162 -11.10 -21.96 33.38
N GLY C 163 -11.28 -20.73 33.85
CA GLY C 163 -10.30 -19.68 33.71
C GLY C 163 -9.80 -19.19 35.05
N CYS C 164 -8.97 -18.16 35.01
CA CYS C 164 -8.50 -17.49 36.21
C CYS C 164 -7.82 -16.19 35.81
N THR C 165 -8.05 -15.15 36.61
CA THR C 165 -7.32 -13.90 36.44
C THR C 165 -5.92 -14.04 37.02
N ILE C 166 -4.94 -13.45 36.33
CA ILE C 166 -3.55 -13.53 36.78
C ILE C 166 -3.35 -12.52 37.89
N LYS C 167 -3.21 -13.01 39.13
CA LYS C 167 -2.92 -12.21 40.32
C LYS C 167 -1.41 -12.15 40.55
N PRO C 168 -0.88 -11.02 41.04
CA PRO C 168 -1.57 -9.77 41.41
C PRO C 168 -2.08 -8.99 40.21
N LYS C 169 -2.79 -7.89 40.45
CA LYS C 169 -3.38 -7.11 39.37
C LYS C 169 -2.34 -6.58 38.40
N LEU C 170 -1.12 -6.34 38.86
CA LEU C 170 -0.06 -5.80 38.01
C LEU C 170 1.27 -6.05 38.71
N GLY C 171 2.34 -5.56 38.09
CA GLY C 171 3.69 -5.66 38.61
C GLY C 171 4.55 -6.71 37.95
N LEU C 172 3.97 -7.59 37.15
CA LEU C 172 4.71 -8.70 36.55
C LEU C 172 5.43 -8.26 35.29
N SER C 173 6.65 -8.76 35.12
CA SER C 173 7.37 -8.60 33.87
C SER C 173 6.88 -9.64 32.86
N GLY C 174 7.38 -9.53 31.62
CA GLY C 174 6.97 -10.46 30.59
C GLY C 174 7.26 -11.91 30.95
N LYS C 175 8.49 -12.17 31.41
CA LYS C 175 8.85 -13.53 31.80
C LYS C 175 8.04 -14.01 32.99
N ASN C 176 7.90 -13.17 34.02
CA ASN C 176 7.16 -13.57 35.21
C ASN C 176 5.68 -13.79 34.90
N TYR C 177 5.08 -12.87 34.13
CA TYR C 177 3.68 -13.04 33.73
C TYR C 177 3.51 -14.32 32.92
N GLY C 178 4.42 -14.57 31.99
CA GLY C 178 4.33 -15.77 31.17
C GLY C 178 4.44 -17.05 31.98
N ARG C 179 5.39 -17.09 32.93
CA ARG C 179 5.55 -18.30 33.73
C ARG C 179 4.38 -18.51 34.68
N VAL C 180 3.80 -17.42 35.21
CA VAL C 180 2.61 -17.55 36.05
C VAL C 180 1.45 -18.10 35.22
N VAL C 181 1.27 -17.57 34.00
CA VAL C 181 0.22 -18.07 33.12
C VAL C 181 0.45 -19.53 32.79
N TYR C 182 1.70 -19.92 32.55
CA TYR C 182 2.01 -21.32 32.26
C TYR C 182 1.69 -22.22 33.45
N GLU C 183 2.03 -21.78 34.67
CA GLU C 183 1.73 -22.57 35.86
C GLU C 183 0.23 -22.73 36.05
N CYS C 184 -0.52 -21.66 35.80
CA CYS C 184 -1.98 -21.76 35.89
C CYS C 184 -2.54 -22.68 34.81
N LEU C 185 -1.99 -22.61 33.60
CA LEU C 185 -2.57 -23.32 32.46
C LEU C 185 -2.27 -24.82 32.53
N ARG C 186 -1.08 -25.20 32.97
CA ARG C 186 -0.68 -26.60 32.95
C ARG C 186 -1.46 -27.45 33.94
N GLY C 187 -2.23 -26.85 34.84
CA GLY C 187 -3.05 -27.59 35.78
C GLY C 187 -4.40 -28.01 35.27
N GLY C 188 -4.60 -28.01 33.95
CA GLY C 188 -5.90 -28.33 33.38
C GLY C 188 -6.81 -27.14 33.22
N LEU C 189 -6.38 -25.94 33.62
CA LEU C 189 -7.19 -24.74 33.44
C LEU C 189 -7.37 -24.45 31.96
N ASP C 190 -8.58 -24.04 31.57
CA ASP C 190 -8.87 -23.82 30.15
C ASP C 190 -8.20 -22.56 29.63
N PHE C 191 -8.40 -21.42 30.30
CA PHE C 191 -7.86 -20.15 29.85
C PHE C 191 -7.37 -19.36 31.04
N THR C 192 -6.74 -18.22 30.74
CA THR C 192 -6.42 -17.20 31.73
C THR C 192 -6.71 -15.84 31.10
N LYS C 193 -7.26 -14.92 31.89
CA LYS C 193 -7.59 -13.60 31.40
C LYS C 193 -6.63 -12.57 32.02
N ASP C 194 -6.09 -11.71 31.17
CA ASP C 194 -5.33 -10.57 31.67
C ASP C 194 -6.27 -9.63 32.43
N ASP C 195 -5.68 -8.78 33.26
CA ASP C 195 -6.48 -7.85 34.04
C ASP C 195 -7.01 -6.72 33.17
N GLU C 196 -8.24 -6.29 33.46
CA GLU C 196 -8.96 -5.38 32.59
C GLU C 196 -8.26 -4.03 32.47
N ASN C 197 -7.50 -3.63 33.50
CA ASN C 197 -6.82 -2.35 33.51
C ASN C 197 -5.35 -2.46 33.13
N ILE C 198 -4.93 -3.60 32.59
CA ILE C 198 -3.53 -3.85 32.26
C ILE C 198 -3.46 -4.16 30.76
N ASN C 199 -3.03 -3.18 29.98
CA ASN C 199 -2.77 -3.36 28.56
C ASN C 199 -1.32 -3.09 28.20
N SER C 200 -0.79 -1.92 28.58
CA SER C 200 0.60 -1.55 28.33
C SER C 200 1.03 -0.63 29.45
N GLN C 201 2.10 -0.98 30.15
CA GLN C 201 2.52 -0.27 31.34
C GLN C 201 4.00 0.05 31.25
N PRO C 202 4.47 1.06 32.00
CA PRO C 202 5.92 1.33 32.04
C PRO C 202 6.71 0.15 32.59
N PHE C 203 6.15 -0.63 33.51
CA PHE C 203 6.84 -1.80 34.00
C PHE C 203 6.70 -3.00 33.06
N GLN C 204 5.79 -2.94 32.10
CA GLN C 204 5.53 -4.09 31.24
C GLN C 204 4.98 -3.57 29.91
N ARG C 205 5.79 -3.68 28.85
CA ARG C 205 5.31 -3.36 27.51
C ARG C 205 4.58 -4.56 26.91
N TRP C 206 3.50 -4.28 26.20
CA TRP C 206 2.57 -5.34 25.79
C TRP C 206 3.22 -6.36 24.88
N GLN C 207 4.21 -5.95 24.08
CA GLN C 207 4.86 -6.88 23.15
C GLN C 207 5.54 -8.01 23.90
N ASN C 208 6.27 -7.68 24.97
CA ASN C 208 6.96 -8.70 25.74
C ASN C 208 5.97 -9.65 26.41
N ARG C 209 4.88 -9.11 26.96
CA ARG C 209 3.88 -9.96 27.60
C ARG C 209 3.25 -10.91 26.59
N PHE C 210 2.91 -10.39 25.40
CA PHE C 210 2.30 -11.25 24.38
C PHE C 210 3.27 -12.34 23.93
N GLU C 211 4.53 -11.98 23.70
CA GLU C 211 5.51 -12.97 23.26
C GLU C 211 5.71 -14.06 24.30
N PHE C 212 5.95 -13.67 25.56
CA PHE C 212 6.19 -14.65 26.61
C PHE C 212 4.96 -15.49 26.88
N VAL C 213 3.77 -14.89 26.88
CA VAL C 213 2.56 -15.67 27.14
C VAL C 213 2.27 -16.62 25.99
N ALA C 214 2.58 -16.22 24.75
CA ALA C 214 2.42 -17.15 23.63
C ALA C 214 3.37 -18.33 23.76
N GLU C 215 4.62 -18.06 24.14
CA GLU C 215 5.57 -19.14 24.35
C GLU C 215 5.10 -20.08 25.46
N ALA C 216 4.61 -19.51 26.56
CA ALA C 216 4.14 -20.34 27.67
C ALA C 216 2.91 -21.15 27.28
N VAL C 217 1.99 -20.55 26.52
CA VAL C 217 0.81 -21.26 26.06
C VAL C 217 1.21 -22.42 25.16
N ALA C 218 2.16 -22.19 24.26
CA ALA C 218 2.63 -23.26 23.38
C ALA C 218 3.26 -24.39 24.19
N LEU C 219 4.09 -24.04 25.17
CA LEU C 219 4.74 -25.06 25.99
C LEU C 219 3.71 -25.87 26.78
N ALA C 220 2.74 -25.19 27.38
CA ALA C 220 1.72 -25.89 28.16
C ALA C 220 0.85 -26.75 27.26
N GLN C 221 0.53 -26.26 26.06
CA GLN C 221 -0.26 -27.05 25.12
C GLN C 221 0.48 -28.31 24.71
N GLN C 222 1.79 -28.20 24.46
CA GLN C 222 2.58 -29.38 24.15
C GLN C 222 2.62 -30.35 25.33
N GLU C 223 2.77 -29.84 26.54
CA GLU C 223 2.94 -30.71 27.71
C GLU C 223 1.64 -31.43 28.08
N THR C 224 0.54 -30.69 28.18
CA THR C 224 -0.70 -31.28 28.68
C THR C 224 -1.47 -32.05 27.62
N GLY C 225 -1.13 -31.88 26.35
CA GLY C 225 -1.87 -32.53 25.29
C GLY C 225 -3.28 -32.04 25.11
N GLU C 226 -3.48 -30.71 25.21
CA GLU C 226 -4.79 -30.11 25.02
C GLU C 226 -4.60 -28.74 24.35
N LYS C 227 -5.56 -28.37 23.50
CA LYS C 227 -5.54 -27.05 22.87
C LYS C 227 -5.89 -26.00 23.90
N LYS C 228 -4.93 -25.14 24.25
CA LYS C 228 -5.10 -24.15 25.29
C LYS C 228 -4.87 -22.75 24.74
N GLY C 229 -5.18 -21.75 25.56
CA GLY C 229 -4.98 -20.37 25.17
C GLY C 229 -5.16 -19.44 26.34
N HIS C 230 -4.67 -18.22 26.17
CA HIS C 230 -4.78 -17.16 27.17
C HIS C 230 -5.47 -15.97 26.54
N TYR C 231 -6.26 -15.26 27.35
CA TYR C 231 -6.95 -14.07 26.86
C TYR C 231 -5.97 -12.90 26.78
N LEU C 232 -5.76 -12.38 25.58
CA LEU C 232 -4.87 -11.25 25.35
C LEU C 232 -5.70 -9.99 25.16
N ASN C 233 -5.31 -8.92 25.84
CA ASN C 233 -6.05 -7.67 25.80
C ASN C 233 -5.52 -6.75 24.70
N CYS C 234 -6.43 -6.21 23.90
CA CYS C 234 -6.10 -5.26 22.86
C CYS C 234 -6.68 -3.88 23.10
N THR C 235 -7.44 -3.69 24.19
CA THR C 235 -7.95 -2.36 24.53
C THR C 235 -6.78 -1.42 24.80
N ALA C 236 -6.72 -0.32 24.07
CA ALA C 236 -5.58 0.58 24.14
C ALA C 236 -6.04 2.00 23.82
N ALA C 237 -5.08 2.90 23.59
CA ALA C 237 -5.39 4.30 23.37
C ALA C 237 -6.03 4.53 22.00
N THR C 238 -5.49 3.88 20.96
CA THR C 238 -5.98 4.14 19.61
C THR C 238 -6.44 2.85 18.95
N PRO C 239 -7.39 2.92 18.03
CA PRO C 239 -7.77 1.71 17.27
C PRO C 239 -6.63 1.13 16.47
N GLU C 240 -5.70 1.95 15.99
CA GLU C 240 -4.54 1.44 15.26
C GLU C 240 -3.71 0.52 16.15
N GLU C 241 -3.46 0.94 17.39
CA GLU C 241 -2.72 0.09 18.32
C GLU C 241 -3.49 -1.19 18.62
N MET C 242 -4.82 -1.08 18.75
CA MET C 242 -5.64 -2.27 19.01
C MET C 242 -5.51 -3.29 17.88
N TYR C 243 -5.65 -2.82 16.63
CA TYR C 243 -5.52 -3.72 15.49
C TYR C 243 -4.11 -4.28 15.38
N GLU C 244 -3.10 -3.45 15.67
CA GLU C 244 -1.72 -3.93 15.62
C GLU C 244 -1.49 -5.05 16.62
N ARG C 245 -1.96 -4.87 17.85
CA ARG C 245 -1.80 -5.91 18.87
C ARG C 245 -2.59 -7.16 18.52
N ALA C 246 -3.81 -6.98 17.97
CA ALA C 246 -4.60 -8.13 17.57
C ALA C 246 -3.91 -8.93 16.48
N GLU C 247 -3.34 -8.24 15.49
CA GLU C 247 -2.66 -8.94 14.41
C GLU C 247 -1.36 -9.58 14.90
N PHE C 248 -0.68 -8.93 15.85
CA PHE C 248 0.50 -9.55 16.46
C PHE C 248 0.14 -10.83 17.19
N ALA C 249 -0.98 -10.83 17.93
CA ALA C 249 -1.45 -12.05 18.57
C ALA C 249 -1.82 -13.10 17.54
N LYS C 250 -2.44 -12.68 16.43
CA LYS C 250 -2.76 -13.61 15.35
C LYS C 250 -1.51 -14.27 14.79
N GLU C 251 -0.44 -13.49 14.60
CA GLU C 251 0.80 -14.05 14.07
C GLU C 251 1.43 -15.03 15.06
N LEU C 252 1.27 -14.80 16.36
CA LEU C 252 1.83 -15.68 17.39
C LEU C 252 0.97 -16.90 17.66
N GLY C 253 -0.04 -17.16 16.83
CA GLY C 253 -0.82 -18.38 16.96
C GLY C 253 -1.74 -18.42 18.16
N GLN C 254 -1.98 -17.28 18.80
CA GLN C 254 -2.88 -17.26 19.95
C GLN C 254 -4.33 -17.28 19.46
N PRO C 255 -5.15 -18.21 19.94
CA PRO C 255 -6.50 -18.39 19.39
C PRO C 255 -7.58 -17.50 19.98
N ILE C 256 -7.26 -16.60 20.92
CA ILE C 256 -8.29 -15.77 21.54
C ILE C 256 -7.65 -14.49 22.04
N ILE C 257 -8.39 -13.39 21.94
CA ILE C 257 -8.01 -12.10 22.49
C ILE C 257 -9.18 -11.55 23.28
N MET C 258 -8.89 -10.60 24.17
CA MET C 258 -9.90 -10.05 25.06
C MET C 258 -9.95 -8.53 24.90
N HIS C 259 -11.06 -7.94 25.34
CA HIS C 259 -11.31 -6.51 25.17
C HIS C 259 -12.30 -6.05 26.22
N ASP C 260 -12.28 -4.74 26.50
CA ASP C 260 -13.24 -4.08 27.36
C ASP C 260 -14.11 -3.20 26.47
N TYR C 261 -15.35 -3.62 26.24
CA TYR C 261 -16.18 -2.96 25.24
C TYR C 261 -16.75 -1.64 25.72
N ILE C 262 -17.02 -1.49 27.02
CA ILE C 262 -17.59 -0.23 27.51
C ILE C 262 -16.51 0.86 27.52
N THR C 263 -15.35 0.56 28.12
CA THR C 263 -14.29 1.56 28.19
C THR C 263 -13.71 1.84 26.81
N GLY C 264 -13.39 0.79 26.05
CA GLY C 264 -12.90 0.98 24.70
C GLY C 264 -13.94 1.61 23.79
N GLY C 265 -15.20 1.21 23.94
CA GLY C 265 -16.27 1.78 23.14
C GLY C 265 -17.01 0.75 22.31
N PHE C 266 -18.29 1.01 22.05
CA PHE C 266 -19.07 0.11 21.21
C PHE C 266 -18.52 0.08 19.79
N THR C 267 -18.08 1.22 19.27
CA THR C 267 -17.48 1.26 17.94
C THR C 267 -16.21 0.40 17.90
N ALA C 268 -15.36 0.55 18.91
CA ALA C 268 -14.13 -0.25 18.96
C ALA C 268 -14.45 -1.73 19.09
N ASN C 269 -15.45 -2.07 19.89
CA ASN C 269 -15.84 -3.48 20.06
C ASN C 269 -16.35 -4.06 18.76
N THR C 270 -17.18 -3.31 18.03
CA THR C 270 -17.70 -3.79 16.75
C THR C 270 -16.58 -3.97 15.74
N GLY C 271 -15.65 -3.02 15.68
CA GLY C 271 -14.52 -3.16 14.78
C GLY C 271 -13.64 -4.35 15.13
N LEU C 272 -13.40 -4.57 16.43
CA LEU C 272 -12.60 -5.71 16.86
C LEU C 272 -13.29 -7.02 16.52
N SER C 273 -14.61 -7.09 16.71
CA SER C 273 -15.35 -8.31 16.36
C SER C 273 -15.32 -8.58 14.87
N LYS C 274 -15.47 -7.53 14.05
CA LYS C 274 -15.38 -7.70 12.60
C LYS C 274 -13.99 -8.17 12.20
N TRP C 275 -12.95 -7.62 12.82
CA TRP C 275 -11.59 -8.06 12.52
C TRP C 275 -11.38 -9.51 12.94
N CYS C 276 -11.93 -9.90 14.10
CA CYS C 276 -11.80 -11.29 14.54
C CYS C 276 -12.48 -12.25 13.58
N ARG C 277 -13.67 -11.89 13.11
CA ARG C 277 -14.35 -12.72 12.11
C ARG C 277 -13.53 -12.79 10.82
N LYS C 278 -12.99 -11.65 10.38
CA LYS C 278 -12.21 -11.62 9.15
C LYS C 278 -10.89 -12.38 9.28
N ASN C 279 -10.38 -12.54 10.50
CA ASN C 279 -9.12 -13.23 10.74
C ASN C 279 -9.28 -14.54 11.49
N GLY C 280 -10.51 -14.96 11.78
CA GLY C 280 -10.74 -16.20 12.48
C GLY C 280 -10.20 -16.20 13.90
N MET C 281 -10.60 -15.22 14.70
CA MET C 281 -10.11 -15.08 16.07
C MET C 281 -11.28 -15.09 17.06
N LEU C 282 -11.02 -15.61 18.25
CA LEU C 282 -11.98 -15.58 19.33
C LEU C 282 -11.87 -14.27 20.11
N LEU C 283 -13.01 -13.80 20.60
CA LEU C 283 -13.10 -12.51 21.28
C LEU C 283 -13.65 -12.69 22.68
N HIS C 284 -12.86 -12.34 23.68
CA HIS C 284 -13.29 -12.30 25.07
C HIS C 284 -13.58 -10.86 25.47
N ILE C 285 -14.57 -10.68 26.34
CA ILE C 285 -14.99 -9.34 26.75
C ILE C 285 -15.21 -9.32 28.26
N HIS C 286 -14.78 -8.24 28.89
CA HIS C 286 -15.05 -7.98 30.30
C HIS C 286 -15.95 -6.77 30.42
N ARG C 287 -16.74 -6.74 31.50
CA ARG C 287 -17.77 -5.73 31.70
C ARG C 287 -17.31 -4.57 32.58
N ALA C 288 -16.05 -4.14 32.47
CA ALA C 288 -15.54 -3.05 33.28
C ALA C 288 -16.39 -1.81 33.11
N MET C 289 -16.77 -1.21 34.25
CA MET C 289 -17.60 0.01 34.36
C MET C 289 -19.07 -0.29 34.12
N HIS C 290 -19.48 -1.56 34.08
CA HIS C 290 -20.90 -1.87 33.93
C HIS C 290 -21.68 -1.51 35.18
N ALA C 291 -21.06 -1.68 36.36
CA ALA C 291 -21.74 -1.38 37.61
C ALA C 291 -22.12 0.09 37.71
N VAL C 292 -21.24 0.98 37.23
CA VAL C 292 -21.56 2.40 37.19
C VAL C 292 -22.84 2.66 36.42
N ILE C 293 -23.27 1.72 35.58
CA ILE C 293 -24.53 1.84 34.85
C ILE C 293 -25.65 1.00 35.46
N ASP C 294 -25.32 -0.03 36.24
CA ASP C 294 -26.34 -0.93 36.78
C ASP C 294 -26.26 -1.19 38.28
N ARG C 295 -25.33 -0.55 39.00
CA ARG C 295 -25.27 -0.76 40.44
C ARG C 295 -26.54 -0.28 41.13
N HIS C 296 -27.05 0.88 40.71
CA HIS C 296 -28.28 1.40 41.29
C HIS C 296 -29.46 0.59 40.79
N PRO C 297 -30.25 -0.02 41.69
CA PRO C 297 -31.35 -0.90 41.25
C PRO C 297 -32.58 -0.16 40.73
N LYS C 298 -32.65 1.17 40.89
CA LYS C 298 -33.82 1.93 40.48
C LYS C 298 -33.58 2.85 39.29
N HIS C 299 -32.33 3.20 39.01
CA HIS C 299 -32.01 4.14 37.95
C HIS C 299 -30.79 3.67 37.19
N GLY C 300 -30.74 4.01 35.90
CA GLY C 300 -29.63 3.65 35.04
C GLY C 300 -30.10 2.75 33.89
N ILE C 301 -29.24 1.80 33.52
CA ILE C 301 -29.55 0.81 32.50
C ILE C 301 -29.30 -0.57 33.10
N HIS C 302 -30.28 -1.46 32.99
CA HIS C 302 -30.12 -2.81 33.48
C HIS C 302 -29.08 -3.56 32.66
N PHE C 303 -28.36 -4.48 33.31
CA PHE C 303 -27.28 -5.19 32.64
C PHE C 303 -27.77 -6.06 31.50
N ARG C 304 -29.06 -6.43 31.49
CA ARG C 304 -29.57 -7.23 30.37
C ARG C 304 -29.52 -6.44 29.07
N VAL C 305 -29.79 -5.13 29.13
CA VAL C 305 -29.71 -4.30 27.94
C VAL C 305 -28.28 -4.25 27.41
N LEU C 306 -27.31 -4.06 28.31
CA LEU C 306 -25.92 -4.04 27.90
C LEU C 306 -25.50 -5.38 27.32
N ALA C 307 -25.99 -6.48 27.90
CA ALA C 307 -25.70 -7.80 27.38
C ALA C 307 -26.27 -7.99 25.97
N LYS C 308 -27.50 -7.53 25.75
CA LYS C 308 -28.09 -7.57 24.43
C LYS C 308 -27.26 -6.77 23.43
N CYS C 309 -26.83 -5.57 23.84
CA CYS C 309 -26.04 -4.71 22.96
C CYS C 309 -24.71 -5.37 22.62
N LEU C 310 -24.06 -5.98 23.60
CA LEU C 310 -22.79 -6.65 23.32
C LEU C 310 -22.98 -7.86 22.40
N ARG C 311 -24.04 -8.64 22.63
CA ARG C 311 -24.31 -9.79 21.77
C ARG C 311 -24.56 -9.36 20.34
N LEU C 312 -25.30 -8.26 20.15
CA LEU C 312 -25.51 -7.73 18.81
C LEU C 312 -24.21 -7.23 18.20
N SER C 313 -23.39 -6.52 19.00
CA SER C 313 -22.14 -5.97 18.51
C SER C 313 -21.06 -7.02 18.29
N GLY C 314 -21.30 -8.24 18.73
CA GLY C 314 -20.30 -9.28 18.57
C GLY C 314 -19.57 -9.58 19.87
N GLY C 315 -19.12 -10.82 20.01
CA GLY C 315 -18.38 -11.25 21.17
C GLY C 315 -18.70 -12.68 21.57
N ASP C 316 -17.73 -13.34 22.18
CA ASP C 316 -17.88 -14.74 22.55
C ASP C 316 -18.08 -14.97 24.04
N GLN C 317 -17.62 -14.06 24.90
CA GLN C 317 -17.74 -14.22 26.34
C GLN C 317 -18.12 -12.90 26.98
N LEU C 318 -18.89 -12.96 28.06
CA LEU C 318 -19.34 -11.77 28.78
C LEU C 318 -19.40 -12.06 30.27
N HIS C 319 -18.79 -11.17 31.06
CA HIS C 319 -18.74 -11.36 32.50
C HIS C 319 -20.10 -11.11 33.14
N THR C 320 -20.42 -11.92 34.15
CA THR C 320 -21.68 -11.78 34.87
C THR C 320 -21.58 -11.90 36.39
N GLY C 321 -20.47 -12.39 36.94
CA GLY C 321 -20.60 -12.99 38.26
C GLY C 321 -21.43 -14.25 38.07
N THR C 322 -21.89 -14.85 39.17
CA THR C 322 -23.02 -15.76 39.05
C THR C 322 -24.26 -15.02 39.52
N VAL C 323 -24.59 -15.07 40.80
CA VAL C 323 -25.04 -13.94 41.60
C VAL C 323 -24.54 -14.28 43.00
N VAL C 324 -24.20 -15.56 43.18
CA VAL C 324 -24.08 -16.18 44.49
C VAL C 324 -22.62 -16.20 44.92
N GLY C 325 -22.41 -16.42 46.22
CA GLY C 325 -21.09 -16.40 46.81
C GLY C 325 -21.00 -15.37 47.90
N LYS C 326 -21.62 -14.21 47.66
CA LYS C 326 -21.67 -13.13 48.63
C LYS C 326 -23.12 -12.71 48.85
N LEU C 327 -23.94 -12.75 47.79
CA LEU C 327 -25.32 -12.26 47.80
C LEU C 327 -26.22 -13.29 47.13
N GLU C 328 -27.07 -13.96 47.93
CA GLU C 328 -28.02 -14.93 47.39
C GLU C 328 -28.89 -14.27 46.33
N GLY C 329 -29.30 -13.03 46.60
CA GLY C 329 -29.93 -12.11 45.68
C GLY C 329 -31.16 -12.68 45.02
N ASP C 330 -31.29 -12.35 43.72
CA ASP C 330 -32.48 -12.58 42.93
C ASP C 330 -32.09 -13.33 41.65
N ARG C 331 -31.44 -14.49 41.83
CA ARG C 331 -30.85 -15.23 40.71
C ARG C 331 -31.80 -15.44 39.54
N GLN C 332 -33.11 -15.21 39.74
CA GLN C 332 -34.08 -15.36 38.66
C GLN C 332 -33.75 -14.48 37.46
N THR C 333 -33.58 -13.18 37.69
CA THR C 333 -33.28 -12.27 36.58
C THR C 333 -31.89 -12.52 36.01
N THR C 334 -30.96 -12.97 36.84
CA THR C 334 -29.64 -13.34 36.34
C THR C 334 -29.74 -14.49 35.35
N LEU C 335 -30.46 -15.55 35.72
CA LEU C 335 -30.71 -16.66 34.81
C LEU C 335 -31.48 -16.19 33.58
N GLY C 336 -32.33 -15.16 33.75
CA GLY C 336 -33.00 -14.57 32.60
C GLY C 336 -32.05 -13.98 31.59
N PHE C 337 -31.09 -13.15 32.06
CA PHE C 337 -30.15 -12.61 31.09
C PHE C 337 -29.21 -13.68 30.57
N ILE C 338 -28.98 -14.74 31.34
CA ILE C 338 -28.25 -15.89 30.82
C ILE C 338 -29.01 -16.51 29.64
N ASP C 339 -30.33 -16.66 29.80
CA ASP C 339 -31.17 -17.15 28.71
C ASP C 339 -31.06 -16.25 27.49
N GLN C 340 -31.14 -14.93 27.72
CA GLN C 340 -30.95 -13.99 26.61
C GLN C 340 -29.56 -14.04 26.01
N LEU C 341 -28.57 -14.55 26.75
CA LEU C 341 -27.21 -14.69 26.23
C LEU C 341 -27.01 -15.96 25.42
N ARG C 342 -27.74 -17.04 25.74
CA ARG C 342 -27.50 -18.33 25.13
C ARG C 342 -28.55 -18.74 24.11
N GLU C 343 -29.83 -18.69 24.46
CA GLU C 343 -30.87 -19.25 23.63
C GLU C 343 -31.17 -18.36 22.42
N SER C 344 -31.62 -19.00 21.34
CA SER C 344 -32.02 -18.25 20.15
C SER C 344 -33.35 -17.53 20.37
N PHE C 345 -34.25 -18.12 21.15
CA PHE C 345 -35.52 -17.49 21.50
C PHE C 345 -35.75 -17.63 23.00
N ILE C 346 -36.40 -16.63 23.57
CA ILE C 346 -36.74 -16.64 25.00
C ILE C 346 -38.18 -16.19 25.18
N PRO C 347 -39.03 -17.00 25.81
CA PRO C 347 -40.38 -16.55 26.12
C PRO C 347 -40.39 -15.49 27.21
N GLU C 348 -41.49 -14.73 27.26
CA GLU C 348 -41.63 -13.67 28.24
C GLU C 348 -41.62 -14.23 29.66
N ASP C 349 -40.95 -13.51 30.57
CA ASP C 349 -40.89 -13.90 31.96
C ASP C 349 -40.71 -12.63 32.79
N ARG C 350 -41.77 -12.22 33.48
CA ARG C 350 -41.69 -11.02 34.30
C ARG C 350 -40.72 -11.20 35.46
N SER C 351 -40.70 -12.39 36.06
CA SER C 351 -39.78 -12.65 37.17
C SER C 351 -38.33 -12.59 36.70
N ARG C 352 -38.03 -13.12 35.52
CA ARG C 352 -36.68 -13.08 34.97
C ARG C 352 -36.34 -11.75 34.33
N GLY C 353 -37.25 -10.78 34.36
CA GLY C 353 -37.00 -9.51 33.71
C GLY C 353 -36.96 -9.58 32.20
N ASN C 354 -37.85 -10.36 31.59
CA ASN C 354 -37.93 -10.49 30.14
C ASN C 354 -39.34 -10.04 29.73
N PHE C 355 -39.46 -8.81 29.24
CA PHE C 355 -40.74 -8.19 28.95
C PHE C 355 -41.17 -8.34 27.50
N PHE C 356 -40.41 -9.07 26.68
CA PHE C 356 -40.75 -9.21 25.28
C PHE C 356 -40.45 -10.64 24.81
N ASP C 357 -41.18 -11.07 23.78
CA ASP C 357 -40.92 -12.34 23.12
C ASP C 357 -39.81 -12.10 22.10
N GLN C 358 -38.56 -12.34 22.52
CA GLN C 358 -37.39 -12.00 21.73
C GLN C 358 -36.85 -13.26 21.05
N ASP C 359 -36.70 -13.20 19.73
CA ASP C 359 -36.14 -14.28 18.94
C ASP C 359 -34.90 -13.77 18.22
N TRP C 360 -33.82 -14.55 18.26
CA TRP C 360 -32.57 -14.21 17.59
C TRP C 360 -32.40 -14.95 16.26
N GLY C 361 -33.44 -15.63 15.79
CA GLY C 361 -33.29 -16.43 14.59
C GLY C 361 -32.32 -17.57 14.81
N SER C 362 -31.31 -17.67 13.96
CA SER C 362 -30.26 -18.67 14.13
C SER C 362 -28.92 -17.99 14.32
N MET C 363 -28.90 -16.92 15.10
CA MET C 363 -27.68 -16.16 15.36
C MET C 363 -27.02 -16.70 16.63
N PRO C 364 -25.78 -17.17 16.56
CA PRO C 364 -25.19 -17.89 17.70
C PRO C 364 -25.07 -17.00 18.94
N GLY C 365 -25.17 -17.64 20.10
CA GLY C 365 -25.14 -16.96 21.38
C GLY C 365 -23.73 -16.68 21.86
N VAL C 366 -23.65 -16.29 23.12
CA VAL C 366 -22.41 -15.84 23.75
C VAL C 366 -22.20 -16.61 25.05
N PHE C 367 -20.97 -17.03 25.30
CA PHE C 367 -20.64 -17.68 26.57
C PHE C 367 -20.80 -16.69 27.73
N ALA C 368 -21.17 -17.23 28.89
CA ALA C 368 -21.27 -16.46 30.11
C ALA C 368 -20.01 -16.66 30.94
N VAL C 369 -19.58 -15.57 31.59
CA VAL C 369 -18.38 -15.58 32.42
C VAL C 369 -18.78 -15.31 33.85
N ALA C 370 -18.38 -16.20 34.76
CA ALA C 370 -18.66 -16.08 36.18
C ALA C 370 -17.33 -15.99 36.93
N SER C 371 -17.07 -14.84 37.53
CA SER C 371 -15.81 -14.60 38.22
C SER C 371 -16.03 -13.60 39.33
N GLY C 372 -15.13 -13.63 40.32
CA GLY C 372 -15.20 -12.70 41.43
C GLY C 372 -15.87 -13.27 42.66
N GLY C 373 -15.12 -13.36 43.75
CA GLY C 373 -15.67 -13.84 45.01
C GLY C 373 -16.16 -15.27 44.99
N ILE C 374 -15.49 -16.13 44.22
CA ILE C 374 -15.88 -17.52 44.10
C ILE C 374 -14.64 -18.41 44.24
N HIS C 375 -14.86 -19.62 44.71
CA HIS C 375 -13.82 -20.63 44.82
C HIS C 375 -14.50 -22.00 44.83
N VAL C 376 -13.75 -23.02 45.28
CA VAL C 376 -14.17 -24.41 45.08
C VAL C 376 -15.53 -24.68 45.73
N TRP C 377 -15.80 -24.06 46.88
CA TRP C 377 -17.00 -24.42 47.63
C TRP C 377 -18.29 -24.08 46.90
N HIS C 378 -18.25 -23.10 45.99
CA HIS C 378 -19.46 -22.65 45.32
C HIS C 378 -19.78 -23.43 44.04
N MET C 379 -18.83 -24.21 43.54
CA MET C 379 -18.93 -24.75 42.18
C MET C 379 -20.21 -25.53 41.88
N PRO C 380 -20.73 -26.41 42.75
CA PRO C 380 -21.96 -27.15 42.40
C PRO C 380 -23.13 -26.24 42.04
N ALA C 381 -23.37 -25.23 42.87
CA ALA C 381 -24.45 -24.28 42.58
C ALA C 381 -24.17 -23.51 41.29
N LEU C 382 -22.91 -23.17 41.04
CA LEU C 382 -22.55 -22.46 39.81
C LEU C 382 -22.89 -23.31 38.58
N VAL C 383 -22.54 -24.59 38.63
CA VAL C 383 -22.87 -25.51 37.53
C VAL C 383 -24.38 -25.61 37.38
N ALA C 384 -25.11 -25.70 38.51
CA ALA C 384 -26.55 -25.83 38.44
C ALA C 384 -27.20 -24.62 37.79
N ILE C 385 -26.72 -23.42 38.10
CA ILE C 385 -27.40 -22.21 37.64
C ILE C 385 -26.95 -21.80 36.24
N PHE C 386 -25.67 -21.98 35.92
CA PHE C 386 -25.12 -21.51 34.65
C PHE C 386 -25.16 -22.57 33.56
N GLY C 387 -25.53 -23.80 33.87
CA GLY C 387 -25.52 -24.81 32.83
C GLY C 387 -24.10 -25.13 32.39
N ASP C 388 -24.01 -25.71 31.19
CA ASP C 388 -22.72 -26.13 30.64
C ASP C 388 -22.07 -25.07 29.76
N ASP C 389 -22.81 -24.02 29.37
CA ASP C 389 -22.29 -22.99 28.47
C ASP C 389 -21.87 -21.78 29.30
N SER C 390 -20.73 -21.93 29.97
CA SER C 390 -20.21 -20.86 30.83
C SER C 390 -18.74 -21.15 31.12
N VAL C 391 -18.08 -20.17 31.73
CA VAL C 391 -16.68 -20.28 32.14
C VAL C 391 -16.56 -19.77 33.56
N LEU C 392 -15.74 -20.44 34.37
CA LEU C 392 -15.53 -20.08 35.77
C LEU C 392 -14.08 -19.64 35.97
N GLN C 393 -13.91 -18.49 36.60
CA GLN C 393 -12.59 -17.93 36.86
C GLN C 393 -12.39 -17.79 38.37
N PHE C 394 -11.23 -18.26 38.85
CA PHE C 394 -10.86 -18.18 40.26
C PHE C 394 -9.43 -17.63 40.32
N GLY C 395 -9.31 -16.30 40.33
CA GLY C 395 -8.01 -15.67 40.37
C GLY C 395 -7.28 -15.92 41.67
N GLY C 396 -7.81 -15.40 42.77
CA GLY C 396 -7.18 -15.61 44.06
C GLY C 396 -7.26 -17.05 44.53
N GLY C 397 -8.39 -17.72 44.27
CA GLY C 397 -8.58 -19.06 44.80
C GLY C 397 -7.55 -20.05 44.26
N THR C 398 -7.33 -20.03 42.95
CA THR C 398 -6.32 -20.91 42.37
C THR C 398 -4.91 -20.48 42.77
N HIS C 399 -4.64 -19.16 42.76
CA HIS C 399 -3.32 -18.67 43.11
C HIS C 399 -3.08 -18.75 44.61
N GLY C 400 -4.09 -18.41 45.42
CA GLY C 400 -3.94 -18.44 46.86
C GLY C 400 -3.89 -19.84 47.46
N HIS C 401 -4.05 -20.87 46.64
CA HIS C 401 -3.92 -22.23 47.13
C HIS C 401 -2.50 -22.45 47.63
N PRO C 402 -2.31 -23.01 48.84
CA PRO C 402 -0.96 -23.11 49.39
C PRO C 402 -0.02 -23.98 48.59
N TRP C 403 -0.53 -24.90 47.78
CA TRP C 403 0.32 -25.78 46.98
C TRP C 403 0.72 -25.19 45.64
N GLY C 404 0.22 -24.00 45.31
CA GLY C 404 0.58 -23.36 44.06
C GLY C 404 -0.60 -23.24 43.11
N SER C 405 -0.40 -22.40 42.09
CA SER C 405 -1.47 -22.15 41.13
C SER C 405 -1.83 -23.40 40.35
N ALA C 406 -0.83 -24.21 40.00
CA ALA C 406 -1.10 -25.44 39.24
C ALA C 406 -1.96 -26.40 40.06
N ALA C 407 -1.61 -26.58 41.33
CA ALA C 407 -2.39 -27.48 42.18
C ALA C 407 -3.81 -26.97 42.40
N GLY C 408 -3.96 -25.65 42.62
CA GLY C 408 -5.30 -25.09 42.76
C GLY C 408 -6.13 -25.26 41.51
N ALA C 409 -5.52 -25.02 40.34
CA ALA C 409 -6.24 -25.20 39.08
C ALA C 409 -6.64 -26.66 38.89
N ALA C 410 -5.75 -27.59 39.23
CA ALA C 410 -6.08 -29.00 39.11
C ALA C 410 -7.22 -29.38 40.06
N ALA C 411 -7.20 -28.84 41.28
CA ALA C 411 -8.27 -29.11 42.24
C ALA C 411 -9.60 -28.59 41.74
N ASN C 412 -9.62 -27.37 41.21
CA ASN C 412 -10.87 -26.83 40.66
C ASN C 412 -11.32 -27.63 39.44
N ARG C 413 -10.39 -28.08 38.61
CA ARG C 413 -10.73 -28.87 37.45
C ARG C 413 -11.37 -30.20 37.84
N VAL C 414 -10.78 -30.90 38.81
CA VAL C 414 -11.34 -32.18 39.22
C VAL C 414 -12.65 -31.98 39.96
N ALA C 415 -12.80 -30.88 40.70
CA ALA C 415 -14.07 -30.56 41.33
C ALA C 415 -15.16 -30.36 40.28
N LEU C 416 -14.83 -29.61 39.22
CA LEU C 416 -15.80 -29.40 38.14
C LEU C 416 -16.14 -30.72 37.45
N GLU C 417 -15.13 -31.56 37.21
CA GLU C 417 -15.39 -32.85 36.57
C GLU C 417 -16.32 -33.71 37.42
N ALA C 418 -16.06 -33.79 38.73
CA ALA C 418 -16.91 -34.58 39.60
C ALA C 418 -18.31 -34.01 39.67
N CYS C 419 -18.43 -32.68 39.72
CA CYS C 419 -19.75 -32.06 39.81
C CYS C 419 -20.56 -32.31 38.54
N VAL C 420 -19.94 -32.17 37.37
CA VAL C 420 -20.68 -32.40 36.13
C VAL C 420 -20.98 -33.88 35.96
N LYS C 421 -20.11 -34.76 36.47
CA LYS C 421 -20.41 -36.19 36.44
C LYS C 421 -21.65 -36.49 37.29
N ALA C 422 -21.69 -35.96 38.51
CA ALA C 422 -22.84 -36.19 39.38
C ALA C 422 -24.11 -35.59 38.79
N ARG C 423 -24.00 -34.41 38.16
CA ARG C 423 -25.16 -33.82 37.51
C ARG C 423 -25.65 -34.69 36.37
N ASN C 424 -24.72 -35.20 35.55
CA ASN C 424 -25.08 -36.13 34.49
C ASN C 424 -25.62 -37.44 35.06
N ALA C 425 -25.22 -37.79 36.28
CA ALA C 425 -25.76 -38.98 36.92
C ALA C 425 -27.24 -38.85 37.29
N GLY C 426 -27.80 -37.65 37.19
CA GLY C 426 -29.18 -37.43 37.56
C GLY C 426 -29.39 -37.03 39.01
N ARG C 427 -28.36 -36.48 39.65
CA ARG C 427 -28.39 -36.18 41.08
C ARG C 427 -28.61 -34.70 41.32
N GLU C 428 -29.27 -34.39 42.43
CA GLU C 428 -29.47 -33.01 42.87
C GLU C 428 -28.20 -32.54 43.56
N ILE C 429 -27.40 -31.73 42.87
CA ILE C 429 -26.03 -31.45 43.32
C ILE C 429 -26.03 -30.49 44.50
N GLU C 430 -27.00 -29.58 44.57
CA GLU C 430 -26.95 -28.49 45.54
C GLU C 430 -26.94 -29.01 46.98
N LYS C 431 -27.76 -30.02 47.27
CA LYS C 431 -27.89 -30.52 48.63
C LYS C 431 -26.69 -31.37 49.04
N GLU C 432 -26.41 -32.42 48.26
CA GLU C 432 -25.33 -33.36 48.58
C GLU C 432 -23.96 -32.87 48.12
N SER C 433 -23.81 -31.57 47.89
CA SER C 433 -22.55 -31.03 47.39
C SER C 433 -21.38 -31.38 48.29
N ARG C 434 -21.61 -31.42 49.61
CA ARG C 434 -20.54 -31.78 50.54
C ARG C 434 -20.06 -33.20 50.29
N ASP C 435 -20.98 -34.14 50.08
CA ASP C 435 -20.60 -35.50 49.76
C ASP C 435 -19.84 -35.57 48.45
N ILE C 436 -20.28 -34.79 47.45
CA ILE C 436 -19.62 -34.78 46.15
C ILE C 436 -18.17 -34.32 46.29
N LEU C 437 -17.97 -33.22 47.03
CA LEU C 437 -16.61 -32.69 47.18
C LEU C 437 -15.74 -33.62 48.03
N MET C 438 -16.32 -34.27 49.04
CA MET C 438 -15.55 -35.25 49.81
C MET C 438 -15.12 -36.43 48.94
N GLU C 439 -16.05 -36.93 48.11
CA GLU C 439 -15.72 -38.04 47.22
C GLU C 439 -14.65 -37.63 46.21
N ALA C 440 -14.73 -36.40 45.70
CA ALA C 440 -13.67 -35.90 44.82
C ALA C 440 -12.34 -35.80 45.55
N ALA C 441 -12.36 -35.33 46.80
CA ALA C 441 -11.13 -35.22 47.60
C ALA C 441 -10.55 -36.57 47.93
N LYS C 442 -11.35 -37.64 47.88
CA LYS C 442 -10.83 -38.99 48.10
C LYS C 442 -9.78 -39.39 47.05
N HIS C 443 -9.57 -38.58 46.01
CA HIS C 443 -8.49 -38.83 45.07
C HIS C 443 -7.69 -37.57 44.75
N SER C 444 -7.95 -36.45 45.40
CA SER C 444 -7.24 -35.20 45.13
C SER C 444 -6.99 -34.48 46.45
N PRO C 445 -5.83 -34.74 47.07
CA PRO C 445 -5.53 -34.06 48.35
C PRO C 445 -5.49 -32.55 48.25
N GLU C 446 -5.09 -32.00 47.09
CA GLU C 446 -5.13 -30.56 46.92
C GLU C 446 -6.55 -30.03 47.00
N LEU C 447 -7.51 -30.76 46.43
CA LEU C 447 -8.91 -30.39 46.58
C LEU C 447 -9.33 -30.46 48.05
N ALA C 448 -8.85 -31.47 48.77
CA ALA C 448 -9.21 -31.58 50.18
C ALA C 448 -8.70 -30.38 50.97
N ILE C 449 -7.44 -29.99 50.77
CA ILE C 449 -6.91 -28.85 51.52
C ILE C 449 -7.57 -27.56 51.08
N ALA C 450 -7.94 -27.43 49.80
CA ALA C 450 -8.65 -26.23 49.36
C ALA C 450 -10.01 -26.12 50.04
N LEU C 451 -10.78 -27.21 50.02
CA LEU C 451 -12.07 -27.23 50.70
C LEU C 451 -11.92 -26.98 52.20
N GLU C 452 -10.79 -27.40 52.77
CA GLU C 452 -10.49 -27.07 54.16
C GLU C 452 -10.23 -25.58 54.35
N THR C 453 -9.59 -24.94 53.38
CA THR C 453 -9.20 -23.54 53.54
C THR C 453 -10.41 -22.62 53.67
N TRP C 454 -11.45 -22.83 52.85
CA TRP C 454 -12.56 -21.90 52.80
C TRP C 454 -13.89 -22.60 53.07
N LYS C 455 -13.92 -23.41 54.12
CA LYS C 455 -15.13 -24.12 54.50
C LYS C 455 -16.26 -23.16 54.87
N VAL D 7 3.17 -29.63 50.98
CA VAL D 7 3.95 -30.87 51.02
C VAL D 7 3.64 -31.74 49.81
N GLY D 8 4.66 -32.05 49.03
CA GLY D 8 4.50 -32.85 47.84
C GLY D 8 4.09 -32.03 46.63
N ASP D 9 4.42 -32.56 45.46
CA ASP D 9 4.13 -31.91 44.18
C ASP D 9 3.10 -32.72 43.41
N TYR D 10 2.46 -32.05 42.46
CA TYR D 10 1.50 -32.68 41.55
C TYR D 10 2.16 -32.77 40.18
N GLN D 11 2.56 -33.97 39.79
CA GLN D 11 3.25 -34.16 38.52
C GLN D 11 2.29 -34.00 37.35
N THR D 12 2.79 -33.43 36.25
CA THR D 12 1.99 -33.29 35.05
C THR D 12 1.67 -34.67 34.48
N VAL D 13 0.40 -34.86 34.13
CA VAL D 13 -0.10 -36.15 33.63
C VAL D 13 -0.78 -35.92 32.29
N ALA D 14 -0.46 -36.76 31.31
CA ALA D 14 -1.12 -36.72 30.02
C ALA D 14 -2.55 -37.22 30.22
N THR D 15 -3.48 -36.30 30.36
CA THR D 15 -4.87 -36.64 30.69
C THR D 15 -5.71 -36.67 29.42
N LEU D 16 -6.94 -37.15 29.57
CA LEU D 16 -7.75 -37.47 28.42
C LEU D 16 -9.12 -36.80 28.44
N GLU D 17 -9.14 -35.47 28.61
CA GLU D 17 -10.31 -34.69 28.21
C GLU D 17 -11.59 -35.02 28.98
N THR D 18 -11.75 -34.47 30.19
CA THR D 18 -13.00 -34.57 30.93
C THR D 18 -13.29 -35.99 31.43
N PHE D 19 -12.73 -36.32 32.60
CA PHE D 19 -12.61 -37.63 33.23
C PHE D 19 -11.35 -38.34 32.77
N GLY D 20 -10.38 -37.58 32.28
CA GLY D 20 -9.02 -38.10 32.16
C GLY D 20 -8.29 -38.13 33.48
N PHE D 21 -8.70 -37.28 34.42
CA PHE D 21 -8.03 -37.22 35.73
C PHE D 21 -8.48 -38.35 36.65
N LEU D 22 -9.79 -38.62 36.68
CA LEU D 22 -10.33 -39.64 37.58
C LEU D 22 -9.88 -41.02 37.13
N PRO D 23 -9.89 -42.00 38.04
CA PRO D 23 -9.56 -43.37 37.65
C PRO D 23 -10.55 -43.86 36.62
N PRO D 24 -10.17 -44.88 35.83
CA PRO D 24 -11.06 -45.35 34.77
C PRO D 24 -12.43 -45.75 35.31
N MET D 25 -13.47 -45.36 34.58
CA MET D 25 -14.84 -45.53 35.04
C MET D 25 -15.21 -47.01 35.10
N THR D 26 -16.06 -47.34 36.08
CA THR D 26 -16.57 -48.70 36.19
C THR D 26 -17.71 -48.90 35.20
N GLN D 27 -18.04 -50.18 34.96
CA GLN D 27 -19.03 -50.51 33.95
C GLN D 27 -20.41 -49.97 34.30
N ASP D 28 -20.76 -50.01 35.60
CA ASP D 28 -22.04 -49.44 36.03
C ASP D 28 -22.07 -47.93 35.76
N GLU D 29 -20.94 -47.26 35.95
CA GLU D 29 -20.87 -45.84 35.62
C GLU D 29 -21.03 -45.61 34.12
N ILE D 30 -20.51 -46.52 33.30
CA ILE D 30 -20.73 -46.43 31.86
C ILE D 30 -22.22 -46.59 31.54
N TYR D 31 -22.89 -47.54 32.22
CA TYR D 31 -24.32 -47.70 32.06
C TYR D 31 -25.06 -46.41 32.40
N ASP D 32 -24.68 -45.78 33.52
CA ASP D 32 -25.34 -44.55 33.93
C ASP D 32 -25.09 -43.42 32.91
N GLN D 33 -23.87 -43.33 32.40
CA GLN D 33 -23.55 -42.30 31.41
C GLN D 33 -24.36 -42.48 30.14
N ILE D 34 -24.43 -43.72 29.63
CA ILE D 34 -25.19 -43.93 28.40
C ILE D 34 -26.68 -43.75 28.64
N ALA D 35 -27.18 -44.10 29.83
CA ALA D 35 -28.57 -43.85 30.16
C ALA D 35 -28.86 -42.36 30.19
N TYR D 36 -27.92 -41.55 30.71
CA TYR D 36 -28.08 -40.10 30.67
C TYR D 36 -28.09 -39.59 29.24
N ILE D 37 -27.20 -40.13 28.39
CA ILE D 37 -27.19 -39.73 26.99
C ILE D 37 -28.53 -40.03 26.34
N ILE D 38 -29.11 -41.18 26.66
CA ILE D 38 -30.44 -41.52 26.14
C ILE D 38 -31.48 -40.54 26.67
N ALA D 39 -31.40 -40.20 27.96
CA ALA D 39 -32.39 -39.31 28.57
C ALA D 39 -32.32 -37.89 28.01
N GLN D 40 -31.20 -37.50 27.41
CA GLN D 40 -31.07 -36.18 26.82
C GLN D 40 -31.43 -36.16 25.33
N GLY D 41 -31.84 -37.30 24.77
CA GLY D 41 -32.18 -37.33 23.36
C GLY D 41 -31.00 -37.30 22.43
N TRP D 42 -29.79 -37.49 22.95
CA TRP D 42 -28.59 -37.47 22.12
C TRP D 42 -28.39 -38.84 21.48
N SER D 43 -27.30 -39.00 20.73
CA SER D 43 -27.01 -40.26 20.07
C SER D 43 -25.61 -40.73 20.40
N PRO D 44 -25.43 -42.01 20.74
CA PRO D 44 -24.09 -42.52 21.02
C PRO D 44 -23.25 -42.63 19.76
N LEU D 45 -21.94 -42.42 19.95
CA LEU D 45 -20.99 -42.56 18.85
C LEU D 45 -19.64 -42.98 19.43
N ILE D 46 -19.02 -43.97 18.81
CA ILE D 46 -17.79 -44.58 19.29
C ILE D 46 -16.63 -44.08 18.45
N GLU D 47 -15.58 -43.61 19.12
CA GLU D 47 -14.37 -43.12 18.46
C GLU D 47 -13.16 -43.85 19.03
N HIS D 48 -12.29 -44.32 18.13
CA HIS D 48 -11.03 -44.94 18.51
C HIS D 48 -9.92 -44.31 17.68
N VAL D 49 -8.75 -44.14 18.29
CA VAL D 49 -7.60 -43.55 17.60
C VAL D 49 -6.34 -43.95 18.35
N HIS D 50 -5.23 -44.00 17.62
CA HIS D 50 -3.96 -44.30 18.26
C HIS D 50 -3.59 -43.17 19.22
N PRO D 51 -3.05 -43.50 20.40
CA PRO D 51 -2.74 -42.44 21.38
C PRO D 51 -1.73 -41.42 20.87
N SER D 52 -0.88 -41.79 19.91
CA SER D 52 0.09 -40.85 19.37
C SER D 52 -0.59 -39.69 18.65
N ARG D 53 -1.80 -39.90 18.13
CA ARG D 53 -2.52 -38.89 17.38
C ARG D 53 -3.69 -38.30 18.18
N SER D 54 -3.53 -38.18 19.50
CA SER D 54 -4.60 -37.65 20.33
C SER D 54 -4.89 -36.19 20.00
N MET D 55 -3.92 -35.48 19.43
CA MET D 55 -4.08 -34.07 19.12
C MET D 55 -4.83 -33.81 17.82
N ALA D 56 -5.23 -34.86 17.11
CA ALA D 56 -5.99 -34.69 15.89
C ALA D 56 -7.39 -34.16 16.20
N THR D 57 -8.09 -33.70 15.15
CA THR D 57 -9.42 -33.15 15.29
C THR D 57 -10.52 -34.19 15.17
N TYR D 58 -10.34 -35.21 14.34
CA TYR D 58 -11.33 -36.25 14.12
C TYR D 58 -10.69 -37.61 14.35
N TRP D 59 -11.31 -38.42 15.20
CA TRP D 59 -10.84 -39.77 15.46
C TRP D 59 -11.50 -40.74 14.49
N SER D 60 -10.98 -41.97 14.46
CA SER D 60 -11.53 -43.01 13.59
C SER D 60 -12.85 -43.48 14.17
N TYR D 61 -13.94 -43.19 13.47
CA TYR D 61 -15.28 -43.50 13.97
C TYR D 61 -15.61 -44.97 13.75
N TRP D 62 -16.37 -45.53 14.70
CA TRP D 62 -16.91 -46.88 14.56
C TRP D 62 -18.14 -46.83 13.67
N LYS D 63 -18.96 -47.88 13.69
CA LYS D 63 -20.20 -47.92 12.92
C LYS D 63 -21.01 -46.66 13.14
N LEU D 64 -21.84 -46.30 12.16
CA LEU D 64 -22.50 -45.00 12.13
C LEU D 64 -23.28 -44.76 13.42
N PRO D 65 -23.46 -43.49 13.81
CA PRO D 65 -24.18 -43.20 15.06
C PRO D 65 -25.57 -43.80 15.06
N PHE D 66 -25.98 -44.28 16.24
CA PHE D 66 -27.22 -45.03 16.37
C PHE D 66 -28.34 -44.06 16.75
N PHE D 67 -29.23 -43.80 15.80
CA PHE D 67 -30.35 -42.87 16.00
C PHE D 67 -31.61 -43.66 16.26
N GLY D 68 -32.35 -43.27 17.30
CA GLY D 68 -33.48 -44.04 17.76
C GLY D 68 -33.13 -45.21 18.64
N GLU D 69 -31.85 -45.42 18.93
CA GLU D 69 -31.42 -46.53 19.77
C GLU D 69 -31.54 -46.11 21.23
N LYS D 70 -32.31 -46.88 22.01
CA LYS D 70 -32.58 -46.55 23.40
C LYS D 70 -32.21 -47.70 24.35
N ASP D 71 -31.36 -48.62 23.92
CA ASP D 71 -30.97 -49.76 24.73
C ASP D 71 -29.52 -49.62 25.15
N LEU D 72 -29.26 -49.90 26.44
CA LEU D 72 -27.89 -49.80 26.95
C LEU D 72 -27.06 -51.01 26.53
N GLY D 73 -27.68 -52.19 26.47
CA GLY D 73 -26.93 -53.41 26.22
C GLY D 73 -26.23 -53.42 24.87
N VAL D 74 -26.91 -52.93 23.83
CA VAL D 74 -26.30 -52.88 22.50
C VAL D 74 -25.12 -51.91 22.51
N ILE D 75 -25.24 -50.81 23.25
CA ILE D 75 -24.15 -49.85 23.35
C ILE D 75 -22.95 -50.48 24.02
N VAL D 76 -23.19 -51.24 25.10
CA VAL D 76 -22.09 -51.91 25.80
C VAL D 76 -21.44 -52.97 24.90
N SER D 77 -22.26 -53.70 24.15
CA SER D 77 -21.72 -54.71 23.23
C SER D 77 -20.84 -54.06 22.17
N GLU D 78 -21.31 -52.93 21.61
CA GLU D 78 -20.50 -52.22 20.63
C GLU D 78 -19.21 -51.70 21.24
N LEU D 79 -19.29 -51.21 22.48
CA LEU D 79 -18.08 -50.72 23.15
C LEU D 79 -17.05 -51.82 23.33
N GLU D 80 -17.48 -52.99 23.81
CA GLU D 80 -16.53 -54.07 24.01
C GLU D 80 -16.01 -54.61 22.68
N ALA D 81 -16.87 -54.64 21.64
CA ALA D 81 -16.42 -55.08 20.33
C ALA D 81 -15.35 -54.15 19.77
N CYS D 82 -15.59 -52.83 19.86
CA CYS D 82 -14.61 -51.89 19.34
C CYS D 82 -13.33 -51.90 20.18
N HIS D 83 -13.46 -52.12 21.50
CA HIS D 83 -12.28 -52.25 22.33
C HIS D 83 -11.44 -53.45 21.91
N ARG D 84 -12.09 -54.58 21.63
CA ARG D 84 -11.35 -55.73 21.13
C ARG D 84 -10.81 -55.50 19.72
N ALA D 85 -11.43 -54.61 18.93
CA ALA D 85 -10.93 -54.31 17.61
C ALA D 85 -9.56 -53.63 17.66
N TYR D 86 -9.42 -52.61 18.52
CA TYR D 86 -8.18 -51.89 18.69
C TYR D 86 -7.88 -51.77 20.19
N PRO D 87 -7.36 -52.83 20.80
CA PRO D 87 -7.08 -52.79 22.24
C PRO D 87 -5.89 -51.92 22.62
N ASP D 88 -5.19 -51.33 21.65
CA ASP D 88 -4.09 -50.41 21.92
C ASP D 88 -4.44 -48.96 21.64
N HIS D 89 -5.61 -48.69 21.04
CA HIS D 89 -6.05 -47.33 20.77
C HIS D 89 -6.83 -46.76 21.95
N HIS D 90 -6.90 -45.44 22.00
CA HIS D 90 -7.79 -44.76 22.93
C HIS D 90 -9.21 -44.80 22.38
N VAL D 91 -10.17 -45.23 23.21
CA VAL D 91 -11.55 -45.38 22.80
C VAL D 91 -12.41 -44.52 23.71
N ARG D 92 -13.22 -43.65 23.10
CA ARG D 92 -14.11 -42.75 23.83
C ARG D 92 -15.51 -42.84 23.28
N LEU D 93 -16.48 -42.41 24.09
CA LEU D 93 -17.89 -42.41 23.73
C LEU D 93 -18.41 -40.99 23.76
N VAL D 94 -19.13 -40.60 22.71
CA VAL D 94 -19.59 -39.23 22.52
C VAL D 94 -21.09 -39.23 22.28
N GLY D 95 -21.79 -38.30 22.94
CA GLY D 95 -23.19 -38.08 22.70
C GLY D 95 -23.39 -36.89 21.80
N TYR D 96 -24.07 -37.11 20.67
CA TYR D 96 -24.26 -36.09 19.66
C TYR D 96 -25.68 -35.52 19.73
N ASP D 97 -25.77 -34.19 19.73
CA ASP D 97 -27.04 -33.48 19.74
C ASP D 97 -27.29 -32.93 18.33
N ALA D 98 -28.36 -33.41 17.69
CA ALA D 98 -28.65 -32.97 16.33
C ALA D 98 -29.15 -31.53 16.30
N TYR D 99 -29.88 -31.10 17.32
CA TYR D 99 -30.51 -29.78 17.30
C TYR D 99 -29.52 -28.65 17.57
N THR D 100 -28.37 -28.95 18.18
CA THR D 100 -27.36 -27.93 18.44
C THR D 100 -26.05 -28.17 17.72
N GLN D 101 -25.89 -29.30 17.02
CA GLN D 101 -24.70 -29.60 16.24
C GLN D 101 -23.43 -29.53 17.10
N SER D 102 -23.51 -30.05 18.31
CA SER D 102 -22.39 -30.08 19.23
C SER D 102 -22.33 -31.44 19.91
N GLN D 103 -21.30 -31.65 20.72
CA GLN D 103 -21.13 -32.87 21.50
C GLN D 103 -21.69 -32.61 22.89
N GLY D 104 -22.84 -33.21 23.19
CA GLY D 104 -23.46 -32.98 24.49
C GLY D 104 -22.62 -33.50 25.65
N ALA D 105 -21.95 -34.63 25.46
CA ALA D 105 -21.09 -35.21 26.49
C ALA D 105 -20.16 -36.21 25.82
N CYS D 106 -18.90 -36.21 26.27
CA CYS D 106 -17.90 -37.12 25.71
C CYS D 106 -16.82 -37.37 26.75
N PHE D 107 -16.36 -38.61 26.79
CA PHE D 107 -15.29 -39.01 27.70
C PHE D 107 -14.72 -40.34 27.24
N VAL D 108 -13.49 -40.62 27.69
CA VAL D 108 -12.81 -41.84 27.29
C VAL D 108 -13.33 -43.02 28.09
N VAL D 109 -13.48 -44.17 27.42
CA VAL D 109 -13.91 -45.40 28.04
C VAL D 109 -12.75 -46.36 28.25
N PHE D 110 -11.97 -46.61 27.20
CA PHE D 110 -10.80 -47.48 27.25
C PHE D 110 -9.57 -46.70 26.85
N GLU D 111 -8.51 -46.81 27.64
CA GLU D 111 -7.22 -46.22 27.32
C GLU D 111 -6.27 -47.32 26.84
N GLY D 112 -5.46 -47.00 25.84
CA GLY D 112 -4.59 -47.99 25.24
C GLY D 112 -3.43 -48.36 26.14
N ARG D 113 -2.74 -49.42 25.74
CA ARG D 113 -1.58 -49.90 26.48
C ARG D 113 -0.44 -48.89 26.44
N GLU E 11 -37.50 -3.66 -45.45
CA GLU E 11 -36.67 -4.72 -46.03
C GLU E 11 -35.19 -4.49 -45.74
N TYR E 12 -34.54 -5.51 -45.19
CA TYR E 12 -33.12 -5.43 -44.87
C TYR E 12 -32.27 -6.48 -45.56
N ARG E 13 -32.86 -7.34 -46.39
CA ARG E 13 -32.10 -8.37 -47.08
C ARG E 13 -31.04 -7.77 -48.00
N ASP E 14 -31.37 -6.66 -48.65
CA ASP E 14 -30.52 -6.08 -49.69
C ASP E 14 -29.13 -5.75 -49.17
N THR E 15 -29.01 -5.41 -47.89
CA THR E 15 -27.72 -5.08 -47.29
C THR E 15 -27.31 -6.01 -46.17
N TYR E 16 -28.18 -6.93 -45.72
CA TYR E 16 -27.82 -7.84 -44.65
C TYR E 16 -28.11 -9.30 -44.98
N TRP E 17 -28.38 -9.63 -46.23
CA TRP E 17 -28.39 -11.01 -46.68
C TRP E 17 -27.41 -11.16 -47.84
N THR E 18 -26.47 -12.08 -47.71
CA THR E 18 -25.41 -12.25 -48.69
C THR E 18 -25.57 -13.58 -49.41
N PRO E 19 -26.07 -13.59 -50.65
CA PRO E 19 -26.33 -14.87 -51.33
C PRO E 19 -25.09 -15.68 -51.65
N ASP E 20 -23.92 -15.04 -51.84
CA ASP E 20 -22.73 -15.75 -52.29
C ASP E 20 -21.47 -15.39 -51.50
N TYR E 21 -21.62 -14.85 -50.29
CA TYR E 21 -20.46 -14.49 -49.50
C TYR E 21 -19.86 -15.71 -48.81
N VAL E 22 -18.54 -15.75 -48.76
CA VAL E 22 -17.79 -16.81 -48.08
C VAL E 22 -17.14 -16.19 -46.84
N PRO E 23 -17.36 -16.76 -45.65
CA PRO E 23 -16.82 -16.15 -44.44
C PRO E 23 -15.29 -16.12 -44.45
N LEU E 24 -14.74 -15.05 -43.88
CA LEU E 24 -13.30 -14.95 -43.68
C LEU E 24 -12.90 -15.75 -42.44
N ASP E 25 -11.67 -16.27 -42.47
CA ASP E 25 -11.14 -17.12 -41.40
C ASP E 25 -10.92 -16.39 -40.08
N THR E 26 -11.04 -15.06 -40.06
CA THR E 26 -10.96 -14.27 -38.85
C THR E 26 -12.32 -13.80 -38.37
N ASP E 27 -13.38 -14.19 -39.03
CA ASP E 27 -14.73 -13.78 -38.66
C ASP E 27 -15.26 -14.66 -37.54
N LEU E 28 -16.29 -14.16 -36.87
CA LEU E 28 -17.01 -14.94 -35.88
C LEU E 28 -18.31 -15.43 -36.52
N LEU E 29 -18.47 -16.75 -36.59
CA LEU E 29 -19.60 -17.38 -37.25
C LEU E 29 -20.57 -17.89 -36.21
N ALA E 30 -21.85 -17.53 -36.37
CA ALA E 30 -22.90 -17.90 -35.42
C ALA E 30 -24.03 -18.60 -36.15
N CYS E 31 -24.59 -19.62 -35.51
CA CYS E 31 -25.70 -20.38 -36.05
C CYS E 31 -26.94 -20.14 -35.19
N PHE E 32 -28.03 -19.75 -35.84
CA PHE E 32 -29.30 -19.47 -35.16
C PHE E 32 -30.38 -20.35 -35.75
N LYS E 33 -31.09 -21.09 -34.90
CA LYS E 33 -32.31 -21.78 -35.33
C LYS E 33 -33.46 -20.79 -35.19
N CYS E 34 -33.98 -20.32 -36.32
CA CYS E 34 -34.91 -19.20 -36.35
C CYS E 34 -36.28 -19.65 -36.82
N THR E 35 -37.32 -19.10 -36.17
CA THR E 35 -38.70 -19.27 -36.61
C THR E 35 -39.35 -17.89 -36.62
N GLY E 36 -39.51 -17.32 -37.81
CA GLY E 36 -40.22 -16.07 -37.96
C GLY E 36 -41.72 -16.28 -37.89
N GLN E 37 -42.45 -15.19 -38.12
CA GLN E 37 -43.91 -15.29 -38.18
C GLN E 37 -44.33 -16.11 -39.39
N GLU E 38 -45.58 -16.55 -39.38
CA GLU E 38 -46.06 -17.39 -40.47
C GLU E 38 -46.10 -16.61 -41.78
N GLY E 39 -45.64 -17.26 -42.85
CA GLY E 39 -45.64 -16.66 -44.17
C GLY E 39 -44.76 -15.44 -44.32
N VAL E 40 -43.58 -15.45 -43.69
CA VAL E 40 -42.62 -14.35 -43.86
C VAL E 40 -41.42 -14.86 -44.65
N PRO E 41 -40.73 -14.01 -45.38
CA PRO E 41 -39.50 -14.43 -46.06
C PRO E 41 -38.43 -14.87 -45.06
N LYS E 42 -37.94 -16.09 -45.24
CA LYS E 42 -36.89 -16.60 -44.35
C LYS E 42 -35.61 -15.79 -44.49
N GLU E 43 -35.27 -15.39 -45.72
CA GLU E 43 -34.11 -14.53 -45.92
C GLU E 43 -34.28 -13.21 -45.19
N GLU E 44 -35.48 -12.63 -45.25
CA GLU E 44 -35.72 -11.34 -44.61
C GLU E 44 -35.58 -11.43 -43.10
N VAL E 45 -36.14 -12.48 -42.49
CA VAL E 45 -36.05 -12.61 -41.04
C VAL E 45 -34.61 -12.93 -40.61
N ALA E 46 -33.90 -13.74 -41.40
CA ALA E 46 -32.49 -13.99 -41.10
C ALA E 46 -31.67 -12.70 -41.18
N ALA E 47 -31.94 -11.87 -42.18
CA ALA E 47 -31.23 -10.60 -42.30
C ALA E 47 -31.61 -9.65 -41.16
N ALA E 48 -32.87 -9.70 -40.73
CA ALA E 48 -33.31 -8.91 -39.59
C ALA E 48 -32.58 -9.32 -38.32
N VAL E 49 -32.41 -10.63 -38.10
CA VAL E 49 -31.66 -11.10 -36.95
C VAL E 49 -30.20 -10.64 -37.03
N ALA E 50 -29.60 -10.79 -38.22
CA ALA E 50 -28.21 -10.39 -38.40
C ALA E 50 -28.02 -8.90 -38.13
N ALA E 51 -28.92 -8.06 -38.65
CA ALA E 51 -28.84 -6.63 -38.42
C ALA E 51 -29.05 -6.31 -36.94
N GLU E 52 -30.08 -6.91 -36.33
CA GLU E 52 -30.38 -6.66 -34.92
C GLU E 52 -29.24 -7.07 -34.01
N SER E 53 -28.32 -7.92 -34.50
CA SER E 53 -27.08 -8.16 -33.78
C SER E 53 -26.09 -7.02 -33.91
N SER E 54 -26.09 -6.31 -35.05
CA SER E 54 -25.13 -5.23 -35.25
C SER E 54 -25.78 -3.86 -35.40
N THR E 55 -26.71 -3.71 -36.34
CA THR E 55 -27.23 -2.40 -36.74
C THR E 55 -28.74 -2.42 -36.90
N GLY E 56 -29.39 -1.37 -36.40
CA GLY E 56 -30.83 -1.24 -36.53
C GLY E 56 -31.32 0.20 -36.53
N THR E 57 -32.05 0.58 -37.59
CA THR E 57 -32.63 1.91 -37.70
C THR E 57 -34.06 1.80 -38.19
N TRP E 58 -34.90 2.71 -37.73
CA TRP E 58 -36.31 2.72 -38.13
C TRP E 58 -36.59 3.58 -39.35
N SER E 59 -35.61 4.39 -39.78
CA SER E 59 -35.78 5.24 -40.95
C SER E 59 -34.39 5.68 -41.41
N THR E 60 -34.37 6.60 -42.37
CA THR E 60 -33.11 7.12 -42.89
C THR E 60 -32.34 7.85 -41.79
N VAL E 61 -31.03 7.61 -41.73
CA VAL E 61 -30.18 8.10 -40.65
C VAL E 61 -28.95 8.77 -41.24
N TRP E 62 -28.31 9.62 -40.43
CA TRP E 62 -27.20 10.44 -40.90
C TRP E 62 -25.83 9.94 -40.41
N SER E 63 -25.70 9.64 -39.11
CA SER E 63 -24.38 9.37 -38.53
C SER E 63 -23.75 8.12 -39.11
N GLU E 64 -24.55 7.21 -39.66
CA GLU E 64 -24.02 5.99 -40.26
C GLU E 64 -23.22 6.26 -41.53
N LEU E 65 -23.27 7.47 -42.07
CA LEU E 65 -22.44 7.86 -43.20
C LEU E 65 -21.08 8.39 -42.80
N LEU E 66 -20.82 8.54 -41.50
CA LEU E 66 -19.50 8.93 -41.01
C LEU E 66 -18.61 7.73 -40.69
N VAL E 67 -19.18 6.54 -40.58
CA VAL E 67 -18.40 5.31 -40.41
C VAL E 67 -18.89 4.31 -41.45
N ASP E 68 -17.95 3.54 -42.01
CA ASP E 68 -18.30 2.62 -43.07
C ASP E 68 -19.15 1.47 -42.53
N LEU E 69 -20.47 1.60 -42.65
CA LEU E 69 -21.37 0.53 -42.22
C LEU E 69 -21.14 -0.74 -43.02
N ASP E 70 -20.61 -0.62 -44.23
CA ASP E 70 -20.38 -1.78 -45.09
C ASP E 70 -19.40 -2.76 -44.44
N PHE E 71 -18.33 -2.24 -43.84
CA PHE E 71 -17.31 -3.09 -43.22
C PHE E 71 -17.69 -3.55 -41.82
N TYR E 72 -18.32 -2.69 -41.04
CA TYR E 72 -18.73 -3.04 -39.67
C TYR E 72 -20.19 -3.48 -39.64
N LYS E 73 -20.46 -4.62 -40.29
CA LYS E 73 -21.79 -5.19 -40.27
C LYS E 73 -21.69 -6.71 -40.42
N GLY E 74 -22.66 -7.41 -39.84
CA GLY E 74 -22.70 -8.84 -39.96
C GLY E 74 -23.23 -9.29 -41.30
N ARG E 75 -22.97 -10.56 -41.61
CA ARG E 75 -23.41 -11.14 -42.89
C ARG E 75 -23.97 -12.53 -42.61
N CYS E 76 -25.28 -12.67 -42.76
CA CYS E 76 -25.91 -13.99 -42.85
C CYS E 76 -25.73 -14.52 -44.26
N TYR E 77 -25.01 -15.65 -44.39
CA TYR E 77 -24.57 -16.15 -45.69
C TYR E 77 -25.18 -17.50 -46.06
N ARG E 78 -25.91 -18.15 -45.17
CA ARG E 78 -26.44 -19.46 -45.50
C ARG E 78 -27.68 -19.75 -44.65
N ILE E 79 -28.77 -20.09 -45.34
CA ILE E 79 -30.00 -20.55 -44.73
C ILE E 79 -30.20 -22.01 -45.13
N GLU E 80 -30.25 -22.89 -44.14
CA GLU E 80 -30.42 -24.32 -44.35
C GLU E 80 -31.70 -24.80 -43.67
N ASP E 81 -32.33 -25.80 -44.28
CA ASP E 81 -33.60 -26.32 -43.78
C ASP E 81 -33.35 -27.26 -42.61
N VAL E 82 -33.99 -27.00 -41.48
CA VAL E 82 -33.78 -27.82 -40.29
C VAL E 82 -34.35 -29.21 -40.53
N PRO E 83 -33.62 -30.28 -40.21
CA PRO E 83 -34.18 -31.63 -40.40
C PRO E 83 -35.22 -31.97 -39.35
N GLY E 84 -36.49 -31.61 -39.61
CA GLY E 84 -37.56 -31.91 -38.69
C GLY E 84 -38.64 -30.84 -38.65
N ASP E 85 -38.28 -29.60 -39.00
CA ASP E 85 -39.25 -28.53 -39.13
C ASP E 85 -38.91 -27.69 -40.35
N LYS E 86 -39.92 -27.41 -41.16
CA LYS E 86 -39.75 -26.56 -42.34
C LYS E 86 -40.02 -25.09 -42.05
N GLU E 87 -40.59 -24.77 -40.90
CA GLU E 87 -40.70 -23.39 -40.46
C GLU E 87 -39.45 -22.93 -39.71
N ALA E 88 -38.84 -23.81 -38.91
CA ALA E 88 -37.56 -23.53 -38.30
C ALA E 88 -36.45 -23.76 -39.30
N PHE E 89 -35.46 -22.86 -39.32
CA PHE E 89 -34.36 -22.97 -40.26
C PHE E 89 -33.08 -22.53 -39.58
N TYR E 90 -31.98 -23.21 -39.92
CA TYR E 90 -30.67 -22.81 -39.45
C TYR E 90 -30.14 -21.65 -40.28
N ALA E 91 -29.65 -20.61 -39.59
CA ALA E 91 -29.09 -19.44 -40.24
C ALA E 91 -27.68 -19.23 -39.72
N PHE E 92 -26.76 -19.01 -40.66
CA PHE E 92 -25.34 -18.82 -40.35
C PHE E 92 -24.98 -17.36 -40.61
N ILE E 93 -24.63 -16.64 -39.54
CA ILE E 93 -24.34 -15.21 -39.62
C ILE E 93 -22.87 -14.99 -39.31
N ALA E 94 -22.21 -14.18 -40.14
CA ALA E 94 -20.81 -13.84 -39.94
C ALA E 94 -20.68 -12.53 -39.17
N TYR E 95 -19.52 -12.35 -38.56
CA TYR E 95 -19.22 -11.14 -37.79
C TYR E 95 -17.77 -10.74 -38.00
N PRO E 96 -17.51 -9.52 -38.45
CA PRO E 96 -16.12 -9.05 -38.51
C PRO E 96 -15.47 -9.07 -37.13
N LEU E 97 -14.17 -9.38 -37.11
CA LEU E 97 -13.45 -9.59 -35.86
C LEU E 97 -13.51 -8.36 -34.97
N ASP E 98 -13.59 -7.17 -35.56
CA ASP E 98 -13.51 -5.92 -34.82
C ASP E 98 -14.75 -5.65 -33.97
N LEU E 99 -15.83 -6.40 -34.15
CA LEU E 99 -17.06 -6.14 -33.41
C LEU E 99 -17.00 -6.57 -31.96
N PHE E 100 -15.86 -7.03 -31.42
CA PHE E 100 -15.83 -7.58 -30.07
C PHE E 100 -14.57 -7.08 -29.37
N GLU E 101 -14.47 -7.41 -28.09
CA GLU E 101 -13.31 -7.08 -27.27
C GLU E 101 -12.30 -8.21 -27.34
N GLU E 102 -11.03 -7.87 -27.15
CA GLU E 102 -9.95 -8.85 -27.21
C GLU E 102 -9.95 -9.73 -25.97
N GLY E 103 -10.75 -10.79 -26.00
CA GLY E 103 -10.81 -11.73 -24.89
C GLY E 103 -11.89 -11.44 -23.88
N SER E 104 -13.06 -10.96 -24.31
CA SER E 104 -14.17 -10.70 -23.41
C SER E 104 -15.36 -11.56 -23.87
N VAL E 105 -15.58 -12.68 -23.18
CA VAL E 105 -16.76 -13.49 -23.48
C VAL E 105 -18.03 -12.69 -23.16
N THR E 106 -17.95 -11.81 -22.18
CA THR E 106 -19.09 -10.95 -21.85
C THR E 106 -19.47 -10.09 -23.05
N ASN E 107 -18.48 -9.51 -23.72
CA ASN E 107 -18.75 -8.71 -24.91
C ASN E 107 -19.35 -9.56 -26.01
N VAL E 108 -18.88 -10.80 -26.16
CA VAL E 108 -19.44 -11.69 -27.17
C VAL E 108 -20.92 -11.94 -26.89
N LEU E 109 -21.27 -12.23 -25.63
CA LEU E 109 -22.67 -12.48 -25.30
C LEU E 109 -23.52 -11.23 -25.51
N THR E 110 -23.01 -10.06 -25.12
CA THR E 110 -23.75 -8.83 -25.32
C THR E 110 -23.99 -8.55 -26.80
N SER E 111 -22.97 -8.76 -27.64
CA SER E 111 -23.12 -8.50 -29.07
C SER E 111 -23.93 -9.57 -29.77
N LEU E 112 -24.06 -10.76 -29.19
CA LEU E 112 -24.77 -11.83 -29.86
C LEU E 112 -26.24 -11.92 -29.47
N VAL E 113 -26.57 -11.81 -28.18
CA VAL E 113 -27.94 -12.01 -27.71
C VAL E 113 -28.41 -10.80 -26.90
N GLY E 114 -27.75 -9.65 -27.06
CA GLY E 114 -28.10 -8.49 -26.27
C GLY E 114 -29.50 -7.98 -26.53
N ASN E 115 -29.86 -7.85 -27.81
CA ASN E 115 -31.16 -7.29 -28.19
C ASN E 115 -31.90 -8.10 -29.24
N VAL E 116 -31.30 -9.14 -29.80
CA VAL E 116 -31.92 -9.86 -30.91
C VAL E 116 -33.19 -10.57 -30.46
N PHE E 117 -33.25 -11.00 -29.20
CA PHE E 117 -34.38 -11.78 -28.71
C PHE E 117 -35.63 -10.95 -28.48
N GLY E 118 -35.56 -9.63 -28.63
CA GLY E 118 -36.70 -8.76 -28.42
C GLY E 118 -37.46 -8.34 -29.65
N PHE E 119 -37.00 -8.72 -30.84
CA PHE E 119 -37.66 -8.32 -32.08
C PHE E 119 -38.95 -9.11 -32.27
N LYS E 120 -40.04 -8.39 -32.57
CA LYS E 120 -41.35 -9.01 -32.70
C LYS E 120 -41.46 -9.91 -33.92
N ALA E 121 -40.66 -9.66 -34.96
CA ALA E 121 -40.77 -10.43 -36.20
C ALA E 121 -40.21 -11.84 -36.08
N LEU E 122 -39.87 -12.33 -34.89
CA LEU E 122 -39.35 -13.67 -34.70
C LEU E 122 -40.19 -14.40 -33.68
N ARG E 123 -40.85 -15.49 -34.10
CA ARG E 123 -41.61 -16.30 -33.16
C ARG E 123 -40.70 -16.95 -32.13
N HIS E 124 -39.58 -17.54 -32.59
CA HIS E 124 -38.61 -18.14 -31.70
C HIS E 124 -37.22 -17.96 -32.29
N LEU E 125 -36.22 -17.87 -31.42
CA LEU E 125 -34.83 -17.76 -31.82
C LEU E 125 -33.98 -18.58 -30.86
N ARG E 126 -33.07 -19.37 -31.40
CA ARG E 126 -32.19 -20.20 -30.58
C ARG E 126 -30.78 -20.14 -31.13
N LEU E 127 -29.82 -19.78 -30.28
CA LEU E 127 -28.42 -19.79 -30.65
C LEU E 127 -27.89 -21.22 -30.57
N GLU E 128 -27.40 -21.74 -31.69
CA GLU E 128 -27.00 -23.14 -31.77
C GLU E 128 -25.49 -23.33 -31.67
N ASP E 129 -24.72 -22.71 -32.56
CA ASP E 129 -23.28 -22.95 -32.62
C ASP E 129 -22.55 -21.65 -32.90
N ILE E 130 -21.32 -21.57 -32.41
CA ILE E 130 -20.44 -20.41 -32.60
C ILE E 130 -19.08 -20.92 -33.05
N ARG E 131 -18.54 -20.31 -34.11
CA ARG E 131 -17.20 -20.66 -34.60
C ARG E 131 -16.27 -19.51 -34.23
N PHE E 132 -15.58 -19.65 -33.11
CA PHE E 132 -14.67 -18.61 -32.66
C PHE E 132 -13.40 -18.61 -33.48
N PRO E 133 -12.97 -17.46 -34.00
CA PRO E 133 -11.70 -17.42 -34.75
C PRO E 133 -10.52 -17.70 -33.85
N MET E 134 -9.45 -18.20 -34.47
CA MET E 134 -8.25 -18.54 -33.72
C MET E 134 -7.68 -17.32 -32.99
N ALA E 135 -7.79 -16.14 -33.61
CA ALA E 135 -7.27 -14.93 -33.00
C ALA E 135 -7.96 -14.62 -31.67
N PHE E 136 -9.29 -14.61 -31.68
CA PHE E 136 -10.04 -14.31 -30.47
C PHE E 136 -9.77 -15.34 -29.37
N ILE E 137 -9.59 -16.61 -29.75
CA ILE E 137 -9.23 -17.63 -28.76
C ILE E 137 -7.85 -17.34 -28.18
N LYS E 138 -6.90 -16.94 -29.01
CA LYS E 138 -5.57 -16.62 -28.51
C LYS E 138 -5.57 -15.37 -27.65
N THR E 139 -6.57 -14.49 -27.80
CA THR E 139 -6.64 -13.29 -26.97
C THR E 139 -7.13 -13.61 -25.56
N CYS E 140 -8.08 -14.52 -25.42
CA CYS E 140 -8.67 -14.78 -24.11
C CYS E 140 -7.68 -15.50 -23.20
N PRO E 141 -7.79 -15.29 -21.88
CA PRO E 141 -6.87 -15.97 -20.96
C PRO E 141 -6.98 -17.49 -21.00
N GLY E 142 -8.17 -18.03 -21.21
CA GLY E 142 -8.36 -19.46 -21.25
C GLY E 142 -8.30 -20.09 -19.87
N PRO E 143 -8.46 -21.41 -19.80
CA PRO E 143 -8.35 -22.11 -18.52
C PRO E 143 -7.00 -21.88 -17.87
N PRO E 144 -6.96 -21.69 -16.55
CA PRO E 144 -5.68 -21.38 -15.90
C PRO E 144 -4.70 -22.54 -15.92
N ASN E 145 -5.17 -23.79 -15.81
CA ASN E 145 -4.28 -24.94 -15.74
C ASN E 145 -4.38 -25.83 -16.97
N GLY E 146 -5.55 -26.37 -17.27
CA GLY E 146 -5.69 -27.30 -18.36
C GLY E 146 -5.82 -28.74 -17.87
N ILE E 147 -6.19 -29.63 -18.81
CA ILE E 147 -6.45 -31.02 -18.47
C ILE E 147 -5.17 -31.71 -18.00
N CYS E 148 -4.14 -31.71 -18.85
CA CYS E 148 -2.90 -32.39 -18.51
C CYS E 148 -2.23 -31.76 -17.31
N VAL E 149 -2.31 -30.43 -17.18
CA VAL E 149 -1.69 -29.75 -16.04
C VAL E 149 -2.41 -30.12 -14.75
N GLU E 150 -3.74 -30.22 -14.78
CA GLU E 150 -4.46 -30.68 -13.60
C GLU E 150 -4.08 -32.11 -13.25
N ARG E 151 -3.97 -32.98 -14.26
CA ARG E 151 -3.55 -34.35 -13.99
C ARG E 151 -2.16 -34.39 -13.37
N ASP E 152 -1.25 -33.53 -13.84
CA ASP E 152 0.08 -33.45 -13.24
C ASP E 152 0.02 -32.97 -11.80
N ARG E 153 -0.78 -31.94 -11.53
CA ARG E 153 -0.88 -31.38 -10.20
C ARG E 153 -1.56 -32.32 -9.21
N MET E 154 -2.41 -33.24 -9.69
CA MET E 154 -3.03 -34.23 -8.84
C MET E 154 -2.36 -35.59 -8.92
N ASN E 155 -1.49 -35.82 -9.91
CA ASN E 155 -0.80 -37.09 -10.10
C ASN E 155 -1.80 -38.25 -10.21
N LYS E 156 -2.90 -38.01 -10.91
CA LYS E 156 -3.95 -38.99 -11.10
C LYS E 156 -4.14 -39.25 -12.59
N TYR E 157 -4.05 -40.52 -12.99
CA TYR E 157 -4.14 -40.91 -14.39
C TYR E 157 -4.86 -42.25 -14.47
N GLY E 158 -4.93 -42.80 -15.67
CA GLY E 158 -5.49 -44.12 -15.89
C GLY E 158 -7.00 -44.19 -15.81
N ARG E 159 -7.57 -43.55 -14.79
CA ARG E 159 -8.99 -43.58 -14.51
C ARG E 159 -9.57 -42.17 -14.50
N PRO E 160 -10.86 -42.02 -14.75
CA PRO E 160 -11.53 -40.76 -14.43
C PRO E 160 -11.55 -40.54 -12.92
N LEU E 161 -11.76 -39.30 -12.53
CA LEU E 161 -11.75 -38.92 -11.12
C LEU E 161 -13.16 -39.03 -10.53
N LEU E 162 -13.21 -39.13 -9.21
CA LEU E 162 -14.45 -39.43 -8.50
C LEU E 162 -14.72 -38.35 -7.46
N GLY E 163 -15.85 -37.66 -7.60
CA GLY E 163 -16.28 -36.66 -6.64
C GLY E 163 -17.60 -37.04 -6.00
N CYS E 164 -18.11 -36.12 -5.18
CA CYS E 164 -19.42 -36.26 -4.58
C CYS E 164 -19.84 -34.94 -3.96
N THR E 165 -21.11 -34.59 -4.12
CA THR E 165 -21.66 -33.44 -3.42
C THR E 165 -21.92 -33.79 -1.95
N ILE E 166 -21.64 -32.84 -1.06
CA ILE E 166 -21.82 -33.08 0.37
C ILE E 166 -23.31 -32.91 0.67
N LYS E 167 -23.99 -34.03 0.96
CA LYS E 167 -25.38 -34.07 1.38
C LYS E 167 -25.47 -34.06 2.91
N PRO E 168 -26.49 -33.40 3.48
CA PRO E 168 -27.59 -32.67 2.83
C PRO E 168 -27.15 -31.36 2.18
N LYS E 169 -28.07 -30.68 1.50
CA LYS E 169 -27.71 -29.46 0.78
C LYS E 169 -27.18 -28.37 1.70
N LEU E 170 -27.58 -28.37 2.97
CA LEU E 170 -27.14 -27.36 3.93
C LEU E 170 -27.41 -27.88 5.33
N GLY E 171 -27.14 -27.03 6.31
CA GLY E 171 -27.38 -27.34 7.72
C GLY E 171 -26.14 -27.72 8.50
N LEU E 172 -25.03 -27.99 7.84
CA LEU E 172 -23.83 -28.48 8.52
C LEU E 172 -23.02 -27.32 9.09
N SER E 173 -22.48 -27.52 10.29
CA SER E 173 -21.52 -26.60 10.85
C SER E 173 -20.14 -26.87 10.26
N GLY E 174 -19.17 -26.02 10.62
CA GLY E 174 -17.83 -26.17 10.11
C GLY E 174 -17.23 -27.52 10.45
N LYS E 175 -17.34 -27.93 11.72
CA LYS E 175 -16.79 -29.21 12.13
C LYS E 175 -17.52 -30.37 11.46
N ASN E 176 -18.85 -30.31 11.44
CA ASN E 176 -19.63 -31.39 10.84
C ASN E 176 -19.38 -31.49 9.33
N TYR E 177 -19.36 -30.34 8.65
CA TYR E 177 -19.07 -30.34 7.22
C TYR E 177 -17.68 -30.90 6.95
N GLY E 178 -16.70 -30.48 7.77
CA GLY E 178 -15.35 -30.97 7.58
C GLY E 178 -15.23 -32.47 7.80
N ARG E 179 -15.87 -33.00 8.84
CA ARG E 179 -15.76 -34.43 9.09
C ARG E 179 -16.50 -35.24 8.04
N VAL E 180 -17.62 -34.73 7.53
CA VAL E 180 -18.30 -35.42 6.43
C VAL E 180 -17.43 -35.44 5.19
N VAL E 181 -16.78 -34.31 4.88
CA VAL E 181 -15.88 -34.27 3.73
C VAL E 181 -14.71 -35.23 3.93
N TYR E 182 -14.17 -35.30 5.16
CA TYR E 182 -13.09 -36.24 5.44
C TYR E 182 -13.53 -37.68 5.25
N GLU E 183 -14.72 -38.02 5.74
CA GLU E 183 -15.23 -39.38 5.57
C GLU E 183 -15.42 -39.73 4.10
N CYS E 184 -15.93 -38.78 3.31
CA CYS E 184 -16.06 -39.02 1.88
C CYS E 184 -14.70 -39.16 1.21
N LEU E 185 -13.72 -38.34 1.62
CA LEU E 185 -12.45 -38.29 0.93
C LEU E 185 -11.58 -39.51 1.24
N ARG E 186 -11.60 -39.97 2.48
CA ARG E 186 -10.72 -41.07 2.88
C ARG E 186 -11.05 -42.40 2.21
N GLY E 187 -12.21 -42.49 1.55
CA GLY E 187 -12.58 -43.70 0.85
C GLY E 187 -12.04 -43.83 -0.55
N GLY E 188 -11.00 -43.08 -0.90
CA GLY E 188 -10.47 -43.07 -2.24
C GLY E 188 -11.13 -42.10 -3.19
N LEU E 189 -12.12 -41.34 -2.72
CA LEU E 189 -12.77 -40.33 -3.55
C LEU E 189 -11.78 -39.23 -3.89
N ASP E 190 -11.82 -38.76 -5.14
CA ASP E 190 -10.85 -37.77 -5.60
C ASP E 190 -11.12 -36.39 -4.99
N PHE E 191 -12.35 -35.90 -5.13
CA PHE E 191 -12.71 -34.58 -4.64
C PHE E 191 -14.10 -34.61 -4.03
N THR E 192 -14.49 -33.47 -3.45
CA THR E 192 -15.86 -33.22 -3.02
C THR E 192 -16.19 -31.79 -3.39
N LYS E 193 -17.42 -31.55 -3.86
CA LYS E 193 -17.85 -30.22 -4.25
C LYS E 193 -18.86 -29.69 -3.24
N ASP E 194 -18.67 -28.46 -2.80
CA ASP E 194 -19.68 -27.80 -2.00
C ASP E 194 -20.93 -27.57 -2.85
N ASP E 195 -22.05 -27.32 -2.18
CA ASP E 195 -23.29 -27.10 -2.89
C ASP E 195 -23.32 -25.72 -3.52
N GLU E 196 -23.92 -25.64 -4.71
CA GLU E 196 -23.83 -24.44 -5.53
C GLU E 196 -24.48 -23.24 -4.87
N ASN E 197 -25.47 -23.47 -4.00
CA ASN E 197 -26.20 -22.41 -3.32
C ASN E 197 -25.70 -22.16 -1.90
N ILE E 198 -24.55 -22.73 -1.55
CA ILE E 198 -24.02 -22.63 -0.19
C ILE E 198 -22.64 -21.99 -0.28
N ASN E 199 -22.55 -20.70 0.05
CA ASN E 199 -21.29 -19.98 0.16
C ASN E 199 -21.05 -19.45 1.56
N SER E 200 -22.00 -18.71 2.11
CA SER E 200 -21.90 -18.16 3.46
C SER E 200 -23.32 -18.05 4.01
N GLN E 201 -23.57 -18.66 5.16
CA GLN E 201 -24.90 -18.78 5.71
C GLN E 201 -24.90 -18.36 7.17
N PRO E 202 -26.06 -17.96 7.70
CA PRO E 202 -26.13 -17.67 9.15
C PRO E 202 -25.80 -18.87 10.01
N PHE E 203 -26.11 -20.09 9.55
CA PHE E 203 -25.74 -21.27 10.31
C PHE E 203 -24.29 -21.69 10.07
N GLN E 204 -23.64 -21.13 9.05
CA GLN E 204 -22.27 -21.55 8.70
C GLN E 204 -21.58 -20.40 8.01
N ARG E 205 -20.61 -19.80 8.68
CA ARG E 205 -19.76 -18.78 8.07
C ARG E 205 -18.64 -19.43 7.28
N TRP E 206 -18.33 -18.86 6.12
CA TRP E 206 -17.45 -19.53 5.16
C TRP E 206 -16.06 -19.76 5.71
N GLN E 207 -15.58 -18.89 6.60
CA GLN E 207 -14.23 -19.04 7.15
C GLN E 207 -14.09 -20.34 7.92
N ASN E 208 -15.07 -20.66 8.77
CA ASN E 208 -15.02 -21.90 9.54
C ASN E 208 -15.06 -23.12 8.64
N ARG E 209 -15.93 -23.09 7.61
CA ARG E 209 -16.01 -24.22 6.69
C ARG E 209 -14.69 -24.42 5.97
N PHE E 210 -14.08 -23.33 5.48
CA PHE E 210 -12.82 -23.45 4.78
C PHE E 210 -11.72 -23.99 5.69
N GLU E 211 -11.65 -23.48 6.92
CA GLU E 211 -10.61 -23.94 7.85
C GLU E 211 -10.78 -25.42 8.17
N PHE E 212 -11.99 -25.83 8.54
CA PHE E 212 -12.22 -27.22 8.92
C PHE E 212 -12.04 -28.16 7.73
N VAL E 213 -12.49 -27.76 6.54
CA VAL E 213 -12.35 -28.62 5.38
C VAL E 213 -10.89 -28.71 4.96
N ALA E 214 -10.11 -27.64 5.12
CA ALA E 214 -8.68 -27.72 4.85
C ALA E 214 -7.99 -28.68 5.81
N GLU E 215 -8.35 -28.60 7.10
CA GLU E 215 -7.78 -29.53 8.08
C GLU E 215 -8.14 -30.96 7.74
N ALA E 216 -9.41 -31.21 7.37
CA ALA E 216 -9.85 -32.56 7.03
C ALA E 216 -9.15 -33.07 5.77
N VAL E 217 -8.98 -32.20 4.77
CA VAL E 217 -8.29 -32.60 3.55
C VAL E 217 -6.84 -32.95 3.85
N ALA E 218 -6.18 -32.16 4.70
CA ALA E 218 -4.80 -32.47 5.06
C ALA E 218 -4.72 -33.81 5.80
N LEU E 219 -5.63 -34.05 6.73
CA LEU E 219 -5.63 -35.31 7.48
C LEU E 219 -5.85 -36.50 6.55
N ALA E 220 -6.83 -36.38 5.65
CA ALA E 220 -7.11 -37.47 4.71
C ALA E 220 -5.96 -37.69 3.75
N GLN E 221 -5.32 -36.62 3.30
CA GLN E 221 -4.16 -36.74 2.43
C GLN E 221 -3.01 -37.46 3.12
N GLN E 222 -2.78 -37.12 4.39
CA GLN E 222 -1.75 -37.83 5.15
C GLN E 222 -2.11 -39.30 5.32
N GLU E 223 -3.38 -39.60 5.60
CA GLU E 223 -3.76 -40.97 5.91
C GLU E 223 -3.73 -41.87 4.68
N THR E 224 -4.36 -41.42 3.58
CA THR E 224 -4.52 -42.28 2.41
C THR E 224 -3.28 -42.32 1.53
N GLY E 225 -2.33 -41.40 1.73
CA GLY E 225 -1.15 -41.35 0.88
C GLY E 225 -1.44 -40.94 -0.55
N GLU E 226 -2.33 -39.97 -0.74
CA GLU E 226 -2.64 -39.45 -2.08
C GLU E 226 -2.92 -37.96 -1.97
N LYS E 227 -2.54 -37.22 -3.02
CA LYS E 227 -2.82 -35.80 -3.08
C LYS E 227 -4.31 -35.59 -3.32
N LYS E 228 -5.02 -35.03 -2.34
CA LYS E 228 -6.45 -34.88 -2.40
C LYS E 228 -6.83 -33.40 -2.24
N GLY E 229 -8.10 -33.12 -2.46
CA GLY E 229 -8.61 -31.76 -2.30
C GLY E 229 -10.12 -31.74 -2.35
N HIS E 230 -10.67 -30.61 -1.90
CA HIS E 230 -12.10 -30.37 -1.91
C HIS E 230 -12.39 -29.08 -2.67
N TYR E 231 -13.52 -29.05 -3.37
CA TYR E 231 -13.89 -27.86 -4.12
C TYR E 231 -14.44 -26.80 -3.16
N LEU E 232 -13.78 -25.65 -3.09
CA LEU E 232 -14.20 -24.55 -2.24
C LEU E 232 -14.88 -23.49 -3.09
N ASN E 233 -16.02 -23.00 -2.63
CA ASN E 233 -16.80 -22.03 -3.39
C ASN E 233 -16.42 -20.61 -2.99
N CYS E 234 -16.20 -19.77 -4.00
CA CYS E 234 -15.91 -18.36 -3.78
C CYS E 234 -16.98 -17.45 -4.34
N THR E 235 -18.02 -17.99 -4.97
CA THR E 235 -19.13 -17.16 -5.45
C THR E 235 -19.81 -16.49 -4.26
N ALA E 236 -19.88 -15.16 -4.30
CA ALA E 236 -20.38 -14.40 -3.16
C ALA E 236 -21.00 -13.11 -3.67
N ALA E 237 -21.27 -12.19 -2.74
CA ALA E 237 -21.97 -10.96 -3.09
C ALA E 237 -21.07 -10.01 -3.88
N THR E 238 -19.81 -9.86 -3.45
CA THR E 238 -18.94 -8.90 -4.09
C THR E 238 -17.67 -9.57 -4.60
N PRO E 239 -17.06 -9.03 -5.66
CA PRO E 239 -15.77 -9.58 -6.12
C PRO E 239 -14.67 -9.49 -5.06
N GLU E 240 -14.72 -8.47 -4.20
CA GLU E 240 -13.73 -8.37 -3.13
C GLU E 240 -13.81 -9.57 -2.20
N GLU E 241 -15.03 -9.96 -1.81
CA GLU E 241 -15.20 -11.14 -0.98
C GLU E 241 -14.74 -12.39 -1.69
N MET E 242 -15.01 -12.49 -3.00
CA MET E 242 -14.59 -13.65 -3.78
C MET E 242 -13.07 -13.77 -3.77
N TYR E 243 -12.37 -12.67 -4.05
CA TYR E 243 -10.91 -12.71 -4.04
C TYR E 243 -10.36 -12.98 -2.65
N GLU E 244 -11.00 -12.43 -1.62
CA GLU E 244 -10.56 -12.67 -0.25
C GLU E 244 -10.67 -14.16 0.10
N ARG E 245 -11.80 -14.77 -0.23
CA ARG E 245 -11.97 -16.20 0.05
C ARG E 245 -11.02 -17.05 -0.77
N ALA E 246 -10.79 -16.68 -2.04
CA ALA E 246 -9.85 -17.41 -2.86
C ALA E 246 -8.44 -17.36 -2.29
N GLU E 247 -8.01 -16.18 -1.84
CA GLU E 247 -6.68 -16.05 -1.28
C GLU E 247 -6.57 -16.75 0.06
N PHE E 248 -7.65 -16.76 0.85
CA PHE E 248 -7.67 -17.52 2.09
C PHE E 248 -7.52 -19.01 1.82
N ALA E 249 -8.21 -19.51 0.79
CA ALA E 249 -8.03 -20.92 0.41
C ALA E 249 -6.60 -21.17 -0.07
N LYS E 250 -6.03 -20.22 -0.81
CA LYS E 250 -4.64 -20.36 -1.25
C LYS E 250 -3.69 -20.46 -0.06
N GLU E 251 -3.91 -19.64 0.97
CA GLU E 251 -3.05 -19.69 2.15
C GLU E 251 -3.19 -21.02 2.89
N LEU E 252 -4.38 -21.62 2.87
CA LEU E 252 -4.63 -22.89 3.55
C LEU E 252 -4.20 -24.10 2.73
N GLY E 253 -3.46 -23.88 1.65
CA GLY E 253 -2.91 -24.99 0.89
C GLY E 253 -3.91 -25.79 0.11
N GLN E 254 -5.13 -25.30 -0.06
CA GLN E 254 -6.13 -26.02 -0.83
C GLN E 254 -5.86 -25.85 -2.32
N PRO E 255 -5.75 -26.93 -3.08
CA PRO E 255 -5.32 -26.85 -4.48
C PRO E 255 -6.42 -26.57 -5.50
N ILE E 256 -7.67 -26.38 -5.08
CA ILE E 256 -8.75 -26.17 -6.04
C ILE E 256 -9.87 -25.38 -5.35
N ILE E 257 -10.50 -24.50 -6.11
CA ILE E 257 -11.68 -23.77 -5.68
C ILE E 257 -12.74 -23.88 -6.76
N MET E 258 -13.99 -23.63 -6.37
CA MET E 258 -15.12 -23.78 -7.28
C MET E 258 -15.91 -22.48 -7.35
N HIS E 259 -16.70 -22.35 -8.42
CA HIS E 259 -17.45 -21.12 -8.69
C HIS E 259 -18.65 -21.44 -9.57
N ASP E 260 -19.64 -20.56 -9.50
CA ASP E 260 -20.81 -20.60 -10.38
C ASP E 260 -20.70 -19.43 -11.35
N TYR E 261 -20.38 -19.74 -12.61
CA TYR E 261 -20.04 -18.66 -13.54
C TYR E 261 -21.27 -17.92 -14.07
N ILE E 262 -22.42 -18.60 -14.20
CA ILE E 262 -23.60 -17.93 -14.70
C ILE E 262 -24.17 -16.98 -13.65
N THR E 263 -24.37 -17.49 -12.43
CA THR E 263 -24.94 -16.67 -11.37
C THR E 263 -23.96 -15.58 -10.95
N GLY E 264 -22.70 -15.95 -10.71
CA GLY E 264 -21.69 -14.95 -10.38
C GLY E 264 -21.44 -13.98 -11.51
N GLY E 265 -21.42 -14.48 -12.75
CA GLY E 265 -21.21 -13.63 -13.90
C GLY E 265 -20.00 -14.01 -14.73
N PHE E 266 -20.06 -13.74 -16.03
CA PHE E 266 -18.92 -14.02 -16.89
C PHE E 266 -17.71 -13.17 -16.50
N THR E 267 -17.95 -11.91 -16.13
CA THR E 267 -16.86 -11.04 -15.68
C THR E 267 -16.20 -11.61 -14.43
N ALA E 268 -17.02 -12.04 -13.46
CA ALA E 268 -16.48 -12.61 -12.24
C ALA E 268 -15.73 -13.90 -12.53
N ASN E 269 -16.25 -14.73 -13.43
CA ASN E 269 -15.57 -15.97 -13.78
C ASN E 269 -14.23 -15.71 -14.43
N THR E 270 -14.18 -14.74 -15.35
CA THR E 270 -12.91 -14.40 -16.00
C THR E 270 -11.91 -13.86 -15.00
N GLY E 271 -12.35 -12.99 -14.09
CA GLY E 271 -11.45 -12.49 -13.06
C GLY E 271 -10.94 -13.59 -12.15
N LEU E 272 -11.82 -14.52 -11.76
CA LEU E 272 -11.42 -15.63 -10.91
C LEU E 272 -10.43 -16.53 -11.63
N SER E 273 -10.64 -16.79 -12.92
CA SER E 273 -9.71 -17.62 -13.67
C SER E 273 -8.35 -16.93 -13.81
N LYS E 274 -8.34 -15.62 -14.07
CA LYS E 274 -7.07 -14.90 -14.14
C LYS E 274 -6.35 -14.95 -12.80
N TRP E 275 -7.09 -14.79 -11.70
CA TRP E 275 -6.47 -14.86 -10.37
C TRP E 275 -5.92 -16.26 -10.11
N CYS E 276 -6.65 -17.30 -10.53
CA CYS E 276 -6.17 -18.67 -10.34
C CYS E 276 -4.89 -18.91 -11.12
N ARG E 277 -4.82 -18.42 -12.36
CA ARG E 277 -3.59 -18.55 -13.12
C ARG E 277 -2.45 -17.79 -12.46
N LYS E 278 -2.73 -16.57 -11.98
CA LYS E 278 -1.70 -15.76 -11.34
C LYS E 278 -1.24 -16.35 -10.02
N ASN E 279 -2.07 -17.17 -9.37
CA ASN E 279 -1.74 -17.77 -8.09
C ASN E 279 -1.57 -19.28 -8.15
N GLY E 280 -1.66 -19.88 -9.35
CA GLY E 280 -1.50 -21.31 -9.48
C GLY E 280 -2.57 -22.11 -8.79
N MET E 281 -3.84 -21.83 -9.10
CA MET E 281 -4.96 -22.49 -8.46
C MET E 281 -5.84 -23.17 -9.51
N LEU E 282 -6.46 -24.27 -9.12
CA LEU E 282 -7.43 -24.96 -9.95
C LEU E 282 -8.81 -24.36 -9.77
N LEU E 283 -9.60 -24.36 -10.85
CA LEU E 283 -10.91 -23.74 -10.87
C LEU E 283 -11.97 -24.76 -11.26
N HIS E 284 -12.90 -25.00 -10.36
CA HIS E 284 -14.08 -25.84 -10.63
C HIS E 284 -15.27 -24.94 -10.89
N ILE E 285 -16.16 -25.39 -11.77
CA ILE E 285 -17.33 -24.58 -12.16
C ILE E 285 -18.55 -25.48 -12.20
N HIS E 286 -19.67 -24.96 -11.70
CA HIS E 286 -20.97 -25.61 -11.82
C HIS E 286 -21.88 -24.77 -12.71
N ARG E 287 -22.82 -25.45 -13.38
CA ARG E 287 -23.67 -24.84 -14.38
C ARG E 287 -25.03 -24.40 -13.84
N ALA E 288 -25.07 -23.90 -12.60
CA ALA E 288 -26.34 -23.46 -12.01
C ALA E 288 -27.03 -22.43 -12.87
N MET E 289 -28.32 -22.64 -13.13
CA MET E 289 -29.21 -21.81 -13.94
C MET E 289 -28.97 -22.01 -15.45
N HIS E 290 -28.21 -23.02 -15.84
CA HIS E 290 -28.02 -23.29 -17.27
C HIS E 290 -29.31 -23.80 -17.90
N ALA E 291 -30.09 -24.58 -17.16
CA ALA E 291 -31.32 -25.15 -17.70
C ALA E 291 -32.31 -24.05 -18.06
N VAL E 292 -32.38 -22.99 -17.26
CA VAL E 292 -33.24 -21.86 -17.59
C VAL E 292 -32.88 -21.28 -18.95
N ILE E 293 -31.69 -21.57 -19.46
CA ILE E 293 -31.29 -21.13 -20.79
C ILE E 293 -31.37 -22.25 -21.83
N ASP E 294 -31.34 -23.52 -21.42
CA ASP E 294 -31.33 -24.62 -22.37
C ASP E 294 -32.35 -25.71 -22.11
N ARG E 295 -33.23 -25.56 -21.12
CA ARG E 295 -34.26 -26.58 -20.89
C ARG E 295 -35.19 -26.70 -22.08
N HIS E 296 -35.60 -25.56 -22.64
CA HIS E 296 -36.48 -25.58 -23.80
C HIS E 296 -35.69 -26.03 -25.03
N PRO E 297 -36.12 -27.09 -25.71
CA PRO E 297 -35.34 -27.61 -26.85
C PRO E 297 -35.46 -26.80 -28.12
N LYS E 298 -36.39 -25.84 -28.18
CA LYS E 298 -36.63 -25.08 -29.40
C LYS E 298 -36.20 -23.62 -29.30
N HIS E 299 -36.09 -23.08 -28.09
CA HIS E 299 -35.79 -21.66 -27.91
C HIS E 299 -34.79 -21.50 -26.77
N GLY E 300 -33.95 -20.47 -26.87
CA GLY E 300 -32.95 -20.17 -25.86
C GLY E 300 -31.55 -20.24 -26.44
N ILE E 301 -30.62 -20.71 -25.62
CA ILE E 301 -29.23 -20.92 -26.04
C ILE E 301 -28.86 -22.37 -25.72
N HIS E 302 -28.32 -23.08 -26.70
CA HIS E 302 -27.90 -24.45 -26.47
C HIS E 302 -26.70 -24.48 -25.53
N PHE E 303 -26.61 -25.56 -24.74
CA PHE E 303 -25.56 -25.65 -23.73
C PHE E 303 -24.17 -25.70 -24.34
N ARG E 304 -24.05 -26.09 -25.62
CA ARG E 304 -22.73 -26.10 -26.25
C ARG E 304 -22.16 -24.69 -26.35
N VAL E 305 -23.01 -23.70 -26.62
CA VAL E 305 -22.55 -22.31 -26.68
C VAL E 305 -22.04 -21.86 -25.32
N LEU E 306 -22.79 -22.18 -24.26
CA LEU E 306 -22.35 -21.82 -22.91
C LEU E 306 -21.05 -22.51 -22.55
N ALA E 307 -20.90 -23.78 -22.97
CA ALA E 307 -19.66 -24.51 -22.74
C ALA E 307 -18.49 -23.86 -23.45
N LYS E 308 -18.70 -23.45 -24.71
CA LYS E 308 -17.65 -22.74 -25.44
C LYS E 308 -17.28 -21.44 -24.73
N CYS E 309 -18.28 -20.70 -24.26
CA CYS E 309 -18.02 -19.43 -23.59
C CYS E 309 -17.24 -19.65 -22.30
N LEU E 310 -17.59 -20.68 -21.54
CA LEU E 310 -16.86 -20.97 -20.30
C LEU E 310 -15.44 -21.40 -20.58
N ARG E 311 -15.24 -22.23 -21.61
CA ARG E 311 -13.89 -22.67 -21.96
C ARG E 311 -13.03 -21.48 -22.38
N LEU E 312 -13.61 -20.55 -23.15
CA LEU E 312 -12.87 -19.34 -23.51
C LEU E 312 -12.57 -18.49 -22.28
N SER E 313 -13.56 -18.33 -21.39
CA SER E 313 -13.39 -17.51 -20.20
C SER E 313 -12.49 -18.14 -19.16
N GLY E 314 -12.14 -19.40 -19.31
CA GLY E 314 -11.30 -20.07 -18.34
C GLY E 314 -12.10 -21.03 -17.48
N GLY E 315 -11.42 -22.06 -17.01
CA GLY E 315 -12.04 -23.05 -16.13
C GLY E 315 -11.52 -24.45 -16.40
N ASP E 316 -11.54 -25.28 -15.36
CA ASP E 316 -11.00 -26.63 -15.46
C ASP E 316 -12.07 -27.72 -15.48
N GLN E 317 -13.26 -27.45 -14.95
CA GLN E 317 -14.32 -28.45 -14.89
C GLN E 317 -15.65 -27.79 -15.20
N LEU E 318 -16.54 -28.55 -15.86
CA LEU E 318 -17.86 -28.05 -16.24
C LEU E 318 -18.89 -29.16 -16.11
N HIS E 319 -19.99 -28.89 -15.43
CA HIS E 319 -21.03 -29.90 -15.22
C HIS E 319 -21.80 -30.17 -16.50
N THR E 320 -22.15 -31.44 -16.71
CA THR E 320 -22.92 -31.85 -17.88
C THR E 320 -24.04 -32.84 -17.59
N GLY E 321 -24.09 -33.48 -16.43
CA GLY E 321 -24.79 -34.76 -16.40
C GLY E 321 -23.95 -35.71 -17.24
N THR E 322 -24.52 -36.88 -17.58
CA THR E 322 -23.97 -37.61 -18.71
C THR E 322 -24.89 -37.39 -19.89
N VAL E 323 -25.92 -38.21 -20.08
CA VAL E 323 -27.27 -37.82 -20.44
C VAL E 323 -28.13 -38.88 -19.79
N VAL E 324 -27.49 -40.00 -19.42
CA VAL E 324 -28.15 -41.26 -19.15
C VAL E 324 -28.36 -41.43 -17.65
N GLY E 325 -29.24 -42.36 -17.30
CA GLY E 325 -29.60 -42.59 -15.92
C GLY E 325 -31.09 -42.42 -15.72
N LYS E 326 -31.63 -41.38 -16.36
CA LYS E 326 -33.07 -41.11 -16.32
C LYS E 326 -33.62 -41.00 -17.74
N LEU E 327 -32.81 -40.46 -18.66
CA LEU E 327 -33.25 -40.18 -20.04
C LEU E 327 -32.16 -40.67 -21.01
N GLU E 328 -32.47 -41.74 -21.74
CA GLU E 328 -31.55 -42.27 -22.75
C GLU E 328 -31.17 -41.18 -23.74
N GLY E 329 -32.16 -40.37 -24.13
CA GLY E 329 -32.04 -39.13 -24.86
C GLY E 329 -31.27 -39.27 -26.16
N ASP E 330 -30.45 -38.26 -26.43
CA ASP E 330 -29.78 -38.06 -27.71
C ASP E 330 -28.28 -37.88 -27.45
N ARG E 331 -27.67 -38.85 -26.77
CA ARG E 331 -26.29 -38.74 -26.31
C ARG E 331 -25.32 -38.28 -27.39
N GLN E 332 -25.72 -38.31 -28.65
CA GLN E 332 -24.85 -37.86 -29.74
C GLN E 332 -24.39 -36.43 -29.56
N THR E 333 -25.34 -35.51 -29.37
CA THR E 333 -24.98 -34.09 -29.20
C THR E 333 -24.26 -33.85 -27.89
N THR E 334 -24.57 -34.65 -26.87
CA THR E 334 -23.83 -34.54 -25.61
C THR E 334 -22.36 -34.88 -25.80
N LEU E 335 -22.09 -36.02 -26.47
CA LEU E 335 -20.72 -36.38 -26.83
C LEU E 335 -20.09 -35.32 -27.73
N GLY E 336 -20.90 -34.66 -28.56
CA GLY E 336 -20.41 -33.56 -29.36
C GLY E 336 -19.88 -32.41 -28.53
N PHE E 337 -20.66 -31.97 -27.53
CA PHE E 337 -20.14 -30.88 -26.70
C PHE E 337 -19.00 -31.36 -25.82
N ILE E 338 -18.96 -32.65 -25.51
CA ILE E 338 -17.78 -33.21 -24.84
C ILE E 338 -16.54 -33.06 -25.72
N ASP E 339 -16.69 -33.38 -27.01
CA ASP E 339 -15.61 -33.18 -27.96
C ASP E 339 -15.17 -31.72 -27.99
N GLN E 340 -16.14 -30.81 -28.05
CA GLN E 340 -15.81 -29.39 -27.99
C GLN E 340 -15.17 -28.97 -26.68
N LEU E 341 -15.37 -29.74 -25.62
CA LEU E 341 -14.76 -29.45 -24.32
C LEU E 341 -13.34 -29.97 -24.20
N ARG E 342 -13.01 -31.08 -24.88
CA ARG E 342 -11.72 -31.74 -24.70
C ARG E 342 -10.76 -31.53 -25.86
N GLU E 343 -11.19 -31.79 -27.09
CA GLU E 343 -10.27 -31.82 -28.22
C GLU E 343 -9.87 -30.42 -28.66
N SER E 344 -8.67 -30.31 -29.22
CA SER E 344 -8.20 -29.04 -29.76
C SER E 344 -8.92 -28.69 -31.06
N PHE E 345 -9.27 -29.69 -31.86
CA PHE E 345 -10.03 -29.48 -33.09
C PHE E 345 -11.16 -30.50 -33.14
N ILE E 346 -12.27 -30.09 -33.74
CA ILE E 346 -13.43 -30.98 -33.91
C ILE E 346 -13.98 -30.82 -35.32
N PRO E 347 -14.06 -31.91 -36.09
CA PRO E 347 -14.69 -31.82 -37.42
C PRO E 347 -16.20 -31.62 -37.30
N GLU E 348 -16.78 -31.13 -38.39
CA GLU E 348 -18.21 -30.87 -38.42
C GLU E 348 -19.00 -32.16 -38.25
N ASP E 349 -20.10 -32.07 -37.49
CA ASP E 349 -20.97 -33.21 -37.27
C ASP E 349 -22.37 -32.67 -37.01
N ARG E 350 -23.27 -32.83 -37.99
CA ARG E 350 -24.63 -32.34 -37.83
C ARG E 350 -25.36 -33.11 -36.73
N SER E 351 -25.13 -34.42 -36.64
CA SER E 351 -25.77 -35.22 -35.60
C SER E 351 -25.31 -34.79 -34.21
N ARG E 352 -24.03 -34.49 -34.05
CA ARG E 352 -23.50 -34.04 -32.77
C ARG E 352 -23.75 -32.56 -32.50
N GLY E 353 -24.43 -31.87 -33.40
CA GLY E 353 -24.66 -30.44 -33.25
C GLY E 353 -23.40 -29.60 -33.37
N ASN E 354 -22.54 -29.93 -34.32
CA ASN E 354 -21.31 -29.18 -34.57
C ASN E 354 -21.37 -28.68 -36.01
N PHE E 355 -21.73 -27.41 -36.18
CA PHE E 355 -21.97 -26.83 -37.50
C PHE E 355 -20.77 -26.12 -38.09
N PHE E 356 -19.62 -26.17 -37.42
CA PHE E 356 -18.44 -25.48 -37.92
C PHE E 356 -17.19 -26.31 -37.66
N ASP E 357 -16.18 -26.11 -38.50
CA ASP E 357 -14.87 -26.71 -38.30
C ASP E 357 -14.10 -25.83 -37.32
N GLN E 358 -14.18 -26.18 -36.03
CA GLN E 358 -13.65 -25.36 -34.95
C GLN E 358 -12.32 -25.92 -34.48
N ASP E 359 -11.29 -25.08 -34.49
CA ASP E 359 -9.96 -25.44 -34.01
C ASP E 359 -9.59 -24.50 -32.86
N TRP E 360 -9.06 -25.08 -31.78
CA TRP E 360 -8.62 -24.32 -30.63
C TRP E 360 -7.11 -24.11 -30.59
N GLY E 361 -6.41 -24.45 -31.67
CA GLY E 361 -4.96 -24.36 -31.65
C GLY E 361 -4.37 -25.35 -30.66
N SER E 362 -3.55 -24.84 -29.75
CA SER E 362 -3.00 -25.67 -28.68
C SER E 362 -3.44 -25.14 -27.32
N MET E 363 -4.71 -24.75 -27.22
CA MET E 363 -5.26 -24.21 -25.99
C MET E 363 -5.90 -25.33 -25.19
N PRO E 364 -5.44 -25.59 -23.96
CA PRO E 364 -5.88 -26.80 -23.24
C PRO E 364 -7.38 -26.82 -22.98
N GLY E 365 -7.94 -28.03 -22.96
CA GLY E 365 -9.36 -28.24 -22.79
C GLY E 365 -9.78 -28.19 -21.34
N VAL E 366 -11.02 -28.63 -21.11
CA VAL E 366 -11.68 -28.56 -19.81
C VAL E 366 -12.24 -29.93 -19.47
N PHE E 367 -12.10 -30.32 -18.20
CA PHE E 367 -12.68 -31.57 -17.73
C PHE E 367 -14.20 -31.48 -17.76
N ALA E 368 -14.84 -32.63 -18.00
CA ALA E 368 -16.28 -32.75 -17.97
C ALA E 368 -16.72 -33.30 -16.62
N VAL E 369 -17.85 -32.79 -16.12
CA VAL E 369 -18.40 -33.20 -14.84
C VAL E 369 -19.74 -33.87 -15.08
N ALA E 370 -19.89 -35.09 -14.58
CA ALA E 370 -21.12 -35.86 -14.70
C ALA E 370 -21.65 -36.13 -13.30
N SER E 371 -22.81 -35.54 -12.99
CA SER E 371 -23.38 -35.68 -11.65
C SER E 371 -24.90 -35.55 -11.75
N GLY E 372 -25.58 -36.09 -10.74
CA GLY E 372 -27.03 -36.02 -10.69
C GLY E 372 -27.73 -37.25 -11.21
N GLY E 373 -28.48 -37.92 -10.35
CA GLY E 373 -29.25 -39.08 -10.75
C GLY E 373 -28.41 -40.25 -11.22
N ILE E 374 -27.22 -40.44 -10.64
CA ILE E 374 -26.33 -41.52 -11.03
C ILE E 374 -25.80 -42.21 -9.78
N HIS E 375 -25.48 -43.49 -9.94
CA HIS E 375 -24.87 -44.28 -8.88
C HIS E 375 -24.11 -45.43 -9.54
N VAL E 376 -23.80 -46.46 -8.76
CA VAL E 376 -22.85 -47.49 -9.18
C VAL E 376 -23.31 -48.19 -10.46
N TRP E 377 -24.62 -48.39 -10.61
CA TRP E 377 -25.12 -49.22 -11.70
C TRP E 377 -24.84 -48.60 -13.07
N HIS E 378 -24.71 -47.28 -13.14
CA HIS E 378 -24.54 -46.60 -14.42
C HIS E 378 -23.10 -46.49 -14.88
N MET E 379 -22.13 -46.74 -13.99
CA MET E 379 -20.74 -46.37 -14.23
C MET E 379 -20.13 -46.92 -15.53
N PRO E 380 -20.35 -48.18 -15.95
CA PRO E 380 -19.74 -48.65 -17.20
C PRO E 380 -20.10 -47.80 -18.41
N ALA E 381 -21.39 -47.50 -18.57
CA ALA E 381 -21.81 -46.64 -19.68
C ALA E 381 -21.23 -45.24 -19.55
N LEU E 382 -21.12 -44.72 -18.33
CA LEU E 382 -20.52 -43.40 -18.13
C LEU E 382 -19.07 -43.38 -18.58
N VAL E 383 -18.31 -44.41 -18.22
CA VAL E 383 -16.93 -44.52 -18.67
C VAL E 383 -16.87 -44.61 -20.19
N ALA E 384 -17.77 -45.40 -20.77
CA ALA E 384 -17.76 -45.58 -22.23
C ALA E 384 -18.02 -44.27 -22.95
N ILE E 385 -18.95 -43.45 -22.44
CA ILE E 385 -19.36 -42.26 -23.18
C ILE E 385 -18.46 -41.07 -22.89
N PHE E 386 -17.99 -40.93 -21.65
CA PHE E 386 -17.21 -39.77 -21.25
C PHE E 386 -15.71 -39.97 -21.40
N GLY E 387 -15.25 -41.17 -21.73
CA GLY E 387 -13.82 -41.35 -21.83
C GLY E 387 -13.15 -41.25 -20.47
N ASP E 388 -11.84 -41.00 -20.51
CA ASP E 388 -11.05 -40.91 -19.29
C ASP E 388 -10.92 -39.48 -18.74
N ASP E 389 -11.30 -38.48 -19.52
CA ASP E 389 -11.16 -37.08 -19.12
C ASP E 389 -12.51 -36.57 -18.61
N SER E 390 -12.86 -37.01 -17.41
CA SER E 390 -14.13 -36.61 -16.80
C SER E 390 -14.07 -36.92 -15.31
N VAL E 391 -15.08 -36.43 -14.59
CA VAL E 391 -15.22 -36.67 -13.15
C VAL E 391 -16.66 -37.11 -12.88
N LEU E 392 -16.81 -38.06 -11.96
CA LEU E 392 -18.12 -38.59 -11.60
C LEU E 392 -18.42 -38.25 -10.15
N GLN E 393 -19.61 -37.69 -9.90
CA GLN E 393 -20.05 -37.30 -8.57
C GLN E 393 -21.30 -38.07 -8.20
N PHE E 394 -21.31 -38.65 -7.01
CA PHE E 394 -22.45 -39.39 -6.47
C PHE E 394 -22.71 -38.89 -5.06
N GLY E 395 -23.49 -37.83 -4.94
CA GLY E 395 -23.79 -37.24 -3.65
C GLY E 395 -24.61 -38.16 -2.77
N GLY E 396 -25.86 -38.44 -3.19
CA GLY E 396 -26.70 -39.33 -2.42
C GLY E 396 -26.21 -40.77 -2.42
N GLY E 397 -25.71 -41.23 -3.57
CA GLY E 397 -25.33 -42.63 -3.70
C GLY E 397 -24.23 -43.03 -2.73
N THR E 398 -23.18 -42.22 -2.66
CA THR E 398 -22.10 -42.51 -1.71
C THR E 398 -22.56 -42.29 -0.27
N HIS E 399 -23.31 -41.21 -0.02
CA HIS E 399 -23.77 -40.94 1.34
C HIS E 399 -24.91 -41.87 1.75
N GLY E 400 -25.84 -42.14 0.84
CA GLY E 400 -26.95 -43.03 1.14
C GLY E 400 -26.59 -44.49 1.27
N HIS E 401 -25.34 -44.84 1.03
CA HIS E 401 -24.90 -46.22 1.22
C HIS E 401 -25.04 -46.60 2.69
N PRO E 402 -25.66 -47.74 3.01
CA PRO E 402 -25.93 -48.06 4.42
C PRO E 402 -24.68 -48.20 5.27
N TRP E 403 -23.53 -48.50 4.68
CA TRP E 403 -22.29 -48.67 5.43
C TRP E 403 -21.55 -47.37 5.68
N GLY E 404 -22.03 -46.25 5.14
CA GLY E 404 -21.39 -44.97 5.36
C GLY E 404 -20.81 -44.40 4.07
N SER E 405 -20.49 -43.10 4.15
CA SER E 405 -19.96 -42.41 2.98
C SER E 405 -18.62 -42.98 2.54
N ALA E 406 -17.76 -43.34 3.50
CA ALA E 406 -16.45 -43.90 3.16
C ALA E 406 -16.60 -45.22 2.40
N ALA E 407 -17.48 -46.10 2.89
CA ALA E 407 -17.69 -47.38 2.22
C ALA E 407 -18.30 -47.19 0.84
N GLY E 408 -19.26 -46.29 0.70
CA GLY E 408 -19.82 -46.02 -0.62
C GLY E 408 -18.80 -45.46 -1.59
N ALA E 409 -17.97 -44.53 -1.12
CA ALA E 409 -16.92 -43.99 -1.97
C ALA E 409 -15.92 -45.07 -2.38
N ALA E 410 -15.55 -45.94 -1.45
CA ALA E 410 -14.65 -47.05 -1.79
C ALA E 410 -15.28 -47.98 -2.81
N ALA E 411 -16.58 -48.27 -2.65
CA ALA E 411 -17.26 -49.14 -3.60
C ALA E 411 -17.28 -48.53 -4.99
N ASN E 412 -17.59 -47.23 -5.08
CA ASN E 412 -17.58 -46.56 -6.37
C ASN E 412 -16.18 -46.51 -6.96
N ARG E 413 -15.17 -46.31 -6.12
CA ARG E 413 -13.79 -46.28 -6.59
C ARG E 413 -13.37 -47.62 -7.17
N VAL E 414 -13.67 -48.72 -6.47
CA VAL E 414 -13.28 -50.02 -6.98
C VAL E 414 -14.11 -50.41 -8.21
N ALA E 415 -15.37 -49.97 -8.27
CA ALA E 415 -16.17 -50.18 -9.47
C ALA E 415 -15.54 -49.48 -10.67
N LEU E 416 -15.12 -48.23 -10.47
CA LEU E 416 -14.47 -47.49 -11.54
C LEU E 416 -13.16 -48.15 -11.95
N GLU E 417 -12.38 -48.62 -10.98
CA GLU E 417 -11.12 -49.29 -11.29
C GLU E 417 -11.36 -50.55 -12.11
N ALA E 418 -12.33 -51.37 -11.70
CA ALA E 418 -12.62 -52.59 -12.45
C ALA E 418 -13.14 -52.27 -13.85
N CYS E 419 -14.00 -51.25 -13.97
CA CYS E 419 -14.55 -50.88 -15.26
C CYS E 419 -13.45 -50.40 -16.21
N VAL E 420 -12.56 -49.54 -15.72
CA VAL E 420 -11.49 -49.04 -16.59
C VAL E 420 -10.49 -50.15 -16.90
N LYS E 421 -10.30 -51.09 -15.98
CA LYS E 421 -9.45 -52.24 -16.28
C LYS E 421 -10.05 -53.08 -17.41
N ALA E 422 -11.34 -53.38 -17.32
CA ALA E 422 -12.00 -54.17 -18.36
C ALA E 422 -12.01 -53.43 -19.69
N ARG E 423 -12.19 -52.11 -19.66
CA ARG E 423 -12.12 -51.32 -20.88
C ARG E 423 -10.73 -51.39 -21.49
N ASN E 424 -9.70 -51.24 -20.65
CA ASN E 424 -8.33 -51.39 -21.14
C ASN E 424 -8.05 -52.81 -21.60
N ALA E 425 -8.78 -53.78 -21.06
CA ALA E 425 -8.63 -55.16 -21.52
C ALA E 425 -9.11 -55.37 -22.94
N GLY E 426 -9.80 -54.40 -23.53
CA GLY E 426 -10.35 -54.54 -24.86
C GLY E 426 -11.76 -55.09 -24.90
N ARG E 427 -12.51 -54.96 -23.81
CA ARG E 427 -13.83 -55.57 -23.69
C ARG E 427 -14.93 -54.54 -23.88
N GLU E 428 -16.07 -55.00 -24.41
CA GLU E 428 -17.25 -54.17 -24.57
C GLU E 428 -17.97 -54.12 -23.23
N ILE E 429 -17.84 -53.00 -22.53
CA ILE E 429 -18.24 -52.94 -21.12
C ILE E 429 -19.75 -52.88 -20.99
N GLU E 430 -20.44 -52.26 -21.96
CA GLU E 430 -21.86 -51.95 -21.80
C GLU E 430 -22.69 -53.23 -21.64
N LYS E 431 -22.39 -54.27 -22.41
CA LYS E 431 -23.20 -55.48 -22.37
C LYS E 431 -22.90 -56.32 -21.13
N GLU E 432 -21.64 -56.69 -20.93
CA GLU E 432 -21.24 -57.55 -19.83
C GLU E 432 -21.04 -56.78 -18.52
N SER E 433 -21.63 -55.59 -18.40
CA SER E 433 -21.45 -54.77 -17.20
C SER E 433 -21.85 -55.50 -15.94
N ARG E 434 -22.89 -56.33 -16.02
CA ARG E 434 -23.33 -57.09 -14.85
C ARG E 434 -22.24 -58.06 -14.39
N ASP E 435 -21.59 -58.74 -15.33
CA ASP E 435 -20.49 -59.63 -14.98
C ASP E 435 -19.34 -58.84 -14.37
N ILE E 436 -19.06 -57.65 -14.92
CA ILE E 436 -17.95 -56.83 -14.41
C ILE E 436 -18.23 -56.44 -12.96
N LEU E 437 -19.45 -55.99 -12.67
CA LEU E 437 -19.77 -55.55 -11.31
C LEU E 437 -19.82 -56.74 -10.35
N MET E 438 -20.28 -57.91 -10.81
CA MET E 438 -20.24 -59.09 -9.95
C MET E 438 -18.81 -59.48 -9.62
N GLU E 439 -17.93 -59.46 -10.62
CA GLU E 439 -16.53 -59.78 -10.39
C GLU E 439 -15.87 -58.79 -9.45
N ALA E 440 -16.21 -57.51 -9.59
CA ALA E 440 -15.72 -56.50 -8.65
C ALA E 440 -16.24 -56.77 -7.24
N ALA E 441 -17.53 -57.13 -7.12
CA ALA E 441 -18.12 -57.42 -5.82
C ALA E 441 -17.53 -58.67 -5.19
N LYS E 442 -16.92 -59.55 -5.98
CA LYS E 442 -16.24 -60.72 -5.42
C LYS E 442 -15.08 -60.34 -4.50
N HIS E 443 -14.71 -59.07 -4.41
CA HIS E 443 -13.72 -58.62 -3.45
C HIS E 443 -14.14 -57.37 -2.69
N SER E 444 -15.37 -56.87 -2.89
CA SER E 444 -15.83 -55.66 -2.23
C SER E 444 -17.29 -55.85 -1.82
N PRO E 445 -17.54 -56.34 -0.60
CA PRO E 445 -18.93 -56.54 -0.16
C PRO E 445 -19.75 -55.26 -0.15
N GLU E 446 -19.13 -54.11 0.12
CA GLU E 446 -19.85 -52.86 0.05
C GLU E 446 -20.36 -52.59 -1.37
N LEU E 447 -19.54 -52.90 -2.37
CA LEU E 447 -20.00 -52.79 -3.75
C LEU E 447 -21.17 -53.75 -4.00
N ALA E 448 -21.11 -54.95 -3.45
CA ALA E 448 -22.20 -55.91 -3.62
C ALA E 448 -23.50 -55.38 -3.05
N ILE E 449 -23.45 -54.85 -1.82
CA ILE E 449 -24.69 -54.35 -1.21
C ILE E 449 -25.17 -53.10 -1.93
N ALA E 450 -24.27 -52.26 -2.44
CA ALA E 450 -24.70 -51.09 -3.21
C ALA E 450 -25.41 -51.50 -4.48
N LEU E 451 -24.81 -52.43 -5.24
CA LEU E 451 -25.46 -52.93 -6.45
C LEU E 451 -26.78 -53.61 -6.13
N GLU E 452 -26.89 -54.21 -4.94
CA GLU E 452 -28.16 -54.75 -4.49
C GLU E 452 -29.18 -53.65 -4.22
N THR E 453 -28.74 -52.51 -3.69
CA THR E 453 -29.68 -51.45 -3.30
C THR E 453 -30.44 -50.88 -4.49
N TRP E 454 -29.74 -50.65 -5.61
CA TRP E 454 -30.36 -49.94 -6.73
C TRP E 454 -30.26 -50.76 -8.01
N LYS E 455 -30.61 -52.04 -7.93
CA LYS E 455 -30.61 -52.93 -9.09
C LYS E 455 -31.56 -52.45 -10.18
N VAL F 7 -22.98 -53.62 9.04
CA VAL F 7 -22.22 -54.60 9.82
C VAL F 7 -20.77 -54.62 9.38
N GLY F 8 -19.86 -54.35 10.32
CA GLY F 8 -18.45 -54.32 10.03
C GLY F 8 -17.99 -52.97 9.50
N ASP F 9 -16.71 -52.70 9.70
CA ASP F 9 -16.09 -51.45 9.28
C ASP F 9 -15.08 -51.73 8.16
N TYR F 10 -14.76 -50.66 7.42
CA TYR F 10 -13.73 -50.70 6.38
C TYR F 10 -12.53 -49.93 6.89
N GLN F 11 -11.47 -50.66 7.24
CA GLN F 11 -10.28 -50.03 7.80
C GLN F 11 -9.52 -49.27 6.71
N THR F 12 -8.92 -48.14 7.10
CA THR F 12 -8.10 -47.38 6.17
C THR F 12 -6.86 -48.19 5.79
N VAL F 13 -6.57 -48.22 4.49
CA VAL F 13 -5.48 -49.00 3.95
C VAL F 13 -4.58 -48.08 3.13
N ALA F 14 -3.27 -48.17 3.35
CA ALA F 14 -2.31 -47.43 2.55
C ALA F 14 -2.29 -48.04 1.16
N THR F 15 -3.03 -47.44 0.23
CA THR F 15 -3.21 -47.98 -1.10
C THR F 15 -2.25 -47.32 -2.08
N LEU F 16 -2.19 -47.88 -3.28
CA LEU F 16 -1.14 -47.52 -4.21
C LEU F 16 -1.67 -47.07 -5.58
N GLU F 17 -2.59 -46.10 -5.58
CA GLU F 17 -2.83 -45.31 -6.79
C GLU F 17 -3.36 -46.11 -7.98
N THR F 18 -4.68 -46.38 -8.00
CA THR F 18 -5.33 -46.97 -9.18
C THR F 18 -4.92 -48.42 -9.41
N PHE F 19 -5.62 -49.33 -8.73
CA PHE F 19 -5.34 -50.76 -8.53
C PHE F 19 -4.45 -50.99 -7.32
N GLY F 20 -4.41 -50.02 -6.41
CA GLY F 20 -3.89 -50.29 -5.09
C GLY F 20 -4.89 -51.04 -4.21
N PHE F 21 -6.18 -50.92 -4.51
CA PHE F 21 -7.20 -51.60 -3.71
C PHE F 21 -7.32 -53.08 -4.06
N LEU F 22 -7.30 -53.39 -5.36
CA LEU F 22 -7.47 -54.77 -5.79
C LEU F 22 -6.27 -55.61 -5.40
N PRO F 23 -6.43 -56.93 -5.31
CA PRO F 23 -5.29 -57.79 -5.03
C PRO F 23 -4.25 -57.66 -6.12
N PRO F 24 -2.98 -57.99 -5.83
CA PRO F 24 -1.92 -57.82 -6.82
C PRO F 24 -2.24 -58.54 -8.12
N MET F 25 -1.97 -57.86 -9.24
CA MET F 25 -2.36 -58.36 -10.54
C MET F 25 -1.58 -59.61 -10.91
N THR F 26 -2.23 -60.51 -11.64
CA THR F 26 -1.58 -61.70 -12.14
C THR F 26 -0.76 -61.37 -13.38
N GLN F 27 0.16 -62.28 -13.73
CA GLN F 27 1.08 -62.02 -14.82
C GLN F 27 0.35 -61.88 -16.16
N ASP F 28 -0.70 -62.69 -16.37
CA ASP F 28 -1.48 -62.55 -17.60
C ASP F 28 -2.15 -61.19 -17.66
N GLU F 29 -2.60 -60.67 -16.52
CA GLU F 29 -3.17 -59.33 -16.48
C GLU F 29 -2.11 -58.28 -16.81
N ILE F 30 -0.87 -58.50 -16.37
CA ILE F 30 0.23 -57.61 -16.75
C ILE F 30 0.45 -57.65 -18.25
N TYR F 31 0.40 -58.85 -18.84
CA TYR F 31 0.51 -58.97 -20.29
C TYR F 31 -0.60 -58.18 -20.99
N ASP F 32 -1.83 -58.30 -20.49
CA ASP F 32 -2.93 -57.58 -21.10
C ASP F 32 -2.76 -56.07 -20.97
N GLN F 33 -2.29 -55.61 -19.80
CA GLN F 33 -2.08 -54.18 -19.60
C GLN F 33 -1.01 -53.64 -20.54
N ILE F 34 0.11 -54.34 -20.66
CA ILE F 34 1.17 -53.85 -21.55
C ILE F 34 0.74 -53.94 -23.01
N ALA F 35 -0.05 -54.95 -23.36
CA ALA F 35 -0.59 -55.02 -24.72
C ALA F 35 -1.51 -53.85 -25.01
N TYR F 36 -2.33 -53.45 -24.02
CA TYR F 36 -3.15 -52.26 -24.19
C TYR F 36 -2.29 -51.01 -24.35
N ILE F 37 -1.23 -50.89 -23.55
CA ILE F 37 -0.33 -49.74 -23.68
C ILE F 37 0.25 -49.70 -25.09
N ILE F 38 0.63 -50.86 -25.63
CA ILE F 38 1.12 -50.92 -27.01
C ILE F 38 0.04 -50.49 -27.99
N ALA F 39 -1.20 -50.96 -27.78
CA ALA F 39 -2.29 -50.66 -28.69
C ALA F 39 -2.67 -49.18 -28.69
N GLN F 40 -2.33 -48.45 -27.63
CA GLN F 40 -2.61 -47.02 -27.57
C GLN F 40 -1.46 -46.16 -28.09
N GLY F 41 -0.37 -46.78 -28.55
CA GLY F 41 0.76 -46.01 -29.03
C GLY F 41 1.60 -45.36 -27.96
N TRP F 42 1.39 -45.73 -26.71
CA TRP F 42 2.15 -45.16 -25.60
C TRP F 42 3.48 -45.90 -25.47
N SER F 43 4.28 -45.53 -24.46
CA SER F 43 5.57 -46.14 -24.25
C SER F 43 5.70 -46.63 -22.81
N PRO F 44 6.19 -47.84 -22.61
CA PRO F 44 6.37 -48.34 -21.24
C PRO F 44 7.52 -47.64 -20.54
N LEU F 45 7.37 -47.50 -19.22
CA LEU F 45 8.41 -46.91 -18.39
C LEU F 45 8.31 -47.50 -16.99
N ILE F 46 9.45 -47.89 -16.44
CA ILE F 46 9.51 -48.60 -15.16
C ILE F 46 10.00 -47.63 -14.09
N GLU F 47 9.28 -47.58 -12.97
CA GLU F 47 9.62 -46.72 -11.84
C GLU F 47 9.70 -47.57 -10.58
N HIS F 48 10.77 -47.37 -9.82
CA HIS F 48 10.93 -48.00 -8.52
C HIS F 48 11.32 -46.94 -7.50
N VAL F 49 10.83 -47.09 -6.27
CA VAL F 49 11.14 -46.13 -5.21
C VAL F 49 10.89 -46.82 -3.88
N HIS F 50 11.59 -46.37 -2.84
CA HIS F 50 11.37 -46.88 -1.51
C HIS F 50 9.97 -46.52 -1.05
N PRO F 51 9.25 -47.44 -0.39
CA PRO F 51 7.87 -47.13 0.03
C PRO F 51 7.76 -45.94 0.98
N SER F 52 8.84 -45.63 1.71
CA SER F 52 8.80 -44.49 2.62
C SER F 52 8.64 -43.17 1.87
N ARG F 53 9.08 -43.11 0.61
CA ARG F 53 9.03 -41.90 -0.19
C ARG F 53 7.95 -41.97 -1.27
N SER F 54 6.82 -42.63 -0.96
CA SER F 54 5.75 -42.75 -1.94
C SER F 54 5.14 -41.40 -2.27
N MET F 55 5.26 -40.43 -1.38
CA MET F 55 4.67 -39.11 -1.56
C MET F 55 5.50 -38.20 -2.44
N ALA F 56 6.65 -38.66 -2.92
CA ALA F 56 7.47 -37.85 -3.80
C ALA F 56 6.79 -37.69 -5.16
N THR F 57 7.31 -36.76 -5.95
CA THR F 57 6.75 -36.48 -7.28
C THR F 57 7.36 -37.32 -8.38
N TYR F 58 8.66 -37.64 -8.28
CA TYR F 58 9.36 -38.42 -9.30
C TYR F 58 10.02 -39.62 -8.63
N TRP F 59 9.75 -40.81 -9.16
CA TRP F 59 10.38 -42.02 -8.67
C TRP F 59 11.67 -42.29 -9.41
N SER F 60 12.46 -43.24 -8.90
CA SER F 60 13.73 -43.60 -9.54
C SER F 60 13.43 -44.41 -10.79
N TYR F 61 13.73 -43.84 -11.95
CA TYR F 61 13.39 -44.46 -13.22
C TYR F 61 14.39 -45.55 -13.57
N TRP F 62 13.90 -46.60 -14.23
CA TRP F 62 14.75 -47.66 -14.78
C TRP F 62 15.34 -47.16 -16.10
N LYS F 63 15.87 -48.09 -16.91
CA LYS F 63 16.40 -47.75 -18.22
C LYS F 63 15.42 -46.90 -19.01
N LEU F 64 15.92 -46.09 -19.94
CA LEU F 64 15.13 -45.07 -20.60
C LEU F 64 13.88 -45.67 -21.24
N PRO F 65 12.81 -44.89 -21.39
CA PRO F 65 11.57 -45.42 -21.96
C PRO F 65 11.80 -45.99 -23.35
N PHE F 66 11.11 -47.10 -23.63
CA PHE F 66 11.33 -47.86 -24.85
C PHE F 66 10.35 -47.37 -25.92
N PHE F 67 10.88 -46.66 -26.91
CA PHE F 67 10.10 -46.09 -27.99
C PHE F 67 10.24 -46.97 -29.23
N GLY F 68 9.11 -47.30 -29.84
CA GLY F 68 9.09 -48.26 -30.93
C GLY F 68 9.10 -49.70 -30.48
N GLU F 69 9.11 -49.95 -29.18
CA GLU F 69 9.11 -51.31 -28.66
C GLU F 69 7.68 -51.84 -28.62
N LYS F 70 7.44 -52.97 -29.30
CA LYS F 70 6.10 -53.53 -29.42
C LYS F 70 6.04 -54.98 -28.96
N ASP F 71 6.99 -55.43 -28.15
CA ASP F 71 7.05 -56.80 -27.68
C ASP F 71 6.75 -56.84 -26.19
N LEU F 72 5.89 -57.79 -25.79
CA LEU F 72 5.54 -57.94 -24.38
C LEU F 72 6.67 -58.62 -23.60
N GLY F 73 7.35 -59.58 -24.22
CA GLY F 73 8.33 -60.37 -23.50
C GLY F 73 9.48 -59.54 -22.95
N VAL F 74 9.98 -58.59 -23.74
CA VAL F 74 11.06 -57.74 -23.26
C VAL F 74 10.59 -56.88 -22.10
N ILE F 75 9.34 -56.42 -22.14
CA ILE F 75 8.79 -55.64 -21.05
C ILE F 75 8.73 -56.47 -19.77
N VAL F 76 8.29 -57.73 -19.90
CA VAL F 76 8.20 -58.61 -18.73
C VAL F 76 9.60 -58.89 -18.18
N SER F 77 10.57 -59.11 -19.07
CA SER F 77 11.94 -59.36 -18.63
C SER F 77 12.50 -58.15 -17.88
N GLU F 78 12.25 -56.94 -18.40
CA GLU F 78 12.69 -55.73 -17.71
C GLU F 78 12.00 -55.59 -16.36
N LEU F 79 10.70 -55.92 -16.29
CA LEU F 79 9.97 -55.84 -15.03
C LEU F 79 10.57 -56.77 -13.99
N GLU F 80 10.84 -58.03 -14.36
CA GLU F 80 11.39 -58.96 -13.39
C GLU F 80 12.82 -58.59 -13.02
N ALA F 81 13.60 -58.07 -13.98
CA ALA F 81 14.96 -57.63 -13.67
C ALA F 81 14.95 -56.47 -12.68
N CYS F 82 14.09 -55.48 -12.89
CA CYS F 82 14.03 -54.34 -11.97
C CYS F 82 13.47 -54.76 -10.62
N HIS F 83 12.53 -55.71 -10.61
CA HIS F 83 12.03 -56.24 -9.35
C HIS F 83 13.14 -56.91 -8.56
N ARG F 84 13.98 -57.70 -9.23
CA ARG F 84 15.13 -58.29 -8.55
C ARG F 84 16.17 -57.26 -8.16
N ALA F 85 16.23 -56.12 -8.86
CA ALA F 85 17.17 -55.07 -8.49
C ALA F 85 16.84 -54.46 -7.14
N TYR F 86 15.57 -54.13 -6.92
CA TYR F 86 15.10 -53.56 -5.66
C TYR F 86 13.86 -54.31 -5.20
N PRO F 87 14.03 -55.50 -4.62
CA PRO F 87 12.87 -56.29 -4.18
C PRO F 87 12.15 -55.73 -2.96
N ASP F 88 12.65 -54.64 -2.37
CA ASP F 88 11.99 -53.98 -1.26
C ASP F 88 11.34 -52.66 -1.63
N HIS F 89 11.55 -52.17 -2.85
CA HIS F 89 10.94 -50.94 -3.33
C HIS F 89 9.59 -51.22 -3.98
N HIS F 90 8.77 -50.18 -4.04
CA HIS F 90 7.55 -50.24 -4.83
C HIS F 90 7.89 -50.03 -6.30
N VAL F 91 7.39 -50.92 -7.15
CA VAL F 91 7.69 -50.90 -8.58
C VAL F 91 6.38 -50.78 -9.34
N ARG F 92 6.29 -49.77 -10.21
CA ARG F 92 5.10 -49.53 -11.02
C ARG F 92 5.49 -49.37 -12.48
N LEU F 93 4.49 -49.56 -13.34
CA LEU F 93 4.67 -49.44 -14.78
C LEU F 93 3.76 -48.34 -15.30
N VAL F 94 4.32 -47.44 -16.13
CA VAL F 94 3.63 -46.25 -16.61
C VAL F 94 3.69 -46.22 -18.13
N GLY F 95 2.56 -45.89 -18.75
CA GLY F 95 2.50 -45.66 -20.17
C GLY F 95 2.50 -44.18 -20.47
N TYR F 96 3.49 -43.75 -21.27
CA TYR F 96 3.70 -42.34 -21.57
C TYR F 96 3.18 -42.02 -22.96
N ASP F 97 2.40 -40.95 -23.06
CA ASP F 97 1.86 -40.45 -24.33
C ASP F 97 2.65 -39.20 -24.71
N ALA F 98 3.35 -39.28 -25.85
CA ALA F 98 4.16 -38.15 -26.29
C ALA F 98 3.31 -37.00 -26.78
N TYR F 99 2.17 -37.29 -27.41
CA TYR F 99 1.36 -36.25 -28.03
C TYR F 99 0.56 -35.43 -27.03
N THR F 100 0.34 -35.95 -25.82
CA THR F 100 -0.37 -35.22 -24.79
C THR F 100 0.46 -34.91 -23.55
N GLN F 101 1.70 -35.41 -23.48
CA GLN F 101 2.61 -35.13 -22.36
C GLN F 101 1.98 -35.48 -21.02
N SER F 102 1.30 -36.63 -20.97
CA SER F 102 0.67 -37.11 -19.75
C SER F 102 0.93 -38.60 -19.62
N GLN F 103 0.48 -39.17 -18.50
CA GLN F 103 0.59 -40.61 -18.26
C GLN F 103 -0.74 -41.24 -18.66
N GLY F 104 -0.73 -41.97 -19.77
CA GLY F 104 -1.95 -42.59 -20.25
C GLY F 104 -2.52 -43.63 -19.30
N ALA F 105 -1.64 -44.39 -18.65
CA ALA F 105 -2.06 -45.41 -17.69
C ALA F 105 -0.86 -45.78 -16.82
N CYS F 106 -1.10 -45.96 -15.53
CA CYS F 106 -0.04 -46.30 -14.60
C CYS F 106 -0.64 -47.05 -13.42
N PHE F 107 0.10 -48.05 -12.94
CA PHE F 107 -0.31 -48.82 -11.78
C PHE F 107 0.89 -49.60 -11.26
N VAL F 108 0.80 -50.02 -9.99
CA VAL F 108 1.90 -50.73 -9.36
C VAL F 108 1.90 -52.18 -9.79
N VAL F 109 3.10 -52.72 -10.01
CA VAL F 109 3.27 -54.12 -10.37
C VAL F 109 3.78 -54.95 -9.19
N PHE F 110 4.84 -54.48 -8.53
CA PHE F 110 5.40 -55.15 -7.36
C PHE F 110 5.37 -54.20 -6.17
N GLU F 111 4.89 -54.68 -5.04
CA GLU F 111 4.92 -53.94 -3.79
C GLU F 111 6.02 -54.49 -2.90
N GLY F 112 6.72 -53.59 -2.20
CA GLY F 112 7.85 -53.99 -1.39
C GLY F 112 7.44 -54.74 -0.14
N ARG F 113 8.44 -55.33 0.50
CA ARG F 113 8.23 -56.07 1.73
C ARG F 113 7.77 -55.15 2.86
N GLU G 11 35.06 21.08 -42.36
CA GLU G 11 36.22 20.63 -41.62
C GLU G 11 35.99 20.76 -40.12
N TYR G 12 36.22 19.66 -39.39
CA TYR G 12 36.04 19.64 -37.95
C TYR G 12 37.30 19.27 -37.18
N ARG G 13 38.43 19.03 -37.87
CA ARG G 13 39.66 18.67 -37.18
C ARG G 13 40.12 19.78 -36.24
N ASP G 14 39.96 21.03 -36.65
CA ASP G 14 40.52 22.17 -35.93
C ASP G 14 40.02 22.24 -34.49
N THR G 15 38.82 21.75 -34.22
CA THR G 15 38.28 21.77 -32.87
C THR G 15 37.97 20.38 -32.32
N TYR G 16 38.07 19.32 -33.13
CA TYR G 16 37.79 17.98 -32.64
C TYR G 16 38.90 16.97 -32.96
N TRP G 17 40.08 17.44 -33.38
CA TRP G 17 41.26 16.60 -33.44
C TRP G 17 42.36 17.24 -32.61
N THR G 18 42.89 16.49 -31.65
CA THR G 18 43.87 17.01 -30.70
C THR G 18 45.23 16.36 -30.95
N PRO G 19 46.18 17.05 -31.58
CA PRO G 19 47.45 16.40 -31.92
C PRO G 19 48.30 16.04 -30.72
N ASP G 20 48.17 16.75 -29.59
CA ASP G 20 49.08 16.54 -28.45
C ASP G 20 48.34 16.45 -27.12
N TYR G 21 47.05 16.16 -27.12
CA TYR G 21 46.31 16.07 -25.87
C TYR G 21 46.55 14.72 -25.20
N VAL G 22 46.64 14.76 -23.88
CA VAL G 22 46.80 13.57 -23.05
C VAL G 22 45.52 13.37 -22.26
N PRO G 23 44.88 12.20 -22.34
CA PRO G 23 43.60 12.01 -21.66
C PRO G 23 43.73 12.16 -20.15
N LEU G 24 42.69 12.71 -19.53
CA LEU G 24 42.60 12.78 -18.08
C LEU G 24 42.13 11.44 -17.53
N ASP G 25 42.57 11.13 -16.30
CA ASP G 25 42.28 9.86 -15.66
C ASP G 25 40.81 9.68 -15.28
N THR G 26 40.00 10.72 -15.40
CA THR G 26 38.56 10.65 -15.18
C THR G 26 37.77 10.64 -16.47
N ASP G 27 38.44 10.64 -17.62
CA ASP G 27 37.77 10.64 -18.90
C ASP G 27 37.35 9.23 -19.30
N LEU G 28 36.43 9.16 -20.25
CA LEU G 28 36.04 7.89 -20.85
C LEU G 28 36.73 7.78 -22.20
N LEU G 29 37.54 6.75 -22.36
CA LEU G 29 38.35 6.57 -23.56
C LEU G 29 37.73 5.46 -24.41
N ALA G 30 37.53 5.74 -25.69
CA ALA G 30 36.90 4.81 -26.61
C ALA G 30 37.80 4.59 -27.82
N CYS G 31 37.84 3.35 -28.30
CA CYS G 31 38.63 2.98 -29.47
C CYS G 31 37.69 2.58 -30.59
N PHE G 32 37.86 3.19 -31.76
CA PHE G 32 37.04 2.91 -32.92
C PHE G 32 37.94 2.48 -34.07
N LYS G 33 37.63 1.33 -34.68
CA LYS G 33 38.27 0.94 -35.93
C LYS G 33 37.47 1.56 -37.06
N CYS G 34 38.04 2.57 -37.72
CA CYS G 34 37.31 3.42 -38.65
C CYS G 34 37.83 3.24 -40.06
N THR G 35 36.90 3.21 -41.02
CA THR G 35 37.22 3.23 -42.44
C THR G 35 36.34 4.30 -43.09
N GLY G 36 36.94 5.45 -43.41
CA GLY G 36 36.23 6.48 -44.13
C GLY G 36 36.17 6.17 -45.61
N GLN G 37 35.64 7.12 -46.37
CA GLN G 37 35.60 6.97 -47.81
C GLN G 37 37.03 6.99 -48.38
N GLU G 38 37.17 6.54 -49.62
CA GLU G 38 38.50 6.47 -50.22
C GLU G 38 39.07 7.87 -50.42
N GLY G 39 40.35 8.02 -50.07
CA GLY G 39 41.04 9.29 -50.24
C GLY G 39 40.51 10.42 -49.38
N VAL G 40 40.13 10.13 -48.14
CA VAL G 40 39.70 11.18 -47.22
C VAL G 40 40.75 11.32 -46.12
N PRO G 41 40.88 12.50 -45.51
CA PRO G 41 41.79 12.66 -44.37
C PRO G 41 41.35 11.79 -43.20
N LYS G 42 42.27 10.95 -42.72
CA LYS G 42 41.96 10.10 -41.57
C LYS G 42 41.71 10.92 -40.32
N GLU G 43 42.47 12.00 -40.13
CA GLU G 43 42.23 12.90 -39.01
C GLU G 43 40.85 13.52 -39.10
N GLU G 44 40.43 13.93 -40.30
CA GLU G 44 39.13 14.56 -40.47
C GLU G 44 37.99 13.60 -40.16
N VAL G 45 38.08 12.36 -40.63
CA VAL G 45 37.00 11.39 -40.36
C VAL G 45 36.99 11.00 -38.90
N ALA G 46 38.17 10.88 -38.27
CA ALA G 46 38.20 10.60 -36.84
C ALA G 46 37.58 11.74 -36.04
N ALA G 47 37.86 12.98 -36.43
CA ALA G 47 37.26 14.12 -35.74
C ALA G 47 35.75 14.17 -35.99
N ALA G 48 35.33 13.79 -37.19
CA ALA G 48 33.90 13.71 -37.49
C ALA G 48 33.20 12.68 -36.61
N VAL G 49 33.82 11.52 -36.42
CA VAL G 49 33.25 10.51 -35.53
C VAL G 49 33.17 11.04 -34.10
N ALA G 50 34.26 11.67 -33.64
CA ALA G 50 34.30 12.20 -32.28
C ALA G 50 33.22 13.25 -32.07
N ALA G 51 33.06 14.16 -33.03
CA ALA G 51 32.02 15.17 -32.92
C ALA G 51 30.62 14.55 -32.97
N GLU G 52 30.41 13.62 -33.91
CA GLU G 52 29.12 12.96 -34.05
C GLU G 52 28.73 12.19 -32.79
N SER G 53 29.72 11.86 -31.95
CA SER G 53 29.40 11.34 -30.63
C SER G 53 28.91 12.42 -29.67
N SER G 54 29.39 13.65 -29.80
CA SER G 54 29.00 14.70 -28.88
C SER G 54 28.23 15.84 -29.55
N THR G 55 28.81 16.45 -30.59
CA THR G 55 28.29 17.69 -31.14
C THR G 55 28.30 17.67 -32.67
N GLY G 56 27.22 18.17 -33.27
CA GLY G 56 27.11 18.24 -34.71
C GLY G 56 26.21 19.36 -35.20
N THR G 57 26.75 20.24 -36.05
CA THR G 57 26.00 21.33 -36.65
C THR G 57 26.33 21.41 -38.13
N TRP G 58 25.34 21.82 -38.92
CA TRP G 58 25.51 21.95 -40.37
C TRP G 58 25.95 23.35 -40.78
N SER G 59 25.90 24.33 -39.88
CA SER G 59 26.31 25.69 -40.18
C SER G 59 26.54 26.42 -38.86
N THR G 60 26.76 27.73 -38.96
CA THR G 60 26.98 28.54 -37.77
C THR G 60 25.73 28.52 -36.88
N VAL G 61 25.95 28.40 -35.57
CA VAL G 61 24.88 28.22 -34.61
C VAL G 61 25.06 29.20 -33.45
N TRP G 62 23.97 29.45 -32.73
CA TRP G 62 23.95 30.46 -31.69
C TRP G 62 23.99 29.89 -30.27
N SER G 63 23.14 28.89 -29.97
CA SER G 63 22.96 28.42 -28.60
C SER G 63 24.23 27.80 -28.03
N GLU G 64 25.14 27.34 -28.88
CA GLU G 64 26.39 26.76 -28.42
C GLU G 64 27.32 27.78 -27.78
N LEU G 65 27.01 29.07 -27.90
CA LEU G 65 27.77 30.11 -27.22
C LEU G 65 27.25 30.40 -25.82
N LEU G 66 26.15 29.77 -25.40
CA LEU G 66 25.66 29.90 -24.05
C LEU G 66 26.19 28.82 -23.11
N VAL G 67 26.76 27.75 -23.66
CA VAL G 67 27.42 26.72 -22.87
C VAL G 67 28.81 26.50 -23.47
N ASP G 68 29.80 26.28 -22.60
CA ASP G 68 31.17 26.14 -23.06
C ASP G 68 31.35 24.84 -23.84
N LEU G 69 31.24 24.91 -25.17
CA LEU G 69 31.45 23.74 -26.00
C LEU G 69 32.88 23.20 -25.86
N ASP G 70 33.82 24.07 -25.47
CA ASP G 70 35.21 23.65 -25.34
C ASP G 70 35.38 22.56 -24.29
N PHE G 71 34.69 22.70 -23.16
CA PHE G 71 34.78 21.73 -22.07
C PHE G 71 33.92 20.51 -22.27
N TYR G 72 32.72 20.68 -22.82
CA TYR G 72 31.80 19.56 -23.06
C TYR G 72 31.91 19.08 -24.50
N LYS G 73 33.08 18.53 -24.83
CA LYS G 73 33.28 17.96 -26.16
C LYS G 73 34.31 16.85 -26.07
N GLY G 74 34.17 15.86 -26.95
CA GLY G 74 35.13 14.78 -27.00
C GLY G 74 36.42 15.17 -27.68
N ARG G 75 37.45 14.36 -27.46
CA ARG G 75 38.77 14.61 -28.04
C ARG G 75 39.33 13.29 -28.56
N CYS G 76 39.41 13.17 -29.89
CA CYS G 76 40.20 12.12 -30.50
C CYS G 76 41.67 12.54 -30.49
N TYR G 77 42.51 11.78 -29.79
CA TYR G 77 43.88 12.16 -29.51
C TYR G 77 44.93 11.26 -30.14
N ARG G 78 44.54 10.15 -30.76
CA ARG G 78 45.54 9.26 -31.33
C ARG G 78 44.93 8.43 -32.45
N ILE G 79 45.58 8.49 -33.61
CA ILE G 79 45.24 7.65 -34.76
C ILE G 79 46.41 6.72 -34.99
N GLU G 80 46.15 5.42 -34.92
CA GLU G 80 47.15 4.38 -35.11
C GLU G 80 46.79 3.51 -36.30
N ASP G 81 47.81 3.01 -37.00
CA ASP G 81 47.60 2.21 -38.20
C ASP G 81 47.26 0.78 -37.79
N VAL G 82 46.14 0.28 -38.31
CA VAL G 82 45.69 -1.09 -37.95
C VAL G 82 46.67 -2.10 -38.54
N PRO G 83 47.12 -3.10 -37.77
CA PRO G 83 48.03 -4.10 -38.34
C PRO G 83 47.30 -5.07 -39.26
N GLY G 84 47.18 -4.73 -40.53
CA GLY G 84 46.52 -5.58 -41.49
C GLY G 84 45.75 -4.84 -42.56
N ASP G 85 45.33 -3.61 -42.26
CA ASP G 85 44.70 -2.74 -43.24
C ASP G 85 45.20 -1.32 -43.04
N LYS G 86 45.59 -0.69 -44.16
CA LYS G 86 46.03 0.69 -44.12
C LYS G 86 44.91 1.68 -44.36
N GLU G 87 43.74 1.22 -44.80
CA GLU G 87 42.55 2.06 -44.85
C GLU G 87 41.80 2.08 -43.53
N ALA G 88 41.75 0.95 -42.84
CA ALA G 88 41.20 0.90 -41.49
C ALA G 88 42.25 1.39 -40.50
N PHE G 89 41.81 2.20 -39.54
CA PHE G 89 42.73 2.75 -38.55
C PHE G 89 42.05 2.79 -37.19
N TYR G 90 42.82 2.53 -36.14
CA TYR G 90 42.33 2.68 -34.78
C TYR G 90 42.34 4.13 -34.36
N ALA G 91 41.22 4.59 -33.81
CA ALA G 91 41.08 5.95 -33.33
C ALA G 91 40.69 5.94 -31.86
N PHE G 92 41.38 6.73 -31.05
CA PHE G 92 41.15 6.81 -29.62
C PHE G 92 40.52 8.16 -29.30
N ILE G 93 39.27 8.14 -28.83
CA ILE G 93 38.51 9.34 -28.56
C ILE G 93 38.27 9.45 -27.06
N ALA G 94 38.50 10.64 -26.52
CA ALA G 94 38.28 10.90 -25.10
C ALA G 94 36.89 11.50 -24.88
N TYR G 95 36.40 11.37 -23.66
CA TYR G 95 35.09 11.91 -23.29
C TYR G 95 35.15 12.46 -21.88
N PRO G 96 34.80 13.73 -21.67
CA PRO G 96 34.70 14.24 -20.30
C PRO G 96 33.67 13.47 -19.50
N LEU G 97 33.97 13.30 -18.20
CA LEU G 97 33.15 12.44 -17.34
C LEU G 97 31.70 12.90 -17.29
N ASP G 98 31.46 14.20 -17.44
CA ASP G 98 30.13 14.75 -17.28
C ASP G 98 29.18 14.39 -18.42
N LEU G 99 29.67 13.81 -19.51
CA LEU G 99 28.80 13.49 -20.65
C LEU G 99 27.92 12.29 -20.41
N PHE G 100 27.87 11.69 -19.22
CA PHE G 100 27.12 10.45 -19.01
C PHE G 100 26.38 10.53 -17.69
N GLU G 101 25.57 9.51 -17.43
CA GLU G 101 24.82 9.38 -16.19
C GLU G 101 25.65 8.58 -15.19
N GLU G 102 25.41 8.84 -13.90
CA GLU G 102 26.14 8.17 -12.84
C GLU G 102 25.68 6.73 -12.69
N GLY G 103 26.26 5.83 -13.49
CA GLY G 103 25.93 4.43 -13.41
C GLY G 103 24.85 3.97 -14.36
N SER G 104 24.81 4.52 -15.57
CA SER G 104 23.83 4.12 -16.58
C SER G 104 24.61 3.61 -17.79
N VAL G 105 24.70 2.29 -17.93
CA VAL G 105 25.31 1.73 -19.14
C VAL G 105 24.47 2.09 -20.36
N THR G 106 23.16 2.22 -20.17
CA THR G 106 22.28 2.63 -21.26
C THR G 106 22.69 4.01 -21.80
N ASN G 107 22.97 4.94 -20.89
CA ASN G 107 23.42 6.27 -21.31
C ASN G 107 24.75 6.20 -22.03
N VAL G 108 25.65 5.32 -21.58
CA VAL G 108 26.93 5.16 -22.24
C VAL G 108 26.73 4.68 -23.68
N LEU G 109 25.86 3.68 -23.87
CA LEU G 109 25.63 3.18 -25.22
C LEU G 109 24.97 4.24 -26.09
N THR G 110 24.00 4.98 -25.55
CA THR G 110 23.35 6.04 -26.32
C THR G 110 24.35 7.12 -26.73
N SER G 111 25.23 7.53 -25.81
CA SER G 111 26.20 8.57 -26.13
C SER G 111 27.33 8.07 -27.02
N LEU G 112 27.57 6.76 -27.07
CA LEU G 112 28.67 6.25 -27.85
C LEU G 112 28.27 5.83 -29.27
N VAL G 113 27.15 5.12 -29.43
CA VAL G 113 26.77 4.60 -30.74
C VAL G 113 25.36 5.05 -31.13
N GLY G 114 24.87 6.11 -30.49
CA GLY G 114 23.51 6.55 -30.75
C GLY G 114 23.29 7.00 -32.17
N ASN G 115 24.19 7.84 -32.69
CA ASN G 115 24.04 8.42 -34.01
C ASN G 115 25.29 8.34 -34.88
N VAL G 116 26.42 7.88 -34.34
CA VAL G 116 27.67 7.92 -35.09
C VAL G 116 27.63 6.98 -36.29
N PHE G 117 26.87 5.89 -36.19
CA PHE G 117 26.85 4.88 -37.26
C PHE G 117 26.05 5.33 -38.48
N GLY G 118 25.39 6.48 -38.43
CA GLY G 118 24.60 6.96 -39.54
C GLY G 118 25.26 7.97 -40.45
N PHE G 119 26.48 8.40 -40.13
CA PHE G 119 27.16 9.42 -40.93
C PHE G 119 27.67 8.80 -42.23
N LYS G 120 27.37 9.47 -43.35
CA LYS G 120 27.73 8.94 -44.67
C LYS G 120 29.23 8.94 -44.92
N ALA G 121 29.97 9.83 -44.25
CA ALA G 121 31.41 9.93 -44.49
C ALA G 121 32.22 8.77 -43.91
N LEU G 122 31.59 7.70 -43.44
CA LEU G 122 32.30 6.55 -42.88
C LEU G 122 31.84 5.29 -43.61
N ARG G 123 32.77 4.62 -44.29
CA ARG G 123 32.42 3.35 -44.94
C ARG G 123 32.08 2.29 -43.91
N HIS G 124 32.89 2.18 -42.86
CA HIS G 124 32.63 1.24 -41.78
C HIS G 124 33.13 1.84 -40.47
N LEU G 125 32.47 1.46 -39.37
CA LEU G 125 32.85 1.89 -38.05
C LEU G 125 32.64 0.73 -37.08
N ARG G 126 33.64 0.48 -36.24
CA ARG G 126 33.56 -0.60 -35.26
C ARG G 126 34.10 -0.13 -33.92
N LEU G 127 33.29 -0.27 -32.88
CA LEU G 127 33.72 0.05 -31.53
C LEU G 127 34.55 -1.10 -30.97
N GLU G 128 35.81 -0.82 -30.63
CA GLU G 128 36.75 -1.86 -30.23
C GLU G 128 36.90 -1.96 -28.72
N ASP G 129 37.33 -0.88 -28.06
CA ASP G 129 37.65 -0.93 -26.64
C ASP G 129 37.15 0.33 -25.96
N ILE G 130 36.83 0.20 -24.67
CA ILE G 130 36.39 1.30 -23.84
C ILE G 130 37.17 1.27 -22.53
N ARG G 131 37.70 2.42 -22.12
CA ARG G 131 38.41 2.54 -20.85
C ARG G 131 37.52 3.31 -19.88
N PHE G 132 36.78 2.58 -19.07
CA PHE G 132 35.87 3.22 -18.13
C PHE G 132 36.65 3.80 -16.95
N PRO G 133 36.41 5.06 -16.59
CA PRO G 133 37.10 5.63 -15.43
C PRO G 133 36.66 4.97 -14.14
N MET G 134 37.56 5.00 -13.15
CA MET G 134 37.26 4.38 -11.86
C MET G 134 36.02 4.97 -11.22
N ALA G 135 35.78 6.27 -11.41
CA ALA G 135 34.62 6.93 -10.82
C ALA G 135 33.33 6.34 -11.36
N PHE G 136 33.20 6.24 -12.68
CA PHE G 136 31.98 5.71 -13.28
C PHE G 136 31.75 4.26 -12.88
N ILE G 137 32.83 3.48 -12.74
CA ILE G 137 32.68 2.11 -12.26
C ILE G 137 32.18 2.08 -10.83
N LYS G 138 32.69 2.97 -9.98
CA LYS G 138 32.22 3.04 -8.60
C LYS G 138 30.78 3.52 -8.51
N THR G 139 30.30 4.25 -9.52
CA THR G 139 28.91 4.71 -9.49
C THR G 139 27.93 3.59 -9.81
N CYS G 140 28.27 2.70 -10.74
CA CYS G 140 27.33 1.68 -11.17
C CYS G 140 27.12 0.63 -10.08
N PRO G 141 25.93 0.02 -10.02
CA PRO G 141 25.69 -1.01 -9.01
C PRO G 141 26.62 -2.21 -9.11
N GLY G 142 27.00 -2.61 -10.32
CA GLY G 142 27.87 -3.75 -10.51
C GLY G 142 27.15 -5.07 -10.28
N PRO G 143 27.87 -6.18 -10.41
CA PRO G 143 27.27 -7.50 -10.16
C PRO G 143 26.74 -7.59 -8.74
N PRO G 144 25.58 -8.22 -8.54
CA PRO G 144 25.00 -8.26 -7.20
C PRO G 144 25.80 -9.11 -6.22
N ASN G 145 26.41 -10.20 -6.67
CA ASN G 145 27.13 -11.11 -5.77
C ASN G 145 28.63 -11.09 -6.01
N GLY G 146 29.08 -11.43 -7.21
CA GLY G 146 30.49 -11.55 -7.48
C GLY G 146 30.96 -13.00 -7.53
N ILE G 147 32.19 -13.19 -7.99
CA ILE G 147 32.74 -14.53 -8.22
C ILE G 147 32.89 -15.27 -6.88
N CYS G 148 33.66 -14.67 -5.96
CA CYS G 148 33.91 -15.34 -4.69
C CYS G 148 32.63 -15.49 -3.88
N VAL G 149 31.73 -14.51 -3.96
CA VAL G 149 30.48 -14.59 -3.21
C VAL G 149 29.60 -15.70 -3.76
N GLU G 150 29.56 -15.87 -5.09
CA GLU G 150 28.82 -16.99 -5.66
C GLU G 150 29.44 -18.32 -5.24
N ARG G 151 30.77 -18.41 -5.24
CA ARG G 151 31.42 -19.63 -4.78
C ARG G 151 31.06 -19.93 -3.33
N ASP G 152 31.01 -18.90 -2.49
CA ASP G 152 30.61 -19.09 -1.10
C ASP G 152 29.17 -19.55 -0.99
N ARG G 153 28.27 -18.95 -1.76
CA ARG G 153 26.86 -19.31 -1.69
C ARG G 153 26.58 -20.69 -2.25
N MET G 154 27.43 -21.19 -3.15
CA MET G 154 27.29 -22.55 -3.66
C MET G 154 28.23 -23.55 -3.00
N ASN G 155 29.23 -23.08 -2.26
CA ASN G 155 30.20 -23.94 -1.59
C ASN G 155 30.89 -24.87 -2.58
N LYS G 156 31.21 -24.34 -3.76
CA LYS G 156 31.85 -25.11 -4.82
C LYS G 156 33.17 -24.45 -5.18
N TYR G 157 34.25 -25.22 -5.14
CA TYR G 157 35.59 -24.71 -5.39
C TYR G 157 36.39 -25.79 -6.10
N GLY G 158 37.68 -25.52 -6.32
CA GLY G 158 38.58 -26.50 -6.88
C GLY G 158 38.42 -26.72 -8.38
N ARG G 159 37.18 -26.84 -8.83
CA ARG G 159 36.84 -27.14 -10.21
C ARG G 159 35.94 -26.06 -10.78
N PRO G 160 35.93 -25.89 -12.10
CA PRO G 160 34.86 -25.11 -12.73
C PRO G 160 33.52 -25.83 -12.57
N LEU G 161 32.45 -25.08 -12.75
CA LEU G 161 31.10 -25.62 -12.56
C LEU G 161 30.57 -26.15 -13.89
N LEU G 162 29.57 -27.02 -13.79
CA LEU G 162 29.08 -27.79 -14.93
C LEU G 162 27.57 -27.55 -15.08
N GLY G 163 27.17 -26.99 -16.23
CA GLY G 163 25.77 -26.80 -16.55
C GLY G 163 25.36 -27.58 -17.78
N CYS G 164 24.11 -27.36 -18.19
CA CYS G 164 23.60 -27.93 -19.43
C CYS G 164 22.28 -27.26 -19.77
N THR G 165 22.07 -26.99 -21.06
CA THR G 165 20.77 -26.52 -21.52
C THR G 165 19.80 -27.69 -21.60
N ILE G 166 18.55 -27.44 -21.23
CA ILE G 166 17.54 -28.48 -21.24
C ILE G 166 17.05 -28.65 -22.68
N LYS G 167 17.43 -29.76 -23.32
CA LYS G 167 16.99 -30.15 -24.65
C LYS G 167 15.75 -31.04 -24.56
N PRO G 168 14.81 -30.93 -25.51
CA PRO G 168 14.79 -30.05 -26.69
C PRO G 168 14.57 -28.59 -26.32
N LYS G 169 14.63 -27.69 -27.32
CA LYS G 169 14.50 -26.26 -27.06
C LYS G 169 13.17 -25.90 -26.42
N LEU G 170 12.13 -26.68 -26.67
CA LEU G 170 10.80 -26.40 -26.12
C LEU G 170 9.96 -27.67 -26.23
N GLY G 171 8.69 -27.55 -25.85
CA GLY G 171 7.74 -28.64 -25.92
C GLY G 171 7.45 -29.32 -24.60
N LEU G 172 8.25 -29.07 -23.57
CA LEU G 172 8.10 -29.77 -22.29
C LEU G 172 7.04 -29.12 -21.43
N SER G 173 6.25 -29.96 -20.75
CA SER G 173 5.34 -29.47 -19.73
C SER G 173 6.09 -29.24 -18.43
N GLY G 174 5.39 -28.70 -17.44
CA GLY G 174 6.02 -28.42 -16.16
C GLY G 174 6.61 -29.66 -15.52
N LYS G 175 5.82 -30.73 -15.47
CA LYS G 175 6.32 -31.98 -14.87
C LYS G 175 7.47 -32.56 -15.68
N ASN G 176 7.33 -32.61 -17.00
CA ASN G 176 8.39 -33.16 -17.84
C ASN G 176 9.66 -32.33 -17.77
N TYR G 177 9.53 -31.01 -17.84
CA TYR G 177 10.70 -30.15 -17.72
C TYR G 177 11.36 -30.33 -16.36
N GLY G 178 10.56 -30.39 -15.29
CA GLY G 178 11.12 -30.58 -13.96
C GLY G 178 11.86 -31.90 -13.81
N ARG G 179 11.27 -32.99 -14.33
CA ARG G 179 11.94 -34.28 -14.18
C ARG G 179 13.19 -34.37 -15.03
N VAL G 180 13.20 -33.74 -16.22
CA VAL G 180 14.42 -33.69 -17.02
C VAL G 180 15.51 -32.91 -16.29
N VAL G 181 15.14 -31.77 -15.69
CA VAL G 181 16.10 -30.99 -14.93
C VAL G 181 16.63 -31.80 -13.75
N TYR G 182 15.74 -32.54 -13.08
CA TYR G 182 16.17 -33.36 -11.95
C TYR G 182 17.14 -34.46 -12.40
N GLU G 183 16.86 -35.10 -13.53
CA GLU G 183 17.76 -36.14 -14.04
C GLU G 183 19.12 -35.56 -14.40
N CYS G 184 19.13 -34.36 -15.01
CA CYS G 184 20.40 -33.71 -15.31
C CYS G 184 21.15 -33.33 -14.04
N LEU G 185 20.42 -32.85 -13.03
CA LEU G 185 21.06 -32.29 -11.83
C LEU G 185 21.62 -33.38 -10.93
N ARG G 186 20.91 -34.51 -10.81
CA ARG G 186 21.32 -35.55 -9.87
C ARG G 186 22.61 -36.25 -10.28
N GLY G 187 23.10 -36.03 -11.50
CA GLY G 187 24.34 -36.61 -11.95
C GLY G 187 25.58 -35.84 -11.58
N GLY G 188 25.51 -34.95 -10.60
CA GLY G 188 26.63 -34.11 -10.23
C GLY G 188 26.74 -32.82 -10.99
N LEU G 189 25.82 -32.56 -11.93
CA LEU G 189 25.83 -31.31 -12.67
C LEU G 189 25.52 -30.15 -11.74
N ASP G 190 26.24 -29.04 -11.94
CA ASP G 190 26.09 -27.90 -11.03
C ASP G 190 24.76 -27.17 -11.24
N PHE G 191 24.47 -26.78 -12.48
CA PHE G 191 23.27 -26.04 -12.78
C PHE G 191 22.66 -26.53 -14.08
N THR G 192 21.49 -25.99 -14.41
CA THR G 192 20.87 -26.14 -15.72
C THR G 192 20.27 -24.80 -16.10
N LYS G 193 20.40 -24.43 -17.37
CA LYS G 193 19.87 -23.16 -17.85
C LYS G 193 18.66 -23.41 -18.75
N ASP G 194 17.59 -22.66 -18.50
CA ASP G 194 16.46 -22.68 -19.42
C ASP G 194 16.89 -22.09 -20.76
N ASP G 195 16.10 -22.38 -21.79
CA ASP G 195 16.42 -21.87 -23.12
C ASP G 195 16.10 -20.40 -23.22
N GLU G 196 16.95 -19.67 -23.96
CA GLU G 196 16.89 -18.21 -23.98
C GLU G 196 15.59 -17.69 -24.55
N ASN G 197 14.94 -18.47 -25.43
CA ASN G 197 13.71 -18.07 -26.08
C ASN G 197 12.47 -18.67 -25.41
N ILE G 198 12.63 -19.25 -24.23
CA ILE G 198 11.54 -19.94 -23.53
C ILE G 198 11.36 -19.26 -22.18
N ASN G 199 10.33 -18.42 -22.08
CA ASN G 199 9.94 -17.82 -20.81
C ASN G 199 8.52 -18.20 -20.40
N SER G 200 7.55 -18.00 -21.29
CA SER G 200 6.16 -18.36 -21.03
C SER G 200 5.52 -18.69 -22.37
N GLN G 201 4.95 -19.89 -22.48
CA GLN G 201 4.46 -20.41 -23.74
C GLN G 201 3.05 -20.94 -23.57
N PRO G 202 2.27 -21.02 -24.66
CA PRO G 202 0.95 -21.65 -24.56
C PRO G 202 1.00 -23.09 -24.12
N PHE G 203 2.07 -23.82 -24.48
CA PHE G 203 2.21 -25.19 -24.02
C PHE G 203 2.78 -25.28 -22.60
N GLN G 204 3.31 -24.18 -22.07
CA GLN G 204 3.97 -24.21 -20.77
C GLN G 204 3.90 -22.82 -20.16
N ARG G 205 3.08 -22.67 -19.11
CA ARG G 205 3.05 -21.42 -18.36
C ARG G 205 4.17 -21.40 -17.33
N TRP G 206 4.79 -20.22 -17.17
CA TRP G 206 6.03 -20.13 -16.40
C TRP G 206 5.86 -20.54 -14.94
N GLN G 207 4.66 -20.33 -14.38
CA GLN G 207 4.44 -20.67 -12.98
C GLN G 207 4.63 -22.16 -12.73
N ASN G 208 4.05 -22.99 -13.61
CA ASN G 208 4.17 -24.43 -13.46
C ASN G 208 5.61 -24.89 -13.61
N ARG G 209 6.33 -24.33 -14.59
CA ARG G 209 7.73 -24.69 -14.76
C ARG G 209 8.55 -24.32 -13.54
N PHE G 210 8.35 -23.12 -13.00
CA PHE G 210 9.11 -22.70 -11.82
C PHE G 210 8.80 -23.59 -10.62
N GLU G 211 7.52 -23.90 -10.41
CA GLU G 211 7.14 -24.75 -9.27
C GLU G 211 7.76 -26.14 -9.39
N PHE G 212 7.60 -26.78 -10.56
CA PHE G 212 8.11 -28.13 -10.72
C PHE G 212 9.63 -28.17 -10.68
N VAL G 213 10.29 -27.17 -11.28
CA VAL G 213 11.75 -27.17 -11.27
C VAL G 213 12.27 -26.89 -9.87
N ALA G 214 11.57 -26.06 -9.07
CA ALA G 214 11.97 -25.86 -7.68
C ALA G 214 11.84 -27.15 -6.88
N GLU G 215 10.74 -27.87 -7.09
CA GLU G 215 10.56 -29.15 -6.40
C GLU G 215 11.66 -30.14 -6.80
N ALA G 216 11.97 -30.21 -8.09
CA ALA G 216 13.01 -31.12 -8.56
C ALA G 216 14.38 -30.72 -8.02
N VAL G 217 14.68 -29.43 -7.97
CA VAL G 217 15.95 -28.97 -7.43
C VAL G 217 16.05 -29.32 -5.96
N ALA G 218 14.97 -29.14 -5.20
CA ALA G 218 14.98 -29.51 -3.79
C ALA G 218 15.21 -31.01 -3.61
N LEU G 219 14.53 -31.82 -4.41
CA LEU G 219 14.69 -33.27 -4.31
C LEU G 219 16.12 -33.70 -4.63
N ALA G 220 16.67 -33.13 -5.71
CA ALA G 220 18.04 -33.49 -6.10
C ALA G 220 19.05 -33.01 -5.06
N GLN G 221 18.82 -31.82 -4.49
CA GLN G 221 19.71 -31.32 -3.44
C GLN G 221 19.68 -32.23 -2.22
N GLN G 222 18.50 -32.69 -1.83
CA GLN G 222 18.40 -33.64 -0.71
C GLN G 222 19.11 -34.94 -1.04
N GLU G 223 18.95 -35.44 -2.27
CA GLU G 223 19.49 -36.75 -2.61
C GLU G 223 21.01 -36.73 -2.73
N THR G 224 21.56 -35.77 -3.48
CA THR G 224 22.99 -35.78 -3.76
C THR G 224 23.83 -35.20 -2.63
N GLY G 225 23.21 -34.51 -1.68
CA GLY G 225 23.96 -33.88 -0.61
C GLY G 225 24.83 -32.73 -1.07
N GLU G 226 24.33 -31.89 -1.98
CA GLU G 226 25.04 -30.72 -2.45
C GLU G 226 24.05 -29.60 -2.72
N LYS G 227 24.47 -28.37 -2.48
CA LYS G 227 23.64 -27.21 -2.77
C LYS G 227 23.58 -27.01 -4.27
N LYS G 228 22.40 -27.20 -4.86
CA LYS G 228 22.22 -27.14 -6.30
C LYS G 228 21.18 -26.08 -6.66
N GLY G 229 21.07 -25.82 -7.95
CA GLY G 229 20.09 -24.87 -8.44
C GLY G 229 19.97 -24.92 -9.94
N HIS G 230 18.89 -24.33 -10.45
CA HIS G 230 18.62 -24.23 -11.87
C HIS G 230 18.44 -22.77 -12.25
N TYR G 231 18.87 -22.42 -13.45
CA TYR G 231 18.72 -21.05 -13.92
C TYR G 231 17.28 -20.81 -14.36
N LEU G 232 16.60 -19.88 -13.70
CA LEU G 232 15.22 -19.53 -14.02
C LEU G 232 15.20 -18.23 -14.80
N ASN G 233 14.44 -18.19 -15.89
CA ASN G 233 14.39 -17.03 -16.76
C ASN G 233 13.26 -16.10 -16.34
N CYS G 234 13.58 -14.80 -16.23
CA CYS G 234 12.60 -13.78 -15.94
C CYS G 234 12.40 -12.79 -17.07
N THR G 235 13.13 -12.93 -18.18
CA THR G 235 12.91 -12.08 -19.33
C THR G 235 11.51 -12.28 -19.87
N ALA G 236 10.74 -11.20 -19.95
CA ALA G 236 9.33 -11.30 -20.31
C ALA G 236 8.91 -10.01 -21.00
N ALA G 237 7.59 -9.85 -21.16
CA ALA G 237 7.07 -8.70 -21.91
C ALA G 237 7.21 -7.41 -21.12
N THR G 238 6.91 -7.45 -19.82
CA THR G 238 6.91 -6.23 -19.02
C THR G 238 7.85 -6.37 -17.83
N PRO G 239 8.42 -5.27 -17.35
CA PRO G 239 9.22 -5.34 -16.12
C PRO G 239 8.44 -5.81 -14.91
N GLU G 240 7.14 -5.50 -14.85
CA GLU G 240 6.32 -5.99 -13.75
C GLU G 240 6.28 -7.50 -13.71
N GLU G 241 6.09 -8.13 -14.88
CA GLU G 241 6.11 -9.60 -14.94
C GLU G 241 7.48 -10.14 -14.56
N MET G 242 8.55 -9.46 -14.99
CA MET G 242 9.90 -9.90 -14.65
C MET G 242 10.11 -9.89 -13.14
N TYR G 243 9.75 -8.79 -12.48
CA TYR G 243 9.90 -8.72 -11.03
C TYR G 243 9.00 -9.73 -10.32
N GLU G 244 7.79 -9.94 -10.84
CA GLU G 244 6.88 -10.91 -10.23
C GLU G 244 7.47 -12.31 -10.29
N ARG G 245 8.00 -12.70 -11.44
CA ARG G 245 8.61 -14.02 -11.58
C ARG G 245 9.87 -14.15 -10.73
N ALA G 246 10.67 -13.08 -10.65
CA ALA G 246 11.87 -13.11 -9.82
C ALA G 246 11.50 -13.30 -8.35
N GLU G 247 10.48 -12.59 -7.88
CA GLU G 247 10.08 -12.71 -6.48
C GLU G 247 9.43 -14.07 -6.22
N PHE G 248 8.71 -14.61 -7.20
CA PHE G 248 8.17 -15.96 -7.06
C PHE G 248 9.30 -16.98 -6.93
N ALA G 249 10.35 -16.84 -7.74
CA ALA G 249 11.51 -17.71 -7.60
C ALA G 249 12.18 -17.54 -6.24
N LYS G 250 12.25 -16.29 -5.77
CA LYS G 250 12.80 -16.04 -4.44
C LYS G 250 12.01 -16.75 -3.35
N GLU G 251 10.67 -16.73 -3.46
CA GLU G 251 9.85 -17.40 -2.46
C GLU G 251 10.04 -18.91 -2.51
N LEU G 252 10.29 -19.47 -3.69
CA LEU G 252 10.48 -20.90 -3.84
C LEU G 252 11.91 -21.36 -3.50
N GLY G 253 12.71 -20.49 -2.90
CA GLY G 253 14.02 -20.89 -2.44
C GLY G 253 15.04 -21.16 -3.53
N GLN G 254 14.76 -20.74 -4.75
CA GLN G 254 15.72 -20.94 -5.84
C GLN G 254 16.83 -19.91 -5.74
N PRO G 255 18.09 -20.31 -5.73
CA PRO G 255 19.20 -19.38 -5.46
C PRO G 255 19.74 -18.63 -6.67
N ILE G 256 19.17 -18.83 -7.87
CA ILE G 256 19.71 -18.17 -9.05
C ILE G 256 18.59 -18.04 -10.09
N ILE G 257 18.61 -16.91 -10.81
CA ILE G 257 17.72 -16.67 -11.93
C ILE G 257 18.55 -16.21 -13.11
N MET G 258 17.98 -16.32 -14.31
CA MET G 258 18.69 -15.99 -15.54
C MET G 258 17.90 -14.96 -16.34
N HIS G 259 18.60 -14.29 -17.25
CA HIS G 259 18.01 -13.21 -18.02
C HIS G 259 18.80 -13.02 -19.32
N ASP G 260 18.13 -12.43 -20.31
CA ASP G 260 18.74 -12.04 -21.58
C ASP G 260 18.83 -10.51 -21.59
N TYR G 261 20.04 -9.98 -21.41
CA TYR G 261 20.18 -8.55 -21.19
C TYR G 261 20.05 -7.74 -22.48
N ILE G 262 20.45 -8.29 -23.62
CA ILE G 262 20.33 -7.54 -24.87
C ILE G 262 18.88 -7.45 -25.31
N THR G 263 18.19 -8.59 -25.36
CA THR G 263 16.81 -8.60 -25.80
C THR G 263 15.91 -7.90 -24.78
N GLY G 264 16.06 -8.25 -23.51
CA GLY G 264 15.29 -7.56 -22.47
C GLY G 264 15.63 -6.10 -22.36
N GLY G 265 16.92 -5.76 -22.48
CA GLY G 265 17.35 -4.38 -22.42
C GLY G 265 18.35 -4.11 -21.31
N PHE G 266 19.22 -3.13 -21.52
CA PHE G 266 20.18 -2.76 -20.50
C PHE G 266 19.48 -2.21 -19.26
N THR G 267 18.40 -1.43 -19.46
CA THR G 267 17.63 -0.93 -18.33
C THR G 267 17.02 -2.08 -17.52
N ALA G 268 16.43 -3.05 -18.22
CA ALA G 268 15.85 -4.20 -17.53
C ALA G 268 16.92 -5.01 -16.80
N ASN G 269 18.09 -5.18 -17.44
CA ASN G 269 19.18 -5.91 -16.80
C ASN G 269 19.66 -5.21 -15.54
N THR G 270 19.81 -3.89 -15.60
CA THR G 270 20.24 -3.14 -14.43
C THR G 270 19.21 -3.22 -13.30
N GLY G 271 17.93 -3.09 -13.64
CA GLY G 271 16.90 -3.24 -12.63
C GLY G 271 16.88 -4.63 -12.01
N LEU G 272 17.05 -5.66 -12.84
CA LEU G 272 17.07 -7.03 -12.33
C LEU G 272 18.26 -7.26 -11.42
N SER G 273 19.42 -6.72 -11.80
CA SER G 273 20.61 -6.86 -10.95
C SER G 273 20.44 -6.13 -9.62
N LYS G 274 19.86 -4.93 -9.65
CA LYS G 274 19.60 -4.21 -8.41
C LYS G 274 18.62 -4.98 -7.52
N TRP G 275 17.58 -5.56 -8.13
CA TRP G 275 16.64 -6.37 -7.36
C TRP G 275 17.31 -7.60 -6.77
N CYS G 276 18.19 -8.24 -7.54
CA CYS G 276 18.89 -9.41 -7.03
C CYS G 276 19.79 -9.05 -5.85
N ARG G 277 20.49 -7.92 -5.94
CA ARG G 277 21.29 -7.48 -4.80
C ARG G 277 20.41 -7.16 -3.60
N LYS G 278 19.28 -6.50 -3.82
CA LYS G 278 18.37 -6.15 -2.73
C LYS G 278 17.71 -7.38 -2.11
N ASN G 279 17.61 -8.48 -2.86
CA ASN G 279 16.98 -9.69 -2.38
C ASN G 279 17.94 -10.85 -2.21
N GLY G 280 19.24 -10.64 -2.44
CA GLY G 280 20.22 -11.69 -2.28
C GLY G 280 20.05 -12.83 -3.27
N MET G 281 20.02 -12.50 -4.56
CA MET G 281 19.80 -13.49 -5.60
C MET G 281 20.96 -13.48 -6.59
N LEU G 282 21.24 -14.65 -7.16
CA LEU G 282 22.24 -14.78 -8.21
C LEU G 282 21.60 -14.52 -9.57
N LEU G 283 22.39 -13.94 -10.47
CA LEU G 283 21.91 -13.52 -11.78
C LEU G 283 22.74 -14.18 -12.87
N HIS G 284 22.08 -14.99 -13.70
CA HIS G 284 22.69 -15.58 -14.88
C HIS G 284 22.25 -14.80 -16.11
N ILE G 285 23.14 -14.70 -17.10
CA ILE G 285 22.86 -13.92 -18.30
C ILE G 285 23.32 -14.70 -19.52
N HIS G 286 22.51 -14.66 -20.57
CA HIS G 286 22.87 -15.21 -21.87
C HIS G 286 23.00 -14.08 -22.89
N ARG G 287 23.84 -14.31 -23.90
CA ARG G 287 24.20 -13.28 -24.87
C ARG G 287 23.38 -13.35 -26.14
N ALA G 288 22.09 -13.68 -26.05
CA ALA G 288 21.24 -13.78 -27.23
C ALA G 288 21.25 -12.48 -28.03
N MET G 289 21.47 -12.61 -29.34
CA MET G 289 21.53 -11.51 -30.32
C MET G 289 22.87 -10.78 -30.26
N HIS G 290 23.87 -11.30 -29.54
CA HIS G 290 25.19 -10.65 -29.53
C HIS G 290 25.88 -10.78 -30.88
N ALA G 291 25.67 -11.91 -31.57
CA ALA G 291 26.33 -12.14 -32.85
C ALA G 291 25.88 -11.12 -33.88
N VAL G 292 24.59 -10.74 -33.87
CA VAL G 292 24.10 -9.70 -34.76
C VAL G 292 24.88 -8.40 -34.57
N ILE G 293 25.56 -8.25 -33.44
CA ILE G 293 26.40 -7.07 -33.21
C ILE G 293 27.89 -7.36 -33.40
N ASP G 294 28.31 -8.62 -33.32
CA ASP G 294 29.74 -8.94 -33.41
C ASP G 294 30.09 -10.05 -34.39
N ARG G 295 29.12 -10.59 -35.15
CA ARG G 295 29.46 -11.61 -36.13
C ARG G 295 30.39 -11.07 -37.21
N HIS G 296 30.13 -9.86 -37.68
CA HIS G 296 30.97 -9.24 -38.68
C HIS G 296 32.29 -8.82 -38.05
N PRO G 297 33.44 -9.30 -38.55
CA PRO G 297 34.72 -8.99 -37.90
C PRO G 297 35.25 -7.60 -38.18
N LYS G 298 34.64 -6.86 -39.12
CA LYS G 298 35.13 -5.54 -39.50
C LYS G 298 34.21 -4.39 -39.08
N HIS G 299 32.94 -4.67 -38.82
CA HIS G 299 31.97 -3.63 -38.51
C HIS G 299 31.06 -4.10 -37.38
N GLY G 300 30.60 -3.14 -36.57
CA GLY G 300 29.71 -3.42 -35.46
C GLY G 300 30.34 -3.03 -34.14
N ILE G 301 30.07 -3.83 -33.10
CA ILE G 301 30.65 -3.65 -31.78
C ILE G 301 31.28 -4.96 -31.37
N HIS G 302 32.54 -4.92 -30.95
CA HIS G 302 33.22 -6.12 -30.49
C HIS G 302 32.60 -6.61 -29.19
N PHE G 303 32.62 -7.94 -29.00
CA PHE G 303 31.97 -8.53 -27.84
C PHE G 303 32.62 -8.11 -26.53
N ARG G 304 33.86 -7.65 -26.56
CA ARG G 304 34.49 -7.20 -25.32
C ARG G 304 33.79 -5.95 -24.77
N VAL G 305 33.34 -5.07 -25.66
CA VAL G 305 32.60 -3.88 -25.22
C VAL G 305 31.29 -4.28 -24.55
N LEU G 306 30.56 -5.22 -25.17
CA LEU G 306 29.32 -5.71 -24.57
C LEU G 306 29.57 -6.38 -23.24
N ALA G 307 30.67 -7.13 -23.13
CA ALA G 307 31.03 -7.77 -21.87
C ALA G 307 31.32 -6.73 -20.80
N LYS G 308 32.06 -5.68 -21.15
CA LYS G 308 32.31 -4.59 -20.21
C LYS G 308 31.00 -3.95 -19.75
N CYS G 309 30.10 -3.70 -20.70
CA CYS G 309 28.83 -3.07 -20.37
C CYS G 309 28.00 -3.94 -19.44
N LEU G 310 27.98 -5.26 -19.70
CA LEU G 310 27.23 -6.16 -18.83
C LEU G 310 27.85 -6.23 -17.44
N ARG G 311 29.19 -6.28 -17.36
CA ARG G 311 29.84 -6.32 -16.06
C ARG G 311 29.55 -5.06 -15.26
N LEU G 312 29.56 -3.90 -15.92
CA LEU G 312 29.19 -2.66 -15.24
C LEU G 312 27.72 -2.67 -14.81
N SER G 313 26.83 -3.15 -15.68
CA SER G 313 25.40 -3.18 -15.39
C SER G 313 25.04 -4.24 -14.36
N GLY G 314 25.95 -5.12 -14.02
CA GLY G 314 25.65 -6.18 -13.07
C GLY G 314 25.45 -7.52 -13.75
N GLY G 315 25.76 -8.58 -13.02
CA GLY G 315 25.60 -9.94 -13.52
C GLY G 315 26.70 -10.86 -13.04
N ASP G 316 26.37 -12.15 -12.92
CA ASP G 316 27.29 -13.13 -12.39
C ASP G 316 27.86 -14.06 -13.45
N GLN G 317 27.16 -14.26 -14.57
CA GLN G 317 27.62 -15.17 -15.61
C GLN G 317 27.36 -14.56 -16.98
N LEU G 318 28.25 -14.85 -17.94
CA LEU G 318 28.12 -14.32 -19.30
C LEU G 318 28.61 -15.36 -20.30
N HIS G 319 27.79 -15.63 -21.31
CA HIS G 319 28.13 -16.64 -22.31
C HIS G 319 29.25 -16.15 -23.23
N THR G 320 30.14 -17.08 -23.60
CA THR G 320 31.25 -16.77 -24.49
C THR G 320 31.50 -17.82 -25.57
N GLY G 321 30.95 -19.03 -25.47
CA GLY G 321 31.63 -20.12 -26.17
C GLY G 321 32.94 -20.33 -25.42
N THR G 322 33.86 -21.11 -26.02
CA THR G 322 35.25 -20.99 -25.61
C THR G 322 35.97 -20.18 -26.66
N VAL G 323 36.52 -20.80 -27.70
CA VAL G 323 36.44 -20.37 -29.09
C VAL G 323 36.49 -21.68 -29.86
N VAL G 324 36.91 -22.73 -29.17
CA VAL G 324 37.40 -23.96 -29.80
C VAL G 324 36.28 -25.00 -29.82
N GLY G 325 36.48 -26.02 -30.64
CA GLY G 325 35.49 -27.05 -30.83
C GLY G 325 35.08 -27.14 -32.29
N LYS G 326 34.93 -25.97 -32.92
CA LYS G 326 34.60 -25.89 -34.33
C LYS G 326 35.61 -25.00 -35.06
N LEU G 327 36.10 -23.96 -34.36
CA LEU G 327 36.99 -22.95 -34.96
C LEU G 327 38.15 -22.69 -34.00
N GLU G 328 39.35 -23.13 -34.38
CA GLU G 328 40.55 -22.90 -33.59
C GLU G 328 40.72 -21.40 -33.33
N GLY G 329 40.46 -20.60 -34.36
CA GLY G 329 40.31 -19.17 -34.33
C GLY G 329 41.50 -18.45 -33.72
N ASP G 330 41.18 -17.41 -32.95
CA ASP G 330 42.15 -16.45 -32.43
C ASP G 330 41.98 -16.34 -30.92
N ARG G 331 42.08 -17.48 -30.23
CA ARG G 331 41.76 -17.57 -28.80
C ARG G 331 42.44 -16.48 -27.96
N GLN G 332 43.43 -15.79 -28.51
CA GLN G 332 44.12 -14.72 -27.78
C GLN G 332 43.15 -13.64 -27.31
N THR G 333 42.36 -13.08 -28.24
CA THR G 333 41.42 -12.02 -27.86
C THR G 333 40.29 -12.55 -26.99
N THR G 334 39.92 -13.83 -27.18
CA THR G 334 38.92 -14.43 -26.30
C THR G 334 39.43 -14.48 -24.86
N LEU G 335 40.65 -14.96 -24.66
CA LEU G 335 41.29 -14.94 -23.34
C LEU G 335 41.43 -13.51 -22.83
N GLY G 336 41.62 -12.56 -23.73
CA GLY G 336 41.64 -11.16 -23.35
C GLY G 336 40.34 -10.69 -22.74
N PHE G 337 39.21 -10.98 -23.38
CA PHE G 337 37.95 -10.56 -22.78
C PHE G 337 37.65 -11.38 -21.54
N ILE G 338 38.16 -12.60 -21.45
CA ILE G 338 38.07 -13.37 -20.21
C ILE G 338 38.80 -12.63 -19.08
N ASP G 339 39.99 -12.13 -19.38
CA ASP G 339 40.74 -11.33 -18.42
C ASP G 339 39.94 -10.11 -17.99
N GLN G 340 39.35 -9.41 -18.96
CA GLN G 340 38.49 -8.27 -18.64
C GLN G 340 37.25 -8.67 -17.85
N LEU G 341 36.85 -9.95 -17.93
CA LEU G 341 35.69 -10.42 -17.17
C LEU G 341 36.04 -10.82 -15.74
N ARG G 342 37.26 -11.26 -15.49
CA ARG G 342 37.63 -11.81 -14.19
C ARG G 342 38.53 -10.88 -13.36
N GLU G 343 39.62 -10.40 -13.93
CA GLU G 343 40.63 -9.68 -13.15
C GLU G 343 40.18 -8.27 -12.82
N SER G 344 40.67 -7.76 -11.69
CA SER G 344 40.39 -6.38 -11.30
C SER G 344 41.15 -5.39 -12.17
N PHE G 345 42.35 -5.74 -12.61
CA PHE G 345 43.13 -4.90 -13.50
C PHE G 345 43.69 -5.77 -14.63
N ILE G 346 43.81 -5.17 -15.80
CA ILE G 346 44.37 -5.86 -16.96
C ILE G 346 45.36 -4.95 -17.68
N PRO G 347 46.60 -5.38 -17.86
CA PRO G 347 47.55 -4.57 -18.64
C PRO G 347 47.20 -4.58 -20.11
N GLU G 348 47.73 -3.58 -20.82
CA GLU G 348 47.46 -3.46 -22.25
C GLU G 348 48.03 -4.66 -23.01
N ASP G 349 47.27 -5.12 -24.01
CA ASP G 349 47.70 -6.24 -24.85
C ASP G 349 47.04 -6.07 -26.21
N ARG G 350 47.83 -5.68 -27.21
CA ARG G 350 47.28 -5.48 -28.55
C ARG G 350 46.80 -6.80 -29.14
N SER G 351 47.53 -7.89 -28.88
CA SER G 351 47.12 -9.19 -29.40
C SER G 351 45.79 -9.64 -28.79
N ARG G 352 45.60 -9.40 -27.49
CA ARG G 352 44.35 -9.76 -26.82
C ARG G 352 43.25 -8.74 -27.05
N GLY G 353 43.49 -7.70 -27.83
CA GLY G 353 42.49 -6.67 -28.05
C GLY G 353 42.20 -5.83 -26.82
N ASN G 354 43.23 -5.48 -26.06
CA ASN G 354 43.10 -4.62 -24.88
C ASN G 354 43.94 -3.38 -25.12
N PHE G 355 43.29 -2.28 -25.50
CA PHE G 355 43.98 -1.06 -25.91
C PHE G 355 44.13 -0.05 -24.77
N PHE G 356 43.73 -0.39 -23.55
CA PHE G 356 43.82 0.54 -22.44
C PHE G 356 44.23 -0.19 -21.18
N ASP G 357 44.86 0.54 -20.26
CA ASP G 357 45.19 0.04 -18.93
C ASP G 357 43.95 0.23 -18.07
N GLN G 358 43.13 -0.82 -18.00
CA GLN G 358 41.83 -0.76 -17.35
C GLN G 358 41.91 -1.39 -15.96
N ASP G 359 41.52 -0.63 -14.94
CA ASP G 359 41.46 -1.11 -13.56
C ASP G 359 40.03 -1.01 -13.06
N TRP G 360 39.55 -2.07 -12.40
CA TRP G 360 38.22 -2.12 -11.84
C TRP G 360 38.20 -1.85 -10.34
N GLY G 361 39.33 -1.44 -9.76
CA GLY G 361 39.40 -1.27 -8.32
C GLY G 361 39.26 -2.61 -7.62
N SER G 362 38.29 -2.68 -6.70
CA SER G 362 38.00 -3.93 -6.02
C SER G 362 36.56 -4.35 -6.30
N MET G 363 36.12 -4.19 -7.55
CA MET G 363 34.77 -4.52 -7.96
C MET G 363 34.74 -5.94 -8.49
N PRO G 364 33.96 -6.85 -7.89
CA PRO G 364 34.06 -8.27 -8.24
C PRO G 364 33.73 -8.55 -9.70
N GLY G 365 34.39 -9.59 -10.24
CA GLY G 365 34.24 -9.95 -11.62
C GLY G 365 33.02 -10.81 -11.88
N VAL G 366 32.99 -11.39 -13.08
CA VAL G 366 31.85 -12.14 -13.58
C VAL G 366 32.34 -13.49 -14.09
N PHE G 367 31.58 -14.55 -13.79
CA PHE G 367 31.90 -15.87 -14.31
C PHE G 367 31.73 -15.90 -15.83
N ALA G 368 32.55 -16.71 -16.48
CA ALA G 368 32.46 -16.95 -17.91
C ALA G 368 31.68 -18.23 -18.18
N VAL G 369 30.87 -18.19 -19.24
CA VAL G 369 30.04 -19.32 -19.64
C VAL G 369 30.51 -19.81 -20.99
N ALA G 370 30.83 -21.10 -21.08
CA ALA G 370 31.26 -21.74 -22.32
C ALA G 370 30.26 -22.82 -22.68
N SER G 371 29.55 -22.63 -23.78
CA SER G 371 28.52 -23.57 -24.20
C SER G 371 28.38 -23.52 -25.71
N GLY G 372 27.84 -24.61 -26.27
CA GLY G 372 27.62 -24.68 -27.70
C GLY G 372 28.71 -25.41 -28.46
N GLY G 373 28.35 -26.51 -29.09
CA GLY G 373 29.30 -27.28 -29.90
C GLY G 373 30.45 -27.86 -29.12
N ILE G 374 30.21 -28.27 -27.87
CA ILE G 374 31.24 -28.84 -27.02
C ILE G 374 30.71 -30.09 -26.35
N HIS G 375 31.63 -31.00 -26.04
CA HIS G 375 31.32 -32.22 -25.31
C HIS G 375 32.60 -32.70 -24.62
N VAL G 376 32.61 -33.97 -24.20
CA VAL G 376 33.66 -34.47 -23.31
C VAL G 376 35.04 -34.31 -23.92
N TRP G 377 35.17 -34.48 -25.24
CA TRP G 377 36.49 -34.53 -25.86
C TRP G 377 37.23 -33.21 -25.75
N HIS G 378 36.52 -32.09 -25.62
CA HIS G 378 37.14 -30.77 -25.61
C HIS G 378 37.58 -30.31 -24.23
N MET G 379 37.10 -30.96 -23.17
CA MET G 379 37.21 -30.43 -21.82
C MET G 379 38.62 -30.04 -21.37
N PRO G 380 39.69 -30.83 -21.63
CA PRO G 380 41.03 -30.41 -21.17
C PRO G 380 41.45 -29.04 -21.67
N ALA G 381 41.28 -28.80 -22.97
CA ALA G 381 41.60 -27.49 -23.53
C ALA G 381 40.73 -26.40 -22.94
N LEU G 382 39.45 -26.70 -22.69
CA LEU G 382 38.55 -25.73 -22.09
C LEU G 382 39.04 -25.31 -20.69
N VAL G 383 39.44 -26.30 -19.89
CA VAL G 383 39.99 -26.02 -18.57
C VAL G 383 41.26 -25.19 -18.69
N ALA G 384 42.12 -25.54 -19.65
CA ALA G 384 43.37 -24.83 -19.81
C ALA G 384 43.15 -23.36 -20.16
N ILE G 385 42.17 -23.08 -21.04
CA ILE G 385 42.01 -21.73 -21.54
C ILE G 385 41.15 -20.87 -20.60
N PHE G 386 40.12 -21.46 -20.00
CA PHE G 386 39.18 -20.70 -19.18
C PHE G 386 39.56 -20.65 -17.71
N GLY G 387 40.58 -21.39 -17.29
CA GLY G 387 40.91 -21.37 -15.88
C GLY G 387 39.82 -22.05 -15.06
N ASP G 388 39.81 -21.72 -13.75
CA ASP G 388 38.87 -22.32 -12.83
C ASP G 388 37.59 -21.49 -12.64
N ASP G 389 37.57 -20.24 -13.12
CA ASP G 389 36.43 -19.35 -12.93
C ASP G 389 35.61 -19.35 -14.22
N SER G 390 34.87 -20.44 -14.43
CA SER G 390 34.03 -20.58 -15.61
C SER G 390 33.04 -21.70 -15.38
N VAL G 391 32.08 -21.82 -16.29
CA VAL G 391 31.07 -22.86 -16.27
C VAL G 391 30.97 -23.48 -17.66
N LEU G 392 30.79 -24.80 -17.70
CA LEU G 392 30.71 -25.55 -18.96
C LEU G 392 29.32 -26.15 -19.09
N GLN G 393 28.68 -25.94 -20.24
CA GLN G 393 27.34 -26.44 -20.51
C GLN G 393 27.39 -27.38 -21.71
N PHE G 394 26.78 -28.55 -21.57
CA PHE G 394 26.70 -29.55 -22.64
C PHE G 394 25.25 -29.99 -22.73
N GLY G 395 24.44 -29.27 -23.50
CA GLY G 395 23.04 -29.59 -23.65
C GLY G 395 22.82 -30.91 -24.36
N GLY G 396 23.20 -30.98 -25.63
CA GLY G 396 23.03 -32.22 -26.38
C GLY G 396 23.94 -33.32 -25.89
N GLY G 397 25.18 -32.98 -25.52
CA GLY G 397 26.15 -34.00 -25.16
C GLY G 397 25.73 -34.82 -23.94
N THR G 398 25.27 -34.13 -22.90
CA THR G 398 24.79 -34.84 -21.71
C THR G 398 23.47 -35.55 -22.00
N HIS G 399 22.56 -34.89 -22.72
CA HIS G 399 21.28 -35.51 -23.03
C HIS G 399 21.40 -36.59 -24.10
N GLY G 400 22.21 -36.34 -25.13
CA GLY G 400 22.38 -37.30 -26.19
C GLY G 400 23.19 -38.53 -25.81
N HIS G 401 23.71 -38.58 -24.58
CA HIS G 401 24.42 -39.77 -24.13
C HIS G 401 23.45 -40.94 -24.10
N PRO G 402 23.82 -42.10 -24.66
CA PRO G 402 22.86 -43.21 -24.76
C PRO G 402 22.39 -43.73 -23.42
N TRP G 403 23.15 -43.53 -22.34
CA TRP G 403 22.76 -44.03 -21.03
C TRP G 403 21.86 -43.07 -20.27
N GLY G 404 21.58 -41.90 -20.81
CA GLY G 404 20.70 -40.96 -20.17
C GLY G 404 21.43 -39.69 -19.74
N SER G 405 20.64 -38.67 -19.42
CA SER G 405 21.19 -37.37 -19.03
C SER G 405 22.01 -37.48 -17.75
N ALA G 406 21.54 -38.27 -16.79
CA ALA G 406 22.26 -38.42 -15.52
C ALA G 406 23.64 -39.04 -15.75
N ALA G 407 23.70 -40.10 -16.56
CA ALA G 407 24.97 -40.74 -16.84
C ALA G 407 25.91 -39.82 -17.61
N GLY G 408 25.38 -39.09 -18.59
CA GLY G 408 26.23 -38.13 -19.31
C GLY G 408 26.76 -37.03 -18.41
N ALA G 409 25.92 -36.51 -17.53
CA ALA G 409 26.36 -35.48 -16.59
C ALA G 409 27.42 -36.03 -15.64
N ALA G 410 27.24 -37.26 -15.16
CA ALA G 410 28.25 -37.88 -14.31
C ALA G 410 29.56 -38.08 -15.04
N ALA G 411 29.50 -38.50 -16.30
CA ALA G 411 30.71 -38.68 -17.10
C ALA G 411 31.44 -37.36 -17.29
N ASN G 412 30.71 -36.29 -17.61
CA ASN G 412 31.34 -34.99 -17.77
C ASN G 412 31.92 -34.50 -16.43
N ARG G 413 31.22 -34.77 -15.34
CA ARG G 413 31.70 -34.35 -14.02
C ARG G 413 33.00 -35.06 -13.67
N VAL G 414 33.07 -36.37 -13.87
CA VAL G 414 34.29 -37.09 -13.53
C VAL G 414 35.42 -36.74 -14.51
N ALA G 415 35.09 -36.45 -15.77
CA ALA G 415 36.11 -35.96 -16.70
C ALA G 415 36.69 -34.64 -16.22
N LEU G 416 35.82 -33.72 -15.79
CA LEU G 416 36.30 -32.44 -15.27
C LEU G 416 37.15 -32.63 -14.02
N GLU G 417 36.72 -33.52 -13.13
CA GLU G 417 37.49 -33.79 -11.91
C GLU G 417 38.87 -34.33 -12.24
N ALA G 418 38.94 -35.30 -13.14
CA ALA G 418 40.24 -35.86 -13.53
C ALA G 418 41.12 -34.82 -14.20
N CYS G 419 40.52 -33.98 -15.06
CA CYS G 419 41.30 -32.96 -15.77
C CYS G 419 41.86 -31.94 -14.80
N VAL G 420 41.04 -31.46 -13.86
CA VAL G 420 41.53 -30.48 -12.91
C VAL G 420 42.53 -31.11 -11.94
N LYS G 421 42.37 -32.39 -11.64
CA LYS G 421 43.38 -33.08 -10.83
C LYS G 421 44.72 -33.12 -11.54
N ALA G 422 44.72 -33.52 -12.82
CA ALA G 422 45.95 -33.58 -13.58
C ALA G 422 46.57 -32.20 -13.76
N ARG G 423 45.74 -31.17 -13.95
CA ARG G 423 46.25 -29.81 -14.03
C ARG G 423 46.90 -29.39 -12.72
N ASN G 424 46.24 -29.70 -11.59
CA ASN G 424 46.83 -29.42 -10.29
C ASN G 424 48.08 -30.27 -10.07
N ALA G 425 48.17 -31.43 -10.72
CA ALA G 425 49.36 -32.25 -10.61
C ALA G 425 50.58 -31.61 -11.26
N GLY G 426 50.40 -30.54 -12.02
CA GLY G 426 51.50 -29.91 -12.73
C GLY G 426 51.74 -30.43 -14.12
N ARG G 427 50.72 -31.02 -14.74
CA ARG G 427 50.86 -31.69 -16.03
C ARG G 427 50.30 -30.82 -17.15
N GLU G 428 50.89 -30.96 -18.33
CA GLU G 428 50.41 -30.29 -19.54
C GLU G 428 49.26 -31.11 -20.10
N ILE G 429 48.04 -30.61 -19.88
CA ILE G 429 46.85 -31.42 -20.12
C ILE G 429 46.56 -31.57 -21.62
N GLU G 430 46.91 -30.55 -22.41
CA GLU G 430 46.47 -30.51 -23.80
C GLU G 430 47.02 -31.68 -24.60
N LYS G 431 48.28 -32.04 -24.38
CA LYS G 431 48.90 -33.09 -25.18
C LYS G 431 48.45 -34.48 -24.73
N GLU G 432 48.62 -34.79 -23.45
CA GLU G 432 48.29 -36.11 -22.93
C GLU G 432 46.81 -36.25 -22.58
N SER G 433 45.94 -35.42 -23.15
CA SER G 433 44.52 -35.45 -22.83
C SER G 433 43.92 -36.83 -23.08
N ARG G 434 44.38 -37.51 -24.13
CA ARG G 434 43.86 -38.85 -24.41
C ARG G 434 44.17 -39.82 -23.27
N ASP G 435 45.39 -39.77 -22.73
CA ASP G 435 45.73 -40.60 -21.59
C ASP G 435 44.88 -40.24 -20.38
N ILE G 436 44.64 -38.94 -20.17
CA ILE G 436 43.84 -38.50 -19.03
C ILE G 436 42.43 -39.06 -19.13
N LEU G 437 41.82 -38.96 -20.31
CA LEU G 437 40.45 -39.44 -20.47
C LEU G 437 40.39 -40.97 -20.40
N MET G 438 41.40 -41.67 -20.90
CA MET G 438 41.42 -43.13 -20.76
C MET G 438 41.53 -43.53 -19.29
N GLU G 439 42.40 -42.84 -18.54
CA GLU G 439 42.55 -43.14 -17.11
C GLU G 439 41.25 -42.85 -16.36
N ALA G 440 40.57 -41.77 -16.72
CA ALA G 440 39.26 -41.48 -16.13
C ALA G 440 38.24 -42.57 -16.48
N ALA G 441 38.25 -43.03 -17.73
CA ALA G 441 37.34 -44.08 -18.17
C ALA G 441 37.63 -45.41 -17.50
N LYS G 442 38.85 -45.60 -16.98
CA LYS G 442 39.16 -46.81 -16.24
C LYS G 442 38.31 -46.98 -14.97
N HIS G 443 37.51 -45.98 -14.61
CA HIS G 443 36.56 -46.12 -13.52
C HIS G 443 35.18 -45.58 -13.84
N SER G 444 34.92 -45.17 -15.09
CA SER G 444 33.62 -44.61 -15.49
C SER G 444 33.29 -45.12 -16.89
N PRO G 445 32.59 -46.26 -16.98
CA PRO G 445 32.23 -46.78 -18.30
C PRO G 445 31.38 -45.82 -19.13
N GLU G 446 30.54 -45.02 -18.48
CA GLU G 446 29.77 -44.02 -19.22
C GLU G 446 30.70 -43.00 -19.89
N LEU G 447 31.76 -42.60 -19.19
CA LEU G 447 32.75 -41.73 -19.82
C LEU G 447 33.41 -42.43 -21.00
N ALA G 448 33.70 -43.72 -20.87
CA ALA G 448 34.31 -44.47 -21.96
C ALA G 448 33.41 -44.48 -23.19
N ILE G 449 32.13 -44.78 -23.01
CA ILE G 449 31.24 -44.83 -24.16
C ILE G 449 31.01 -43.43 -24.74
N ALA G 450 30.99 -42.39 -23.90
CA ALA G 450 30.87 -41.03 -24.42
C ALA G 450 32.07 -40.65 -25.28
N LEU G 451 33.28 -40.90 -24.77
CA LEU G 451 34.49 -40.64 -25.55
C LEU G 451 34.51 -41.48 -26.82
N GLU G 452 33.91 -42.68 -26.79
CA GLU G 452 33.75 -43.47 -28.00
C GLU G 452 32.80 -42.82 -28.98
N THR G 453 31.73 -42.18 -28.49
CA THR G 453 30.71 -41.64 -29.38
C THR G 453 31.25 -40.54 -30.27
N TRP G 454 32.05 -39.63 -29.72
CA TRP G 454 32.47 -38.45 -30.47
C TRP G 454 33.99 -38.34 -30.52
N LYS G 455 34.66 -39.44 -30.86
CA LYS G 455 36.11 -39.46 -30.98
C LYS G 455 36.60 -38.50 -32.06
N VAL H 7 22.81 -50.03 -21.31
CA VAL H 7 22.84 -51.22 -20.47
C VAL H 7 23.33 -50.86 -19.07
N GLY H 8 22.50 -51.14 -18.07
CA GLY H 8 22.84 -50.83 -16.70
C GLY H 8 22.49 -49.41 -16.32
N ASP H 9 22.28 -49.22 -15.02
CA ASP H 9 21.92 -47.92 -14.46
C ASP H 9 23.05 -47.39 -13.58
N TYR H 10 23.04 -46.08 -13.37
CA TYR H 10 23.98 -45.42 -12.48
C TYR H 10 23.21 -45.01 -11.21
N GLN H 11 23.46 -45.71 -10.12
CA GLN H 11 22.74 -45.45 -8.88
C GLN H 11 23.21 -44.14 -8.25
N THR H 12 22.28 -43.43 -7.63
CA THR H 12 22.63 -42.21 -6.93
C THR H 12 23.53 -42.52 -5.73
N VAL H 13 24.60 -41.75 -5.60
CA VAL H 13 25.60 -41.98 -4.56
C VAL H 13 25.77 -40.68 -3.77
N ALA H 14 25.77 -40.79 -2.44
CA ALA H 14 26.05 -39.63 -1.59
C ALA H 14 27.52 -39.30 -1.72
N THR H 15 27.83 -38.33 -2.57
CA THR H 15 29.20 -37.98 -2.89
C THR H 15 29.66 -36.79 -2.05
N LEU H 16 30.96 -36.52 -2.14
CA LEU H 16 31.58 -35.60 -1.20
C LEU H 16 32.34 -34.48 -1.89
N GLU H 17 31.68 -33.75 -2.81
CA GLU H 17 32.15 -32.42 -3.19
C GLU H 17 33.53 -32.40 -3.85
N THR H 18 33.59 -32.69 -5.16
CA THR H 18 34.82 -32.53 -5.93
C THR H 18 35.92 -33.52 -5.54
N PHE H 19 35.87 -34.70 -6.16
CA PHE H 19 36.59 -35.94 -5.84
C PHE H 19 35.85 -36.77 -4.81
N GLY H 20 34.55 -36.53 -4.68
CA GLY H 20 33.69 -37.50 -4.02
C GLY H 20 33.35 -38.70 -4.89
N PHE H 21 33.42 -38.52 -6.21
CA PHE H 21 33.10 -39.61 -7.13
C PHE H 21 34.26 -40.60 -7.28
N LEU H 22 35.48 -40.09 -7.41
CA LEU H 22 36.64 -40.94 -7.61
C LEU H 22 36.93 -41.75 -6.36
N PRO H 23 37.63 -42.88 -6.50
CA PRO H 23 38.03 -43.64 -5.33
C PRO H 23 38.91 -42.80 -4.42
N PRO H 24 38.99 -43.15 -3.13
CA PRO H 24 39.77 -42.34 -2.19
C PRO H 24 41.20 -42.16 -2.65
N MET H 25 41.71 -40.94 -2.51
CA MET H 25 43.01 -40.58 -3.05
C MET H 25 44.12 -41.32 -2.30
N THR H 26 45.19 -41.64 -3.03
CA THR H 26 46.35 -42.25 -2.42
C THR H 26 47.21 -41.18 -1.74
N GLN H 27 48.11 -41.64 -0.87
CA GLN H 27 48.91 -40.70 -0.08
C GLN H 27 49.82 -39.86 -0.95
N ASP H 28 50.39 -40.45 -2.02
CA ASP H 28 51.21 -39.68 -2.94
C ASP H 28 50.39 -38.59 -3.63
N GLU H 29 49.12 -38.89 -3.95
CA GLU H 29 48.24 -37.89 -4.52
C GLU H 29 47.96 -36.78 -3.51
N ILE H 30 47.85 -37.11 -2.23
CA ILE H 30 47.71 -36.10 -1.20
C ILE H 30 48.96 -35.21 -1.14
N TYR H 31 50.14 -35.82 -1.25
CA TYR H 31 51.38 -35.06 -1.32
C TYR H 31 51.36 -34.09 -2.48
N ASP H 32 50.93 -34.57 -3.66
CA ASP H 32 50.88 -33.72 -4.84
C ASP H 32 49.88 -32.57 -4.66
N GLN H 33 48.73 -32.86 -4.07
CA GLN H 33 47.72 -31.83 -3.85
C GLN H 33 48.23 -30.76 -2.90
N ILE H 34 48.86 -31.15 -1.78
CA ILE H 34 49.35 -30.16 -0.84
C ILE H 34 50.53 -29.40 -1.43
N ALA H 35 51.35 -30.05 -2.26
CA ALA H 35 52.43 -29.34 -2.94
C ALA H 35 51.87 -28.29 -3.90
N TYR H 36 50.78 -28.63 -4.60
CA TYR H 36 50.12 -27.64 -5.45
C TYR H 36 49.58 -26.48 -4.63
N ILE H 37 48.97 -26.78 -3.49
CA ILE H 37 48.47 -25.72 -2.61
C ILE H 37 49.60 -24.79 -2.19
N ILE H 38 50.76 -25.37 -1.88
CA ILE H 38 51.93 -24.56 -1.54
C ILE H 38 52.36 -23.72 -2.74
N ALA H 39 52.37 -24.31 -3.93
CA ALA H 39 52.82 -23.61 -5.13
C ALA H 39 51.90 -22.47 -5.52
N GLN H 40 50.65 -22.47 -5.07
CA GLN H 40 49.72 -21.40 -5.34
C GLN H 40 49.72 -20.32 -4.27
N GLY H 41 50.54 -20.45 -3.24
CA GLY H 41 50.56 -19.46 -2.18
C GLY H 41 49.40 -19.51 -1.23
N TRP H 42 48.60 -20.58 -1.29
CA TRP H 42 47.45 -20.73 -0.42
C TRP H 42 47.90 -21.28 0.93
N SER H 43 46.94 -21.53 1.83
CA SER H 43 47.26 -22.05 3.16
C SER H 43 46.41 -23.28 3.45
N PRO H 44 47.02 -24.34 3.97
CA PRO H 44 46.25 -25.54 4.31
C PRO H 44 45.38 -25.31 5.53
N LEU H 45 44.23 -25.98 5.53
CA LEU H 45 43.30 -25.93 6.65
C LEU H 45 42.54 -27.25 6.71
N ILE H 46 42.43 -27.81 7.91
CA ILE H 46 41.85 -29.13 8.13
C ILE H 46 40.45 -28.96 8.73
N GLU H 47 39.47 -29.63 8.14
CA GLU H 47 38.09 -29.59 8.60
C GLU H 47 37.61 -31.01 8.84
N HIS H 48 36.97 -31.23 9.99
CA HIS H 48 36.33 -32.50 10.30
C HIS H 48 34.92 -32.23 10.80
N VAL H 49 33.99 -33.12 10.46
CA VAL H 49 32.61 -32.96 10.88
C VAL H 49 31.93 -34.32 10.78
N HIS H 50 30.89 -34.52 11.59
CA HIS H 50 30.13 -35.75 11.53
C HIS H 50 29.42 -35.84 10.19
N PRO H 51 29.38 -37.02 9.56
CA PRO H 51 28.75 -37.12 8.24
C PRO H 51 27.28 -36.75 8.23
N SER H 52 26.59 -36.86 9.37
CA SER H 52 25.18 -36.49 9.42
C SER H 52 24.97 -35.00 9.17
N ARG H 53 25.97 -34.17 9.47
CA ARG H 53 25.89 -32.73 9.31
C ARG H 53 26.68 -32.22 8.11
N SER H 54 26.75 -33.02 7.04
CA SER H 54 27.50 -32.61 5.87
C SER H 54 26.90 -31.38 5.21
N MET H 55 25.61 -31.13 5.41
CA MET H 55 24.92 -30.02 4.79
C MET H 55 25.14 -28.69 5.52
N ALA H 56 25.89 -28.69 6.61
CA ALA H 56 26.19 -27.45 7.31
C ALA H 56 27.11 -26.57 6.48
N THR H 57 27.23 -25.31 6.89
CA THR H 57 28.06 -24.34 6.19
C THR H 57 29.50 -24.32 6.68
N TYR H 58 29.72 -24.53 7.98
CA TYR H 58 31.07 -24.50 8.56
C TYR H 58 31.31 -25.80 9.30
N TRP H 59 32.42 -26.45 8.99
CA TRP H 59 32.81 -27.68 9.68
C TRP H 59 33.68 -27.35 10.89
N SER H 60 33.91 -28.34 11.73
CA SER H 60 34.74 -28.16 12.92
C SER H 60 36.19 -28.08 12.48
N TYR H 61 36.80 -26.91 12.64
CA TYR H 61 38.16 -26.68 12.17
C TYR H 61 39.18 -27.27 13.14
N TRP H 62 40.28 -27.75 12.58
CA TRP H 62 41.43 -28.20 13.37
C TRP H 62 42.24 -26.98 13.80
N LYS H 63 43.48 -27.20 14.24
CA LYS H 63 44.38 -26.10 14.62
C LYS H 63 44.40 -25.02 13.54
N LEU H 64 44.69 -23.79 13.93
CA LEU H 64 44.54 -22.64 13.06
C LEU H 64 45.30 -22.83 11.74
N PRO H 65 44.85 -22.20 10.66
CA PRO H 65 45.52 -22.39 9.36
C PRO H 65 46.99 -22.00 9.44
N PHE H 66 47.81 -22.76 8.73
CA PHE H 66 49.26 -22.63 8.81
C PHE H 66 49.73 -21.67 7.73
N PHE H 67 50.15 -20.47 8.13
CA PHE H 67 50.59 -19.43 7.22
C PHE H 67 52.12 -19.39 7.23
N GLY H 68 52.70 -19.37 6.04
CA GLY H 68 54.15 -19.50 5.90
C GLY H 68 54.66 -20.91 5.97
N GLU H 69 53.77 -21.90 6.13
CA GLU H 69 54.17 -23.29 6.21
C GLU H 69 54.34 -23.85 4.79
N LYS H 70 55.54 -24.36 4.48
CA LYS H 70 55.86 -24.84 3.15
C LYS H 70 56.36 -26.28 3.15
N ASP H 71 56.05 -27.04 4.20
CA ASP H 71 56.51 -28.42 4.32
C ASP H 71 55.32 -29.37 4.19
N LEU H 72 55.51 -30.42 3.40
CA LEU H 72 54.44 -31.40 3.21
C LEU H 72 54.32 -32.33 4.42
N GLY H 73 55.45 -32.68 5.05
CA GLY H 73 55.43 -33.66 6.11
C GLY H 73 54.62 -33.25 7.31
N VAL H 74 54.71 -31.98 7.69
CA VAL H 74 53.91 -31.49 8.83
C VAL H 74 52.42 -31.54 8.48
N ILE H 75 52.08 -31.24 7.23
CA ILE H 75 50.68 -31.30 6.80
C ILE H 75 50.18 -32.74 6.89
N VAL H 76 50.99 -33.70 6.44
CA VAL H 76 50.58 -35.09 6.51
C VAL H 76 50.43 -35.55 7.96
N SER H 77 51.35 -35.12 8.82
CA SER H 77 51.27 -35.48 10.24
C SER H 77 50.00 -34.91 10.87
N GLU H 78 49.66 -33.67 10.55
CA GLU H 78 48.43 -33.08 11.06
C GLU H 78 47.21 -33.82 10.52
N LEU H 79 47.25 -34.23 9.25
CA LEU H 79 46.13 -34.96 8.67
C LEU H 79 45.91 -36.28 9.39
N GLU H 80 46.99 -37.04 9.62
CA GLU H 80 46.82 -38.33 10.29
C GLU H 80 46.43 -38.14 11.75
N ALA H 81 46.94 -37.10 12.41
CA ALA H 81 46.55 -36.83 13.79
C ALA H 81 45.06 -36.49 13.89
N CYS H 82 44.57 -35.63 13.00
CA CYS H 82 43.16 -35.28 13.04
C CYS H 82 42.28 -36.46 12.64
N HIS H 83 42.77 -37.30 11.72
CA HIS H 83 42.03 -38.51 11.37
C HIS H 83 41.90 -39.43 12.57
N ARG H 84 42.98 -39.61 13.34
CA ARG H 84 42.90 -40.40 14.57
C ARG H 84 42.06 -39.72 15.63
N ALA H 85 41.93 -38.39 15.59
CA ALA H 85 41.09 -37.69 16.57
C ALA H 85 39.63 -38.04 16.39
N TYR H 86 39.14 -38.00 15.14
CA TYR H 86 37.75 -38.33 14.82
C TYR H 86 37.73 -39.30 13.64
N PRO H 87 38.00 -40.58 13.89
CA PRO H 87 38.03 -41.57 12.80
C PRO H 87 36.66 -41.90 12.23
N ASP H 88 35.58 -41.34 12.77
CA ASP H 88 34.25 -41.53 12.24
C ASP H 88 33.70 -40.30 11.54
N HIS H 89 34.39 -39.17 11.60
CA HIS H 89 33.96 -37.95 10.93
C HIS H 89 34.54 -37.88 9.52
N HIS H 90 33.90 -37.08 8.68
CA HIS H 90 34.44 -36.74 7.38
C HIS H 90 35.52 -35.68 7.55
N VAL H 91 36.70 -35.92 6.97
CA VAL H 91 37.84 -35.03 7.10
C VAL H 91 38.26 -34.58 5.72
N ARG H 92 38.33 -33.26 5.51
CA ARG H 92 38.72 -32.68 4.23
C ARG H 92 39.82 -31.65 4.45
N LEU H 93 40.54 -31.36 3.36
CA LEU H 93 41.63 -30.39 3.36
C LEU H 93 41.30 -29.26 2.40
N VAL H 94 41.48 -28.02 2.85
CA VAL H 94 41.08 -26.85 2.10
C VAL H 94 42.27 -25.90 1.98
N GLY H 95 42.47 -25.35 0.78
CA GLY H 95 43.46 -24.33 0.56
C GLY H 95 42.81 -22.96 0.53
N TYR H 96 43.27 -22.07 1.40
CA TYR H 96 42.68 -20.76 1.56
C TYR H 96 43.54 -19.70 0.88
N ASP H 97 42.92 -18.84 0.08
CA ASP H 97 43.58 -17.74 -0.59
C ASP H 97 43.21 -16.45 0.13
N ALA H 98 44.22 -15.78 0.70
CA ALA H 98 43.96 -14.56 1.45
C ALA H 98 43.59 -13.40 0.54
N TYR H 99 44.17 -13.35 -0.67
CA TYR H 99 43.96 -12.21 -1.56
C TYR H 99 42.60 -12.21 -2.24
N THR H 100 41.93 -13.36 -2.31
CA THR H 100 40.61 -13.45 -2.91
C THR H 100 39.52 -13.87 -1.95
N GLN H 101 39.86 -14.22 -0.71
CA GLN H 101 38.89 -14.59 0.33
C GLN H 101 37.97 -15.73 -0.13
N SER H 102 38.57 -16.72 -0.80
CA SER H 102 37.83 -17.87 -1.27
C SER H 102 38.64 -19.13 -0.99
N GLN H 103 38.06 -20.29 -1.31
CA GLN H 103 38.74 -21.57 -1.16
C GLN H 103 39.33 -21.94 -2.51
N GLY H 104 40.65 -21.86 -2.62
CA GLY H 104 41.29 -22.16 -3.89
C GLY H 104 41.12 -23.60 -4.33
N ALA H 105 41.13 -24.53 -3.38
CA ALA H 105 40.95 -25.95 -3.68
C ALA H 105 40.58 -26.67 -2.39
N CYS H 106 39.64 -27.60 -2.48
CA CYS H 106 39.19 -28.35 -1.31
C CYS H 106 38.65 -29.70 -1.76
N PHE H 107 38.93 -30.72 -0.97
CA PHE H 107 38.45 -32.07 -1.24
C PHE H 107 38.61 -32.90 0.02
N VAL H 108 37.83 -34.00 0.08
CA VAL H 108 37.85 -34.86 1.26
C VAL H 108 39.08 -35.77 1.22
N VAL H 109 39.67 -35.98 2.39
CA VAL H 109 40.82 -36.88 2.54
C VAL H 109 40.41 -38.20 3.18
N PHE H 110 39.71 -38.14 4.30
CA PHE H 110 39.22 -39.32 5.00
C PHE H 110 37.71 -39.27 5.10
N GLU H 111 37.06 -40.38 4.76
CA GLU H 111 35.62 -40.52 4.92
C GLU H 111 35.33 -41.41 6.13
N GLY H 112 34.30 -41.05 6.88
CA GLY H 112 34.00 -41.76 8.11
C GLY H 112 33.42 -43.14 7.86
N ARG H 113 33.35 -43.91 8.93
CA ARG H 113 32.79 -45.27 8.87
C ARG H 113 31.31 -45.24 8.53
N GLU I 11 -9.65 -7.24 57.46
CA GLU I 11 -9.19 -5.89 57.71
C GLU I 11 -8.05 -5.51 56.75
N TYR I 12 -8.22 -4.38 56.08
CA TYR I 12 -7.23 -3.89 55.14
C TYR I 12 -6.68 -2.51 55.48
N ARG I 13 -7.12 -1.90 56.58
CA ARG I 13 -6.63 -0.58 56.95
C ARG I 13 -5.13 -0.58 57.20
N ASP I 14 -4.62 -1.66 57.82
CA ASP I 14 -3.24 -1.71 58.28
C ASP I 14 -2.25 -1.48 57.14
N THR I 15 -2.60 -1.87 55.93
CA THR I 15 -1.72 -1.69 54.78
C THR I 15 -2.30 -0.80 53.69
N TYR I 16 -3.56 -0.38 53.80
CA TYR I 16 -4.16 0.48 52.79
C TYR I 16 -4.84 1.71 53.37
N TRP I 17 -4.63 2.03 54.64
CA TRP I 17 -5.00 3.32 55.20
C TRP I 17 -3.76 3.97 55.80
N THR I 18 -3.47 5.19 55.34
CA THR I 18 -2.25 5.89 55.74
C THR I 18 -2.61 7.09 56.61
N PRO I 19 -2.43 7.03 57.93
CA PRO I 19 -2.86 8.13 58.79
C PRO I 19 -2.07 9.42 58.59
N ASP I 20 -0.81 9.35 58.14
CA ASP I 20 0.04 10.54 58.08
C ASP I 20 0.82 10.65 56.78
N TYR I 21 0.37 9.99 55.71
CA TYR I 21 1.07 10.06 54.45
C TYR I 21 0.71 11.35 53.71
N VAL I 22 1.71 11.92 53.05
CA VAL I 22 1.56 13.13 52.23
C VAL I 22 1.75 12.72 50.78
N PRO I 23 0.79 13.00 49.89
CA PRO I 23 0.92 12.56 48.49
C PRO I 23 2.14 13.17 47.81
N LEU I 24 2.75 12.38 46.93
CA LEU I 24 3.82 12.86 46.09
C LEU I 24 3.24 13.63 44.90
N ASP I 25 4.00 14.61 44.42
CA ASP I 25 3.58 15.49 43.33
C ASP I 25 3.45 14.79 41.99
N THR I 26 3.90 13.54 41.87
CA THR I 26 3.74 12.74 40.68
C THR I 26 2.65 11.69 40.82
N ASP I 27 1.95 11.67 41.94
CA ASP I 27 0.91 10.69 42.18
C ASP I 27 -0.40 11.15 41.53
N LEU I 28 -1.31 10.20 41.36
CA LEU I 28 -2.65 10.50 40.90
C LEU I 28 -3.58 10.47 42.11
N LEU I 29 -4.22 11.60 42.38
CA LEU I 29 -5.07 11.76 43.57
C LEU I 29 -6.54 11.70 43.15
N ALA I 30 -7.31 10.87 43.83
CA ALA I 30 -8.71 10.66 43.51
C ALA I 30 -9.56 10.90 44.75
N CYS I 31 -10.72 11.52 44.55
CA CYS I 31 -11.67 11.80 45.62
C CYS I 31 -12.92 10.97 45.41
N PHE I 32 -13.33 10.23 46.43
CA PHE I 32 -14.51 9.38 46.36
C PHE I 32 -15.46 9.78 47.48
N LYS I 33 -16.72 10.06 47.14
CA LYS I 33 -17.76 10.21 48.15
C LYS I 33 -18.32 8.84 48.45
N CYS I 34 -18.01 8.31 49.64
CA CYS I 34 -18.27 6.90 49.96
C CYS I 34 -19.32 6.78 51.05
N THR I 35 -20.19 5.80 50.90
CA THR I 35 -21.15 5.41 51.93
C THR I 35 -21.08 3.90 52.08
N GLY I 36 -20.43 3.44 53.15
CA GLY I 36 -20.39 2.03 53.46
C GLY I 36 -21.69 1.58 54.10
N GLN I 37 -21.70 0.32 54.52
CA GLN I 37 -22.86 -0.19 55.25
C GLN I 37 -22.98 0.49 56.60
N GLU I 38 -24.15 0.37 57.22
CA GLU I 38 -24.38 1.04 58.49
C GLU I 38 -23.49 0.45 59.58
N GLY I 39 -22.90 1.35 60.38
CA GLY I 39 -22.05 0.93 61.48
C GLY I 39 -20.77 0.22 61.07
N VAL I 40 -20.14 0.66 59.98
CA VAL I 40 -18.86 0.09 59.58
C VAL I 40 -17.77 1.14 59.78
N PRO I 41 -16.53 0.73 60.02
CA PRO I 41 -15.43 1.70 60.10
C PRO I 41 -15.23 2.43 58.78
N LYS I 42 -15.27 3.75 58.84
CA LYS I 42 -15.07 4.57 57.64
C LYS I 42 -13.66 4.39 57.09
N GLU I 43 -12.67 4.28 57.98
CA GLU I 43 -11.31 4.02 57.53
C GLU I 43 -11.21 2.68 56.82
N GLU I 44 -11.90 1.66 57.36
CA GLU I 44 -11.84 0.33 56.76
C GLU I 44 -12.46 0.32 55.37
N VAL I 45 -13.62 0.96 55.20
CA VAL I 45 -14.27 0.97 53.88
C VAL I 45 -13.47 1.81 52.89
N ALA I 46 -12.88 2.92 53.35
CA ALA I 46 -12.02 3.71 52.47
C ALA I 46 -10.81 2.90 52.02
N ALA I 47 -10.21 2.13 52.94
CA ALA I 47 -9.07 1.31 52.58
C ALA I 47 -9.50 0.18 51.65
N ALA I 48 -10.70 -0.35 51.85
CA ALA I 48 -11.23 -1.36 50.95
C ALA I 48 -11.42 -0.82 49.54
N VAL I 49 -11.93 0.40 49.41
CA VAL I 49 -12.07 1.02 48.10
C VAL I 49 -10.69 1.22 47.46
N ALA I 50 -9.74 1.73 48.25
CA ALA I 50 -8.40 1.97 47.72
C ALA I 50 -7.75 0.68 47.24
N ALA I 51 -7.88 -0.40 48.03
CA ALA I 51 -7.32 -1.67 47.61
C ALA I 51 -8.03 -2.22 46.38
N GLU I 52 -9.36 -2.16 46.38
CA GLU I 52 -10.15 -2.65 45.25
C GLU I 52 -9.83 -1.91 43.97
N SER I 53 -9.24 -0.71 44.07
CA SER I 53 -8.70 -0.04 42.90
C SER I 53 -7.38 -0.65 42.44
N SER I 54 -6.57 -1.17 43.36
CA SER I 54 -5.27 -1.72 42.98
C SER I 54 -5.15 -3.21 43.25
N THR I 55 -5.39 -3.64 44.50
CA THR I 55 -5.06 -4.99 44.93
C THR I 55 -6.18 -5.59 45.77
N GLY I 56 -6.48 -6.88 45.51
CA GLY I 56 -7.49 -7.57 46.27
C GLY I 56 -7.29 -9.08 46.34
N THR I 57 -7.21 -9.61 47.56
CA THR I 57 -7.07 -11.05 47.78
C THR I 57 -8.01 -11.49 48.88
N TRP I 58 -8.51 -12.72 48.76
CA TRP I 58 -9.42 -13.27 49.74
C TRP I 58 -8.72 -14.04 50.85
N SER I 59 -7.42 -14.33 50.71
CA SER I 59 -6.66 -15.04 51.72
C SER I 59 -5.18 -14.81 51.45
N THR I 60 -4.34 -15.54 52.18
CA THR I 60 -2.89 -15.42 52.00
C THR I 60 -2.50 -15.86 50.60
N VAL I 61 -1.59 -15.10 49.98
CA VAL I 61 -1.22 -15.31 48.59
C VAL I 61 0.30 -15.34 48.46
N TRP I 62 0.79 -15.91 47.36
CA TRP I 62 2.21 -16.14 47.17
C TRP I 62 2.85 -15.17 46.18
N SER I 63 2.25 -14.99 45.01
CA SER I 63 2.90 -14.25 43.93
C SER I 63 3.14 -12.79 44.28
N GLU I 64 2.39 -12.25 45.24
CA GLU I 64 2.57 -10.87 45.65
C GLU I 64 3.89 -10.65 46.38
N LEU I 65 4.60 -11.71 46.74
CA LEU I 65 5.93 -11.58 47.33
C LEU I 65 7.03 -11.54 46.28
N LEU I 66 6.71 -11.70 45.00
CA LEU I 66 7.68 -11.55 43.93
C LEU I 66 7.74 -10.13 43.37
N VAL I 67 6.75 -9.31 43.67
CA VAL I 67 6.76 -7.89 43.29
C VAL I 67 6.44 -7.09 44.54
N ASP I 68 7.11 -5.94 44.69
CA ASP I 68 6.94 -5.15 45.90
C ASP I 68 5.55 -4.51 45.93
N LEU I 69 4.61 -5.18 46.62
CA LEU I 69 3.27 -4.63 46.77
C LEU I 69 3.29 -3.30 47.52
N ASP I 70 4.32 -3.06 48.33
CA ASP I 70 4.40 -1.83 49.11
C ASP I 70 4.47 -0.61 48.21
N PHE I 71 5.25 -0.69 47.12
CA PHE I 71 5.41 0.43 46.20
C PHE I 71 4.28 0.55 45.19
N TYR I 72 3.78 -0.56 44.70
CA TYR I 72 2.69 -0.56 43.71
C TYR I 72 1.34 -0.78 44.41
N LYS I 73 0.96 0.20 45.23
CA LYS I 73 -0.33 0.15 45.89
C LYS I 73 -0.81 1.58 46.13
N GLY I 74 -2.13 1.75 46.13
CA GLY I 74 -2.71 3.05 46.42
C GLY I 74 -2.69 3.37 47.90
N ARG I 75 -2.88 4.65 48.20
CA ARG I 75 -2.89 5.12 49.58
C ARG I 75 -4.03 6.11 49.75
N CYS I 76 -5.05 5.71 50.50
CA CYS I 76 -6.05 6.64 51.00
C CYS I 76 -5.48 7.35 52.22
N TYR I 77 -5.33 8.67 52.14
CA TYR I 77 -4.60 9.45 53.14
C TYR I 77 -5.46 10.45 53.89
N ARG I 78 -6.72 10.64 53.51
CA ARG I 78 -7.54 11.63 54.20
C ARG I 78 -9.01 11.29 54.06
N ILE I 79 -9.69 11.21 55.19
CA ILE I 79 -11.14 11.05 55.26
C ILE I 79 -11.71 12.32 55.86
N GLU I 80 -12.57 12.99 55.12
CA GLU I 80 -13.20 14.24 55.54
C GLU I 80 -14.71 14.06 55.57
N ASP I 81 -15.36 14.77 56.51
CA ASP I 81 -16.79 14.65 56.71
C ASP I 81 -17.52 15.48 55.66
N VAL I 82 -18.44 14.86 54.93
CA VAL I 82 -19.16 15.56 53.87
C VAL I 82 -20.08 16.62 54.50
N PRO I 83 -20.10 17.85 54.00
CA PRO I 83 -21.01 18.85 54.58
C PRO I 83 -22.46 18.61 54.16
N GLY I 84 -23.17 17.79 54.92
CA GLY I 84 -24.56 17.50 54.64
C GLY I 84 -24.99 16.09 54.98
N ASP I 85 -24.03 15.16 54.99
CA ASP I 85 -24.28 13.80 55.43
C ASP I 85 -23.11 13.31 56.26
N LYS I 86 -23.41 12.72 57.41
CA LYS I 86 -22.38 12.16 58.27
C LYS I 86 -22.12 10.68 57.97
N GLU I 87 -22.97 10.03 57.18
CA GLU I 87 -22.67 8.70 56.69
C GLU I 87 -21.84 8.73 55.42
N ALA I 88 -22.10 9.69 54.53
CA ALA I 88 -21.26 9.91 53.37
C ALA I 88 -20.01 10.70 53.76
N PHE I 89 -18.86 10.28 53.23
CA PHE I 89 -17.61 10.94 53.57
C PHE I 89 -16.72 11.02 52.34
N TYR I 90 -16.00 12.12 52.21
CA TYR I 90 -15.01 12.27 51.15
C TYR I 90 -13.74 11.52 51.52
N ALA I 91 -13.24 10.73 50.57
CA ALA I 91 -12.02 9.96 50.75
C ALA I 91 -11.05 10.31 49.64
N PHE I 92 -9.80 10.59 50.01
CA PHE I 92 -8.76 10.98 49.08
C PHE I 92 -7.75 9.84 48.98
N ILE I 93 -7.66 9.22 47.81
CA ILE I 93 -6.80 8.06 47.57
C ILE I 93 -5.70 8.46 46.61
N ALA I 94 -4.47 8.08 46.95
CA ALA I 94 -3.31 8.34 46.10
C ALA I 94 -3.02 7.14 45.22
N TYR I 95 -2.32 7.40 44.12
CA TYR I 95 -1.93 6.34 43.18
C TYR I 95 -0.53 6.61 42.66
N PRO I 96 0.40 5.67 42.80
CA PRO I 96 1.71 5.83 42.16
C PRO I 96 1.58 5.97 40.65
N LEU I 97 2.45 6.80 40.08
CA LEU I 97 2.35 7.16 38.67
C LEU I 97 2.42 5.93 37.76
N ASP I 98 3.13 4.89 38.20
CA ASP I 98 3.36 3.72 37.36
C ASP I 98 2.12 2.86 37.16
N LEU I 99 1.04 3.11 37.89
CA LEU I 99 -0.16 2.28 37.77
C LEU I 99 -0.96 2.55 36.51
N PHE I 100 -0.50 3.38 35.57
CA PHE I 100 -1.32 3.76 34.42
C PHE I 100 -0.45 3.75 33.17
N GLU I 101 -1.09 3.96 32.03
CA GLU I 101 -0.43 4.06 30.74
C GLU I 101 -0.07 5.52 30.46
N GLU I 102 0.98 5.71 29.68
CA GLU I 102 1.46 7.06 29.35
C GLU I 102 0.51 7.73 28.35
N GLY I 103 -0.55 8.36 28.86
CA GLY I 103 -1.49 9.05 28.02
C GLY I 103 -2.69 8.24 27.58
N SER I 104 -3.20 7.37 28.44
CA SER I 104 -4.38 6.57 28.13
C SER I 104 -5.45 6.90 29.16
N VAL I 105 -6.41 7.74 28.79
CA VAL I 105 -7.54 8.01 29.67
C VAL I 105 -8.34 6.74 29.89
N THR I 106 -8.36 5.86 28.89
CA THR I 106 -9.05 4.58 29.02
C THR I 106 -8.45 3.77 30.16
N ASN I 107 -7.12 3.73 30.24
CA ASN I 107 -6.45 3.02 31.32
C ASN I 107 -6.77 3.64 32.67
N VAL I 108 -6.85 4.98 32.72
CA VAL I 108 -7.20 5.65 33.96
C VAL I 108 -8.59 5.23 34.41
N LEU I 109 -9.56 5.22 33.49
CA LEU I 109 -10.92 4.82 33.88
C LEU I 109 -10.97 3.37 34.31
N THR I 110 -10.26 2.48 33.60
CA THR I 110 -10.24 1.07 33.98
C THR I 110 -9.64 0.88 35.37
N SER I 111 -8.54 1.58 35.66
CA SER I 111 -7.89 1.43 36.96
C SER I 111 -8.65 2.13 38.07
N LEU I 112 -9.51 3.09 37.75
CA LEU I 112 -10.21 3.83 38.79
C LEU I 112 -11.58 3.25 39.12
N VAL I 113 -12.38 2.89 38.12
CA VAL I 113 -13.75 2.43 38.35
C VAL I 113 -14.00 1.07 37.73
N GLY I 114 -12.92 0.33 37.44
CA GLY I 114 -13.08 -0.95 36.76
C GLY I 114 -13.85 -1.97 37.58
N ASN I 115 -13.49 -2.11 38.85
CA ASN I 115 -14.10 -3.12 39.72
C ASN I 115 -14.55 -2.59 41.08
N VAL I 116 -14.24 -1.34 41.42
CA VAL I 116 -14.53 -0.84 42.76
C VAL I 116 -16.02 -0.77 43.02
N PHE I 117 -16.82 -0.53 41.98
CA PHE I 117 -18.26 -0.35 42.15
C PHE I 117 -19.00 -1.66 42.43
N GLY I 118 -18.33 -2.79 42.39
CA GLY I 118 -18.96 -4.07 42.62
C GLY I 118 -18.81 -4.65 44.01
N PHE I 119 -18.08 -3.99 44.90
CA PHE I 119 -17.85 -4.51 46.24
C PHE I 119 -19.11 -4.31 47.09
N LYS I 120 -19.52 -5.39 47.77
CA LYS I 120 -20.76 -5.36 48.55
C LYS I 120 -20.65 -4.47 49.78
N ALA I 121 -19.45 -4.25 50.30
CA ALA I 121 -19.29 -3.48 51.53
C ALA I 121 -19.48 -1.98 51.33
N LEU I 122 -19.97 -1.52 50.17
CA LEU I 122 -20.20 -0.10 49.92
C LEU I 122 -21.64 0.09 49.49
N ARG I 123 -22.42 0.85 50.28
CA ARG I 123 -23.79 1.16 49.88
C ARG I 123 -23.81 2.02 48.62
N HIS I 124 -22.96 3.07 48.59
CA HIS I 124 -22.86 3.93 47.43
C HIS I 124 -21.42 4.41 47.29
N LEU I 125 -21.00 4.65 46.06
CA LEU I 125 -19.69 5.18 45.76
C LEU I 125 -19.79 6.17 44.61
N ARG I 126 -19.17 7.33 44.77
CA ARG I 126 -19.19 8.35 43.73
C ARG I 126 -17.80 8.95 43.57
N LEU I 127 -17.30 8.94 42.34
CA LEU I 127 -16.03 9.57 42.03
C LEU I 127 -16.24 11.07 41.86
N GLU I 128 -15.56 11.86 42.70
CA GLU I 128 -15.80 13.31 42.74
C GLU I 128 -14.74 14.09 41.97
N ASP I 129 -13.46 13.95 42.35
CA ASP I 129 -12.40 14.77 41.77
C ASP I 129 -11.16 13.93 41.54
N ILE I 130 -10.38 14.33 40.53
CA ILE I 130 -9.13 13.67 40.18
C ILE I 130 -8.06 14.74 40.01
N ARG I 131 -6.90 14.53 40.63
CA ARG I 131 -5.77 15.45 40.48
C ARG I 131 -4.72 14.76 39.61
N PHE I 132 -4.76 15.07 38.32
CA PHE I 132 -3.82 14.45 37.39
C PHE I 132 -2.44 15.07 37.55
N PRO I 133 -1.39 14.27 37.67
CA PRO I 133 -0.04 14.83 37.75
C PRO I 133 0.37 15.49 36.44
N MET I 134 1.28 16.46 36.56
CA MET I 134 1.75 17.19 35.38
C MET I 134 2.36 16.24 34.35
N ALA I 135 3.05 15.20 34.81
CA ALA I 135 3.69 14.26 33.90
C ALA I 135 2.66 13.56 33.01
N PHE I 136 1.62 13.00 33.63
CA PHE I 136 0.60 12.28 32.86
C PHE I 136 -0.12 13.22 31.89
N ILE I 137 -0.33 14.47 32.28
CA ILE I 137 -0.93 15.44 31.36
C ILE I 137 0.00 15.70 30.19
N LYS I 138 1.31 15.82 30.45
CA LYS I 138 2.26 16.04 29.35
C LYS I 138 2.38 14.81 28.45
N THR I 139 2.04 13.63 28.94
CA THR I 139 2.10 12.43 28.11
C THR I 139 0.94 12.37 27.12
N CYS I 140 -0.26 12.78 27.54
CA CYS I 140 -1.43 12.63 26.69
C CYS I 140 -1.37 13.59 25.51
N PRO I 141 -1.97 13.23 24.36
CA PRO I 141 -1.96 14.13 23.21
C PRO I 141 -2.65 15.46 23.46
N GLY I 142 -3.73 15.47 24.26
CA GLY I 142 -4.46 16.68 24.53
C GLY I 142 -5.30 17.13 23.36
N PRO I 143 -6.00 18.25 23.51
CA PRO I 143 -6.79 18.79 22.41
C PRO I 143 -5.93 19.08 21.20
N PRO I 144 -6.43 18.79 20.00
CA PRO I 144 -5.59 18.99 18.80
C PRO I 144 -5.30 20.45 18.51
N ASN I 145 -6.24 21.36 18.76
CA ASN I 145 -6.05 22.77 18.41
C ASN I 145 -5.92 23.66 19.64
N GLY I 146 -6.93 23.68 20.50
CA GLY I 146 -6.95 24.58 21.64
C GLY I 146 -7.86 25.77 21.42
N ILE I 147 -8.09 26.52 22.50
CA ILE I 147 -9.03 27.63 22.48
C ILE I 147 -8.53 28.74 21.56
N CYS I 148 -7.33 29.25 21.84
CA CYS I 148 -6.79 30.36 21.05
C CYS I 148 -6.56 29.94 19.61
N VAL I 149 -6.13 28.70 19.39
CA VAL I 149 -5.89 28.22 18.03
C VAL I 149 -7.19 28.12 17.25
N GLU I 150 -8.26 27.66 17.90
CA GLU I 150 -9.56 27.65 17.24
C GLU I 150 -10.02 29.06 16.91
N ARG I 151 -9.83 29.99 17.85
CA ARG I 151 -10.19 31.38 17.58
C ARG I 151 -9.41 31.93 16.38
N ASP I 152 -8.12 31.59 16.29
CA ASP I 152 -7.32 32.02 15.16
C ASP I 152 -7.83 31.40 13.85
N ARG I 153 -8.15 30.11 13.87
CA ARG I 153 -8.60 29.43 12.67
C ARG I 153 -9.98 29.89 12.22
N MET I 154 -10.80 30.41 13.14
CA MET I 154 -12.10 30.96 12.78
C MET I 154 -12.10 32.48 12.69
N ASN I 155 -11.05 33.14 13.19
CA ASN I 155 -10.97 34.61 13.19
C ASN I 155 -12.18 35.24 13.87
N LYS I 156 -12.62 34.64 14.97
CA LYS I 156 -13.77 35.11 15.72
C LYS I 156 -13.34 35.42 17.15
N TYR I 157 -13.63 36.64 17.60
CA TYR I 157 -13.21 37.10 18.91
C TYR I 157 -14.29 38.02 19.46
N GLY I 158 -14.03 38.61 20.63
CA GLY I 158 -14.93 39.59 21.21
C GLY I 158 -16.17 39.00 21.84
N ARG I 159 -16.82 38.08 21.14
CA ARG I 159 -18.07 37.49 21.54
C ARG I 159 -17.95 35.98 21.63
N PRO I 160 -18.78 35.33 22.43
CA PRO I 160 -18.93 33.87 22.31
C PRO I 160 -19.55 33.52 20.96
N LEU I 161 -19.37 32.26 20.58
CA LEU I 161 -19.85 31.79 19.29
C LEU I 161 -21.27 31.23 19.43
N LEU I 162 -21.97 31.16 18.30
CA LEU I 162 -23.39 30.85 18.27
C LEU I 162 -23.63 29.65 17.36
N GLY I 163 -24.16 28.56 17.92
CA GLY I 163 -24.53 27.38 17.16
C GLY I 163 -26.01 27.11 17.23
N CYS I 164 -26.40 25.98 16.65
CA CYS I 164 -27.77 25.50 16.73
C CYS I 164 -27.83 24.07 16.22
N THR I 165 -28.62 23.24 16.90
CA THR I 165 -28.89 21.90 16.40
C THR I 165 -29.91 21.96 15.27
N ILE I 166 -29.69 21.13 14.26
CA ILE I 166 -30.60 21.10 13.11
C ILE I 166 -31.84 20.31 13.49
N LYS I 167 -32.96 21.00 13.67
CA LYS I 167 -34.27 20.41 13.94
C LYS I 167 -35.03 20.20 12.64
N PRO I 168 -35.82 19.13 12.52
CA PRO I 168 -36.09 18.07 13.52
C PRO I 168 -34.90 17.15 13.74
N LYS I 169 -35.02 16.21 14.69
CA LYS I 169 -33.90 15.34 15.03
C LYS I 169 -33.46 14.49 13.85
N LEU I 170 -34.34 14.19 12.92
CA LEU I 170 -34.02 13.36 11.76
C LEU I 170 -35.10 13.56 10.70
N GLY I 171 -34.99 12.81 9.61
CA GLY I 171 -35.93 12.84 8.52
C GLY I 171 -35.49 13.63 7.31
N LEU I 172 -34.42 14.41 7.41
CA LEU I 172 -34.00 15.27 6.32
C LEU I 172 -33.14 14.51 5.32
N SER I 173 -33.35 14.80 4.03
CA SER I 173 -32.46 14.30 2.99
C SER I 173 -31.23 15.19 2.91
N GLY I 174 -30.28 14.78 2.07
CA GLY I 174 -29.06 15.54 1.92
C GLY I 174 -29.30 16.98 1.50
N LYS I 175 -30.13 17.16 0.47
CA LYS I 175 -30.43 18.51 0.00
C LYS I 175 -31.18 19.32 1.05
N ASN I 176 -32.20 18.71 1.68
CA ASN I 176 -32.98 19.42 2.68
C ASN I 176 -32.13 19.77 3.90
N TYR I 177 -31.32 18.82 4.38
CA TYR I 177 -30.45 19.09 5.50
C TYR I 177 -29.46 20.19 5.15
N GLY I 178 -28.88 20.15 3.95
CA GLY I 178 -27.94 21.17 3.55
C GLY I 178 -28.56 22.55 3.47
N ARG I 179 -29.77 22.64 2.90
CA ARG I 179 -30.40 23.96 2.78
C ARG I 179 -30.83 24.49 4.14
N VAL I 180 -31.27 23.61 5.05
CA VAL I 180 -31.59 24.07 6.40
C VAL I 180 -30.33 24.58 7.10
N VAL I 181 -29.22 23.86 6.95
CA VAL I 181 -27.97 24.31 7.54
C VAL I 181 -27.55 25.66 6.95
N TYR I 182 -27.72 25.81 5.63
CA TYR I 182 -27.37 27.08 4.98
C TYR I 182 -28.24 28.22 5.51
N GLU I 183 -29.54 27.99 5.67
CA GLU I 183 -30.43 29.02 6.19
C GLU I 183 -30.05 29.41 7.62
N CYS I 184 -29.70 28.41 8.45
CA CYS I 184 -29.24 28.72 9.79
C CYS I 184 -27.92 29.49 9.78
N LEU I 185 -27.00 29.12 8.88
CA LEU I 185 -25.66 29.68 8.91
C LEU I 185 -25.62 31.10 8.37
N ARG I 186 -26.41 31.39 7.33
CA ARG I 186 -26.35 32.70 6.70
C ARG I 186 -26.86 33.82 7.58
N GLY I 187 -27.50 33.51 8.71
CA GLY I 187 -27.98 34.52 9.62
C GLY I 187 -26.97 35.00 10.63
N GLY I 188 -25.68 34.79 10.38
CA GLY I 188 -24.64 35.15 11.33
C GLY I 188 -24.32 34.09 12.35
N LEU I 189 -25.00 32.94 12.31
CA LEU I 189 -24.71 31.85 13.23
C LEU I 189 -23.32 31.30 12.95
N ASP I 190 -22.58 30.99 14.03
CA ASP I 190 -21.21 30.55 13.87
C ASP I 190 -21.12 29.13 13.32
N PHE I 191 -21.82 28.18 13.95
CA PHE I 191 -21.77 26.79 13.53
C PHE I 191 -23.16 26.17 13.63
N THR I 192 -23.26 24.93 13.17
CA THR I 192 -24.41 24.08 13.39
C THR I 192 -23.91 22.69 13.70
N LYS I 193 -24.56 22.01 14.66
CA LYS I 193 -24.17 20.67 15.05
C LYS I 193 -25.21 19.67 14.56
N ASP I 194 -24.75 18.59 13.95
CA ASP I 194 -25.64 17.48 13.63
C ASP I 194 -26.13 16.85 14.92
N ASP I 195 -27.22 16.08 14.81
CA ASP I 195 -27.78 15.44 15.99
C ASP I 195 -26.93 14.25 16.40
N GLU I 196 -26.83 14.04 17.72
CA GLU I 196 -25.88 13.09 18.27
C GLU I 196 -26.20 11.66 17.84
N ASN I 197 -27.46 11.37 17.56
CA ASN I 197 -27.90 10.03 17.18
C ASN I 197 -28.06 9.88 15.68
N ILE I 198 -27.55 10.83 14.89
CA ILE I 198 -27.72 10.82 13.44
C ILE I 198 -26.32 10.83 12.82
N ASN I 199 -25.87 9.66 12.36
CA ASN I 199 -24.63 9.54 11.60
C ASN I 199 -24.87 9.01 10.19
N SER I 200 -25.56 7.88 10.06
CA SER I 200 -25.88 7.29 8.76
C SER I 200 -27.18 6.55 8.91
N GLN I 201 -28.16 6.88 8.08
CA GLN I 201 -29.51 6.36 8.21
C GLN I 201 -30.00 5.84 6.88
N PRO I 202 -30.99 4.93 6.90
CA PRO I 202 -31.59 4.50 5.62
C PRO I 202 -32.22 5.63 4.85
N PHE I 203 -32.77 6.64 5.52
CA PHE I 203 -33.31 7.80 4.82
C PHE I 203 -32.24 8.80 4.40
N GLN I 204 -31.02 8.68 4.95
CA GLN I 204 -29.98 9.66 4.68
C GLN I 204 -28.63 8.98 4.84
N ARG I 205 -27.92 8.78 3.74
CA ARG I 205 -26.56 8.27 3.79
C ARG I 205 -25.58 9.42 4.04
N TRP I 206 -24.57 9.15 4.85
CA TRP I 206 -23.72 10.22 5.38
C TRP I 206 -22.98 10.96 4.27
N GLN I 207 -22.65 10.27 3.17
CA GLN I 207 -21.90 10.91 2.10
C GLN I 207 -22.69 12.07 1.50
N ASN I 208 -23.98 11.85 1.23
CA ASN I 208 -24.81 12.91 0.67
C ASN I 208 -24.94 14.08 1.62
N ARG I 209 -25.14 13.81 2.91
CA ARG I 209 -25.25 14.89 3.89
C ARG I 209 -23.96 15.70 3.94
N PHE I 210 -22.81 15.02 3.98
CA PHE I 210 -21.54 15.74 4.04
C PHE I 210 -21.32 16.58 2.79
N GLU I 211 -21.61 16.02 1.61
CA GLU I 211 -21.42 16.77 0.37
C GLU I 211 -22.31 18.01 0.33
N PHE I 212 -23.61 17.83 0.60
CA PHE I 212 -24.54 18.95 0.53
C PHE I 212 -24.24 20.00 1.59
N VAL I 213 -23.88 19.57 2.80
CA VAL I 213 -23.61 20.53 3.86
C VAL I 213 -22.30 21.27 3.58
N ALA I 214 -21.32 20.60 2.95
CA ALA I 214 -20.10 21.31 2.55
C ALA I 214 -20.41 22.36 1.50
N GLU I 215 -21.24 22.01 0.51
CA GLU I 215 -21.62 22.98 -0.51
C GLU I 215 -22.36 24.16 0.12
N ALA I 216 -23.28 23.89 1.04
CA ALA I 216 -24.03 24.96 1.70
C ALA I 216 -23.12 25.83 2.54
N VAL I 217 -22.16 25.23 3.26
CA VAL I 217 -21.23 26.00 4.06
C VAL I 217 -20.37 26.90 3.18
N ALA I 218 -19.92 26.38 2.04
CA ALA I 218 -19.13 27.19 1.11
C ALA I 218 -19.96 28.36 0.59
N LEU I 219 -21.20 28.10 0.20
CA LEU I 219 -22.06 29.16 -0.32
C LEU I 219 -22.31 30.23 0.74
N ALA I 220 -22.62 29.81 1.96
CA ALA I 220 -22.86 30.77 3.04
C ALA I 220 -21.61 31.56 3.37
N GLN I 221 -20.46 30.90 3.37
CA GLN I 221 -19.19 31.59 3.62
C GLN I 221 -18.91 32.64 2.57
N GLN I 222 -19.17 32.32 1.30
CA GLN I 222 -19.01 33.30 0.24
C GLN I 222 -19.98 34.46 0.41
N GLU I 223 -21.23 34.17 0.77
CA GLU I 223 -22.24 35.21 0.84
C GLU I 223 -22.03 36.16 2.01
N THR I 224 -21.83 35.61 3.22
CA THR I 224 -21.77 36.44 4.41
C THR I 224 -20.41 37.09 4.63
N GLY I 225 -19.38 36.63 3.92
CA GLY I 225 -18.04 37.17 4.13
C GLY I 225 -17.44 36.83 5.47
N GLU I 226 -17.64 35.60 5.94
CA GLU I 226 -17.08 35.14 7.20
C GLU I 226 -16.71 33.66 7.07
N LYS I 227 -15.63 33.27 7.74
CA LYS I 227 -15.23 31.86 7.76
C LYS I 227 -16.20 31.07 8.64
N LYS I 228 -16.98 30.18 8.03
CA LYS I 228 -18.01 29.44 8.72
C LYS I 228 -17.77 27.94 8.59
N GLY I 229 -18.55 27.17 9.33
CA GLY I 229 -18.44 25.73 9.28
C GLY I 229 -19.60 25.07 10.01
N HIS I 230 -19.78 23.78 9.73
CA HIS I 230 -20.79 22.97 10.37
C HIS I 230 -20.13 21.77 11.03
N TYR I 231 -20.69 21.34 12.17
CA TYR I 231 -20.14 20.18 12.87
C TYR I 231 -20.58 18.90 12.15
N LEU I 232 -19.61 18.13 11.66
CA LEU I 232 -19.87 16.87 10.97
C LEU I 232 -19.57 15.72 11.92
N ASN I 233 -20.47 14.75 11.99
CA ASN I 233 -20.34 13.62 12.91
C ASN I 233 -19.63 12.46 12.23
N CYS I 234 -18.64 11.90 12.91
CA CYS I 234 -17.92 10.73 12.43
C CYS I 234 -18.13 9.51 13.33
N THR I 235 -18.88 9.64 14.41
CA THR I 235 -19.19 8.48 15.25
C THR I 235 -19.98 7.46 14.44
N ALA I 236 -19.47 6.24 14.36
CA ALA I 236 -20.07 5.23 13.49
C ALA I 236 -19.79 3.85 14.08
N ALA I 237 -20.04 2.81 13.29
CA ALA I 237 -19.92 1.44 13.78
C ALA I 237 -18.46 1.04 13.96
N THR I 238 -17.60 1.40 13.00
CA THR I 238 -16.22 0.95 13.05
C THR I 238 -15.28 2.15 13.00
N PRO I 239 -14.08 2.02 13.60
CA PRO I 239 -13.09 3.10 13.46
C PRO I 239 -12.68 3.37 12.02
N GLU I 240 -12.68 2.35 11.17
CA GLU I 240 -12.35 2.56 9.77
C GLU I 240 -13.34 3.51 9.12
N GLU I 241 -14.64 3.30 9.37
CA GLU I 241 -15.65 4.21 8.83
C GLU I 241 -15.48 5.62 9.40
N MET I 242 -15.14 5.72 10.69
CA MET I 242 -14.93 7.02 11.31
C MET I 242 -13.79 7.77 10.63
N TYR I 243 -12.65 7.11 10.43
CA TYR I 243 -11.52 7.75 9.76
C TYR I 243 -11.86 8.08 8.31
N GLU I 244 -12.60 7.20 7.63
CA GLU I 244 -12.98 7.47 6.25
C GLU I 244 -13.83 8.72 6.15
N ARG I 245 -14.84 8.85 7.03
CA ARG I 245 -15.69 10.03 7.02
C ARG I 245 -14.92 11.28 7.40
N ALA I 246 -14.00 11.17 8.37
CA ALA I 246 -13.19 12.32 8.76
C ALA I 246 -12.32 12.80 7.60
N GLU I 247 -11.70 11.86 6.88
CA GLU I 247 -10.86 12.24 5.75
C GLU I 247 -11.68 12.78 4.60
N PHE I 248 -12.89 12.25 4.41
CA PHE I 248 -13.79 12.81 3.40
C PHE I 248 -14.17 14.24 3.73
N ALA I 249 -14.45 14.52 5.01
CA ALA I 249 -14.72 15.89 5.43
C ALA I 249 -13.49 16.77 5.22
N LYS I 250 -12.30 16.23 5.51
CA LYS I 250 -11.07 16.98 5.28
C LYS I 250 -10.91 17.35 3.81
N GLU I 251 -11.22 16.41 2.91
CA GLU I 251 -11.10 16.70 1.48
C GLU I 251 -12.10 17.75 1.03
N LEU I 252 -13.29 17.80 1.65
CA LEU I 252 -14.32 18.76 1.31
C LEU I 252 -14.10 20.13 1.96
N GLY I 253 -12.93 20.35 2.57
CA GLY I 253 -12.62 21.66 3.11
C GLY I 253 -13.39 22.06 4.34
N GLN I 254 -14.05 21.11 5.00
CA GLN I 254 -14.79 21.43 6.22
C GLN I 254 -13.82 21.54 7.38
N PRO I 255 -13.85 22.65 8.13
CA PRO I 255 -12.82 22.89 9.16
C PRO I 255 -13.11 22.28 10.52
N ILE I 256 -14.20 21.55 10.71
CA ILE I 256 -14.52 21.00 12.02
C ILE I 256 -15.38 19.76 11.83
N ILE I 257 -15.16 18.77 12.70
CA ILE I 257 -15.99 17.57 12.78
C ILE I 257 -16.37 17.34 14.23
N MET I 258 -17.42 16.55 14.44
CA MET I 258 -17.96 16.31 15.76
C MET I 258 -18.00 14.81 16.05
N HIS I 259 -18.08 14.48 17.34
CA HIS I 259 -18.03 13.09 17.78
C HIS I 259 -18.70 12.96 19.13
N ASP I 260 -19.14 11.74 19.45
CA ASP I 260 -19.69 11.39 20.75
C ASP I 260 -18.67 10.48 21.43
N TYR I 261 -17.96 11.01 22.43
CA TYR I 261 -16.82 10.29 22.98
C TYR I 261 -17.24 9.16 23.92
N ILE I 262 -18.35 9.30 24.63
CA ILE I 262 -18.78 8.24 25.55
C ILE I 262 -19.32 7.05 24.77
N THR I 263 -20.24 7.30 23.84
CA THR I 263 -20.83 6.21 23.07
C THR I 263 -19.79 5.59 22.14
N GLY I 264 -19.07 6.43 21.39
CA GLY I 264 -18.03 5.92 20.52
C GLY I 264 -16.90 5.26 21.31
N GLY I 265 -16.53 5.85 22.44
CA GLY I 265 -15.48 5.28 23.26
C GLY I 265 -14.31 6.23 23.48
N PHE I 266 -13.65 6.09 24.63
CA PHE I 266 -12.47 6.91 24.90
C PHE I 266 -11.35 6.61 23.92
N THR I 267 -11.18 5.33 23.56
CA THR I 267 -10.18 4.96 22.58
C THR I 267 -10.47 5.61 21.23
N ALA I 268 -11.73 5.55 20.79
CA ALA I 268 -12.11 6.18 19.53
C ALA I 268 -11.91 7.69 19.58
N ASN I 269 -12.26 8.31 20.71
CA ASN I 269 -12.08 9.75 20.85
C ASN I 269 -10.62 10.14 20.77
N THR I 270 -9.76 9.38 21.46
CA THR I 270 -8.32 9.67 21.42
C THR I 270 -7.77 9.50 20.01
N GLY I 271 -8.16 8.43 19.32
CA GLY I 271 -7.73 8.26 17.95
C GLY I 271 -8.20 9.37 17.03
N LEU I 272 -9.45 9.79 17.19
CA LEU I 272 -10.00 10.87 16.38
C LEU I 272 -9.25 12.19 16.66
N SER I 273 -8.95 12.46 17.92
CA SER I 273 -8.21 13.67 18.26
C SER I 273 -6.80 13.64 17.68
N LYS I 274 -6.13 12.49 17.76
CA LYS I 274 -4.80 12.37 17.16
C LYS I 274 -4.86 12.58 15.65
N TRP I 275 -5.88 12.02 15.00
CA TRP I 275 -6.03 12.20 13.56
C TRP I 275 -6.31 13.67 13.22
N CYS I 276 -7.12 14.34 14.04
CA CYS I 276 -7.39 15.75 13.81
C CYS I 276 -6.13 16.59 13.94
N ARG I 277 -5.31 16.31 14.95
CA ARG I 277 -4.04 17.02 15.08
C ARG I 277 -3.13 16.74 13.89
N LYS I 278 -3.07 15.47 13.46
CA LYS I 278 -2.22 15.11 12.34
C LYS I 278 -2.71 15.69 11.02
N ASN I 279 -4.00 16.02 10.92
CA ASN I 279 -4.59 16.56 9.70
C ASN I 279 -5.05 18.00 9.86
N GLY I 280 -4.81 18.62 11.01
CA GLY I 280 -5.22 20.00 11.21
C GLY I 280 -6.72 20.21 11.18
N MET I 281 -7.45 19.46 12.00
CA MET I 281 -8.90 19.51 12.03
C MET I 281 -9.39 19.87 13.43
N LEU I 282 -10.53 20.56 13.49
CA LEU I 282 -11.18 20.88 14.74
C LEU I 282 -12.11 19.73 15.15
N LEU I 283 -12.24 19.52 16.46
CA LEU I 283 -12.99 18.39 17.00
C LEU I 283 -14.06 18.92 17.94
N HIS I 284 -15.32 18.66 17.61
CA HIS I 284 -16.46 18.95 18.47
C HIS I 284 -16.91 17.67 19.15
N ILE I 285 -17.39 17.78 20.38
CA ILE I 285 -17.79 16.62 21.17
C ILE I 285 -19.11 16.91 21.87
N HIS I 286 -20.00 15.93 21.88
CA HIS I 286 -21.23 15.98 22.64
C HIS I 286 -21.19 14.94 23.76
N ARG I 287 -21.90 15.23 24.84
CA ARG I 287 -21.86 14.43 26.06
C ARG I 287 -22.99 13.41 26.14
N ALA I 288 -23.39 12.81 25.02
CA ALA I 288 -24.47 11.83 25.02
C ALA I 288 -24.18 10.69 26.00
N MET I 289 -25.17 10.37 26.83
CA MET I 289 -25.15 9.33 27.87
C MET I 289 -24.35 9.77 29.10
N HIS I 290 -23.99 11.05 29.22
CA HIS I 290 -23.31 11.52 30.42
C HIS I 290 -24.24 11.50 31.63
N ALA I 291 -25.52 11.81 31.41
CA ALA I 291 -26.47 11.85 32.51
C ALA I 291 -26.63 10.49 33.16
N VAL I 292 -26.61 9.41 32.38
CA VAL I 292 -26.66 8.06 32.93
C VAL I 292 -25.51 7.83 33.91
N ILE I 293 -24.47 8.65 33.84
CA ILE I 293 -23.36 8.56 34.78
C ILE I 293 -23.41 9.64 35.87
N ASP I 294 -24.11 10.76 35.63
CA ASP I 294 -24.12 11.86 36.58
C ASP I 294 -25.50 12.38 36.94
N ARG I 295 -26.58 11.78 36.44
CA ARG I 295 -27.91 12.25 36.83
C ARG I 295 -28.15 12.08 38.32
N HIS I 296 -27.73 10.95 38.87
CA HIS I 296 -27.90 10.71 40.30
C HIS I 296 -26.91 11.57 41.08
N PRO I 297 -27.37 12.43 41.99
CA PRO I 297 -26.46 13.34 42.68
C PRO I 297 -25.64 12.69 43.79
N LYS I 298 -25.93 11.44 44.16
CA LYS I 298 -25.24 10.78 45.25
C LYS I 298 -24.35 9.62 44.82
N HIS I 299 -24.58 9.06 43.63
CA HIS I 299 -23.85 7.89 43.18
C HIS I 299 -23.51 8.06 41.70
N GLY I 300 -22.39 7.47 41.29
CA GLY I 300 -21.94 7.51 39.91
C GLY I 300 -20.60 8.22 39.79
N ILE I 301 -20.43 8.96 38.70
CA ILE I 301 -19.25 9.77 38.46
C ILE I 301 -19.71 11.19 38.16
N HIS I 302 -19.13 12.17 38.86
CA HIS I 302 -19.47 13.56 38.62
C HIS I 302 -18.98 13.99 37.24
N PHE I 303 -19.71 14.92 36.62
CA PHE I 303 -19.39 15.33 35.27
C PHE I 303 -18.04 16.04 35.18
N ARG I 304 -17.52 16.56 36.29
CA ARG I 304 -16.20 17.18 36.24
C ARG I 304 -15.12 16.16 35.92
N VAL I 305 -15.26 14.94 36.43
CA VAL I 305 -14.28 13.89 36.12
C VAL I 305 -14.32 13.55 34.64
N LEU I 306 -15.52 13.41 34.08
CA LEU I 306 -15.65 13.13 32.65
C LEU I 306 -15.08 14.27 31.82
N ALA I 307 -15.31 15.51 32.26
CA ALA I 307 -14.75 16.66 31.56
C ALA I 307 -13.22 16.65 31.59
N LYS I 308 -12.63 16.32 32.74
CA LYS I 308 -11.19 16.18 32.84
C LYS I 308 -10.68 15.10 31.89
N CYS I 309 -11.37 13.96 31.87
CA CYS I 309 -10.95 12.85 31.00
C CYS I 309 -11.02 13.24 29.53
N LEU I 310 -12.08 13.96 29.14
CA LEU I 310 -12.19 14.38 27.75
C LEU I 310 -11.12 15.41 27.40
N ARG I 311 -10.84 16.35 28.30
CA ARG I 311 -9.80 17.34 28.04
C ARG I 311 -8.44 16.68 27.89
N LEU I 312 -8.15 15.67 28.72
CA LEU I 312 -6.90 14.92 28.57
C LEU I 312 -6.88 14.15 27.26
N SER I 313 -8.00 13.51 26.90
CA SER I 313 -8.07 12.71 25.68
C SER I 313 -8.11 13.56 24.43
N GLY I 314 -8.27 14.85 24.55
CA GLY I 314 -8.35 15.71 23.37
C GLY I 314 -9.76 16.14 23.08
N GLY I 315 -9.88 17.31 22.47
CA GLY I 315 -11.17 17.86 22.09
C GLY I 315 -11.23 19.37 22.25
N ASP I 316 -12.06 20.00 21.43
CA ASP I 316 -12.16 21.46 21.41
C ASP I 316 -13.44 21.99 22.04
N GLN I 317 -14.50 21.20 22.08
CA GLN I 317 -15.78 21.65 22.63
C GLN I 317 -16.42 20.53 23.45
N LEU I 318 -17.13 20.91 24.51
CA LEU I 318 -17.78 19.95 25.39
C LEU I 318 -19.11 20.51 25.87
N HIS I 319 -20.18 19.73 25.75
CA HIS I 319 -21.50 20.18 26.15
C HIS I 319 -21.63 20.24 27.67
N THR I 320 -22.35 21.26 28.14
CA THR I 320 -22.58 21.44 29.58
C THR I 320 -24.00 21.83 29.95
N GLY I 321 -24.85 22.26 29.02
CA GLY I 321 -25.93 23.12 29.45
C GLY I 321 -25.29 24.42 29.92
N THR I 322 -26.06 25.26 30.60
CA THR I 322 -25.42 26.28 31.42
C THR I 322 -25.52 25.81 32.86
N VAL I 323 -26.57 26.15 33.59
CA VAL I 323 -27.31 25.26 34.49
C VAL I 323 -28.73 25.79 34.42
N VAL I 324 -28.85 27.03 33.92
CA VAL I 324 -30.03 27.87 34.13
C VAL I 324 -30.95 27.78 32.91
N GLY I 325 -32.18 28.22 33.10
CA GLY I 325 -33.20 28.14 32.09
C GLY I 325 -34.39 27.33 32.57
N LYS I 326 -34.09 26.24 33.27
CA LYS I 326 -35.12 25.38 33.86
C LYS I 326 -34.86 25.20 35.35
N LEU I 327 -33.58 25.15 35.74
CA LEU I 327 -33.17 24.85 37.11
C LEU I 327 -32.08 25.85 37.54
N GLU I 328 -32.42 26.76 38.44
CA GLU I 328 -31.46 27.73 38.96
C GLU I 328 -30.26 27.00 39.55
N GLY I 329 -30.52 25.90 40.24
CA GLY I 329 -29.58 24.91 40.70
C GLY I 329 -28.44 25.49 41.52
N ASP I 330 -27.25 24.95 41.26
CA ASP I 330 -26.05 25.18 42.06
C ASP I 330 -24.91 25.61 41.14
N ARG I 331 -25.16 26.69 40.37
CA ARG I 331 -24.23 27.12 39.31
C ARG I 331 -22.78 27.22 39.77
N GLN I 332 -22.53 27.21 41.08
CA GLN I 332 -21.16 27.28 41.60
C GLN I 332 -20.29 26.15 41.06
N THR I 333 -20.74 24.91 41.22
CA THR I 333 -19.94 23.77 40.76
C THR I 333 -19.88 23.71 39.24
N THR I 334 -20.92 24.19 38.56
CA THR I 334 -20.88 24.28 37.11
C THR I 334 -19.77 25.23 36.65
N LEU I 335 -19.72 26.42 37.24
CA LEU I 335 -18.64 27.36 36.98
C LEU I 335 -17.29 26.76 37.36
N GLY I 336 -17.27 25.92 38.39
CA GLY I 336 -16.06 25.20 38.76
C GLY I 336 -15.55 24.30 37.65
N PHE I 337 -16.42 23.48 37.08
CA PHE I 337 -15.95 22.63 36.00
C PHE I 337 -15.65 23.44 34.74
N ILE I 338 -16.30 24.60 34.59
CA ILE I 338 -15.92 25.52 33.52
C ILE I 338 -14.49 26.01 33.72
N ASP I 339 -14.15 26.35 34.95
CA ASP I 339 -12.78 26.73 35.28
C ASP I 339 -11.81 25.61 34.94
N GLN I 340 -12.16 24.38 35.33
CA GLN I 340 -11.33 23.23 34.99
C GLN I 340 -11.26 22.98 33.49
N LEU I 341 -12.24 23.48 32.73
CA LEU I 341 -12.23 23.34 31.27
C LEU I 341 -11.39 24.40 30.57
N ARG I 342 -11.27 25.59 31.15
CA ARG I 342 -10.62 26.71 30.47
C ARG I 342 -9.24 27.05 31.03
N GLU I 343 -9.13 27.23 32.34
CA GLU I 343 -7.90 27.76 32.92
C GLU I 343 -6.80 26.71 32.97
N SER I 344 -5.55 27.17 32.91
CA SER I 344 -4.41 26.28 33.04
C SER I 344 -4.23 25.80 34.47
N PHE I 345 -4.56 26.63 35.45
CA PHE I 345 -4.51 26.26 36.85
C PHE I 345 -5.79 26.71 37.53
N ILE I 346 -6.22 25.93 38.52
CA ILE I 346 -7.41 26.26 39.29
C ILE I 346 -7.14 26.04 40.77
N PRO I 347 -7.30 27.06 41.62
CA PRO I 347 -7.16 26.86 43.05
C PRO I 347 -8.31 26.04 43.62
N GLU I 348 -8.06 25.46 44.80
CA GLU I 348 -9.06 24.64 45.45
C GLU I 348 -10.30 25.46 45.80
N ASP I 349 -11.47 24.83 45.63
CA ASP I 349 -12.74 25.47 45.95
C ASP I 349 -13.73 24.38 46.31
N ARG I 350 -14.04 24.25 47.59
CA ARG I 350 -14.99 23.22 48.03
C ARG I 350 -16.39 23.50 47.47
N SER I 351 -16.79 24.77 47.42
CA SER I 351 -18.10 25.11 46.89
C SER I 351 -18.20 24.77 45.40
N ARG I 352 -17.14 25.02 44.64
CA ARG I 352 -17.13 24.70 43.22
C ARG I 352 -16.83 23.23 42.94
N GLY I 353 -16.66 22.42 43.97
CA GLY I 353 -16.32 21.02 43.79
C GLY I 353 -14.93 20.80 43.23
N ASN I 354 -13.95 21.56 43.69
CA ASN I 354 -12.55 21.41 43.28
C ASN I 354 -11.74 21.09 44.52
N PHE I 355 -11.41 19.81 44.69
CA PHE I 355 -10.77 19.33 45.91
C PHE I 355 -9.24 19.25 45.80
N PHE I 356 -8.67 19.70 44.69
CA PHE I 356 -7.22 19.62 44.52
C PHE I 356 -6.72 20.87 43.80
N ASP I 357 -5.45 21.20 44.06
CA ASP I 357 -4.75 22.27 43.35
C ASP I 357 -4.24 21.69 42.04
N GLN I 358 -5.04 21.84 40.98
CA GLN I 358 -4.78 21.21 39.70
C GLN I 358 -4.18 22.22 38.74
N ASP I 359 -3.02 21.90 38.17
CA ASP I 359 -2.34 22.73 37.19
C ASP I 359 -2.19 21.93 35.90
N TRP I 360 -2.50 22.56 34.77
CA TRP I 360 -2.38 21.92 33.47
C TRP I 360 -1.12 22.37 32.72
N GLY I 361 -0.22 23.08 33.39
CA GLY I 361 0.95 23.61 32.70
C GLY I 361 0.54 24.64 31.67
N SER I 362 0.98 24.43 30.43
CA SER I 362 0.58 25.30 29.33
C SER I 362 -0.17 24.51 28.27
N MET I 363 -1.04 23.61 28.72
CA MET I 363 -1.82 22.75 27.83
C MET I 363 -3.15 23.43 27.54
N PRO I 364 -3.47 23.71 26.27
CA PRO I 364 -4.64 24.54 25.97
C PRO I 364 -5.94 23.91 26.44
N GLY I 365 -6.89 24.77 26.80
CA GLY I 365 -8.17 24.35 27.31
C GLY I 365 -9.17 23.98 26.22
N VAL I 366 -10.42 23.83 26.64
CA VAL I 366 -11.50 23.36 25.79
C VAL I 366 -12.67 24.32 25.88
N PHE I 367 -13.30 24.61 24.75
CA PHE I 367 -14.49 25.43 24.74
C PHE I 367 -15.64 24.73 25.45
N ALA I 368 -16.50 25.52 26.09
CA ALA I 368 -17.70 25.02 26.73
C ALA I 368 -18.90 25.20 25.79
N VAL I 369 -19.80 24.22 25.82
CA VAL I 369 -20.99 24.22 24.97
C VAL I 369 -22.20 24.29 25.88
N ALA I 370 -23.07 25.28 25.64
CA ALA I 370 -24.30 25.47 26.40
C ALA I 370 -25.47 25.34 25.43
N SER I 371 -26.28 24.30 25.61
CA SER I 371 -27.40 24.04 24.71
C SER I 371 -28.49 23.30 25.48
N GLY I 372 -29.70 23.41 24.96
CA GLY I 372 -30.84 22.72 25.56
C GLY I 372 -31.66 23.59 26.49
N GLY I 373 -32.93 23.80 26.14
CA GLY I 373 -33.83 24.57 26.98
C GLY I 373 -33.44 26.02 27.13
N ILE I 374 -32.85 26.63 26.11
CA ILE I 374 -32.42 28.02 26.16
C ILE I 374 -32.87 28.73 24.89
N HIS I 375 -33.08 30.04 25.03
CA HIS I 375 -33.41 30.91 23.90
C HIS I 375 -33.00 32.33 24.27
N VAL I 376 -33.53 33.31 23.53
CA VAL I 376 -33.03 34.68 23.59
C VAL I 376 -33.10 35.25 25.01
N TRP I 377 -34.14 34.90 25.76
CA TRP I 377 -34.38 35.55 27.05
C TRP I 377 -33.27 35.25 28.06
N HIS I 378 -32.58 34.12 27.91
CA HIS I 378 -31.58 33.71 28.90
C HIS I 378 -30.19 34.26 28.62
N MET I 379 -29.95 34.80 27.43
CA MET I 379 -28.58 35.08 26.97
C MET I 379 -27.75 35.95 27.90
N PRO I 380 -28.25 37.05 28.50
CA PRO I 380 -27.38 37.85 29.38
C PRO I 380 -26.76 37.06 30.52
N ALA I 381 -27.57 36.26 31.21
CA ALA I 381 -27.04 35.43 32.29
C ALA I 381 -26.05 34.40 31.76
N LEU I 382 -26.32 33.85 30.57
CA LEU I 382 -25.40 32.88 29.97
C LEU I 382 -24.04 33.52 29.71
N VAL I 383 -24.04 34.73 29.15
CA VAL I 383 -22.79 35.46 28.94
C VAL I 383 -22.09 35.72 30.26
N ALA I 384 -22.86 36.12 31.28
CA ALA I 384 -22.25 36.42 32.57
C ALA I 384 -21.58 35.20 33.19
N ILE I 385 -22.20 34.03 33.07
CA ILE I 385 -21.70 32.86 33.78
C ILE I 385 -20.62 32.13 32.98
N PHE I 386 -20.76 32.07 31.66
CA PHE I 386 -19.84 31.31 30.82
C PHE I 386 -18.68 32.13 30.28
N GLY I 387 -18.68 33.44 30.50
CA GLY I 387 -17.58 34.22 29.96
C GLY I 387 -17.64 34.27 28.44
N ASP I 388 -16.49 34.58 27.84
CA ASP I 388 -16.39 34.72 26.40
C ASP I 388 -15.95 33.43 25.71
N ASP I 389 -15.46 32.44 26.46
CA ASP I 389 -14.95 31.19 25.88
C ASP I 389 -16.04 30.12 25.99
N SER I 390 -17.05 30.24 25.14
CA SER I 390 -18.16 29.30 25.14
C SER I 390 -18.92 29.44 23.83
N VAL I 391 -19.84 28.51 23.59
CA VAL I 391 -20.71 28.52 22.42
C VAL I 391 -22.14 28.27 22.88
N LEU I 392 -23.08 28.97 22.26
CA LEU I 392 -24.50 28.86 22.59
C LEU I 392 -25.26 28.29 21.41
N GLN I 393 -26.07 27.26 21.67
CA GLN I 393 -26.86 26.59 20.65
C GLN I 393 -28.34 26.71 20.98
N PHE I 394 -29.14 27.12 19.99
CA PHE I 394 -30.58 27.26 20.13
C PHE I 394 -31.21 26.54 18.94
N GLY I 395 -31.44 25.24 19.08
CA GLY I 395 -32.04 24.46 18.01
C GLY I 395 -33.47 24.86 17.71
N GLY I 396 -34.36 24.63 18.68
CA GLY I 396 -35.76 25.00 18.47
C GLY I 396 -35.97 26.50 18.42
N GLY I 397 -35.24 27.24 19.26
CA GLY I 397 -35.47 28.68 19.34
C GLY I 397 -35.21 29.41 18.04
N THR I 398 -34.08 29.11 17.40
CA THR I 398 -33.79 29.71 16.10
C THR I 398 -34.72 29.18 15.02
N HIS I 399 -34.98 27.88 15.02
CA HIS I 399 -35.85 27.29 14.01
C HIS I 399 -37.31 27.61 14.26
N GLY I 400 -37.74 27.56 15.53
CA GLY I 400 -39.12 27.86 15.86
C GLY I 400 -39.50 29.33 15.75
N HIS I 401 -38.56 30.19 15.43
CA HIS I 401 -38.87 31.59 15.21
C HIS I 401 -39.82 31.72 14.02
N PRO I 402 -40.92 32.46 14.15
CA PRO I 402 -41.91 32.50 13.05
C PRO I 402 -41.38 33.06 11.75
N TRP I 403 -40.33 33.87 11.78
CA TRP I 403 -39.78 34.47 10.57
C TRP I 403 -38.76 33.57 9.87
N GLY I 404 -38.43 32.42 10.45
CA GLY I 404 -37.50 31.51 9.82
C GLY I 404 -36.22 31.37 10.62
N SER I 405 -35.45 30.33 10.27
CA SER I 405 -34.21 30.04 10.98
C SER I 405 -33.20 31.16 10.82
N ALA I 406 -33.12 31.75 9.62
CA ALA I 406 -32.17 32.83 9.39
C ALA I 406 -32.49 34.03 10.26
N ALA I 407 -33.76 34.42 10.34
CA ALA I 407 -34.15 35.56 11.16
C ALA I 407 -33.92 35.28 12.64
N GLY I 408 -34.23 34.07 13.10
CA GLY I 408 -33.96 33.72 14.49
C GLY I 408 -32.48 33.75 14.82
N ALA I 409 -31.65 33.21 13.92
CA ALA I 409 -30.21 33.25 14.13
C ALA I 409 -29.69 34.68 14.16
N ALA I 410 -30.20 35.53 13.27
CA ALA I 410 -29.80 36.94 13.27
C ALA I 410 -30.21 37.63 14.57
N ALA I 411 -31.42 37.34 15.05
CA ALA I 411 -31.89 37.93 16.30
C ALA I 411 -31.01 37.50 17.47
N ASN I 412 -30.67 36.21 17.54
CA ASN I 412 -29.79 35.74 18.61
C ASN I 412 -28.40 36.35 18.48
N ARG I 413 -27.92 36.51 17.25
CA ARG I 413 -26.60 37.10 17.03
C ARG I 413 -26.56 38.55 17.51
N VAL I 414 -27.58 39.34 17.14
CA VAL I 414 -27.58 40.74 17.56
C VAL I 414 -27.83 40.86 19.06
N ALA I 415 -28.61 39.94 19.65
CA ALA I 415 -28.77 39.93 21.09
C ALA I 415 -27.43 39.67 21.78
N LEU I 416 -26.68 38.70 21.28
CA LEU I 416 -25.36 38.42 21.84
C LEU I 416 -24.43 39.60 21.69
N GLU I 417 -24.45 40.25 20.52
CA GLU I 417 -23.60 41.42 20.30
C GLU I 417 -23.93 42.54 21.27
N ALA I 418 -25.22 42.84 21.43
CA ALA I 418 -25.62 43.89 22.37
C ALA I 418 -25.25 43.53 23.80
N CYS I 419 -25.44 42.26 24.19
CA CYS I 419 -25.13 41.84 25.55
C CYS I 419 -23.63 41.96 25.82
N VAL I 420 -22.80 41.50 24.89
CA VAL I 420 -21.36 41.59 25.12
C VAL I 420 -20.89 43.03 25.06
N LYS I 421 -21.56 43.88 24.26
CA LYS I 421 -21.24 45.30 24.26
C LYS I 421 -21.53 45.93 25.63
N ALA I 422 -22.71 45.64 26.17
CA ALA I 422 -23.08 46.19 27.47
C ALA I 422 -22.16 45.66 28.57
N ARG I 423 -21.78 44.39 28.49
CA ARG I 423 -20.84 43.83 29.45
C ARG I 423 -19.48 44.52 29.36
N ASN I 424 -19.00 44.74 28.12
CA ASN I 424 -17.77 45.49 27.94
C ASN I 424 -17.92 46.95 28.38
N ALA I 425 -19.15 47.47 28.35
CA ALA I 425 -19.40 48.82 28.84
C ALA I 425 -19.22 48.95 30.34
N GLY I 426 -19.08 47.84 31.06
CA GLY I 426 -18.97 47.88 32.51
C GLY I 426 -20.28 47.80 33.24
N ARG I 427 -21.31 47.25 32.61
CA ARG I 427 -22.66 47.24 33.17
C ARG I 427 -23.00 45.86 33.73
N GLU I 428 -23.84 45.86 34.77
CA GLU I 428 -24.36 44.63 35.36
C GLU I 428 -25.52 44.16 34.51
N ILE I 429 -25.27 43.12 33.69
CA ILE I 429 -26.21 42.76 32.63
C ILE I 429 -27.43 42.06 33.21
N GLU I 430 -27.26 41.31 34.30
CA GLU I 430 -28.32 40.43 34.77
C GLU I 430 -29.59 41.20 35.14
N LYS I 431 -29.42 42.35 35.80
CA LYS I 431 -30.58 43.11 36.28
C LYS I 431 -31.26 43.86 35.15
N GLU I 432 -30.52 44.69 34.43
CA GLU I 432 -31.07 45.52 33.36
C GLU I 432 -31.20 44.79 32.04
N SER I 433 -31.22 43.44 32.07
CA SER I 433 -31.27 42.66 30.84
C SER I 433 -32.48 43.03 29.98
N ARG I 434 -33.61 43.34 30.63
CA ARG I 434 -34.80 43.72 29.88
C ARG I 434 -34.56 45.00 29.08
N ASP I 435 -33.91 46.00 29.69
CA ASP I 435 -33.57 47.21 28.97
C ASP I 435 -32.61 46.92 27.82
N ILE I 436 -31.65 46.03 28.05
CA ILE I 436 -30.68 45.69 27.01
C ILE I 436 -31.39 45.07 25.80
N LEU I 437 -32.29 44.12 26.06
CA LEU I 437 -32.98 43.47 24.96
C LEU I 437 -33.96 44.41 24.26
N MET I 438 -34.61 45.31 25.01
CA MET I 438 -35.46 46.31 24.36
C MET I 438 -34.65 47.23 23.46
N GLU I 439 -33.48 47.68 23.95
CA GLU I 439 -32.62 48.54 23.13
C GLU I 439 -32.13 47.82 21.89
N ALA I 440 -31.80 46.53 22.03
CA ALA I 440 -31.43 45.73 20.86
C ALA I 440 -32.60 45.61 19.88
N ALA I 441 -33.80 45.38 20.41
CA ALA I 441 -34.98 45.27 19.56
C ALA I 441 -35.33 46.57 18.86
N LYS I 442 -34.86 47.70 19.39
CA LYS I 442 -35.06 48.99 18.72
C LYS I 442 -34.42 49.04 17.33
N HIS I 443 -33.65 48.04 16.94
CA HIS I 443 -33.12 47.94 15.59
C HIS I 443 -33.28 46.55 14.98
N SER I 444 -33.94 45.62 15.66
CA SER I 444 -34.11 44.26 15.15
C SER I 444 -35.52 43.78 15.49
N PRO I 445 -36.47 44.00 14.57
CA PRO I 445 -37.85 43.55 14.84
C PRO I 445 -37.97 42.05 15.07
N GLU I 446 -37.12 41.25 14.41
CA GLU I 446 -37.14 39.81 14.66
C GLU I 446 -36.78 39.51 16.12
N LEU I 447 -35.80 40.24 16.67
CA LEU I 447 -35.49 40.09 18.09
C LEU I 447 -36.68 40.48 18.94
N ALA I 448 -37.40 41.54 18.55
CA ALA I 448 -38.56 41.97 19.32
C ALA I 448 -39.63 40.89 19.35
N ILE I 449 -39.94 40.30 18.19
CA ILE I 449 -40.98 39.28 18.16
C ILE I 449 -40.51 38.02 18.88
N ALA I 450 -39.21 37.69 18.81
CA ALA I 450 -38.71 36.53 19.56
C ALA I 450 -38.86 36.74 21.07
N LEU I 451 -38.43 37.89 21.56
CA LEU I 451 -38.59 38.21 22.98
C LEU I 451 -40.06 38.24 23.37
N GLU I 452 -40.94 38.61 22.44
CA GLU I 452 -42.37 38.52 22.68
C GLU I 452 -42.84 37.07 22.79
N THR I 453 -42.26 36.17 22.00
CA THR I 453 -42.73 34.80 21.96
C THR I 453 -42.54 34.08 23.29
N TRP I 454 -41.39 34.27 23.94
CA TRP I 454 -41.06 33.49 25.14
C TRP I 454 -40.75 34.41 26.31
N LYS I 455 -41.59 35.40 26.54
CA LYS I 455 -41.43 36.33 27.65
C LYS I 455 -41.48 35.60 29.00
N VAL J 7 -44.07 38.28 8.46
CA VAL J 7 -44.25 39.39 7.53
C VAL J 7 -42.90 40.05 7.25
N GLY J 8 -42.52 40.07 5.98
CA GLY J 8 -41.27 40.65 5.58
C GLY J 8 -40.10 39.67 5.68
N ASP J 9 -39.08 39.94 4.88
CA ASP J 9 -37.89 39.11 4.83
C ASP J 9 -36.69 39.87 5.37
N TYR J 10 -35.66 39.12 5.76
CA TYR J 10 -34.39 39.69 6.21
C TYR J 10 -33.36 39.43 5.11
N GLN J 11 -32.98 40.48 4.39
CA GLN J 11 -32.05 40.34 3.28
C GLN J 11 -30.64 40.08 3.80
N THR J 12 -29.89 39.26 3.06
CA THR J 12 -28.51 39.00 3.41
C THR J 12 -27.68 40.28 3.27
N VAL J 13 -26.87 40.56 4.28
CA VAL J 13 -26.07 41.78 4.32
C VAL J 13 -24.61 41.39 4.53
N ALA J 14 -23.73 41.99 3.74
CA ALA J 14 -22.29 41.79 3.92
C ALA J 14 -21.87 42.50 5.20
N THR J 15 -21.79 41.75 6.29
CA THR J 15 -21.53 42.31 7.60
C THR J 15 -20.05 42.21 7.94
N LEU J 16 -19.68 42.87 9.04
CA LEU J 16 -18.27 43.07 9.33
C LEU J 16 -17.88 42.59 10.72
N GLU J 17 -18.19 41.33 11.05
CA GLU J 17 -17.50 40.65 12.14
C GLU J 17 -17.70 41.28 13.51
N THR J 18 -18.82 40.98 14.18
CA THR J 18 -19.03 41.39 15.58
C THR J 18 -19.19 42.89 15.74
N PHE J 19 -20.44 43.36 15.57
CA PHE J 19 -20.89 44.74 15.43
C PHE J 19 -20.84 45.20 13.98
N GLY J 20 -20.84 44.23 13.05
CA GLY J 20 -21.16 44.55 11.68
C GLY J 20 -22.65 44.73 11.44
N PHE J 21 -23.48 44.13 12.30
CA PHE J 21 -24.92 44.23 12.14
C PHE J 21 -25.46 45.56 12.67
N LEU J 22 -24.98 46.00 13.83
CA LEU J 22 -25.47 47.22 14.44
C LEU J 22 -25.05 48.43 13.62
N PRO J 23 -25.77 49.56 13.75
CA PRO J 23 -25.34 50.77 13.07
C PRO J 23 -23.96 51.19 13.53
N PRO J 24 -23.25 51.98 12.73
CA PRO J 24 -21.88 52.35 13.09
C PRO J 24 -21.82 53.03 14.46
N MET J 25 -20.81 52.63 15.24
CA MET J 25 -20.71 53.07 16.63
C MET J 25 -20.44 54.56 16.72
N THR J 26 -20.99 55.18 17.76
CA THR J 26 -20.72 56.58 18.02
C THR J 26 -19.36 56.74 18.69
N GLN J 27 -18.86 57.98 18.67
CA GLN J 27 -17.52 58.24 19.18
C GLN J 27 -17.41 57.96 20.68
N ASP J 28 -18.46 58.28 21.44
CA ASP J 28 -18.46 57.96 22.87
C ASP J 28 -18.40 56.46 23.09
N GLU J 29 -19.08 55.69 22.24
CA GLU J 29 -18.98 54.23 22.32
C GLU J 29 -17.57 53.75 22.00
N ILE J 30 -16.89 54.42 21.07
CA ILE J 30 -15.49 54.09 20.80
C ILE J 30 -14.63 54.38 22.02
N TYR J 31 -14.89 55.50 22.69
CA TYR J 31 -14.19 55.82 23.93
C TYR J 31 -14.40 54.73 24.97
N ASP J 32 -15.65 54.28 25.12
CA ASP J 32 -15.94 53.23 26.10
C ASP J 32 -15.25 51.92 25.73
N GLN J 33 -15.24 51.57 24.45
CA GLN J 33 -14.58 50.34 24.01
C GLN J 33 -13.08 50.38 24.28
N ILE J 34 -12.43 51.50 23.94
CA ILE J 34 -10.99 51.58 24.17
C ILE J 34 -10.69 51.64 25.67
N ALA J 35 -11.55 52.26 26.46
CA ALA J 35 -11.38 52.25 27.91
C ALA J 35 -11.48 50.84 28.46
N TYR J 36 -12.42 50.05 27.93
CA TYR J 36 -12.50 48.64 28.33
C TYR J 36 -11.24 47.88 27.94
N ILE J 37 -10.73 48.13 26.74
CA ILE J 37 -9.49 47.47 26.31
C ILE J 37 -8.36 47.81 27.27
N ILE J 38 -8.30 49.08 27.70
CA ILE J 38 -7.29 49.47 28.69
C ILE J 38 -7.51 48.74 30.01
N ALA J 39 -8.77 48.65 30.44
CA ALA J 39 -9.08 48.02 31.73
C ALA J 39 -8.78 46.53 31.74
N GLN J 40 -8.70 45.89 30.57
CA GLN J 40 -8.36 44.47 30.49
C GLN J 40 -6.87 44.22 30.32
N GLY J 41 -6.05 45.27 30.29
CA GLY J 41 -4.63 45.09 30.11
C GLY J 41 -4.20 44.74 28.71
N TRP J 42 -5.11 44.86 27.74
CA TRP J 42 -4.79 44.53 26.35
C TRP J 42 -4.10 45.73 25.70
N SER J 43 -3.79 45.61 24.41
CA SER J 43 -3.12 46.67 23.69
C SER J 43 -3.88 47.01 22.41
N PRO J 44 -4.09 48.29 22.13
CA PRO J 44 -4.78 48.68 20.91
C PRO J 44 -3.93 48.43 19.67
N LEU J 45 -4.60 48.10 18.57
CA LEU J 45 -3.93 47.91 17.29
C LEU J 45 -4.90 48.26 16.18
N ILE J 46 -4.43 49.02 15.20
CA ILE J 46 -5.26 49.56 14.13
C ILE J 46 -4.97 48.77 12.86
N GLU J 47 -6.04 48.30 12.21
CA GLU J 47 -5.94 47.55 10.96
C GLU J 47 -6.80 48.21 9.90
N HIS J 48 -6.25 48.39 8.71
CA HIS J 48 -6.98 48.90 7.56
C HIS J 48 -6.71 47.99 6.37
N VAL J 49 -7.72 47.79 5.53
CA VAL J 49 -7.58 46.94 4.36
C VAL J 49 -8.68 47.31 3.38
N HIS J 50 -8.43 47.08 2.09
CA HIS J 50 -9.44 47.33 1.08
C HIS J 50 -10.60 46.36 1.28
N PRO J 51 -11.85 46.83 1.14
CA PRO J 51 -13.00 45.95 1.38
C PRO J 51 -13.04 44.73 0.46
N SER J 52 -12.41 44.81 -0.72
CA SER J 52 -12.40 43.66 -1.61
C SER J 52 -11.64 42.48 -1.03
N ARG J 53 -10.68 42.74 -0.13
CA ARG J 53 -9.85 41.71 0.47
C ARG J 53 -10.24 41.44 1.92
N SER J 54 -11.52 41.56 2.25
CA SER J 54 -11.96 41.33 3.63
C SER J 54 -11.74 39.88 4.05
N MET J 55 -11.67 38.95 3.11
CA MET J 55 -11.51 37.54 3.40
C MET J 55 -10.07 37.14 3.69
N ALA J 56 -9.13 38.08 3.62
CA ALA J 56 -7.74 37.78 3.94
C ALA J 56 -7.59 37.50 5.43
N THR J 57 -6.43 36.95 5.79
CA THR J 57 -6.14 36.60 7.18
C THR J 57 -5.49 37.74 7.95
N TYR J 58 -4.65 38.55 7.30
CA TYR J 58 -3.95 39.65 7.96
C TYR J 58 -4.22 40.94 7.19
N TRP J 59 -4.67 41.96 7.91
CA TRP J 59 -4.91 43.27 7.31
C TRP J 59 -3.64 44.12 7.40
N SER J 60 -3.65 45.24 6.68
CA SER J 60 -2.51 46.15 6.70
C SER J 60 -2.49 46.90 8.02
N TYR J 61 -1.48 46.62 8.85
CA TYR J 61 -1.41 47.18 10.18
C TYR J 61 -0.91 48.62 10.14
N TRP J 62 -1.42 49.44 11.05
CA TRP J 62 -0.92 50.80 11.26
C TRP J 62 0.35 50.73 12.09
N LYS J 63 0.76 51.87 12.66
CA LYS J 63 1.93 51.92 13.53
C LYS J 63 1.87 50.83 14.59
N LEU J 64 3.03 50.40 15.09
CA LEU J 64 3.13 49.22 15.93
C LEU J 64 2.20 49.33 17.13
N PRO J 65 1.74 48.19 17.67
CA PRO J 65 0.81 48.23 18.81
C PRO J 65 1.41 48.99 19.98
N PHE J 66 0.55 49.74 20.67
CA PHE J 66 0.98 50.65 21.73
C PHE J 66 0.91 49.92 23.06
N PHE J 67 2.07 49.60 23.61
CA PHE J 67 2.20 48.87 24.87
C PHE J 67 2.52 49.85 25.98
N GLY J 68 1.78 49.76 27.09
CA GLY J 68 1.89 50.74 28.15
C GLY J 68 1.09 52.00 27.91
N GLU J 69 0.39 52.10 26.79
CA GLU J 69 -0.41 53.28 26.48
C GLU J 69 -1.76 53.16 27.16
N LYS J 70 -2.09 54.16 27.99
CA LYS J 70 -3.32 54.14 28.78
C LYS J 70 -4.18 55.37 28.57
N ASP J 71 -3.99 56.08 27.45
CA ASP J 71 -4.73 57.30 27.15
C ASP J 71 -5.67 57.06 25.99
N LEU J 72 -6.92 57.53 26.14
CA LEU J 72 -7.90 57.37 25.07
C LEU J 72 -7.66 58.36 23.94
N GLY J 73 -7.23 59.58 24.28
CA GLY J 73 -7.12 60.62 23.26
C GLY J 73 -6.12 60.29 22.17
N VAL J 74 -4.98 59.70 22.53
CA VAL J 74 -4.00 59.33 21.51
C VAL J 74 -4.57 58.23 20.61
N ILE J 75 -5.34 57.31 21.18
CA ILE J 75 -5.96 56.26 20.39
C ILE J 75 -6.94 56.86 19.39
N VAL J 76 -7.74 57.83 19.84
CA VAL J 76 -8.70 58.46 18.95
C VAL J 76 -7.98 59.24 17.84
N SER J 77 -6.89 59.93 18.20
CA SER J 77 -6.13 60.66 17.20
C SER J 77 -5.54 59.72 16.16
N GLU J 78 -5.00 58.58 16.60
CA GLU J 78 -4.48 57.59 15.66
C GLU J 78 -5.60 57.03 14.77
N LEU J 79 -6.79 56.80 15.35
CA LEU J 79 -7.91 56.29 14.58
C LEU J 79 -8.31 57.27 13.48
N GLU J 80 -8.43 58.55 13.82
CA GLU J 80 -8.83 59.53 12.81
C GLU J 80 -7.73 59.73 11.78
N ALA J 81 -6.46 59.68 12.20
CA ALA J 81 -5.36 59.81 11.26
C ALA J 81 -5.35 58.66 10.26
N CYS J 82 -5.52 57.42 10.75
CA CYS J 82 -5.53 56.28 9.84
C CYS J 82 -6.77 56.28 8.96
N HIS J 83 -7.90 56.76 9.48
CA HIS J 83 -9.10 56.90 8.67
C HIS J 83 -8.87 57.88 7.52
N ARG J 84 -8.22 59.01 7.80
CA ARG J 84 -7.87 59.94 6.74
C ARG J 84 -6.80 59.38 5.80
N ALA J 85 -5.98 58.44 6.28
CA ALA J 85 -4.97 57.85 5.41
C ALA J 85 -5.62 57.03 4.30
N TYR J 86 -6.58 56.17 4.66
CA TYR J 86 -7.30 55.34 3.71
C TYR J 86 -8.80 55.46 3.96
N PRO J 87 -9.42 56.55 3.51
CA PRO J 87 -10.86 56.74 3.73
C PRO J 87 -11.76 55.82 2.93
N ASP J 88 -11.19 54.97 2.07
CA ASP J 88 -11.97 53.99 1.33
C ASP J 88 -11.77 52.56 1.81
N HIS J 89 -10.83 52.34 2.73
CA HIS J 89 -10.59 51.01 3.30
C HIS J 89 -11.45 50.79 4.54
N HIS J 90 -11.65 49.52 4.86
CA HIS J 90 -12.27 49.14 6.13
C HIS J 90 -11.23 49.26 7.24
N VAL J 91 -11.59 49.96 8.32
CA VAL J 91 -10.68 50.21 9.43
C VAL J 91 -11.30 49.64 10.70
N ARG J 92 -10.57 48.78 11.39
CA ARG J 92 -11.03 48.16 12.63
C ARG J 92 -9.98 48.33 13.72
N LEU J 93 -10.43 48.18 14.96
CA LEU J 93 -9.58 48.30 16.14
C LEU J 93 -9.60 46.97 16.89
N VAL J 94 -8.41 46.50 17.27
CA VAL J 94 -8.25 45.18 17.87
C VAL J 94 -7.48 45.33 19.18
N GLY J 95 -7.94 44.64 20.22
CA GLY J 95 -7.24 44.55 21.48
C GLY J 95 -6.49 43.24 21.58
N TYR J 96 -5.17 43.34 21.77
CA TYR J 96 -4.29 42.18 21.79
C TYR J 96 -3.92 41.82 23.22
N ASP J 97 -4.05 40.54 23.56
CA ASP J 97 -3.68 40.01 24.86
C ASP J 97 -2.38 39.24 24.71
N ALA J 98 -1.33 39.72 25.38
CA ALA J 98 -0.02 39.07 25.27
C ALA J 98 0.01 37.73 25.98
N TYR J 99 -0.71 37.59 27.10
CA TYR J 99 -0.64 36.39 27.91
C TYR J 99 -1.39 35.21 27.30
N THR J 100 -2.34 35.46 26.39
CA THR J 100 -3.08 34.40 25.75
C THR J 100 -2.88 34.33 24.24
N GLN J 101 -2.15 35.28 23.66
CA GLN J 101 -1.84 35.28 22.22
C GLN J 101 -3.09 35.20 21.36
N SER J 102 -4.12 35.96 21.76
CA SER J 102 -5.37 36.00 21.03
C SER J 102 -5.84 37.45 20.96
N GLN J 103 -6.94 37.67 20.25
CA GLN J 103 -7.56 38.99 20.13
C GLN J 103 -8.67 39.06 21.17
N GLY J 104 -8.45 39.85 22.23
CA GLY J 104 -9.44 39.96 23.28
C GLY J 104 -10.75 40.57 22.82
N ALA J 105 -10.68 41.55 21.92
CA ALA J 105 -11.86 42.21 21.38
C ALA J 105 -11.48 42.93 20.10
N CYS J 106 -12.34 42.86 19.09
CA CYS J 106 -12.08 43.51 17.82
C CYS J 106 -13.40 43.82 17.14
N PHE J 107 -13.46 44.97 16.48
CA PHE J 107 -14.64 45.39 15.74
C PHE J 107 -14.25 46.52 14.80
N VAL J 108 -15.07 46.73 13.78
CA VAL J 108 -14.80 47.76 12.79
C VAL J 108 -15.19 49.12 13.32
N VAL J 109 -14.37 50.13 13.01
CA VAL J 109 -14.64 51.51 13.41
C VAL J 109 -15.13 52.33 12.21
N PHE J 110 -14.41 52.28 11.10
CA PHE J 110 -14.78 52.98 9.88
C PHE J 110 -14.97 51.99 8.75
N GLU J 111 -16.08 52.12 8.03
CA GLU J 111 -16.32 51.33 6.84
C GLU J 111 -16.10 52.17 5.59
N GLY J 112 -15.51 51.57 4.56
CA GLY J 112 -15.15 52.31 3.38
C GLY J 112 -16.36 52.70 2.54
N ARG J 113 -16.12 53.57 1.57
CA ARG J 113 -17.16 54.03 0.67
C ARG J 113 -17.66 52.89 -0.20
N GLU K 11 55.69 -0.51 18.34
CA GLU K 11 56.06 0.30 17.18
C GLU K 11 55.23 -0.07 15.96
N TYR K 12 54.62 0.94 15.34
CA TYR K 12 53.80 0.75 14.17
C TYR K 12 54.26 1.53 12.95
N ARG K 13 55.37 2.27 13.05
CA ARG K 13 55.87 3.04 11.91
C ARG K 13 56.23 2.13 10.74
N ASP K 14 56.81 0.97 11.04
CA ASP K 14 57.38 0.10 10.02
C ASP K 14 56.35 -0.32 8.98
N THR K 15 55.08 -0.41 9.36
CA THR K 15 54.02 -0.77 8.44
C THR K 15 52.96 0.29 8.25
N TYR K 16 52.98 1.38 9.03
CA TYR K 16 51.99 2.43 8.89
C TYR K 16 52.59 3.82 8.76
N TRP K 17 53.90 3.94 8.53
CA TRP K 17 54.51 5.19 8.12
C TRP K 17 55.23 4.97 6.80
N THR K 18 54.89 5.78 5.79
CA THR K 18 55.43 5.61 4.45
C THR K 18 56.34 6.78 4.11
N PRO K 19 57.66 6.62 4.14
CA PRO K 19 58.56 7.76 3.91
C PRO K 19 58.51 8.32 2.50
N ASP K 20 58.16 7.51 1.49
CA ASP K 20 58.25 7.96 0.09
C ASP K 20 57.00 7.59 -0.72
N TYR K 21 55.88 7.32 -0.07
CA TYR K 21 54.68 6.97 -0.81
C TYR K 21 54.00 8.21 -1.36
N VAL K 22 53.46 8.09 -2.57
CA VAL K 22 52.71 9.15 -3.24
C VAL K 22 51.25 8.70 -3.31
N PRO K 23 50.31 9.52 -2.81
CA PRO K 23 48.91 9.09 -2.78
C PRO K 23 48.37 8.85 -4.18
N LEU K 24 47.48 7.86 -4.30
CA LEU K 24 46.76 7.61 -5.54
C LEU K 24 45.58 8.57 -5.65
N ASP K 25 45.23 8.91 -6.89
CA ASP K 25 44.17 9.87 -7.18
C ASP K 25 42.78 9.39 -6.81
N THR K 26 42.63 8.13 -6.44
CA THR K 26 41.37 7.58 -5.95
C THR K 26 41.35 7.39 -4.45
N ASP K 27 42.42 7.80 -3.76
CA ASP K 27 42.51 7.63 -2.32
C ASP K 27 41.78 8.78 -1.61
N LEU K 28 41.48 8.57 -0.34
CA LEU K 28 40.93 9.61 0.51
C LEU K 28 42.07 10.14 1.39
N LEU K 29 42.36 11.43 1.26
CA LEU K 29 43.47 12.05 1.96
C LEU K 29 42.94 12.88 3.11
N ALA K 30 43.50 12.67 4.30
CA ALA K 30 43.05 13.35 5.51
C ALA K 30 44.23 14.05 6.18
N CYS K 31 43.98 15.23 6.71
CA CYS K 31 44.99 16.02 7.41
C CYS K 31 44.62 16.12 8.88
N PHE K 32 45.57 15.75 9.75
CA PHE K 32 45.36 15.78 11.19
C PHE K 32 46.41 16.66 11.83
N LYS K 33 45.99 17.64 12.62
CA LYS K 33 46.92 18.39 13.47
C LYS K 33 47.08 17.60 14.77
N CYS K 34 48.26 17.00 14.96
CA CYS K 34 48.46 16.03 16.02
C CYS K 34 49.46 16.55 17.05
N THR K 35 49.17 16.28 18.32
CA THR K 35 50.10 16.54 19.42
C THR K 35 50.15 15.29 20.27
N GLY K 36 51.24 14.52 20.14
CA GLY K 36 51.46 13.37 20.98
C GLY K 36 51.97 13.78 22.35
N GLN K 37 52.30 12.78 23.15
CA GLN K 37 52.89 13.05 24.46
C GLN K 37 54.28 13.67 24.28
N GLU K 38 54.79 14.27 25.35
CA GLU K 38 56.08 14.94 25.26
C GLU K 38 57.20 13.94 25.01
N GLY K 39 58.09 14.29 24.10
CA GLY K 39 59.23 13.45 23.78
C GLY K 39 58.88 12.12 23.15
N VAL K 40 57.89 12.09 22.27
CA VAL K 40 57.54 10.87 21.54
C VAL K 40 57.90 11.06 20.08
N PRO K 41 58.20 9.98 19.35
CA PRO K 41 58.44 10.10 17.90
C PRO K 41 57.19 10.58 17.17
N LYS K 42 57.33 11.68 16.42
CA LYS K 42 56.21 12.20 15.66
C LYS K 42 55.76 11.22 14.59
N GLU K 43 56.71 10.54 13.94
CA GLU K 43 56.36 9.52 12.96
C GLU K 43 55.58 8.39 13.62
N GLU K 44 55.99 7.98 14.82
CA GLU K 44 55.31 6.88 15.50
C GLU K 44 53.87 7.25 15.87
N VAL K 45 53.66 8.46 16.39
CA VAL K 45 52.31 8.86 16.77
C VAL K 45 51.43 9.06 15.53
N ALA K 46 52.01 9.59 14.44
CA ALA K 46 51.26 9.71 13.20
C ALA K 46 50.85 8.34 12.67
N ALA K 47 51.77 7.37 12.74
CA ALA K 47 51.44 6.02 12.29
C ALA K 47 50.41 5.38 13.20
N ALA K 48 50.48 5.68 14.50
CA ALA K 48 49.47 5.18 15.44
C ALA K 48 48.09 5.73 15.11
N VAL K 49 48.01 7.02 14.79
CA VAL K 49 46.73 7.61 14.39
C VAL K 49 46.22 6.94 13.11
N ALA K 50 47.11 6.79 12.12
CA ALA K 50 46.71 6.19 10.86
C ALA K 50 46.20 4.75 11.06
N ALA K 51 46.90 3.97 11.87
CA ALA K 51 46.45 2.61 12.15
C ALA K 51 45.13 2.61 12.92
N GLU K 52 45.02 3.44 13.94
CA GLU K 52 43.80 3.52 14.74
C GLU K 52 42.60 3.94 13.92
N SER K 53 42.83 4.55 12.75
CA SER K 53 41.75 4.77 11.79
C SER K 53 41.37 3.49 11.06
N SER K 54 42.31 2.59 10.81
CA SER K 54 41.99 1.38 10.08
C SER K 54 42.18 0.10 10.88
N THR K 55 43.37 -0.10 11.46
CA THR K 55 43.75 -1.39 12.04
C THR K 55 44.45 -1.20 13.39
N GLY K 56 44.09 -2.05 14.35
CA GLY K 56 44.72 -2.01 15.66
C GLY K 56 44.70 -3.33 16.39
N THR K 57 45.88 -3.82 16.78
CA THR K 57 46.02 -5.06 17.54
C THR K 57 47.01 -4.85 18.67
N TRP K 58 46.77 -5.54 19.78
CA TRP K 58 47.65 -5.44 20.94
C TRP K 58 48.76 -6.49 20.95
N SER K 59 48.69 -7.48 20.08
CA SER K 59 49.71 -8.51 20.00
C SER K 59 49.58 -9.22 18.65
N THR K 60 50.33 -10.30 18.48
CA THR K 60 50.27 -11.07 17.25
C THR K 60 48.88 -11.66 17.04
N VAL K 61 48.38 -11.59 15.81
CA VAL K 61 47.02 -11.96 15.49
C VAL K 61 47.01 -12.89 14.28
N TRP K 62 45.92 -13.65 14.12
CA TRP K 62 45.83 -14.69 13.10
C TRP K 62 44.96 -14.29 11.91
N SER K 63 43.75 -13.76 12.16
CA SER K 63 42.77 -13.57 11.09
C SER K 63 43.24 -12.53 10.07
N GLU K 64 44.17 -11.66 10.45
CA GLU K 64 44.68 -10.66 9.52
C GLU K 64 45.53 -11.28 8.42
N LEU K 65 45.88 -12.55 8.52
CA LEU K 65 46.57 -13.25 7.45
C LEU K 65 45.63 -13.87 6.43
N LEU K 66 44.32 -13.80 6.65
CA LEU K 66 43.34 -14.26 5.67
C LEU K 66 42.88 -13.15 4.74
N VAL K 67 43.14 -11.89 5.07
CA VAL K 67 42.88 -10.77 4.17
C VAL K 67 44.14 -9.94 4.07
N ASP K 68 44.42 -9.42 2.88
CA ASP K 68 45.66 -8.69 2.67
C ASP K 68 45.62 -7.35 3.40
N LEU K 69 46.19 -7.32 4.60
CA LEU K 69 46.27 -6.09 5.37
C LEU K 69 47.10 -5.03 4.66
N ASP K 70 48.00 -5.46 3.77
CA ASP K 70 48.86 -4.53 3.05
C ASP K 70 48.04 -3.58 2.17
N PHE K 71 47.03 -4.11 1.49
CA PHE K 71 46.20 -3.31 0.60
C PHE K 71 45.11 -2.53 1.33
N TYR K 72 44.50 -3.12 2.35
CA TYR K 72 43.44 -2.46 3.11
C TYR K 72 44.00 -1.84 4.38
N LYS K 73 44.86 -0.83 4.19
CA LYS K 73 45.40 -0.09 5.31
C LYS K 73 45.71 1.34 4.88
N GLY K 74 45.62 2.26 5.83
CA GLY K 74 45.93 3.64 5.54
C GLY K 74 47.42 3.89 5.50
N ARG K 75 47.80 5.02 4.91
CA ARG K 75 49.20 5.41 4.77
C ARG K 75 49.35 6.88 5.12
N CYS K 76 49.98 7.16 6.25
CA CYS K 76 50.46 8.51 6.54
C CYS K 76 51.77 8.72 5.80
N TYR K 77 51.79 9.69 4.89
CA TYR K 77 52.89 9.87 3.95
C TYR K 77 53.63 11.19 4.11
N ARG K 78 53.16 12.09 4.97
CA ARG K 78 53.84 13.38 5.09
C ARG K 78 53.56 13.99 6.45
N ILE K 79 54.64 14.32 7.17
CA ILE K 79 54.57 15.06 8.42
C ILE K 79 55.21 16.42 8.18
N GLU K 80 54.44 17.48 8.39
CA GLU K 80 54.89 18.85 8.20
C GLU K 80 54.80 19.61 9.52
N ASP K 81 55.73 20.55 9.71
CA ASP K 81 55.80 21.31 10.95
C ASP K 81 54.75 22.42 10.92
N VAL K 82 53.91 22.48 11.95
CA VAL K 82 52.85 23.49 12.00
C VAL K 82 53.47 24.87 12.17
N PRO K 83 53.05 25.87 11.40
CA PRO K 83 53.61 27.22 11.59
C PRO K 83 53.07 27.90 12.84
N GLY K 84 53.72 27.66 13.98
CA GLY K 84 53.31 28.26 15.23
C GLY K 84 53.52 27.38 16.44
N ASP K 85 53.54 26.07 16.23
CA ASP K 85 53.87 25.13 17.29
C ASP K 85 54.76 24.03 16.72
N LYS K 86 55.84 23.72 17.44
CA LYS K 86 56.74 22.65 17.05
C LYS K 86 56.37 21.32 17.68
N GLU K 87 55.48 21.31 18.66
CA GLU K 87 54.92 20.06 19.16
C GLU K 87 53.72 19.60 18.35
N ALA K 88 52.89 20.53 17.90
CA ALA K 88 51.81 20.20 16.98
C ALA K 88 52.36 20.09 15.56
N PHE K 89 51.90 19.08 14.83
CA PHE K 89 52.38 18.85 13.48
C PHE K 89 51.23 18.39 12.60
N TYR K 90 51.23 18.85 11.35
CA TYR K 90 50.26 18.37 10.37
C TYR K 90 50.68 17.01 9.83
N ALA K 91 49.73 16.08 9.82
CA ALA K 91 49.95 14.73 9.31
C ALA K 91 48.94 14.43 8.22
N PHE K 92 49.43 13.92 7.09
CA PHE K 92 48.61 13.61 5.93
C PHE K 92 48.52 12.09 5.80
N ILE K 93 47.32 11.55 5.97
CA ILE K 93 47.09 10.11 5.95
C ILE K 93 46.24 9.77 4.73
N ALA K 94 46.65 8.73 4.01
CA ALA K 94 45.92 8.25 2.85
C ALA K 94 44.98 7.12 3.24
N TYR K 95 43.97 6.90 2.41
CA TYR K 95 42.99 5.84 2.64
C TYR K 95 42.60 5.22 1.30
N PRO K 96 42.75 3.90 1.14
CA PRO K 96 42.24 3.25 -0.07
C PRO K 96 40.74 3.46 -0.21
N LEU K 97 40.28 3.59 -1.46
CA LEU K 97 38.89 3.95 -1.73
C LEU K 97 37.92 2.92 -1.15
N ASP K 98 38.34 1.67 -1.06
CA ASP K 98 37.45 0.60 -0.63
C ASP K 98 37.09 0.65 0.86
N LEU K 99 37.76 1.49 1.64
CA LEU K 99 37.48 1.54 3.07
C LEU K 99 36.18 2.24 3.43
N PHE K 100 35.33 2.64 2.47
CA PHE K 100 34.15 3.43 2.78
C PHE K 100 32.98 2.91 1.96
N GLU K 101 31.81 3.48 2.23
CA GLU K 101 30.59 3.17 1.50
C GLU K 101 30.43 4.12 0.33
N GLU K 102 29.75 3.65 -0.71
CA GLU K 102 29.55 4.45 -1.92
C GLU K 102 28.52 5.55 -1.67
N GLY K 103 28.99 6.68 -1.14
CA GLY K 103 28.11 7.81 -0.89
C GLY K 103 27.53 7.88 0.50
N SER K 104 28.30 7.48 1.52
CA SER K 104 27.84 7.54 2.90
C SER K 104 28.81 8.46 3.66
N VAL K 105 28.40 9.70 3.89
CA VAL K 105 29.21 10.59 4.72
C VAL K 105 29.28 10.04 6.14
N THR K 106 28.22 9.36 6.58
CA THR K 106 28.22 8.74 7.90
C THR K 106 29.35 7.72 8.02
N ASN K 107 29.53 6.89 6.99
CA ASN K 107 30.61 5.92 7.00
C ASN K 107 31.97 6.62 7.02
N VAL K 108 32.10 7.73 6.30
CA VAL K 108 33.36 8.48 6.30
C VAL K 108 33.67 8.97 7.71
N LEU K 109 32.67 9.53 8.40
CA LEU K 109 32.92 10.03 9.75
C LEU K 109 33.25 8.89 10.71
N THR K 110 32.54 7.76 10.59
CA THR K 110 32.83 6.62 11.45
C THR K 110 34.25 6.10 11.21
N SER K 111 34.67 5.99 9.96
CA SER K 111 36.00 5.48 9.66
C SER K 111 37.10 6.49 9.98
N LEU K 112 36.77 7.78 10.05
CA LEU K 112 37.80 8.79 10.28
C LEU K 112 37.98 9.15 11.75
N VAL K 113 36.90 9.34 12.50
CA VAL K 113 36.99 9.79 13.89
C VAL K 113 36.25 8.85 14.83
N GLY K 114 36.00 7.62 14.38
CA GLY K 114 35.24 6.69 15.20
C GLY K 114 35.93 6.33 16.50
N ASN K 115 37.22 5.99 16.43
CA ASN K 115 37.97 5.55 17.60
C ASN K 115 39.31 6.22 17.78
N VAL K 116 39.76 7.05 16.83
CA VAL K 116 41.10 7.61 16.91
C VAL K 116 41.25 8.56 18.09
N PHE K 117 40.17 9.24 18.47
CA PHE K 117 40.23 10.24 19.53
C PHE K 117 40.37 9.63 20.93
N GLY K 118 40.30 8.31 21.06
CA GLY K 118 40.40 7.66 22.36
C GLY K 118 41.75 7.12 22.72
N PHE K 119 42.74 7.21 21.83
CA PHE K 119 44.06 6.65 22.10
C PHE K 119 44.81 7.54 23.07
N LYS K 120 45.39 6.93 24.11
CA LYS K 120 46.07 7.69 25.15
C LYS K 120 47.36 8.33 24.67
N ALA K 121 47.99 7.78 23.63
CA ALA K 121 49.27 8.30 23.17
C ALA K 121 49.15 9.63 22.41
N LEU K 122 48.00 10.29 22.42
CA LEU K 122 47.82 11.56 21.73
C LEU K 122 47.28 12.58 22.72
N ARG K 123 48.06 13.65 22.96
CA ARG K 123 47.57 14.72 23.83
C ARG K 123 46.38 15.42 23.21
N HIS K 124 46.47 15.76 21.92
CA HIS K 124 45.39 16.39 21.20
C HIS K 124 45.40 15.92 19.75
N LEU K 125 44.21 15.86 19.15
CA LEU K 125 44.07 15.51 17.75
C LEU K 125 42.98 16.36 17.13
N ARG K 126 43.26 16.92 15.96
CA ARG K 126 42.29 17.76 15.26
C ARG K 126 42.28 17.42 13.78
N LEU K 127 41.10 17.11 13.27
CA LEU K 127 40.93 16.86 11.84
C LEU K 127 40.85 18.19 11.10
N GLU K 128 41.78 18.42 10.18
CA GLU K 128 41.90 19.70 9.51
C GLU K 128 41.27 19.71 8.12
N ASP K 129 41.74 18.83 7.23
CA ASP K 129 41.29 18.86 5.84
C ASP K 129 41.11 17.44 5.32
N ILE K 130 40.20 17.30 4.36
CA ILE K 130 39.91 16.02 3.71
C ILE K 130 39.90 16.24 2.20
N ARG K 131 40.59 15.39 1.47
CA ARG K 131 40.60 15.44 0.00
C ARG K 131 39.76 14.27 -0.52
N PHE K 132 38.49 14.54 -0.80
CA PHE K 132 37.60 13.50 -1.27
C PHE K 132 37.90 13.16 -2.73
N PRO K 133 38.06 11.89 -3.08
CA PRO K 133 38.30 11.54 -4.48
C PRO K 133 37.07 11.82 -5.33
N MET K 134 37.32 12.06 -6.63
CA MET K 134 36.23 12.37 -7.55
C MET K 134 35.19 11.25 -7.58
N ALA K 135 35.64 9.99 -7.46
CA ALA K 135 34.73 8.87 -7.51
C ALA K 135 33.71 8.92 -6.36
N PHE K 136 34.21 9.09 -5.14
CA PHE K 136 33.31 9.14 -3.98
C PHE K 136 32.35 10.31 -4.06
N ILE K 137 32.80 11.44 -4.60
CA ILE K 137 31.91 12.58 -4.80
C ILE K 137 30.82 12.24 -5.81
N LYS K 138 31.19 11.56 -6.89
CA LYS K 138 30.21 11.17 -7.88
C LYS K 138 29.23 10.12 -7.35
N THR K 139 29.62 9.37 -6.32
CA THR K 139 28.71 8.38 -5.75
C THR K 139 27.64 9.02 -4.88
N CYS K 140 27.98 10.06 -4.14
CA CYS K 140 27.04 10.65 -3.20
C CYS K 140 25.92 11.39 -3.94
N PRO K 141 24.73 11.46 -3.35
CA PRO K 141 23.63 12.19 -4.02
C PRO K 141 23.91 13.66 -4.23
N GLY K 142 24.62 14.30 -3.30
CA GLY K 142 24.91 15.72 -3.41
C GLY K 142 23.71 16.58 -3.13
N PRO K 143 23.88 17.90 -3.22
CA PRO K 143 22.75 18.82 -3.03
C PRO K 143 21.63 18.53 -4.01
N PRO K 144 20.38 18.60 -3.56
CA PRO K 144 19.27 18.27 -4.47
C PRO K 144 19.09 19.27 -5.60
N ASN K 145 19.32 20.55 -5.37
CA ASN K 145 19.09 21.57 -6.39
C ASN K 145 20.39 22.20 -6.88
N GLY K 146 21.16 22.82 -6.01
CA GLY K 146 22.34 23.55 -6.42
C GLY K 146 22.13 25.05 -6.42
N ILE K 147 23.24 25.78 -6.56
CA ILE K 147 23.23 27.24 -6.49
C ILE K 147 22.42 27.83 -7.64
N CYS K 148 22.82 27.52 -8.87
CA CYS K 148 22.16 28.09 -10.03
C CYS K 148 20.70 27.62 -10.13
N VAL K 149 20.44 26.36 -9.75
CA VAL K 149 19.09 25.85 -9.80
C VAL K 149 18.20 26.55 -8.78
N GLU K 150 18.72 26.82 -7.59
CA GLU K 150 17.96 27.59 -6.61
C GLU K 150 17.69 29.00 -7.11
N ARG K 151 18.70 29.63 -7.73
CA ARG K 151 18.49 30.96 -8.30
C ARG K 151 17.40 30.94 -9.36
N ASP K 152 17.39 29.89 -10.19
CA ASP K 152 16.35 29.76 -11.21
C ASP K 152 14.98 29.57 -10.58
N ARG K 153 14.89 28.74 -9.54
CA ARG K 153 13.61 28.46 -8.91
C ARG K 153 13.08 29.67 -8.12
N MET K 154 13.96 30.56 -7.68
CA MET K 154 13.54 31.78 -7.01
C MET K 154 13.55 33.01 -7.92
N ASN K 155 14.18 32.91 -9.10
CA ASN K 155 14.27 34.03 -10.04
C ASN K 155 14.89 35.26 -9.38
N LYS K 156 15.91 35.03 -8.56
CA LYS K 156 16.60 36.09 -7.84
C LYS K 156 18.08 36.08 -8.23
N TYR K 157 18.58 37.23 -8.67
CA TYR K 157 19.95 37.34 -9.14
C TYR K 157 20.47 38.72 -8.77
N GLY K 158 21.68 39.03 -9.21
CA GLY K 158 22.26 40.35 -9.02
C GLY K 158 22.75 40.63 -7.62
N ARG K 159 21.93 40.28 -6.63
CA ARG K 159 22.20 40.56 -5.23
C ARG K 159 22.20 39.26 -4.43
N PRO K 160 22.89 39.24 -3.29
CA PRO K 160 22.67 38.16 -2.32
C PRO K 160 21.25 38.25 -1.75
N LEU K 161 20.80 37.14 -1.18
CA LEU K 161 19.45 37.06 -0.65
C LEU K 161 19.44 37.45 0.82
N LEU K 162 18.24 37.81 1.30
CA LEU K 162 18.08 38.42 2.63
C LEU K 162 17.08 37.60 3.43
N GLY K 163 17.52 37.05 4.56
CA GLY K 163 16.67 36.33 5.47
C GLY K 163 16.61 36.99 6.83
N CYS K 164 15.91 36.32 7.75
CA CYS K 164 15.86 36.76 9.14
C CYS K 164 15.26 35.65 9.99
N THR K 165 15.82 35.45 11.18
CA THR K 165 15.22 34.54 12.14
C THR K 165 14.01 35.19 12.79
N ILE K 166 12.96 34.41 13.02
CA ILE K 166 11.75 34.95 13.63
C ILE K 166 11.98 35.04 15.14
N LYS K 167 12.12 36.27 15.64
CA LYS K 167 12.24 36.57 17.06
C LYS K 167 10.87 36.87 17.66
N PRO K 168 10.62 36.47 18.91
CA PRO K 168 11.52 35.79 19.86
C PRO K 168 11.78 34.34 19.48
N LYS K 169 12.66 33.66 20.23
CA LYS K 169 13.02 32.29 19.89
C LYS K 169 11.83 31.34 19.92
N LEU K 170 10.81 31.64 20.71
CA LEU K 170 9.63 30.78 20.82
C LEU K 170 8.51 31.60 21.46
N GLY K 171 7.38 30.93 21.70
CA GLY K 171 6.22 31.52 22.33
C GLY K 171 5.10 31.90 21.38
N LEU K 172 5.34 31.88 20.08
CA LEU K 172 4.35 32.32 19.10
C LEU K 172 3.37 31.20 18.79
N SER K 173 2.09 31.57 18.64
CA SER K 173 1.10 30.65 18.13
C SER K 173 1.17 30.61 16.60
N GLY K 174 0.37 29.73 16.00
CA GLY K 174 0.38 29.60 14.56
C GLY K 174 0.03 30.90 13.86
N LYS K 175 -1.04 31.56 14.30
CA LYS K 175 -1.45 32.81 13.69
C LYS K 175 -0.41 33.91 13.92
N ASN K 176 0.09 34.03 15.15
CA ASN K 176 1.07 35.06 15.45
C ASN K 176 2.38 34.83 14.70
N TYR K 177 2.85 33.58 14.67
CA TYR K 177 4.07 33.26 13.93
C TYR K 177 3.88 33.56 12.44
N GLY K 178 2.72 33.18 11.89
CA GLY K 178 2.45 33.45 10.50
C GLY K 178 2.41 34.92 10.16
N ARG K 179 1.76 35.73 11.00
CA ARG K 179 1.67 37.15 10.72
C ARG K 179 3.03 37.84 10.88
N VAL K 180 3.84 37.39 11.84
CA VAL K 180 5.19 37.93 11.97
C VAL K 180 6.02 37.60 10.74
N VAL K 181 5.92 36.35 10.26
CA VAL K 181 6.63 35.97 9.05
C VAL K 181 6.15 36.80 7.86
N TYR K 182 4.85 37.03 7.77
CA TYR K 182 4.31 37.84 6.67
C TYR K 182 4.84 39.28 6.73
N GLU K 183 4.88 39.86 7.94
CA GLU K 183 5.40 41.22 8.08
C GLU K 183 6.87 41.28 7.69
N CYS K 184 7.66 40.28 8.09
CA CYS K 184 9.05 40.25 7.68
C CYS K 184 9.20 40.07 6.18
N LEU K 185 8.35 39.24 5.57
CA LEU K 185 8.52 38.87 4.17
C LEU K 185 8.08 40.00 3.23
N ARG K 186 7.01 40.71 3.58
CA ARG K 186 6.46 41.73 2.70
C ARG K 186 7.38 42.93 2.53
N GLY K 187 8.42 43.05 3.34
CA GLY K 187 9.36 44.14 3.22
C GLY K 187 10.48 43.92 2.23
N GLY K 188 10.32 42.98 1.29
CA GLY K 188 11.37 42.65 0.36
C GLY K 188 12.34 41.60 0.83
N LEU K 189 12.17 41.09 2.06
CA LEU K 189 13.04 40.03 2.56
C LEU K 189 12.84 38.76 1.75
N ASP K 190 13.95 38.07 1.46
CA ASP K 190 13.88 36.89 0.61
C ASP K 190 13.24 35.71 1.34
N PHE K 191 13.74 35.36 2.51
CA PHE K 191 13.25 34.21 3.26
C PHE K 191 13.19 34.55 4.74
N THR K 192 12.64 33.62 5.51
CA THR K 192 12.72 33.63 6.97
C THR K 192 12.98 32.20 7.42
N LYS K 193 13.83 32.05 8.43
CA LYS K 193 14.16 30.74 8.97
C LYS K 193 13.53 30.57 10.34
N ASP K 194 12.89 29.42 10.55
CA ASP K 194 12.42 29.07 11.88
C ASP K 194 13.64 28.84 12.79
N ASP K 195 13.38 28.89 14.09
CA ASP K 195 14.47 28.71 15.05
C ASP K 195 14.87 27.24 15.13
N GLU K 196 16.17 27.01 15.29
CA GLU K 196 16.74 25.67 15.17
C GLU K 196 16.20 24.72 16.22
N ASN K 197 15.80 25.24 17.38
CA ASN K 197 15.30 24.44 18.48
C ASN K 197 13.77 24.41 18.54
N ILE K 198 13.10 24.87 17.50
CA ILE K 198 11.64 24.97 17.48
C ILE K 198 11.14 24.15 16.30
N ASN K 199 10.63 22.95 16.59
CA ASN K 199 9.97 22.11 15.59
C ASN K 199 8.52 21.83 15.95
N SER K 200 8.26 21.34 17.16
CA SER K 200 6.91 21.06 17.63
C SER K 200 6.89 21.25 19.13
N GLN K 201 6.02 22.11 19.63
CA GLN K 201 6.01 22.50 21.02
C GLN K 201 4.61 22.38 21.59
N PRO K 202 4.49 22.24 22.92
CA PRO K 202 3.14 22.25 23.52
C PRO K 202 2.39 23.55 23.27
N PHE K 203 3.09 24.68 23.18
CA PHE K 203 2.42 25.93 22.85
C PHE K 203 2.16 26.09 21.37
N GLN K 204 2.79 25.27 20.53
CA GLN K 204 2.67 25.43 19.08
C GLN K 204 2.90 24.09 18.42
N ARG K 205 1.84 23.50 17.86
CA ARG K 205 1.96 22.28 17.09
C ARG K 205 2.37 22.61 15.65
N TRP K 206 3.25 21.79 15.08
CA TRP K 206 3.90 22.13 13.82
C TRP K 206 2.91 22.29 12.67
N GLN K 207 1.80 21.55 12.71
CA GLN K 207 0.83 21.62 11.62
C GLN K 207 0.25 23.02 11.50
N ASN K 208 -0.14 23.62 12.63
CA ASN K 208 -0.70 24.97 12.61
C ASN K 208 0.32 25.98 12.11
N ARG K 209 1.57 25.87 12.57
CA ARG K 209 2.60 26.79 12.10
C ARG K 209 2.82 26.68 10.61
N PHE K 210 2.89 25.45 10.09
CA PHE K 210 3.10 25.25 8.67
C PHE K 210 1.93 25.81 7.86
N GLU K 211 0.69 25.55 8.30
CA GLU K 211 -0.48 26.04 7.58
C GLU K 211 -0.51 27.57 7.55
N PHE K 212 -0.36 28.20 8.72
CA PHE K 212 -0.43 29.65 8.78
C PHE K 212 0.73 30.31 8.04
N VAL K 213 1.93 29.74 8.14
CA VAL K 213 3.07 30.33 7.44
C VAL K 213 2.94 30.16 5.94
N ALA K 214 2.35 29.04 5.49
CA ALA K 214 2.10 28.88 4.06
C ALA K 214 1.09 29.90 3.57
N GLU K 215 0.03 30.13 4.34
CA GLU K 215 -0.96 31.14 3.97
C GLU K 215 -0.32 32.52 3.90
N ALA K 216 0.51 32.85 4.90
CA ALA K 216 1.18 34.15 4.93
C ALA K 216 2.15 34.31 3.77
N VAL K 217 2.89 33.25 3.44
CA VAL K 217 3.81 33.30 2.32
C VAL K 217 3.06 33.52 1.01
N ALA K 218 1.94 32.82 0.85
CA ALA K 218 1.12 33.01 -0.36
C ALA K 218 0.61 34.45 -0.45
N LEU K 219 0.11 34.98 0.66
CA LEU K 219 -0.40 36.35 0.66
C LEU K 219 0.70 37.36 0.33
N ALA K 220 1.87 37.20 0.95
CA ALA K 220 2.97 38.11 0.69
C ALA K 220 3.47 38.00 -0.75
N GLN K 221 3.50 36.77 -1.28
CA GLN K 221 3.91 36.57 -2.66
C GLN K 221 2.95 37.25 -3.62
N GLN K 222 1.64 37.14 -3.35
CA GLN K 222 0.67 37.85 -4.18
C GLN K 222 0.83 39.35 -4.08
N GLU K 223 1.08 39.86 -2.87
CA GLU K 223 1.12 41.31 -2.68
C GLU K 223 2.38 41.93 -3.29
N THR K 224 3.55 41.37 -3.00
CA THR K 224 4.80 41.99 -3.41
C THR K 224 5.16 41.69 -4.86
N GLY K 225 4.51 40.72 -5.49
CA GLY K 225 4.86 40.35 -6.85
C GLY K 225 6.23 39.71 -6.99
N GLU K 226 6.60 38.84 -6.05
CA GLU K 226 7.86 38.13 -6.10
C GLU K 226 7.67 36.73 -5.53
N LYS K 227 8.40 35.76 -6.08
CA LYS K 227 8.36 34.40 -5.56
C LYS K 227 9.10 34.35 -4.23
N LYS K 228 8.37 34.09 -3.16
CA LYS K 228 8.94 34.12 -1.81
C LYS K 228 8.72 32.77 -1.14
N GLY K 229 9.35 32.62 0.03
CA GLY K 229 9.21 31.40 0.80
C GLY K 229 9.81 31.56 2.18
N HIS K 230 9.43 30.63 3.05
CA HIS K 230 9.93 30.58 4.42
C HIS K 230 10.57 29.22 4.68
N TYR K 231 11.62 29.20 5.49
CA TYR K 231 12.29 27.94 5.82
C TYR K 231 11.46 27.18 6.85
N LEU K 232 11.00 26.00 6.48
CA LEU K 232 10.21 25.14 7.37
C LEU K 232 11.10 24.03 7.91
N ASN K 233 11.03 23.80 9.22
CA ASN K 233 11.88 22.81 9.87
C ASN K 233 11.18 21.47 9.93
N CYS K 234 11.91 20.41 9.54
CA CYS K 234 11.42 19.05 9.62
C CYS K 234 12.20 18.19 10.60
N THR K 235 13.24 18.73 11.24
CA THR K 235 13.96 17.99 12.26
C THR K 235 13.03 17.65 13.42
N ALA K 236 12.91 16.37 13.72
CA ALA K 236 11.93 15.91 14.71
C ALA K 236 12.46 14.65 15.37
N ALA K 237 11.58 13.97 16.11
CA ALA K 237 11.99 12.78 16.87
C ALA K 237 12.25 11.60 15.95
N THR K 238 11.39 11.37 14.97
CA THR K 238 11.53 10.19 14.13
C THR K 238 11.63 10.58 12.67
N PRO K 239 12.31 9.77 11.86
CA PRO K 239 12.34 10.04 10.41
C PRO K 239 10.96 10.02 9.77
N GLU K 240 10.03 9.20 10.28
CA GLU K 240 8.67 9.17 9.76
C GLU K 240 8.01 10.54 9.91
N GLU K 241 8.15 11.15 11.10
CA GLU K 241 7.60 12.49 11.31
C GLU K 241 8.27 13.51 10.40
N MET K 242 9.58 13.38 10.20
CA MET K 242 10.29 14.29 9.32
C MET K 242 9.76 14.22 7.89
N TYR K 243 9.61 13.00 7.36
CA TYR K 243 9.07 12.84 6.01
C TYR K 243 7.63 13.32 5.92
N GLU K 244 6.84 13.06 6.97
CA GLU K 244 5.45 13.50 6.97
C GLU K 244 5.36 15.02 6.91
N ARG K 245 6.16 15.71 7.72
CA ARG K 245 6.16 17.18 7.70
C ARG K 245 6.68 17.72 6.37
N ALA K 246 7.71 17.08 5.82
CA ALA K 246 8.24 17.51 4.52
C ALA K 246 7.19 17.38 3.43
N GLU K 247 6.47 16.26 3.41
CA GLU K 247 5.44 16.07 2.40
C GLU K 247 4.26 17.00 2.62
N PHE K 248 3.94 17.30 3.88
CA PHE K 248 2.90 18.28 4.17
C PHE K 248 3.29 19.66 3.64
N ALA K 249 4.56 20.05 3.84
CA ALA K 249 5.04 21.30 3.27
C ALA K 249 5.00 21.28 1.75
N LYS K 250 5.33 20.13 1.15
CA LYS K 250 5.26 19.99 -0.30
C LYS K 250 3.83 20.20 -0.80
N GLU K 251 2.84 19.64 -0.09
CA GLU K 251 1.45 19.80 -0.49
C GLU K 251 1.00 21.25 -0.37
N LEU K 252 1.52 21.99 0.61
CA LEU K 252 1.16 23.38 0.82
C LEU K 252 1.92 24.33 -0.09
N GLY K 253 2.62 23.82 -1.10
CA GLY K 253 3.27 24.68 -2.06
C GLY K 253 4.47 25.45 -1.57
N GLN K 254 5.00 25.09 -0.40
CA GLN K 254 6.18 25.78 0.12
C GLN K 254 7.43 25.29 -0.60
N PRO K 255 8.24 26.18 -1.15
CA PRO K 255 9.35 25.76 -2.01
C PRO K 255 10.65 25.43 -1.29
N ILE K 256 10.70 25.50 0.04
CA ILE K 256 11.94 25.24 0.76
C ILE K 256 11.61 24.78 2.17
N ILE K 257 12.42 23.85 2.67
CA ILE K 257 12.35 23.38 4.05
C ILE K 257 13.75 23.42 4.64
N MET K 258 13.82 23.41 5.97
CA MET K 258 15.09 23.53 6.68
C MET K 258 15.27 22.35 7.63
N HIS K 259 16.52 22.12 8.03
CA HIS K 259 16.87 20.98 8.85
C HIS K 259 18.16 21.27 9.61
N ASP K 260 18.36 20.56 10.71
CA ASP K 260 19.59 20.59 11.50
C ASP K 260 20.29 19.25 11.29
N TYR K 261 21.37 19.25 10.50
CA TYR K 261 21.96 17.98 10.09
C TYR K 261 22.79 17.34 11.19
N ILE K 262 23.42 18.11 12.07
CA ILE K 262 24.23 17.52 13.12
C ILE K 262 23.34 16.89 14.18
N THR K 263 22.35 17.63 14.69
CA THR K 263 21.47 17.11 15.71
C THR K 263 20.58 16.00 15.17
N GLY K 264 19.96 16.24 14.01
CA GLY K 264 19.14 15.21 13.40
C GLY K 264 19.96 14.01 12.96
N GLY K 265 21.15 14.25 12.43
CA GLY K 265 22.03 13.18 12.02
C GLY K 265 22.40 13.23 10.55
N PHE K 266 23.59 12.72 10.22
CA PHE K 266 24.01 12.67 8.82
C PHE K 266 23.10 11.76 8.01
N THR K 267 22.67 10.64 8.60
CA THR K 267 21.74 9.75 7.91
C THR K 267 20.43 10.45 7.62
N ALA K 268 19.89 11.16 8.61
CA ALA K 268 18.64 11.89 8.42
C ALA K 268 18.81 12.99 7.38
N ASN K 269 19.94 13.69 7.40
CA ASN K 269 20.19 14.73 6.42
C ASN K 269 20.26 14.16 5.00
N THR K 270 20.96 13.04 4.84
CA THR K 270 21.05 12.42 3.51
C THR K 270 19.69 11.96 3.03
N GLY K 271 18.89 11.34 3.91
CA GLY K 271 17.55 10.94 3.53
C GLY K 271 16.67 12.12 3.15
N LEU K 272 16.77 13.22 3.91
CA LEU K 272 15.99 14.41 3.62
C LEU K 272 16.40 15.01 2.28
N SER K 273 17.70 15.05 2.00
CA SER K 273 18.18 15.58 0.72
C SER K 273 17.71 14.71 -0.44
N LYS K 274 17.77 13.38 -0.28
CA LYS K 274 17.28 12.51 -1.33
C LYS K 274 15.79 12.71 -1.56
N TRP K 275 15.01 12.87 -0.48
CA TRP K 275 13.59 13.12 -0.63
C TRP K 275 13.32 14.45 -1.31
N CYS K 276 14.12 15.48 -0.98
CA CYS K 276 13.95 16.78 -1.62
C CYS K 276 14.23 16.70 -3.11
N ARG K 277 15.29 15.97 -3.50
CA ARG K 277 15.57 15.78 -4.92
C ARG K 277 14.43 15.01 -5.60
N LYS K 278 13.93 13.97 -4.95
CA LYS K 278 12.86 13.17 -5.52
C LYS K 278 11.54 13.94 -5.61
N ASN K 279 11.36 14.97 -4.79
CA ASN K 279 10.14 15.76 -4.77
C ASN K 279 10.35 17.20 -5.24
N GLY K 280 11.56 17.55 -5.67
CA GLY K 280 11.82 18.90 -6.15
C GLY K 280 11.68 19.95 -5.08
N MET K 281 12.39 19.78 -3.97
CA MET K 281 12.31 20.70 -2.84
C MET K 281 13.68 21.27 -2.52
N LEU K 282 13.68 22.50 -2.02
CA LEU K 282 14.91 23.14 -1.55
C LEU K 282 15.16 22.78 -0.08
N LEU K 283 16.45 22.67 0.27
CA LEU K 283 16.85 22.23 1.60
C LEU K 283 17.74 23.28 2.24
N HIS K 284 17.29 23.83 3.36
CA HIS K 284 18.07 24.73 4.18
C HIS K 284 18.63 23.98 5.38
N ILE K 285 19.82 24.35 5.81
CA ILE K 285 20.50 23.65 6.91
C ILE K 285 21.11 24.67 7.86
N HIS K 286 20.99 24.41 9.16
CA HIS K 286 21.65 25.19 10.19
C HIS K 286 22.68 24.33 10.88
N ARG K 287 23.73 24.98 11.40
CA ARG K 287 24.89 24.30 11.96
C ARG K 287 24.82 24.16 13.48
N ALA K 288 23.63 23.93 14.04
CA ALA K 288 23.49 23.79 15.48
C ALA K 288 24.40 22.70 16.03
N MET K 289 25.13 23.03 17.09
CA MET K 289 26.10 22.18 17.80
C MET K 289 27.42 22.05 17.03
N HIS K 290 27.65 22.86 16.00
CA HIS K 290 28.93 22.82 15.30
C HIS K 290 30.05 23.36 16.18
N ALA K 291 29.76 24.37 16.99
CA ALA K 291 30.78 24.97 17.83
C ALA K 291 31.33 23.97 18.84
N VAL K 292 30.47 23.10 19.38
CA VAL K 292 30.93 22.04 20.28
C VAL K 292 31.99 21.18 19.60
N ILE K 293 32.05 21.20 18.28
CA ILE K 293 33.07 20.45 17.54
C ILE K 293 34.21 21.35 17.05
N ASP K 294 33.99 22.67 16.92
CA ASP K 294 35.01 23.54 16.37
C ASP K 294 35.30 24.79 17.20
N ARG K 295 34.68 24.96 18.37
CA ARG K 295 34.98 26.13 19.19
C ARG K 295 36.44 26.13 19.63
N HIS K 296 36.95 24.98 20.04
CA HIS K 296 38.34 24.88 20.46
C HIS K 296 39.25 24.97 19.24
N PRO K 297 40.17 25.93 19.19
CA PRO K 297 41.00 26.11 17.99
C PRO K 297 42.11 25.09 17.84
N LYS K 298 42.39 24.27 18.85
CA LYS K 298 43.48 23.32 18.81
C LYS K 298 43.05 21.87 18.74
N HIS K 299 41.81 21.56 19.14
CA HIS K 299 41.34 20.19 19.19
C HIS K 299 39.91 20.12 18.69
N GLY K 300 39.56 18.98 18.09
CA GLY K 300 38.22 18.75 17.56
C GLY K 300 38.25 18.52 16.05
N ILE K 301 37.22 19.02 15.38
CA ILE K 301 37.13 18.96 13.92
C ILE K 301 36.89 20.38 13.41
N HIS K 302 37.71 20.81 12.45
CA HIS K 302 37.52 22.13 11.87
C HIS K 302 36.22 22.18 11.08
N PHE K 303 35.61 23.37 11.05
CA PHE K 303 34.30 23.52 10.40
C PHE K 303 34.37 23.28 8.90
N ARG K 304 35.55 23.38 8.29
CA ARG K 304 35.65 23.09 6.86
C ARG K 304 35.35 21.62 6.57
N VAL K 305 35.78 20.72 7.46
CA VAL K 305 35.47 19.30 7.28
C VAL K 305 33.97 19.06 7.35
N LEU K 306 33.31 19.68 8.34
CA LEU K 306 31.87 19.53 8.46
C LEU K 306 31.15 20.10 7.25
N ALA K 307 31.66 21.24 6.73
CA ALA K 307 31.08 21.83 5.53
C ALA K 307 31.23 20.90 4.33
N LYS K 308 32.40 20.28 4.17
CA LYS K 308 32.60 19.31 3.11
C LYS K 308 31.64 18.14 3.25
N CYS K 309 31.48 17.64 4.47
CA CYS K 309 30.58 16.51 4.71
C CYS K 309 29.14 16.86 4.37
N LEU K 310 28.71 18.07 4.76
CA LEU K 310 27.35 18.49 4.45
C LEU K 310 27.15 18.67 2.95
N ARG K 311 28.13 19.25 2.26
CA ARG K 311 28.02 19.42 0.82
C ARG K 311 27.93 18.07 0.11
N LEU K 312 28.72 17.09 0.56
CA LEU K 312 28.61 15.75 0.00
C LEU K 312 27.26 15.12 0.30
N SER K 313 26.79 15.27 1.54
CA SER K 313 25.51 14.69 1.95
C SER K 313 24.31 15.39 1.35
N GLY K 314 24.50 16.53 0.71
CA GLY K 314 23.39 17.26 0.15
C GLY K 314 23.01 18.46 0.98
N GLY K 315 22.47 19.47 0.32
CA GLY K 315 22.02 20.69 0.99
C GLY K 315 22.27 21.92 0.16
N ASP K 316 21.44 22.94 0.36
CA ASP K 316 21.50 24.16 -0.44
C ASP K 316 22.07 25.35 0.34
N GLN K 317 21.97 25.35 1.66
CA GLN K 317 22.44 26.47 2.47
C GLN K 317 23.13 25.96 3.72
N LEU K 318 24.15 26.68 4.18
CA LEU K 318 24.91 26.29 5.36
C LEU K 318 25.33 27.54 6.14
N HIS K 319 25.06 27.55 7.44
CA HIS K 319 25.39 28.70 8.27
C HIS K 319 26.88 28.82 8.49
N THR K 320 27.38 30.06 8.51
CA THR K 320 28.79 30.34 8.73
C THR K 320 29.07 31.50 9.68
N GLY K 321 28.10 32.35 9.99
CA GLY K 321 28.51 33.69 10.40
C GLY K 321 29.11 34.35 9.16
N THR K 322 29.77 35.49 9.35
CA THR K 322 30.72 35.91 8.32
C THR K 322 32.11 35.59 8.81
N VAL K 323 32.77 36.49 9.54
CA VAL K 323 33.55 36.21 10.74
C VAL K 323 33.40 37.49 11.55
N VAL K 324 32.98 38.56 10.86
CA VAL K 324 33.15 39.92 11.32
C VAL K 324 31.85 40.40 11.98
N GLY K 325 31.98 41.49 12.73
CA GLY K 325 30.88 42.05 13.49
C GLY K 325 31.21 42.10 14.96
N LYS K 326 31.86 41.05 15.44
CA LYS K 326 32.30 40.98 16.83
C LYS K 326 33.79 40.68 16.89
N LEU K 327 34.28 39.87 15.93
CA LEU K 327 35.67 39.38 15.92
C LEU K 327 36.23 39.52 14.51
N GLU K 328 37.17 40.46 14.33
CA GLU K 328 37.83 40.66 13.05
C GLU K 328 38.46 39.35 12.58
N GLY K 329 39.06 38.62 13.52
CA GLY K 329 39.52 37.26 13.39
C GLY K 329 40.46 37.04 12.22
N ASP K 330 40.27 35.89 11.58
CA ASP K 330 41.18 35.37 10.56
C ASP K 330 40.38 35.03 9.30
N ARG K 331 39.66 36.04 8.78
CA ARG K 331 38.71 35.83 7.68
C ARG K 331 39.29 35.05 6.51
N GLN K 332 40.61 34.88 6.46
CA GLN K 332 41.24 34.12 5.37
C GLN K 332 40.70 32.70 5.29
N THR K 333 40.75 31.96 6.40
CA THR K 333 40.28 30.58 6.40
C THR K 333 38.77 30.51 6.22
N THR K 334 38.05 31.52 6.70
CA THR K 334 36.61 31.57 6.47
C THR K 334 36.30 31.67 4.97
N LEU K 335 36.97 32.59 4.28
CA LEU K 335 36.85 32.71 2.83
C LEU K 335 37.30 31.42 2.15
N GLY K 336 38.27 30.73 2.75
CA GLY K 336 38.68 29.42 2.24
C GLY K 336 37.57 28.40 2.25
N PHE K 337 36.88 28.27 3.39
CA PHE K 337 35.78 27.30 3.39
C PHE K 337 34.62 27.79 2.54
N ILE K 338 34.48 29.11 2.37
CA ILE K 338 33.51 29.62 1.40
C ILE K 338 33.85 29.16 0.00
N ASP K 339 35.13 29.22 -0.36
CA ASP K 339 35.59 28.70 -1.64
C ASP K 339 35.26 27.21 -1.78
N GLN K 340 35.54 26.45 -0.73
CA GLN K 340 35.18 25.03 -0.74
C GLN K 340 33.69 24.80 -0.80
N LEU K 341 32.89 25.79 -0.41
CA LEU K 341 31.43 25.68 -0.48
C LEU K 341 30.87 26.01 -1.85
N ARG K 342 31.53 26.91 -2.60
CA ARG K 342 30.98 27.41 -3.85
C ARG K 342 31.66 26.86 -5.09
N GLU K 343 32.99 26.94 -5.16
CA GLU K 343 33.70 26.62 -6.39
C GLU K 343 33.77 25.11 -6.63
N SER K 344 33.84 24.75 -7.92
CA SER K 344 33.99 23.35 -8.28
C SER K 344 35.40 22.84 -7.99
N PHE K 345 36.40 23.71 -8.13
CA PHE K 345 37.79 23.37 -7.80
C PHE K 345 38.39 24.50 -6.97
N ILE K 346 39.28 24.12 -6.07
CA ILE K 346 39.97 25.10 -5.24
C ILE K 346 41.46 24.75 -5.17
N PRO K 347 42.34 25.67 -5.56
CA PRO K 347 43.79 25.42 -5.40
C PRO K 347 44.20 25.43 -3.94
N GLU K 348 45.35 24.82 -3.68
CA GLU K 348 45.87 24.75 -2.32
C GLU K 348 46.18 26.15 -1.78
N ASP K 349 45.87 26.35 -0.50
CA ASP K 349 46.13 27.63 0.16
C ASP K 349 46.32 27.34 1.65
N ARG K 350 47.58 27.41 2.10
CA ARG K 350 47.86 27.15 3.52
C ARG K 350 47.22 28.21 4.41
N SER K 351 47.23 29.47 3.97
CA SER K 351 46.61 30.53 4.76
C SER K 351 45.10 30.32 4.89
N ARG K 352 44.44 29.89 3.82
CA ARG K 352 43.01 29.64 3.85
C ARG K 352 42.66 28.29 4.45
N GLY K 353 43.65 27.52 4.91
CA GLY K 353 43.40 26.20 5.45
C GLY K 353 42.93 25.19 4.41
N ASN K 354 43.54 25.22 3.23
CA ASN K 354 43.22 24.27 2.16
C ASN K 354 44.50 23.52 1.83
N PHE K 355 44.61 22.29 2.34
CA PHE K 355 45.84 21.51 2.24
C PHE K 355 45.85 20.55 1.07
N PHE K 356 44.82 20.57 0.22
CA PHE K 356 44.75 19.64 -0.90
C PHE K 356 44.18 20.34 -2.12
N ASP K 357 44.55 19.84 -3.30
CA ASP K 357 43.98 20.29 -4.56
C ASP K 357 42.67 19.53 -4.76
N GLN K 358 41.57 20.13 -4.32
CA GLN K 358 40.26 19.47 -4.29
C GLN K 358 39.43 19.94 -5.47
N ASP K 359 38.94 18.98 -6.27
CA ASP K 359 38.06 19.25 -7.39
C ASP K 359 36.74 18.52 -7.17
N TRP K 360 35.63 19.22 -7.41
CA TRP K 360 34.30 18.64 -7.27
C TRP K 360 33.69 18.25 -8.61
N GLY K 361 34.48 18.27 -9.69
CA GLY K 361 33.92 18.00 -11.01
C GLY K 361 32.93 19.08 -11.40
N SER K 362 31.71 18.66 -11.75
CA SER K 362 30.65 19.58 -12.07
C SER K 362 29.48 19.41 -11.10
N MET K 363 29.80 19.20 -9.82
CA MET K 363 28.79 18.99 -8.79
C MET K 363 28.44 20.33 -8.15
N PRO K 364 27.17 20.76 -8.20
CA PRO K 364 26.84 22.13 -7.79
C PRO K 364 27.15 22.40 -6.33
N GLY K 365 27.49 23.65 -6.05
CA GLY K 365 27.89 24.07 -4.72
C GLY K 365 26.70 24.38 -3.82
N VAL K 366 26.99 25.00 -2.69
CA VAL K 366 26.04 25.27 -1.63
C VAL K 366 26.10 26.75 -1.26
N PHE K 367 24.94 27.36 -1.05
CA PHE K 367 24.88 28.73 -0.58
C PHE K 367 25.45 28.85 0.82
N ALA K 368 26.07 30.00 1.09
CA ALA K 368 26.57 30.32 2.42
C ALA K 368 25.57 31.17 3.17
N VAL K 369 25.46 30.92 4.47
CA VAL K 369 24.52 31.65 5.34
C VAL K 369 25.33 32.42 6.36
N ALA K 370 25.08 33.73 6.43
CA ALA K 370 25.75 34.61 7.38
C ALA K 370 24.69 35.22 8.29
N SER K 371 24.73 34.86 9.57
CA SER K 371 23.74 35.33 10.52
C SER K 371 24.36 35.39 11.92
N GLY K 372 23.76 36.20 12.78
CA GLY K 372 24.22 36.33 14.14
C GLY K 372 25.14 37.52 14.38
N GLY K 373 24.70 38.44 15.23
CA GLY K 373 25.51 39.59 15.58
C GLY K 373 25.80 40.52 14.42
N ILE K 374 24.85 40.66 13.48
CA ILE K 374 25.03 41.51 12.32
C ILE K 374 23.78 42.36 12.13
N HIS K 375 23.99 43.53 11.52
CA HIS K 375 22.89 44.43 11.17
C HIS K 375 23.39 45.32 10.02
N VAL K 376 22.68 46.44 9.80
CA VAL K 376 22.87 47.23 8.57
C VAL K 376 24.30 47.71 8.45
N TRP K 377 24.95 48.06 9.56
CA TRP K 377 26.25 48.71 9.50
C TRP K 377 27.33 47.81 8.89
N HIS K 378 27.16 46.49 9.00
CA HIS K 378 28.20 45.57 8.55
C HIS K 378 28.07 45.18 7.09
N MET K 379 26.93 45.46 6.45
CA MET K 379 26.60 44.87 5.15
C MET K 379 27.66 45.07 4.06
N PRO K 380 28.29 46.25 3.87
CA PRO K 380 29.28 46.37 2.80
C PRO K 380 30.41 45.35 2.88
N ALA K 381 30.98 45.20 4.07
CA ALA K 381 32.04 44.21 4.26
C ALA K 381 31.52 42.79 4.03
N LEU K 382 30.29 42.52 4.45
CA LEU K 382 29.71 41.20 4.22
C LEU K 382 29.59 40.89 2.74
N VAL K 383 29.12 41.86 1.95
CA VAL K 383 29.04 41.70 0.50
C VAL K 383 30.44 41.49 -0.08
N ALA K 384 31.42 42.26 0.40
CA ALA K 384 32.77 42.15 -0.12
C ALA K 384 33.35 40.76 0.13
N ILE K 385 33.11 40.19 1.31
CA ILE K 385 33.79 38.95 1.68
C ILE K 385 33.02 37.73 1.16
N PHE K 386 31.70 37.77 1.18
CA PHE K 386 30.88 36.61 0.82
C PHE K 386 30.51 36.58 -0.66
N GLY K 387 30.81 37.62 -1.42
CA GLY K 387 30.41 37.60 -2.81
C GLY K 387 28.89 37.68 -2.95
N ASP K 388 28.41 37.24 -4.11
CA ASP K 388 26.99 37.29 -4.42
C ASP K 388 26.25 36.00 -4.08
N ASP K 389 26.97 34.91 -3.80
CA ASP K 389 26.36 33.61 -3.53
C ASP K 389 26.31 33.41 -2.02
N SER K 390 25.38 34.11 -1.37
CA SER K 390 25.24 34.02 0.08
C SER K 390 23.89 34.60 0.47
N VAL K 391 23.52 34.40 1.74
CA VAL K 391 22.29 34.93 2.30
C VAL K 391 22.61 35.59 3.63
N LEU K 392 21.96 36.71 3.91
CA LEU K 392 22.17 37.47 5.13
C LEU K 392 20.90 37.47 5.96
N GLN K 393 21.03 37.13 7.25
CA GLN K 393 19.90 37.07 8.17
C GLN K 393 20.12 38.05 9.31
N PHE K 394 19.10 38.86 9.60
CA PHE K 394 19.13 39.83 10.68
C PHE K 394 17.85 39.64 11.49
N GLY K 395 17.89 38.74 12.46
CA GLY K 395 16.73 38.47 13.28
C GLY K 395 16.35 39.65 14.16
N GLY K 396 17.22 39.99 15.12
CA GLY K 396 16.93 41.12 15.98
C GLY K 396 16.95 42.45 15.26
N GLY K 397 17.90 42.61 14.32
CA GLY K 397 18.06 43.90 13.66
C GLY K 397 16.83 44.33 12.89
N THR K 398 16.26 43.41 12.10
CA THR K 398 15.03 43.74 11.38
C THR K 398 13.85 43.87 12.32
N HIS K 399 13.74 42.97 13.31
CA HIS K 399 12.63 43.03 14.24
C HIS K 399 12.79 44.16 15.24
N GLY K 400 14.00 44.38 15.74
CA GLY K 400 14.24 45.44 16.70
C GLY K 400 14.20 46.84 16.13
N HIS K 401 14.01 46.97 14.82
CA HIS K 401 13.86 48.29 14.21
C HIS K 401 12.61 48.95 14.78
N PRO K 402 12.69 50.21 15.23
CA PRO K 402 11.53 50.83 15.89
C PRO K 402 10.32 50.97 14.99
N TRP K 403 10.48 50.99 13.67
CA TRP K 403 9.36 51.15 12.76
C TRP K 403 8.69 49.83 12.41
N GLY K 404 9.20 48.71 12.89
CA GLY K 404 8.60 47.42 12.62
C GLY K 404 9.49 46.54 11.76
N SER K 405 9.13 45.25 11.73
CA SER K 405 9.92 44.28 10.98
C SER K 405 9.91 44.57 9.50
N ALA K 406 8.77 44.99 8.96
CA ALA K 406 8.68 45.29 7.54
C ALA K 406 9.61 46.45 7.17
N ALA K 407 9.60 47.51 7.97
CA ALA K 407 10.47 48.65 7.68
C ALA K 407 11.94 48.28 7.80
N GLY K 408 12.30 47.50 8.83
CA GLY K 408 13.67 47.06 8.97
C GLY K 408 14.12 46.20 7.79
N ALA K 409 13.26 45.28 7.36
CA ALA K 409 13.58 44.44 6.22
C ALA K 409 13.75 45.28 4.95
N ALA K 410 12.88 46.27 4.76
CA ALA K 410 13.01 47.14 3.60
C ALA K 410 14.30 47.95 3.66
N ALA K 411 14.67 48.43 4.84
CA ALA K 411 15.91 49.18 4.99
C ALA K 411 17.12 48.30 4.66
N ASN K 412 17.13 47.07 5.17
CA ASN K 412 18.24 46.17 4.86
C ASN K 412 18.26 45.83 3.37
N ARG K 413 17.08 45.67 2.77
CA ARG K 413 17.01 45.36 1.34
C ARG K 413 17.58 46.49 0.50
N VAL K 414 17.19 47.73 0.80
CA VAL K 414 17.70 48.85 0.02
C VAL K 414 19.18 49.09 0.30
N ALA K 415 19.63 48.82 1.52
CA ALA K 415 21.06 48.91 1.80
C ALA K 415 21.84 47.90 0.97
N LEU K 416 21.33 46.67 0.89
CA LEU K 416 21.99 45.65 0.07
C LEU K 416 21.98 46.04 -1.40
N GLU K 417 20.85 46.58 -1.89
CA GLU K 417 20.78 47.01 -3.29
C GLU K 417 21.80 48.10 -3.58
N ALA K 418 21.88 49.11 -2.71
CA ALA K 418 22.83 50.19 -2.93
C ALA K 418 24.27 49.67 -2.85
N CYS K 419 24.56 48.78 -1.91
CA CYS K 419 25.91 48.24 -1.78
C CYS K 419 26.31 47.44 -3.01
N VAL K 420 25.42 46.57 -3.50
CA VAL K 420 25.77 45.79 -4.68
C VAL K 420 25.83 46.67 -5.92
N LYS K 421 25.05 47.74 -5.97
CA LYS K 421 25.16 48.70 -7.07
C LYS K 421 26.54 49.36 -7.07
N ALA K 422 26.97 49.84 -5.89
CA ALA K 422 28.27 50.49 -5.80
C ALA K 422 29.40 49.51 -6.10
N ARG K 423 29.26 48.26 -5.65
CA ARG K 423 30.26 47.25 -5.98
C ARG K 423 30.32 47.00 -7.48
N ASN K 424 29.15 46.89 -8.12
CA ASN K 424 29.11 46.76 -9.57
C ASN K 424 29.63 48.01 -10.26
N ALA K 425 29.54 49.16 -9.60
CA ALA K 425 30.09 50.39 -10.16
C ALA K 425 31.61 50.38 -10.23
N GLY K 426 32.26 49.40 -9.60
CA GLY K 426 33.71 49.36 -9.56
C GLY K 426 34.34 50.08 -8.39
N ARG K 427 33.60 50.26 -7.30
CA ARG K 427 34.03 51.05 -6.17
C ARG K 427 34.48 50.16 -5.02
N GLU K 428 35.44 50.66 -4.24
CA GLU K 428 35.91 49.97 -3.04
C GLU K 428 34.93 50.29 -1.92
N ILE K 429 34.08 49.32 -1.58
CA ILE K 429 32.93 49.58 -0.73
C ILE K 429 33.35 49.75 0.73
N GLU K 430 34.41 49.05 1.15
CA GLU K 430 34.73 48.98 2.56
C GLU K 430 35.06 50.35 3.15
N LYS K 431 35.80 51.17 2.40
CA LYS K 431 36.23 52.47 2.92
C LYS K 431 35.09 53.48 2.91
N GLU K 432 34.49 53.70 1.75
CA GLU K 432 33.45 54.71 1.58
C GLU K 432 32.07 54.20 1.99
N SER K 433 32.01 53.14 2.80
CA SER K 433 30.73 52.54 3.19
C SER K 433 29.81 53.57 3.84
N ARG K 434 30.38 54.49 4.63
CA ARG K 434 29.57 55.51 5.27
C ARG K 434 28.87 56.40 4.24
N ASP K 435 29.60 56.79 3.19
CA ASP K 435 28.98 57.58 2.12
C ASP K 435 27.90 56.77 1.41
N ILE K 436 28.15 55.48 1.20
CA ILE K 436 27.16 54.64 0.52
C ILE K 436 25.87 54.57 1.33
N LEU K 437 25.99 54.34 2.64
CA LEU K 437 24.80 54.24 3.47
C LEU K 437 24.09 55.58 3.62
N MET K 438 24.84 56.69 3.67
CA MET K 438 24.19 58.00 3.68
C MET K 438 23.42 58.25 2.40
N GLU K 439 24.02 57.92 1.25
CA GLU K 439 23.35 58.10 -0.02
C GLU K 439 22.10 57.23 -0.12
N ALA K 440 22.17 56.00 0.40
CA ALA K 440 20.99 55.15 0.45
C ALA K 440 19.92 55.74 1.37
N ALA K 441 20.33 56.29 2.51
CA ALA K 441 19.39 56.91 3.44
C ALA K 441 18.75 58.16 2.86
N LYS K 442 19.39 58.78 1.87
CA LYS K 442 18.78 59.93 1.20
C LYS K 442 17.46 59.60 0.51
N HIS K 443 17.07 58.32 0.45
CA HIS K 443 15.76 57.96 -0.05
C HIS K 443 15.04 56.93 0.84
N SER K 444 15.61 56.58 1.99
CA SER K 444 15.01 55.59 2.89
C SER K 444 15.19 56.05 4.32
N PRO K 445 14.23 56.80 4.86
CA PRO K 445 14.35 57.26 6.26
C PRO K 445 14.46 56.14 7.27
N GLU K 446 13.84 54.99 7.00
CA GLU K 446 14.00 53.84 7.90
C GLU K 446 15.45 53.37 7.93
N LEU K 447 16.12 53.37 6.78
CA LEU K 447 17.54 53.06 6.77
C LEU K 447 18.33 54.09 7.57
N ALA K 448 17.95 55.36 7.47
CA ALA K 448 18.65 56.41 8.22
C ALA K 448 18.51 56.17 9.72
N ILE K 449 17.30 55.89 10.20
CA ILE K 449 17.12 55.68 11.63
C ILE K 449 17.80 54.40 12.08
N ALA K 450 17.82 53.36 11.24
CA ALA K 450 18.52 52.13 11.60
C ALA K 450 20.02 52.38 11.75
N LEU K 451 20.62 53.04 10.76
CA LEU K 451 22.04 53.39 10.86
C LEU K 451 22.32 54.29 12.06
N GLU K 452 21.34 55.11 12.44
CA GLU K 452 21.46 55.90 13.66
C GLU K 452 21.43 55.01 14.90
N THR K 453 20.64 53.95 14.89
CA THR K 453 20.47 53.13 16.09
C THR K 453 21.77 52.44 16.49
N TRP K 454 22.52 51.90 15.53
CA TRP K 454 23.68 51.07 15.86
C TRP K 454 24.94 51.61 15.18
N LYS K 455 25.16 52.91 15.28
CA LYS K 455 26.34 53.55 14.72
C LYS K 455 27.63 53.00 15.33
N VAL L 7 7.28 57.05 13.48
CA VAL L 7 6.42 58.05 12.84
C VAL L 7 6.29 57.76 11.35
N GLY L 8 5.07 57.56 10.90
CA GLY L 8 4.82 57.28 9.50
C GLY L 8 4.95 55.79 9.17
N ASP L 9 4.26 55.39 8.12
CA ASP L 9 4.25 54.01 7.66
C ASP L 9 4.95 53.90 6.31
N TYR L 10 5.37 52.68 5.99
CA TYR L 10 5.96 52.36 4.69
C TYR L 10 4.95 51.54 3.90
N GLN L 11 4.34 52.16 2.90
CA GLN L 11 3.31 51.48 2.12
C GLN L 11 3.92 50.43 1.22
N THR L 12 3.19 49.32 1.04
CA THR L 12 3.64 48.28 0.12
C THR L 12 3.66 48.82 -1.31
N VAL L 13 4.75 48.54 -2.02
CA VAL L 13 4.95 49.03 -3.37
C VAL L 13 5.25 47.84 -4.28
N ALA L 14 4.59 47.79 -5.43
CA ALA L 14 4.89 46.77 -6.43
C ALA L 14 6.24 47.08 -7.04
N THR L 15 7.28 46.43 -6.53
CA THR L 15 8.64 46.71 -6.93
C THR L 15 9.09 45.73 -8.01
N LEU L 16 10.26 46.03 -8.58
CA LEU L 16 10.69 45.34 -9.78
C LEU L 16 12.07 44.71 -9.65
N GLU L 17 12.28 43.88 -8.61
CA GLU L 17 13.38 42.92 -8.63
C GLU L 17 14.77 43.54 -8.70
N THR L 18 15.32 43.97 -7.56
CA THR L 18 16.71 44.41 -7.48
C THR L 18 16.97 45.71 -8.22
N PHE L 19 16.72 46.84 -7.53
CA PHE L 19 16.64 48.22 -8.02
C PHE L 19 15.23 48.55 -8.49
N GLY L 20 14.25 47.79 -8.02
CA GLY L 20 12.87 48.25 -8.10
C GLY L 20 12.53 49.28 -7.06
N PHE L 21 13.27 49.30 -5.95
CA PHE L 21 13.00 50.26 -4.87
C PHE L 21 13.57 51.64 -5.19
N LEU L 22 14.80 51.69 -5.70
CA LEU L 22 15.44 52.96 -5.97
C LEU L 22 14.75 53.68 -7.13
N PRO L 23 14.90 55.00 -7.21
CA PRO L 23 14.36 55.73 -8.35
C PRO L 23 14.96 55.22 -9.64
N PRO L 24 14.28 55.42 -10.77
CA PRO L 24 14.78 54.90 -12.05
C PRO L 24 16.20 55.39 -12.34
N MET L 25 17.03 54.47 -12.82
CA MET L 25 18.45 54.75 -13.00
C MET L 25 18.67 55.78 -14.10
N THR L 26 19.71 56.60 -13.92
CA THR L 26 20.09 57.56 -14.94
C THR L 26 20.88 56.86 -16.04
N GLN L 27 21.00 57.54 -17.18
CA GLN L 27 21.63 56.94 -18.35
C GLN L 27 23.11 56.64 -18.09
N ASP L 28 23.79 57.53 -17.37
CA ASP L 28 25.19 57.26 -17.03
C ASP L 28 25.31 56.02 -16.14
N GLU L 29 24.35 55.82 -15.24
CA GLU L 29 24.34 54.61 -14.44
C GLU L 29 24.11 53.38 -15.30
N ILE L 30 23.29 53.50 -16.34
CA ILE L 30 23.11 52.40 -17.29
C ILE L 30 24.42 52.10 -18.01
N TYR L 31 25.15 53.16 -18.40
CA TYR L 31 26.47 52.98 -19.02
C TYR L 31 27.39 52.22 -18.08
N ASP L 32 27.41 52.62 -16.80
CA ASP L 32 28.28 51.95 -15.83
C ASP L 32 27.88 50.49 -15.64
N GLN L 33 26.58 50.21 -15.58
CA GLN L 33 26.11 48.84 -15.42
C GLN L 33 26.52 47.97 -16.60
N ILE L 34 26.32 48.47 -17.82
CA ILE L 34 26.68 47.67 -18.99
C ILE L 34 28.20 47.52 -19.10
N ALA L 35 28.95 48.54 -18.69
CA ALA L 35 30.40 48.41 -18.66
C ALA L 35 30.84 47.35 -17.67
N TYR L 36 30.19 47.28 -16.52
CA TYR L 36 30.47 46.21 -15.56
C TYR L 36 30.14 44.85 -16.15
N ILE L 37 29.00 44.74 -16.84
CA ILE L 37 28.64 43.47 -17.48
C ILE L 37 29.71 43.06 -18.48
N ILE L 38 30.23 44.02 -19.24
CA ILE L 38 31.33 43.73 -20.16
C ILE L 38 32.57 43.28 -19.41
N ALA L 39 32.89 43.95 -18.29
CA ALA L 39 34.09 43.63 -17.53
C ALA L 39 34.02 42.26 -16.88
N GLN L 40 32.83 41.70 -16.69
CA GLN L 40 32.68 40.37 -16.12
C GLN L 40 32.61 39.28 -17.17
N GLY L 41 32.73 39.62 -18.45
CA GLY L 41 32.66 38.62 -19.50
C GLY L 41 31.28 38.09 -19.78
N TRP L 42 30.25 38.73 -19.24
CA TRP L 42 28.87 38.30 -19.45
C TRP L 42 28.37 38.84 -20.79
N SER L 43 27.10 38.56 -21.11
CA SER L 43 26.52 39.01 -22.36
C SER L 43 25.21 39.75 -22.10
N PRO L 44 25.01 40.90 -22.73
CA PRO L 44 23.75 41.63 -22.54
C PRO L 44 22.59 40.93 -23.21
N LEU L 45 21.41 41.07 -22.62
CA LEU L 45 20.18 40.52 -23.17
C LEU L 45 19.02 41.39 -22.73
N ILE L 46 18.14 41.72 -23.68
CA ILE L 46 17.04 42.65 -23.45
C ILE L 46 15.74 41.87 -23.34
N GLU L 47 14.97 42.13 -22.29
CA GLU L 47 13.69 41.48 -22.05
C GLU L 47 12.61 42.54 -21.89
N HIS L 48 11.49 42.35 -22.57
CA HIS L 48 10.32 43.21 -22.42
C HIS L 48 9.10 42.32 -22.23
N VAL L 49 8.16 42.78 -21.39
CA VAL L 49 6.94 42.02 -21.13
C VAL L 49 5.91 42.98 -20.58
N HIS L 50 4.63 42.65 -20.80
CA HIS L 50 3.55 43.46 -20.26
C HIS L 50 3.59 43.40 -18.73
N PRO L 51 3.37 44.52 -18.04
CA PRO L 51 3.45 44.50 -16.57
C PRO L 51 2.45 43.57 -15.92
N SER L 52 1.34 43.25 -16.58
CA SER L 52 0.36 42.34 -16.01
C SER L 52 0.93 40.93 -15.85
N ARG L 53 1.92 40.56 -16.67
CA ARG L 53 2.51 39.24 -16.64
C ARG L 53 3.90 39.24 -16.01
N SER L 54 4.13 40.10 -15.02
CA SER L 54 5.44 40.18 -14.38
C SER L 54 5.78 38.89 -13.64
N MET L 55 4.78 38.11 -13.26
CA MET L 55 4.99 36.89 -12.51
C MET L 55 5.37 35.70 -13.38
N ALA L 56 5.44 35.89 -14.69
CA ALA L 56 5.85 34.80 -15.57
C ALA L 56 7.33 34.48 -15.36
N THR L 57 7.75 33.34 -15.91
CA THR L 57 9.12 32.89 -15.79
C THR L 57 10.04 33.39 -16.89
N TYR L 58 9.52 33.55 -18.11
CA TYR L 58 10.31 33.99 -19.26
C TYR L 58 9.62 35.18 -19.89
N TRP L 59 10.36 36.27 -20.07
CA TRP L 59 9.85 37.46 -20.72
C TRP L 59 10.09 37.38 -22.23
N SER L 60 9.47 38.28 -22.98
CA SER L 60 9.64 38.32 -24.42
C SER L 60 11.02 38.90 -24.73
N TYR L 61 11.90 38.07 -25.28
CA TYR L 61 13.28 38.47 -25.52
C TYR L 61 13.38 39.31 -26.78
N TRP L 62 14.31 40.27 -26.77
CA TRP L 62 14.65 41.05 -27.95
C TRP L 62 15.58 40.24 -28.83
N LYS L 63 16.26 40.89 -29.78
CA LYS L 63 17.24 40.22 -30.64
C LYS L 63 18.21 39.38 -29.81
N LEU L 64 18.76 38.34 -30.43
CA LEU L 64 19.53 37.33 -29.71
C LEU L 64 20.66 37.97 -28.90
N PRO L 65 21.07 37.33 -27.79
CA PRO L 65 22.12 37.91 -26.96
C PRO L 65 23.39 38.16 -27.75
N PHE L 66 24.05 39.27 -27.44
CA PHE L 66 25.21 39.73 -28.21
C PHE L 66 26.47 39.18 -27.57
N PHE L 67 27.10 38.22 -28.24
CA PHE L 67 28.30 37.56 -27.76
C PHE L 67 29.51 38.15 -28.48
N GLY L 68 30.54 38.51 -27.72
CA GLY L 68 31.67 39.22 -28.26
C GLY L 68 31.46 40.71 -28.42
N GLU L 69 30.29 41.22 -28.04
CA GLU L 69 30.00 42.64 -28.14
C GLU L 69 30.55 43.36 -26.93
N LYS L 70 31.42 44.35 -27.16
CA LYS L 70 32.10 45.07 -26.09
C LYS L 70 31.89 46.58 -26.17
N ASP L 71 30.86 47.03 -26.88
CA ASP L 71 30.58 48.45 -27.05
C ASP L 71 29.33 48.83 -26.28
N LEU L 72 29.41 49.95 -25.56
CA LEU L 72 28.25 50.43 -24.80
C LEU L 72 27.22 51.08 -25.71
N GLY L 73 27.67 51.78 -26.75
CA GLY L 73 26.75 52.56 -27.57
C GLY L 73 25.72 51.70 -28.27
N VAL L 74 26.14 50.55 -28.80
CA VAL L 74 25.19 49.66 -29.46
C VAL L 74 24.16 49.14 -28.47
N ILE L 75 24.60 48.86 -27.23
CA ILE L 75 23.68 48.39 -26.20
C ILE L 75 22.65 49.47 -25.89
N VAL L 76 23.10 50.72 -25.78
CA VAL L 76 22.17 51.82 -25.50
C VAL L 76 21.20 52.01 -26.65
N SER L 77 21.68 51.90 -27.89
CA SER L 77 20.81 52.03 -29.05
C SER L 77 19.76 50.93 -29.07
N GLU L 78 20.16 49.69 -28.76
CA GLU L 78 19.20 48.60 -28.69
C GLU L 78 18.20 48.82 -27.58
N LEU L 79 18.65 49.35 -26.43
CA LEU L 79 17.73 49.62 -25.32
C LEU L 79 16.69 50.65 -25.71
N GLU L 80 17.12 51.75 -26.35
CA GLU L 80 16.14 52.78 -26.72
C GLU L 80 15.22 52.28 -27.84
N ALA L 81 15.75 51.48 -28.77
CA ALA L 81 14.92 50.91 -29.82
C ALA L 81 13.84 49.99 -29.25
N CYS L 82 14.22 49.11 -28.32
CA CYS L 82 13.24 48.21 -27.73
C CYS L 82 12.26 48.96 -26.85
N HIS L 83 12.72 50.02 -26.18
CA HIS L 83 11.81 50.86 -25.41
C HIS L 83 10.76 51.51 -26.30
N ARG L 84 11.18 52.02 -27.46
CA ARG L 84 10.22 52.56 -28.41
C ARG L 84 9.34 51.49 -29.03
N ALA L 85 9.82 50.23 -29.07
CA ALA L 85 8.99 49.15 -29.60
C ALA L 85 7.78 48.89 -28.72
N TYR L 86 8.00 48.79 -27.41
CA TYR L 86 6.92 48.56 -26.44
C TYR L 86 7.06 49.56 -25.30
N PRO L 87 6.63 50.80 -25.51
CA PRO L 87 6.75 51.83 -24.46
C PRO L 87 5.81 51.62 -23.29
N ASP L 88 4.94 50.62 -23.32
CA ASP L 88 4.07 50.31 -22.20
C ASP L 88 4.47 49.04 -21.45
N HIS L 89 5.45 48.30 -21.95
CA HIS L 89 5.93 47.09 -21.30
C HIS L 89 7.07 47.43 -20.33
N HIS L 90 7.28 46.53 -19.38
CA HIS L 90 8.46 46.59 -18.53
C HIS L 90 9.67 46.05 -19.30
N VAL L 91 10.76 46.81 -19.31
CA VAL L 91 11.96 46.46 -20.06
C VAL L 91 13.12 46.38 -19.09
N ARG L 92 13.82 45.24 -19.08
CA ARG L 92 14.95 45.03 -18.20
C ARG L 92 16.14 44.52 -19.01
N LEU L 93 17.33 44.67 -18.42
CA LEU L 93 18.58 44.25 -19.04
C LEU L 93 19.23 43.19 -18.15
N VAL L 94 19.67 42.09 -18.77
CA VAL L 94 20.20 40.94 -18.03
C VAL L 94 21.57 40.59 -18.59
N GLY L 95 22.51 40.31 -17.69
CA GLY L 95 23.82 39.81 -18.07
C GLY L 95 23.88 38.31 -17.87
N TYR L 96 24.20 37.60 -18.95
CA TYR L 96 24.20 36.14 -18.95
C TYR L 96 25.64 35.62 -18.87
N ASP L 97 25.87 34.67 -17.97
CA ASP L 97 27.16 34.02 -17.79
C ASP L 97 27.06 32.62 -18.39
N ALA L 98 27.85 32.37 -19.43
CA ALA L 98 27.81 31.07 -20.09
C ALA L 98 28.42 29.97 -19.24
N TYR L 99 29.46 30.30 -18.46
CA TYR L 99 30.19 29.28 -17.71
C TYR L 99 29.43 28.81 -16.47
N THR L 100 28.48 29.58 -15.98
CA THR L 100 27.69 29.18 -14.82
C THR L 100 26.21 29.01 -15.11
N GLN L 101 25.75 29.33 -16.32
CA GLN L 101 24.36 29.14 -16.73
C GLN L 101 23.39 29.85 -15.78
N SER L 102 23.75 31.07 -15.37
CA SER L 102 22.92 31.87 -14.49
C SER L 102 22.92 33.30 -14.99
N GLN L 103 22.13 34.14 -14.32
CA GLN L 103 22.05 35.57 -14.64
C GLN L 103 23.00 36.29 -13.68
N GLY L 104 24.12 36.78 -14.21
CA GLY L 104 25.10 37.46 -13.38
C GLY L 104 24.56 38.74 -12.76
N ALA L 105 23.74 39.48 -13.50
CA ALA L 105 23.15 40.72 -13.01
C ALA L 105 21.97 41.08 -13.89
N CYS L 106 20.89 41.54 -13.26
CA CYS L 106 19.70 41.91 -14.00
C CYS L 106 18.92 42.95 -13.22
N PHE L 107 18.34 43.91 -13.94
CA PHE L 107 17.54 44.97 -13.33
C PHE L 107 16.73 45.65 -14.42
N VAL L 108 15.65 46.31 -14.00
CA VAL L 108 14.76 46.97 -14.95
C VAL L 108 15.36 48.30 -15.40
N VAL L 109 15.20 48.61 -16.68
CA VAL L 109 15.66 49.87 -17.26
C VAL L 109 14.49 50.82 -17.49
N PHE L 110 13.44 50.35 -18.15
CA PHE L 110 12.24 51.15 -18.41
C PHE L 110 11.04 50.47 -17.79
N GLU L 111 10.23 51.25 -17.07
CA GLU L 111 8.97 50.77 -16.53
C GLU L 111 7.82 51.32 -17.37
N GLY L 112 6.81 50.49 -17.58
CA GLY L 112 5.71 50.87 -18.44
C GLY L 112 4.80 51.91 -17.80
N ARG L 113 3.92 52.47 -18.63
CA ARG L 113 2.97 53.47 -18.17
C ARG L 113 1.96 52.87 -17.19
N GLU M 11 23.05 -33.67 -42.00
CA GLU M 11 21.98 -33.25 -42.90
C GLU M 11 20.68 -33.05 -42.14
N TYR M 12 20.08 -31.87 -42.32
CA TYR M 12 18.83 -31.53 -41.66
C TYR M 12 17.70 -31.19 -42.61
N ARG M 13 17.93 -31.26 -43.93
CA ARG M 13 16.88 -30.94 -44.89
C ARG M 13 15.69 -31.89 -44.77
N ASP M 14 15.97 -33.16 -44.50
CA ASP M 14 14.94 -34.20 -44.53
C ASP M 14 13.80 -33.91 -43.56
N THR M 15 14.07 -33.22 -42.46
CA THR M 15 13.04 -32.89 -41.49
C THR M 15 12.84 -31.38 -41.29
N TYR M 16 13.69 -30.54 -41.90
CA TYR M 16 13.53 -29.10 -41.74
C TYR M 16 13.53 -28.35 -43.07
N TRP M 17 13.41 -29.04 -44.20
CA TRP M 17 13.13 -28.40 -45.48
C TRP M 17 11.86 -29.01 -46.05
N THR M 18 10.89 -28.16 -46.36
CA THR M 18 9.58 -28.63 -46.82
C THR M 18 9.38 -28.22 -48.28
N PRO M 19 9.51 -29.15 -49.22
CA PRO M 19 9.42 -28.77 -50.65
C PRO M 19 8.03 -28.30 -51.08
N ASP M 20 6.96 -28.74 -50.42
CA ASP M 20 5.61 -28.44 -50.89
C ASP M 20 4.68 -27.97 -49.77
N TYR M 21 5.21 -27.52 -48.64
CA TYR M 21 4.37 -27.07 -47.55
C TYR M 21 3.83 -25.67 -47.81
N VAL M 22 2.58 -25.45 -47.43
CA VAL M 22 1.92 -24.15 -47.53
C VAL M 22 1.72 -23.62 -46.11
N PRO M 23 2.18 -22.42 -45.80
CA PRO M 23 2.07 -21.92 -44.42
C PRO M 23 0.62 -21.77 -43.99
N LEU M 24 0.38 -22.04 -42.71
CA LEU M 24 -0.93 -21.80 -42.11
C LEU M 24 -1.06 -20.33 -41.76
N ASP M 25 -2.31 -19.85 -41.79
CA ASP M 25 -2.62 -18.45 -41.56
C ASP M 25 -2.39 -17.99 -40.12
N THR M 26 -2.11 -18.91 -39.21
CA THR M 26 -1.75 -18.60 -37.84
C THR M 26 -0.27 -18.73 -37.56
N ASP M 27 0.52 -19.06 -38.58
CA ASP M 27 1.95 -19.23 -38.41
C ASP M 27 2.66 -17.89 -38.45
N LEU M 28 3.89 -17.87 -37.96
CA LEU M 28 4.76 -16.71 -38.07
C LEU M 28 5.75 -16.97 -39.20
N LEU M 29 5.72 -16.12 -40.21
CA LEU M 29 6.55 -16.28 -41.40
C LEU M 29 7.70 -15.30 -41.36
N ALA M 30 8.92 -15.81 -41.56
CA ALA M 30 10.13 -15.00 -41.50
C ALA M 30 10.92 -15.15 -42.78
N CYS M 31 11.50 -14.05 -43.25
CA CYS M 31 12.32 -14.03 -44.45
C CYS M 31 13.77 -13.74 -44.06
N PHE M 32 14.69 -14.59 -44.51
CA PHE M 32 16.10 -14.44 -44.22
C PHE M 32 16.88 -14.37 -45.53
N LYS M 33 17.69 -13.34 -45.69
CA LYS M 33 18.65 -13.30 -46.80
C LYS M 33 19.91 -14.03 -46.33
N CYS M 34 20.16 -15.21 -46.88
CA CYS M 34 21.17 -16.12 -46.36
C CYS M 34 22.30 -16.30 -47.36
N THR M 35 23.53 -16.34 -46.85
CA THR M 35 24.71 -16.68 -47.64
C THR M 35 25.49 -17.73 -46.85
N GLY M 36 25.39 -18.99 -47.26
CA GLY M 36 26.18 -20.05 -46.67
C GLY M 36 27.61 -20.02 -47.19
N GLN M 37 28.38 -21.02 -46.78
CA GLN M 37 29.73 -21.16 -47.28
C GLN M 37 29.70 -21.50 -48.77
N GLU M 38 30.85 -21.33 -49.43
CA GLU M 38 30.90 -21.56 -50.86
C GLU M 38 30.68 -23.04 -51.17
N GLY M 39 29.86 -23.30 -52.19
CA GLY M 39 29.58 -24.66 -52.62
C GLY M 39 28.84 -25.51 -51.62
N VAL M 40 27.89 -24.92 -50.89
CA VAL M 40 27.06 -25.69 -49.96
C VAL M 40 25.64 -25.76 -50.50
N PRO M 41 24.88 -26.80 -50.17
CA PRO M 41 23.46 -26.85 -50.57
C PRO M 41 22.68 -25.71 -49.94
N LYS M 42 22.00 -24.93 -50.78
CA LYS M 42 21.18 -23.82 -50.27
C LYS M 42 20.03 -24.35 -49.43
N GLU M 43 19.41 -25.46 -49.85
CA GLU M 43 18.36 -26.07 -49.06
C GLU M 43 18.88 -26.49 -47.69
N GLU M 44 20.09 -27.07 -47.66
CA GLU M 44 20.65 -27.54 -46.39
C GLU M 44 20.92 -26.39 -45.44
N VAL M 45 21.49 -25.28 -45.94
CA VAL M 45 21.78 -24.16 -45.07
C VAL M 45 20.50 -23.47 -44.61
N ALA M 46 19.50 -23.39 -45.49
CA ALA M 46 18.21 -22.84 -45.08
C ALA M 46 17.56 -23.69 -44.00
N ALA M 47 17.64 -25.02 -44.14
CA ALA M 47 17.09 -25.90 -43.11
C ALA M 47 17.88 -25.80 -41.83
N ALA M 48 19.20 -25.60 -41.93
CA ALA M 48 20.02 -25.40 -40.74
C ALA M 48 19.62 -24.13 -40.00
N VAL M 49 19.36 -23.04 -40.75
CA VAL M 49 18.91 -21.80 -40.11
C VAL M 49 17.56 -22.03 -39.44
N ALA M 50 16.64 -22.69 -40.15
CA ALA M 50 15.30 -22.93 -39.59
C ALA M 50 15.38 -23.76 -38.32
N ALA M 51 16.19 -24.81 -38.32
CA ALA M 51 16.35 -25.63 -37.13
C ALA M 51 17.01 -24.84 -36.00
N GLU M 52 18.08 -24.11 -36.31
CA GLU M 52 18.78 -23.32 -35.31
C GLU M 52 17.89 -22.26 -34.68
N SER M 53 16.78 -21.91 -35.34
CA SER M 53 15.77 -21.09 -34.71
C SER M 53 14.92 -21.87 -33.71
N SER M 54 14.70 -23.16 -33.95
CA SER M 54 13.87 -23.94 -33.04
C SER M 54 14.62 -25.08 -32.35
N THR M 55 15.26 -25.96 -33.12
CA THR M 55 15.80 -27.20 -32.59
C THR M 55 17.20 -27.48 -33.13
N GLY M 56 18.08 -27.94 -32.24
CA GLY M 56 19.44 -28.29 -32.64
C GLY M 56 20.09 -29.33 -31.76
N THR M 57 20.54 -30.43 -32.38
CA THR M 57 21.22 -31.51 -31.67
C THR M 57 22.45 -31.94 -32.47
N TRP M 58 23.49 -32.35 -31.76
CA TRP M 58 24.71 -32.79 -32.40
C TRP M 58 24.75 -34.29 -32.65
N SER M 59 23.81 -35.05 -32.09
CA SER M 59 23.75 -36.50 -32.30
C SER M 59 22.36 -36.97 -31.90
N THR M 60 22.18 -38.29 -31.87
CA THR M 60 20.91 -38.87 -31.48
C THR M 60 20.56 -38.51 -30.04
N VAL M 61 19.29 -38.15 -29.81
CA VAL M 61 18.85 -37.63 -28.53
C VAL M 61 17.59 -38.37 -28.10
N TRP M 62 17.30 -38.31 -26.79
CA TRP M 62 16.22 -39.09 -26.20
C TRP M 62 14.99 -38.25 -25.87
N SER M 63 15.18 -37.11 -25.20
CA SER M 63 14.05 -36.36 -24.64
C SER M 63 13.12 -35.81 -25.72
N GLU M 64 13.63 -35.67 -26.95
CA GLU M 64 12.81 -35.18 -28.06
C GLU M 64 11.74 -36.18 -28.47
N LEU M 65 11.78 -37.42 -27.97
CA LEU M 65 10.73 -38.39 -28.21
C LEU M 65 9.61 -38.31 -27.19
N LEU M 66 9.73 -37.46 -26.16
CA LEU M 66 8.65 -37.25 -25.21
C LEU M 66 7.75 -36.09 -25.60
N VAL M 67 8.18 -35.24 -26.53
CA VAL M 67 7.34 -34.17 -27.07
C VAL M 67 7.39 -34.28 -28.59
N ASP M 68 6.25 -34.03 -29.23
CA ASP M 68 6.18 -34.17 -30.67
C ASP M 68 6.99 -33.09 -31.38
N LEU M 69 8.24 -33.41 -31.72
CA LEU M 69 9.07 -32.47 -32.45
C LEU M 69 8.49 -32.12 -33.81
N ASP M 70 7.65 -33.01 -34.36
CA ASP M 70 7.06 -32.78 -35.68
C ASP M 70 6.18 -31.53 -35.68
N PHE M 71 5.39 -31.35 -34.62
CA PHE M 71 4.49 -30.20 -34.53
C PHE M 71 5.18 -28.93 -34.06
N TYR M 72 6.10 -29.04 -33.11
CA TYR M 72 6.81 -27.87 -32.59
C TYR M 72 8.17 -27.71 -33.29
N LYS M 73 8.10 -27.42 -34.59
CA LYS M 73 9.31 -27.16 -35.36
C LYS M 73 8.98 -26.20 -36.49
N GLY M 74 9.97 -25.40 -36.87
CA GLY M 74 9.80 -24.49 -37.98
C GLY M 74 9.89 -25.20 -39.32
N ARG M 75 9.41 -24.50 -40.35
CA ARG M 75 9.41 -25.04 -41.71
C ARG M 75 9.85 -23.95 -42.67
N CYS M 76 11.04 -24.11 -43.24
CA CYS M 76 11.45 -23.32 -44.39
C CYS M 76 10.82 -23.93 -45.64
N TYR M 77 9.97 -23.17 -46.32
CA TYR M 77 9.14 -23.68 -47.39
C TYR M 77 9.43 -23.08 -48.76
N ARG M 78 10.30 -22.07 -48.85
CA ARG M 78 10.55 -21.46 -50.14
C ARG M 78 11.93 -20.80 -50.14
N ILE M 79 12.74 -21.17 -51.13
CA ILE M 79 14.03 -20.55 -51.39
C ILE M 79 13.92 -19.85 -52.74
N GLU M 80 14.14 -18.54 -52.74
CA GLU M 80 14.06 -17.71 -53.93
C GLU M 80 15.41 -17.05 -54.19
N ASP M 81 15.73 -16.86 -55.46
CA ASP M 81 17.01 -16.29 -55.86
C ASP M 81 16.97 -14.78 -55.70
N VAL M 82 17.93 -14.23 -54.95
CA VAL M 82 17.96 -12.78 -54.71
C VAL M 82 18.26 -12.05 -56.00
N PRO M 83 17.52 -10.99 -56.35
CA PRO M 83 17.83 -10.25 -57.59
C PRO M 83 19.08 -9.39 -57.43
N GLY M 84 20.25 -9.97 -57.69
CA GLY M 84 21.50 -9.24 -57.61
C GLY M 84 22.67 -10.08 -57.12
N ASP M 85 22.38 -11.13 -56.39
CA ASP M 85 23.41 -12.09 -55.98
C ASP M 85 22.85 -13.50 -56.08
N LYS M 86 23.62 -14.39 -56.69
CA LYS M 86 23.23 -15.79 -56.81
C LYS M 86 23.75 -16.64 -55.65
N GLU M 87 24.66 -16.11 -54.84
CA GLU M 87 25.05 -16.78 -53.60
C GLU M 87 24.12 -16.42 -52.45
N ALA M 88 23.66 -15.18 -52.38
CA ALA M 88 22.63 -14.80 -51.43
C ALA M 88 21.26 -15.21 -51.94
N PHE M 89 20.43 -15.74 -51.03
CA PHE M 89 19.12 -16.21 -51.42
C PHE M 89 18.12 -15.88 -50.31
N TYR M 90 16.90 -15.53 -50.70
CA TYR M 90 15.82 -15.32 -49.75
C TYR M 90 15.25 -16.65 -49.32
N ALA M 91 15.10 -16.83 -48.01
CA ALA M 91 14.53 -18.03 -47.44
C ALA M 91 13.34 -17.67 -46.56
N PHE M 92 12.23 -18.38 -46.76
CA PHE M 92 10.99 -18.13 -46.03
C PHE M 92 10.76 -19.29 -45.07
N ILE M 93 10.81 -19.00 -43.77
CA ILE M 93 10.69 -20.01 -42.72
C ILE M 93 9.38 -19.78 -41.96
N ALA M 94 8.64 -20.84 -41.75
CA ALA M 94 7.40 -20.80 -40.98
C ALA M 94 7.65 -21.14 -39.52
N TYR M 95 6.73 -20.70 -38.67
CA TYR M 95 6.80 -20.96 -37.24
C TYR M 95 5.41 -21.23 -36.68
N PRO M 96 5.19 -22.37 -36.04
CA PRO M 96 3.91 -22.58 -35.36
C PRO M 96 3.67 -21.51 -34.30
N LEU M 97 2.40 -21.13 -34.15
CA LEU M 97 2.02 -20.02 -33.28
C LEU M 97 2.47 -20.24 -31.84
N ASP M 98 2.52 -21.50 -31.41
CA ASP M 98 2.81 -21.83 -30.02
C ASP M 98 4.26 -21.57 -29.62
N LEU M 99 5.15 -21.30 -30.58
CA LEU M 99 6.57 -21.09 -30.25
C LEU M 99 6.84 -19.75 -29.60
N PHE M 100 5.86 -18.92 -29.26
CA PHE M 100 6.12 -17.58 -28.75
C PHE M 100 5.18 -17.29 -27.59
N GLU M 101 5.40 -16.13 -26.97
CA GLU M 101 4.56 -15.65 -25.88
C GLU M 101 3.44 -14.79 -26.45
N GLU M 102 2.32 -14.76 -25.73
CA GLU M 102 1.15 -14.00 -26.16
C GLU M 102 1.38 -12.51 -25.98
N GLY M 103 2.01 -11.88 -26.97
CA GLY M 103 2.25 -10.45 -26.92
C GLY M 103 3.60 -10.05 -26.37
N SER M 104 4.65 -10.82 -26.64
CA SER M 104 6.00 -10.50 -26.17
C SER M 104 6.88 -10.36 -27.41
N VAL M 105 7.15 -9.12 -27.82
CA VAL M 105 8.09 -8.90 -28.90
C VAL M 105 9.48 -9.37 -28.50
N THR M 106 9.80 -9.29 -27.20
CA THR M 106 11.07 -9.78 -26.70
C THR M 106 11.22 -11.27 -26.98
N ASN M 107 10.15 -12.04 -26.73
CA ASN M 107 10.18 -13.46 -27.01
C ASN M 107 10.35 -13.73 -28.50
N VAL M 108 9.72 -12.92 -29.34
CA VAL M 108 9.86 -13.07 -30.78
C VAL M 108 11.31 -12.86 -31.19
N LEU M 109 11.95 -11.81 -30.67
CA LEU M 109 13.35 -11.57 -31.02
C LEU M 109 14.26 -12.68 -30.51
N THR M 110 14.02 -13.16 -29.29
CA THR M 110 14.83 -14.25 -28.75
C THR M 110 14.68 -15.52 -29.59
N SER M 111 13.46 -15.85 -29.99
CA SER M 111 13.23 -17.06 -30.78
C SER M 111 13.69 -16.91 -32.22
N LEU M 112 13.83 -15.68 -32.72
CA LEU M 112 14.19 -15.49 -34.11
C LEU M 112 15.69 -15.32 -34.33
N VAL M 113 16.36 -14.51 -33.51
CA VAL M 113 17.78 -14.20 -33.72
C VAL M 113 18.60 -14.52 -32.48
N GLY M 114 18.06 -15.36 -31.58
CA GLY M 114 18.76 -15.64 -30.33
C GLY M 114 20.09 -16.34 -30.54
N ASN M 115 20.10 -17.38 -31.37
CA ASN M 115 21.29 -18.19 -31.59
C ASN M 115 21.62 -18.46 -33.04
N VAL M 116 20.76 -18.07 -33.99
CA VAL M 116 20.97 -18.43 -35.39
C VAL M 116 22.21 -17.75 -35.96
N PHE M 117 22.56 -16.56 -35.46
CA PHE M 117 23.67 -15.81 -36.00
C PHE M 117 25.03 -16.37 -35.61
N GLY M 118 25.09 -17.38 -34.76
CA GLY M 118 26.34 -17.96 -34.32
C GLY M 118 26.77 -19.22 -35.03
N PHE M 119 25.97 -19.74 -35.96
CA PHE M 119 26.31 -20.98 -36.65
C PHE M 119 27.39 -20.71 -37.69
N LYS M 120 28.43 -21.55 -37.68
CA LYS M 120 29.57 -21.35 -38.57
C LYS M 120 29.23 -21.62 -40.04
N ALA M 121 28.21 -22.43 -40.30
CA ALA M 121 27.88 -22.78 -41.68
C ALA M 121 27.21 -21.65 -42.46
N LEU M 122 27.16 -20.43 -41.94
CA LEU M 122 26.53 -19.31 -42.62
C LEU M 122 27.54 -18.16 -42.70
N ARG M 123 27.91 -17.78 -43.92
CA ARG M 123 28.79 -16.63 -44.10
C ARG M 123 28.12 -15.35 -43.64
N HIS M 124 26.87 -15.14 -44.04
CA HIS M 124 26.11 -13.98 -43.62
C HIS M 124 24.64 -14.37 -43.49
N LEU M 125 23.95 -13.70 -42.57
CA LEU M 125 22.52 -13.89 -42.38
C LEU M 125 21.87 -12.56 -42.09
N ARG M 126 20.75 -12.28 -42.76
CA ARG M 126 20.04 -11.02 -42.57
C ARG M 126 18.55 -11.29 -42.49
N LEU M 127 17.92 -10.83 -41.42
CA LEU M 127 16.47 -10.92 -41.27
C LEU M 127 15.81 -9.81 -42.08
N GLU M 128 14.97 -10.19 -43.04
CA GLU M 128 14.40 -9.22 -43.98
C GLU M 128 12.97 -8.84 -43.62
N ASP M 129 12.06 -9.83 -43.55
CA ASP M 129 10.64 -9.54 -43.36
C ASP M 129 10.03 -10.56 -42.42
N ILE M 130 9.00 -10.13 -41.70
CA ILE M 130 8.25 -10.97 -40.76
C ILE M 130 6.77 -10.78 -41.03
N ARG M 131 6.03 -11.88 -41.14
CA ARG M 131 4.58 -11.85 -41.33
C ARG M 131 3.93 -12.27 -40.02
N PHE M 132 3.56 -11.30 -39.20
CA PHE M 132 2.96 -11.60 -37.91
C PHE M 132 1.51 -12.05 -38.10
N PRO M 133 1.11 -13.17 -37.50
CA PRO M 133 -0.30 -13.59 -37.61
C PRO M 133 -1.22 -12.62 -36.89
N MET M 134 -2.47 -12.57 -37.36
CA MET M 134 -3.46 -11.67 -36.77
C MET M 134 -3.64 -11.95 -35.28
N ALA M 135 -3.56 -13.21 -34.87
CA ALA M 135 -3.75 -13.57 -33.47
C ALA M 135 -2.68 -12.92 -32.59
N PHE M 136 -1.41 -13.08 -32.96
CA PHE M 136 -0.34 -12.51 -32.16
C PHE M 136 -0.41 -10.99 -32.10
N ILE M 137 -0.86 -10.36 -33.19
CA ILE M 137 -1.05 -8.91 -33.18
C ILE M 137 -2.16 -8.53 -32.22
N LYS M 138 -3.26 -9.30 -32.21
CA LYS M 138 -4.35 -9.02 -31.29
C LYS M 138 -3.95 -9.26 -29.84
N THR M 139 -2.94 -10.10 -29.59
CA THR M 139 -2.50 -10.36 -28.23
C THR M 139 -1.68 -9.19 -27.67
N CYS M 140 -0.85 -8.57 -28.49
CA CYS M 140 0.05 -7.53 -27.99
C CYS M 140 -0.73 -6.27 -27.63
N PRO M 141 -0.25 -5.50 -26.65
CA PRO M 141 -0.96 -4.25 -26.28
C PRO M 141 -1.05 -3.24 -27.41
N GLY M 142 -0.03 -3.15 -28.27
CA GLY M 142 -0.04 -2.21 -29.35
C GLY M 142 0.20 -0.78 -28.89
N PRO M 143 0.21 0.17 -29.82
CA PRO M 143 0.37 1.58 -29.45
C PRO M 143 -0.72 2.02 -28.49
N PRO M 144 -0.37 2.83 -27.49
CA PRO M 144 -1.37 3.23 -26.49
C PRO M 144 -2.46 4.14 -27.06
N ASN M 145 -2.12 5.03 -27.99
CA ASN M 145 -3.09 5.98 -28.52
C ASN M 145 -3.45 5.71 -29.97
N GLY M 146 -2.49 5.74 -30.87
CA GLY M 146 -2.75 5.60 -32.28
C GLY M 146 -2.69 6.94 -33.02
N ILE M 147 -2.70 6.85 -34.35
CA ILE M 147 -2.53 8.03 -35.20
C ILE M 147 -3.70 8.98 -35.02
N CYS M 148 -4.92 8.50 -35.28
CA CYS M 148 -6.09 9.36 -35.20
C CYS M 148 -6.33 9.85 -33.78
N VAL M 149 -6.05 9.01 -32.78
CA VAL M 149 -6.24 9.41 -31.40
C VAL M 149 -5.25 10.50 -31.01
N GLU M 150 -4.00 10.39 -31.48
CA GLU M 150 -3.05 11.46 -31.23
C GLU M 150 -3.48 12.76 -31.91
N ARG M 151 -3.98 12.66 -33.15
CA ARG M 151 -4.47 13.85 -33.83
C ARG M 151 -5.63 14.48 -33.06
N ASP M 152 -6.52 13.65 -32.51
CA ASP M 152 -7.62 14.17 -31.70
C ASP M 152 -7.11 14.85 -30.44
N ARG M 153 -6.13 14.23 -29.76
CA ARG M 153 -5.62 14.78 -28.52
C ARG M 153 -4.81 16.06 -28.73
N MET M 154 -4.25 16.25 -29.93
CA MET M 154 -3.55 17.48 -30.26
C MET M 154 -4.38 18.45 -31.09
N ASN M 155 -5.50 18.00 -31.64
CA ASN M 155 -6.37 18.83 -32.48
C ASN M 155 -5.59 19.45 -33.64
N LYS M 156 -4.70 18.65 -34.24
CA LYS M 156 -3.87 19.09 -35.35
C LYS M 156 -4.14 18.19 -36.55
N TYR M 157 -4.47 18.81 -37.69
CA TYR M 157 -4.83 18.08 -38.89
C TYR M 157 -4.33 18.86 -40.10
N GLY M 158 -4.66 18.38 -41.29
CA GLY M 158 -4.35 19.10 -42.51
C GLY M 158 -2.89 19.01 -42.93
N ARG M 159 -1.98 19.23 -41.98
CA ARG M 159 -0.56 19.29 -42.22
C ARG M 159 0.17 18.25 -41.36
N PRO M 160 1.35 17.82 -41.79
CA PRO M 160 2.24 17.09 -40.87
C PRO M 160 2.68 18.01 -39.74
N LEU M 161 3.16 17.40 -38.67
CA LEU M 161 3.57 18.14 -37.49
C LEU M 161 5.06 18.46 -37.56
N LEU M 162 5.47 19.46 -36.79
CA LEU M 162 6.80 20.04 -36.89
C LEU M 162 7.48 19.99 -35.52
N GLY M 163 8.61 19.28 -35.44
CA GLY M 163 9.40 19.22 -34.23
C GLY M 163 10.79 19.79 -34.45
N CYS M 164 11.61 19.67 -33.40
CA CYS M 164 13.02 20.04 -33.49
C CYS M 164 13.74 19.52 -32.26
N THR M 165 14.96 19.03 -32.47
CA THR M 165 15.81 18.65 -31.35
C THR M 165 16.41 19.90 -30.73
N ILE M 166 16.50 19.91 -29.39
CA ILE M 166 17.05 21.06 -28.69
C ILE M 166 18.57 21.00 -28.78
N LYS M 167 19.17 21.90 -29.57
CA LYS M 167 20.59 22.07 -29.72
C LYS M 167 21.10 23.12 -28.73
N PRO M 168 22.31 22.96 -28.18
CA PRO M 168 23.28 21.87 -28.39
C PRO M 168 22.83 20.55 -27.77
N LYS M 169 23.61 19.49 -27.98
CA LYS M 169 23.22 18.16 -27.49
C LYS M 169 23.10 18.13 -25.98
N LEU M 170 23.83 18.98 -25.26
CA LEU M 170 23.79 19.00 -23.81
C LEU M 170 24.39 20.32 -23.33
N GLY M 171 24.50 20.47 -22.02
CA GLY M 171 25.07 21.64 -21.39
C GLY M 171 24.07 22.61 -20.81
N LEU M 172 22.78 22.46 -21.12
CA LEU M 172 21.77 23.41 -20.69
C LEU M 172 21.30 23.10 -19.27
N SER M 173 21.08 24.16 -18.49
CA SER M 173 20.43 24.02 -17.20
C SER M 173 18.91 23.95 -17.40
N GLY M 174 18.21 23.72 -16.29
CA GLY M 174 16.76 23.62 -16.36
C GLY M 174 16.11 24.87 -16.93
N LYS M 175 16.51 26.04 -16.42
CA LYS M 175 15.95 27.29 -16.90
C LYS M 175 16.33 27.53 -18.36
N ASN M 176 17.60 27.33 -18.70
CA ASN M 176 18.04 27.56 -20.08
C ASN M 176 17.37 26.59 -21.05
N TYR M 177 17.31 25.31 -20.69
CA TYR M 177 16.64 24.33 -21.54
C TYR M 177 15.17 24.69 -21.71
N GLY M 178 14.51 25.08 -20.62
CA GLY M 178 13.11 25.45 -20.70
C GLY M 178 12.87 26.65 -21.59
N ARG M 179 13.70 27.69 -21.46
CA ARG M 179 13.49 28.89 -22.28
C ARG M 179 13.81 28.61 -23.74
N VAL M 180 14.80 27.76 -24.03
CA VAL M 180 15.06 27.39 -25.42
C VAL M 180 13.88 26.63 -26.00
N VAL M 181 13.32 25.69 -25.22
CA VAL M 181 12.15 24.95 -25.68
C VAL M 181 10.98 25.90 -25.91
N TYR M 182 10.80 26.88 -25.02
CA TYR M 182 9.73 27.85 -25.19
C TYR M 182 9.91 28.67 -26.46
N GLU M 183 11.14 29.12 -26.72
CA GLU M 183 11.41 29.90 -27.93
C GLU M 183 11.15 29.07 -29.18
N CYS M 184 11.54 27.80 -29.16
CA CYS M 184 11.24 26.93 -30.30
C CYS M 184 9.73 26.70 -30.46
N LEU M 185 9.02 26.54 -29.34
CA LEU M 185 7.62 26.15 -29.39
C LEU M 185 6.72 27.31 -29.82
N ARG M 186 7.03 28.53 -29.35
CA ARG M 186 6.16 29.67 -29.61
C ARG M 186 6.14 30.09 -31.08
N GLY M 187 7.04 29.55 -31.90
CA GLY M 187 7.06 29.85 -33.32
C GLY M 187 6.14 29.01 -34.17
N GLY M 188 5.15 28.36 -33.57
CA GLY M 188 4.27 27.46 -34.29
C GLY M 188 4.77 26.04 -34.40
N LEU M 189 5.93 25.73 -33.84
CA LEU M 189 6.44 24.37 -33.85
C LEU M 189 5.54 23.47 -33.01
N ASP M 190 5.30 22.25 -33.50
CA ASP M 190 4.37 21.35 -32.82
C ASP M 190 4.97 20.80 -31.54
N PHE M 191 6.16 20.21 -31.62
CA PHE M 191 6.80 19.58 -30.47
C PHE M 191 8.29 19.89 -30.48
N THR M 192 8.96 19.47 -29.41
CA THR M 192 10.41 19.44 -29.33
C THR M 192 10.81 18.13 -28.64
N LYS M 193 11.87 17.51 -29.13
CA LYS M 193 12.35 16.25 -28.55
C LYS M 193 13.65 16.49 -27.81
N ASP M 194 13.75 15.96 -26.59
CA ASP M 194 15.01 15.96 -25.88
C ASP M 194 15.99 15.05 -26.63
N ASP M 195 17.28 15.23 -26.33
CA ASP M 195 18.29 14.43 -26.98
C ASP M 195 18.32 13.02 -26.42
N GLU M 196 18.57 12.05 -27.30
CA GLU M 196 18.41 10.64 -26.96
C GLU M 196 19.37 10.20 -25.85
N ASN M 197 20.51 10.87 -25.74
CA ASN M 197 21.52 10.53 -24.75
C ASN M 197 21.47 11.41 -23.52
N ILE M 198 20.40 12.19 -23.36
CA ILE M 198 20.27 13.15 -22.27
C ILE M 198 19.01 12.78 -21.49
N ASN M 199 19.19 12.13 -20.34
CA ASN M 199 18.10 11.86 -19.41
C ASN M 199 18.32 12.51 -18.05
N SER M 200 19.47 12.28 -17.43
CA SER M 200 19.81 12.87 -16.15
C SER M 200 21.32 13.02 -16.10
N GLN M 201 21.80 14.23 -15.87
CA GLN M 201 23.21 14.55 -15.96
C GLN M 201 23.66 15.29 -14.71
N PRO M 202 24.96 15.25 -14.40
CA PRO M 202 25.46 16.07 -13.28
C PRO M 202 25.23 17.56 -13.48
N PHE M 203 25.26 18.04 -14.71
CA PHE M 203 24.96 19.45 -14.97
C PHE M 203 23.46 19.74 -15.01
N GLN M 204 22.62 18.71 -15.09
CA GLN M 204 21.19 18.90 -15.24
C GLN M 204 20.47 17.69 -14.68
N ARG M 205 19.80 17.86 -13.54
CA ARG M 205 18.96 16.81 -12.99
C ARG M 205 17.58 16.84 -13.65
N TRP M 206 17.04 15.65 -13.92
CA TRP M 206 15.86 15.54 -14.77
C TRP M 206 14.65 16.25 -14.18
N GLN M 207 14.54 16.32 -12.85
CA GLN M 207 13.39 16.97 -12.24
C GLN M 207 13.31 18.44 -12.62
N ASN M 208 14.44 19.14 -12.56
CA ASN M 208 14.46 20.56 -12.91
C ASN M 208 14.10 20.76 -14.38
N ARG M 209 14.65 19.92 -15.27
CA ARG M 209 14.33 20.05 -16.69
C ARG M 209 12.85 19.82 -16.93
N PHE M 210 12.27 18.79 -16.31
CA PHE M 210 10.85 18.52 -16.51
C PHE M 210 9.99 19.66 -15.99
N GLU M 211 10.32 20.19 -14.80
CA GLU M 211 9.54 21.29 -14.24
C GLU M 211 9.60 22.52 -15.13
N PHE M 212 10.81 22.93 -15.51
CA PHE M 212 10.96 24.14 -16.32
C PHE M 212 10.34 23.97 -17.69
N VAL M 213 10.50 22.79 -18.31
CA VAL M 213 9.94 22.59 -19.63
C VAL M 213 8.41 22.52 -19.57
N ALA M 214 7.85 21.98 -18.48
CA ALA M 214 6.40 22.02 -18.32
C ALA M 214 5.90 23.44 -18.19
N GLU M 215 6.59 24.25 -17.40
CA GLU M 215 6.20 25.65 -17.26
C GLU M 215 6.28 26.39 -18.59
N ALA M 216 7.36 26.14 -19.35
CA ALA M 216 7.51 26.79 -20.66
C ALA M 216 6.45 26.33 -21.64
N VAL M 217 6.11 25.03 -21.63
CA VAL M 217 5.07 24.52 -22.51
C VAL M 217 3.72 25.15 -22.16
N ALA M 218 3.42 25.27 -20.87
CA ALA M 218 2.17 25.91 -20.46
C ALA M 218 2.12 27.37 -20.91
N LEU M 219 3.23 28.10 -20.73
CA LEU M 219 3.27 29.50 -21.14
C LEU M 219 3.09 29.64 -22.64
N ALA M 220 3.79 28.81 -23.43
CA ALA M 220 3.68 28.88 -24.87
C ALA M 220 2.28 28.48 -25.34
N GLN M 221 1.67 27.48 -24.69
CA GLN M 221 0.32 27.08 -25.03
C GLN M 221 -0.67 28.21 -24.76
N GLN M 222 -0.52 28.91 -23.64
CA GLN M 222 -1.37 30.05 -23.36
C GLN M 222 -1.17 31.16 -24.38
N GLU M 223 0.08 31.42 -24.76
CA GLU M 223 0.38 32.55 -25.64
C GLU M 223 -0.11 32.29 -27.07
N THR M 224 0.24 31.14 -27.64
CA THR M 224 -0.04 30.89 -29.06
C THR M 224 -1.46 30.43 -29.31
N GLY M 225 -2.19 30.04 -28.27
CA GLY M 225 -3.54 29.54 -28.46
C GLY M 225 -3.62 28.21 -29.18
N GLU M 226 -2.71 27.29 -28.86
CA GLU M 226 -2.69 25.96 -29.45
C GLU M 226 -2.23 24.96 -28.41
N LYS M 227 -2.78 23.74 -28.46
CA LYS M 227 -2.35 22.68 -27.56
C LYS M 227 -0.97 22.19 -27.98
N LYS M 228 0.03 22.42 -27.15
CA LYS M 228 1.41 22.10 -27.48
C LYS M 228 1.99 21.15 -26.43
N GLY M 229 3.19 20.65 -26.74
CA GLY M 229 3.87 19.77 -25.81
C GLY M 229 5.30 19.54 -26.24
N HIS M 230 6.09 19.02 -25.31
CA HIS M 230 7.48 18.67 -25.54
C HIS M 230 7.70 17.20 -25.21
N TYR M 231 8.59 16.56 -25.96
CA TYR M 231 8.90 15.15 -25.69
C TYR M 231 9.82 15.04 -24.49
N LEU M 232 9.34 14.37 -23.44
CA LEU M 232 10.11 14.16 -22.23
C LEU M 232 10.65 12.73 -22.22
N ASN M 233 11.94 12.59 -21.89
CA ASN M 233 12.60 11.29 -21.91
C ASN M 233 12.52 10.62 -20.55
N CYS M 234 12.12 9.35 -20.53
CA CYS M 234 12.08 8.56 -19.32
C CYS M 234 13.06 7.39 -19.34
N THR M 235 13.82 7.21 -20.42
CA THR M 235 14.84 6.17 -20.45
C THR M 235 15.90 6.47 -19.39
N ALA M 236 16.12 5.51 -18.50
CA ALA M 236 17.00 5.73 -17.36
C ALA M 236 17.61 4.40 -16.95
N ALA M 237 18.24 4.38 -15.78
CA ALA M 237 18.96 3.20 -15.32
C ALA M 237 18.01 2.08 -14.91
N THR M 238 16.94 2.43 -14.18
CA THR M 238 16.05 1.40 -13.66
C THR M 238 14.62 1.66 -14.13
N PRO M 239 13.81 0.60 -14.26
CA PRO M 239 12.39 0.80 -14.59
C PRO M 239 11.65 1.61 -13.54
N GLU M 240 12.05 1.50 -12.26
CA GLU M 240 11.41 2.30 -11.22
C GLU M 240 11.60 3.80 -11.49
N GLU M 241 12.82 4.19 -11.85
CA GLU M 241 13.07 5.60 -12.19
C GLU M 241 12.27 6.01 -13.42
N MET M 242 12.17 5.12 -14.41
CA MET M 242 11.41 5.42 -15.61
C MET M 242 9.94 5.69 -15.28
N TYR M 243 9.33 4.81 -14.49
CA TYR M 243 7.93 5.00 -14.10
C TYR M 243 7.76 6.25 -13.25
N GLU M 244 8.73 6.52 -12.36
CA GLU M 244 8.65 7.71 -11.52
C GLU M 244 8.66 8.97 -12.36
N ARG M 245 9.58 9.04 -13.34
CA ARG M 245 9.64 10.22 -14.20
C ARG M 245 8.40 10.33 -15.08
N ALA M 246 7.89 9.20 -15.57
CA ALA M 246 6.67 9.24 -16.37
C ALA M 246 5.49 9.76 -15.57
N GLU M 247 5.35 9.30 -14.33
CA GLU M 247 4.24 9.76 -13.50
C GLU M 247 4.43 11.23 -13.08
N PHE M 248 5.68 11.65 -12.88
CA PHE M 248 5.94 13.07 -12.62
C PHE M 248 5.54 13.93 -13.81
N ALA M 249 5.84 13.48 -15.03
CA ALA M 249 5.40 14.19 -16.22
C ALA M 249 3.88 14.20 -16.31
N LYS M 250 3.24 13.08 -15.96
CA LYS M 250 1.78 13.02 -15.96
C LYS M 250 1.19 14.05 -14.99
N GLU M 251 1.79 14.18 -13.81
CA GLU M 251 1.29 15.15 -12.84
C GLU M 251 1.45 16.58 -13.33
N LEU M 252 2.52 16.85 -14.10
CA LEU M 252 2.78 18.19 -14.62
C LEU M 252 1.99 18.49 -15.88
N GLY M 253 1.02 17.67 -16.24
CA GLY M 253 0.15 17.96 -17.36
C GLY M 253 0.79 17.86 -18.71
N GLN M 254 1.97 17.24 -18.81
CA GLN M 254 2.61 17.09 -20.11
C GLN M 254 1.98 15.95 -20.88
N PRO M 255 1.53 16.17 -22.11
CA PRO M 255 0.74 15.17 -22.84
C PRO M 255 1.55 14.13 -23.60
N ILE M 256 2.87 14.16 -23.55
CA ILE M 256 3.68 13.20 -24.32
C ILE M 256 5.02 13.02 -23.63
N ILE M 257 5.54 11.79 -23.67
CA ILE M 257 6.87 11.45 -23.20
C ILE M 257 7.57 10.64 -24.28
N MET M 258 8.90 10.60 -24.20
CA MET M 258 9.71 9.93 -25.21
C MET M 258 10.60 8.88 -24.56
N HIS M 259 11.08 7.95 -25.39
CA HIS M 259 11.86 6.82 -24.89
C HIS M 259 12.73 6.28 -26.02
N ASP M 260 13.80 5.59 -25.64
CA ASP M 260 14.68 4.88 -26.56
C ASP M 260 14.45 3.39 -26.34
N TYR M 261 13.75 2.73 -27.27
CA TYR M 261 13.31 1.37 -27.03
C TYR M 261 14.42 0.35 -27.19
N ILE M 262 15.40 0.60 -28.07
CA ILE M 262 16.48 -0.37 -28.26
C ILE M 262 17.42 -0.34 -27.06
N THR M 263 17.89 0.85 -26.68
CA THR M 263 18.82 0.96 -25.56
C THR M 263 18.13 0.62 -24.24
N GLY M 264 16.95 1.19 -24.01
CA GLY M 264 16.21 0.85 -22.81
C GLY M 264 15.78 -0.60 -22.78
N GLY M 265 15.35 -1.13 -23.92
CA GLY M 265 14.95 -2.52 -24.03
C GLY M 265 13.52 -2.69 -24.50
N PHE M 266 13.25 -3.82 -25.16
CA PHE M 266 11.89 -4.11 -25.61
C PHE M 266 10.95 -4.29 -24.42
N THR M 267 11.44 -4.93 -23.36
CA THR M 267 10.63 -5.09 -22.15
C THR M 267 10.28 -3.73 -21.55
N ALA M 268 11.27 -2.84 -21.44
CA ALA M 268 11.02 -1.50 -20.91
C ALA M 268 10.06 -0.73 -21.80
N ASN M 269 10.22 -0.85 -23.12
CA ASN M 269 9.32 -0.16 -24.04
C ASN M 269 7.88 -0.66 -23.90
N THR M 270 7.70 -1.97 -23.80
CA THR M 270 6.36 -2.53 -23.63
C THR M 270 5.74 -2.07 -22.31
N GLY M 271 6.52 -2.09 -21.22
CA GLY M 271 6.01 -1.60 -19.96
C GLY M 271 5.64 -0.14 -20.01
N LEU M 272 6.46 0.68 -20.66
CA LEU M 272 6.18 2.11 -20.78
C LEU M 272 4.92 2.34 -21.60
N SER M 273 4.74 1.59 -22.68
CA SER M 273 3.54 1.73 -23.50
C SER M 273 2.30 1.31 -22.72
N LYS M 274 2.39 0.22 -21.97
CA LYS M 274 1.24 -0.19 -21.15
C LYS M 274 0.91 0.88 -20.10
N TRP M 275 1.93 1.46 -19.49
CA TRP M 275 1.69 2.51 -18.51
C TRP M 275 1.07 3.74 -19.17
N CYS M 276 1.52 4.09 -20.37
CA CYS M 276 0.96 5.23 -21.09
C CYS M 276 -0.51 4.99 -21.41
N ARG M 277 -0.86 3.78 -21.86
CA ARG M 277 -2.26 3.47 -22.10
C ARG M 277 -3.07 3.53 -20.81
N LYS M 278 -2.52 2.99 -19.71
CA LYS M 278 -3.23 3.00 -18.45
C LYS M 278 -3.37 4.40 -17.87
N ASN M 279 -2.51 5.34 -18.26
CA ASN M 279 -2.53 6.70 -17.76
C ASN M 279 -2.91 7.72 -18.83
N GLY M 280 -3.22 7.28 -20.04
CA GLY M 280 -3.59 8.21 -21.10
C GLY M 280 -2.48 9.14 -21.52
N MET M 281 -1.31 8.57 -21.87
CA MET M 281 -0.15 9.35 -22.24
C MET M 281 0.32 8.98 -23.64
N LEU M 282 0.89 9.96 -24.34
CA LEU M 282 1.49 9.73 -25.65
C LEU M 282 2.93 9.29 -25.49
N LEU M 283 3.38 8.44 -26.41
CA LEU M 283 4.72 7.84 -26.34
C LEU M 283 5.49 8.15 -27.61
N HIS M 284 6.60 8.86 -27.47
CA HIS M 284 7.53 9.11 -28.55
C HIS M 284 8.72 8.16 -28.42
N ILE M 285 9.28 7.75 -29.55
CA ILE M 285 10.37 6.78 -29.56
C ILE M 285 11.43 7.23 -30.56
N HIS M 286 12.69 7.09 -30.19
CA HIS M 286 13.81 7.32 -31.08
C HIS M 286 14.54 6.00 -31.32
N ARG M 287 15.18 5.90 -32.49
CA ARG M 287 15.79 4.66 -32.94
C ARG M 287 17.27 4.59 -32.66
N ALA M 288 17.73 5.11 -31.52
CA ALA M 288 19.15 5.08 -31.18
C ALA M 288 19.69 3.67 -31.20
N MET M 289 20.83 3.49 -31.88
CA MET M 289 21.56 2.23 -32.06
C MET M 289 20.90 1.34 -33.12
N HIS M 290 19.92 1.84 -33.88
CA HIS M 290 19.33 1.04 -34.94
C HIS M 290 20.32 0.80 -36.08
N ALA M 291 21.17 1.79 -36.36
CA ALA M 291 22.13 1.65 -37.45
C ALA M 291 23.11 0.52 -37.20
N VAL M 292 23.53 0.34 -35.94
CA VAL M 292 24.39 -0.78 -35.59
C VAL M 292 23.76 -2.11 -35.96
N ILE M 293 22.44 -2.12 -36.17
CA ILE M 293 21.75 -3.33 -36.61
C ILE M 293 21.40 -3.31 -38.10
N ASP M 294 21.34 -2.12 -38.72
CA ASP M 294 20.92 -2.03 -40.12
C ASP M 294 21.84 -1.20 -41.02
N ARG M 295 22.97 -0.70 -40.50
CA ARG M 295 23.87 0.06 -41.36
C ARG M 295 24.43 -0.82 -42.47
N HIS M 296 24.81 -2.05 -42.15
CA HIS M 296 25.33 -2.97 -43.15
C HIS M 296 24.18 -3.44 -44.05
N PRO M 297 24.27 -3.22 -45.37
CA PRO M 297 23.15 -3.58 -46.25
C PRO M 297 23.02 -5.06 -46.55
N LYS M 298 24.01 -5.88 -46.17
CA LYS M 298 23.99 -7.30 -46.49
C LYS M 298 23.80 -8.20 -45.26
N HIS M 299 24.09 -7.70 -44.07
CA HIS M 299 24.02 -8.51 -42.85
C HIS M 299 23.40 -7.71 -41.73
N GLY M 300 22.70 -8.40 -40.83
CA GLY M 300 22.07 -7.79 -39.69
C GLY M 300 20.56 -7.99 -39.72
N ILE M 301 19.83 -6.98 -39.27
CA ILE M 301 18.37 -6.96 -39.30
C ILE M 301 17.93 -5.69 -40.01
N HIS M 302 17.06 -5.83 -41.01
CA HIS M 302 16.54 -4.66 -41.71
C HIS M 302 15.66 -3.83 -40.78
N PHE M 303 15.66 -2.52 -41.01
CA PHE M 303 14.92 -1.62 -40.13
C PHE M 303 13.42 -1.85 -40.18
N ARG M 304 12.90 -2.48 -41.24
CA ARG M 304 11.47 -2.76 -41.29
C ARG M 304 11.07 -3.75 -40.21
N VAL M 305 11.94 -4.73 -39.91
CA VAL M 305 11.65 -5.69 -38.84
C VAL M 305 11.60 -4.98 -37.50
N LEU M 306 12.56 -4.10 -37.24
CA LEU M 306 12.56 -3.34 -35.99
C LEU M 306 11.32 -2.45 -35.89
N ALA M 307 10.91 -1.86 -37.01
CA ALA M 307 9.71 -1.03 -37.03
C ALA M 307 8.47 -1.86 -36.71
N LYS M 308 8.37 -3.06 -37.29
CA LYS M 308 7.27 -3.96 -36.97
C LYS M 308 7.27 -4.30 -35.49
N CYS M 309 8.44 -4.61 -34.95
CA CYS M 309 8.54 -4.99 -33.53
C CYS M 309 8.12 -3.83 -32.63
N LEU M 310 8.53 -2.62 -32.97
CA LEU M 310 8.15 -1.45 -32.17
C LEU M 310 6.66 -1.19 -32.26
N ARG M 311 6.08 -1.32 -33.47
CA ARG M 311 4.64 -1.11 -33.62
C ARG M 311 3.86 -2.14 -32.82
N LEU M 312 4.31 -3.39 -32.81
CA LEU M 312 3.65 -4.40 -31.99
C LEU M 312 3.82 -4.09 -30.50
N SER M 313 5.02 -3.69 -30.09
CA SER M 313 5.29 -3.40 -28.68
C SER M 313 4.63 -2.11 -28.20
N GLY M 314 4.09 -1.31 -29.10
CA GLY M 314 3.48 -0.06 -28.71
C GLY M 314 4.36 1.13 -29.04
N GLY M 315 3.72 2.27 -29.29
CA GLY M 315 4.42 3.50 -29.59
C GLY M 315 3.68 4.34 -30.60
N ASP M 316 3.88 5.65 -30.52
CA ASP M 316 3.17 6.60 -31.39
C ASP M 316 4.05 7.21 -32.48
N GLN M 317 5.37 7.27 -32.27
CA GLN M 317 6.27 7.88 -33.24
C GLN M 317 7.54 7.05 -33.35
N LEU M 318 8.11 7.01 -34.55
CA LEU M 318 9.34 6.24 -34.81
C LEU M 318 10.20 6.99 -35.81
N HIS M 319 11.48 7.15 -35.48
CA HIS M 319 12.40 7.88 -36.33
C HIS M 319 12.76 7.08 -37.59
N THR M 320 12.89 7.78 -38.71
CA THR M 320 13.24 7.15 -39.98
C THR M 320 14.27 7.91 -40.80
N GLY M 321 14.55 9.17 -40.51
CA GLY M 321 15.08 10.00 -41.59
C GLY M 321 13.93 10.16 -42.59
N THR M 322 14.23 10.67 -43.79
CA THR M 322 13.31 10.45 -44.88
C THR M 322 13.89 9.35 -45.75
N VAL M 323 14.71 9.68 -46.74
CA VAL M 323 15.96 8.99 -47.07
C VAL M 323 16.83 10.10 -47.64
N VAL M 324 16.17 11.20 -48.01
CA VAL M 324 16.72 12.20 -48.91
C VAL M 324 17.31 13.35 -48.11
N GLY M 325 18.13 14.16 -48.79
CA GLY M 325 18.82 15.25 -48.16
C GLY M 325 20.32 15.10 -48.32
N LYS M 326 20.79 13.87 -48.16
CA LYS M 326 22.21 13.54 -48.34
C LYS M 326 22.36 12.39 -49.32
N LEU M 327 21.41 11.46 -49.33
CA LEU M 327 21.48 10.24 -50.14
C LEU M 327 20.12 10.01 -50.81
N GLU M 328 20.08 10.20 -52.14
CA GLU M 328 18.86 9.96 -52.91
C GLU M 328 18.36 8.54 -52.67
N GLY M 329 19.29 7.60 -52.63
CA GLY M 329 19.13 6.23 -52.20
C GLY M 329 18.03 5.50 -52.92
N ASP M 330 17.30 4.69 -52.15
CA ASP M 330 16.32 3.73 -52.66
C ASP M 330 14.99 3.95 -51.94
N ARG M 331 14.48 5.17 -52.04
CA ARG M 331 13.29 5.59 -51.26
C ARG M 331 12.12 4.61 -51.37
N GLN M 332 12.16 3.69 -52.32
CA GLN M 332 11.10 2.70 -52.49
C GLN M 332 10.88 1.89 -51.20
N THR M 333 11.95 1.26 -50.70
CA THR M 333 11.82 0.44 -49.50
C THR M 333 11.53 1.30 -48.27
N THR M 334 12.01 2.54 -48.26
CA THR M 334 11.66 3.44 -47.16
C THR M 334 10.16 3.71 -47.11
N LEU M 335 9.58 4.05 -48.27
CA LEU M 335 8.14 4.21 -48.38
C LEU M 335 7.41 2.90 -48.05
N GLY M 336 8.04 1.77 -48.35
CA GLY M 336 7.50 0.49 -47.94
C GLY M 336 7.35 0.33 -46.45
N PHE M 337 8.42 0.64 -45.70
CA PHE M 337 8.29 0.53 -44.26
C PHE M 337 7.38 1.62 -43.70
N ILE M 338 7.27 2.75 -44.40
CA ILE M 338 6.27 3.74 -44.03
C ILE M 338 4.86 3.17 -44.16
N ASP M 339 4.62 2.45 -45.25
CA ASP M 339 3.34 1.76 -45.43
C ASP M 339 3.09 0.78 -44.30
N GLN M 340 4.11 -0.01 -43.96
CA GLN M 340 3.99 -0.93 -42.83
C GLN M 340 3.79 -0.21 -41.50
N LEU M 341 4.18 1.06 -41.41
CA LEU M 341 3.99 1.84 -40.20
C LEU M 341 2.61 2.45 -40.09
N ARG M 342 1.97 2.77 -41.22
CA ARG M 342 0.71 3.51 -41.21
C ARG M 342 -0.51 2.65 -41.55
N GLU M 343 -0.46 1.92 -42.66
CA GLU M 343 -1.65 1.24 -43.16
C GLU M 343 -1.98 0.00 -42.33
N SER M 344 -3.27 -0.33 -42.30
CA SER M 344 -3.70 -1.56 -41.62
C SER M 344 -3.33 -2.80 -42.40
N PHE M 345 -3.34 -2.71 -43.74
CA PHE M 345 -2.93 -3.81 -44.59
C PHE M 345 -1.99 -3.28 -45.67
N ILE M 346 -1.04 -4.11 -46.07
CA ILE M 346 -0.10 -3.74 -47.13
C ILE M 346 0.06 -4.92 -48.09
N PRO M 347 -0.20 -4.71 -49.39
CA PRO M 347 0.04 -5.79 -50.36
C PRO M 347 1.54 -6.02 -50.56
N GLU M 348 1.85 -7.20 -51.09
CA GLU M 348 3.24 -7.57 -51.32
C GLU M 348 3.88 -6.63 -52.34
N ASP M 349 5.15 -6.29 -52.09
CA ASP M 349 5.90 -5.44 -53.00
C ASP M 349 7.38 -5.77 -52.83
N ARG M 350 7.94 -6.46 -53.83
CA ARG M 350 9.35 -6.85 -53.76
C ARG M 350 10.25 -5.62 -53.80
N SER M 351 9.89 -4.62 -54.59
CA SER M 351 10.69 -3.40 -54.66
C SER M 351 10.69 -2.66 -53.33
N ARG M 352 9.54 -2.60 -52.66
CA ARG M 352 9.45 -1.95 -51.36
C ARG M 352 9.95 -2.82 -50.21
N GLY M 353 10.42 -4.02 -50.49
CA GLY M 353 10.86 -4.93 -49.45
C GLY M 353 9.74 -5.45 -48.59
N ASN M 354 8.61 -5.79 -49.19
CA ASN M 354 7.45 -6.36 -48.48
C ASN M 354 7.19 -7.73 -49.09
N PHE M 355 7.63 -8.78 -48.40
CA PHE M 355 7.58 -10.14 -48.92
C PHE M 355 6.36 -10.92 -48.45
N PHE M 356 5.43 -10.28 -47.74
CA PHE M 356 4.25 -10.98 -47.24
C PHE M 356 3.04 -10.08 -47.31
N ASP M 357 1.87 -10.70 -47.44
CA ASP M 357 0.60 -9.99 -47.36
C ASP M 357 0.25 -9.81 -45.89
N GLN M 358 0.63 -8.68 -45.34
CA GLN M 358 0.52 -8.43 -43.90
C GLN M 358 -0.69 -7.54 -43.63
N ASP M 359 -1.57 -8.01 -42.75
CA ASP M 359 -2.74 -7.26 -42.32
C ASP M 359 -2.68 -7.06 -40.81
N TRP M 360 -2.96 -5.84 -40.37
CA TRP M 360 -2.96 -5.50 -38.96
C TRP M 360 -4.37 -5.45 -38.36
N GLY M 361 -5.37 -5.89 -39.11
CA GLY M 361 -6.74 -5.78 -38.63
C GLY M 361 -7.15 -4.32 -38.53
N SER M 362 -7.62 -3.94 -37.34
CA SER M 362 -7.96 -2.54 -37.08
C SER M 362 -7.10 -1.99 -35.96
N MET M 363 -5.82 -2.34 -35.95
CA MET M 363 -4.88 -1.91 -34.93
C MET M 363 -4.20 -0.63 -35.38
N PRO M 364 -4.32 0.47 -34.63
CA PRO M 364 -3.85 1.77 -35.14
C PRO M 364 -2.36 1.79 -35.41
N GLY M 365 -1.98 2.59 -36.41
CA GLY M 365 -0.60 2.69 -36.84
C GLY M 365 0.22 3.65 -35.98
N VAL M 366 1.40 3.97 -36.49
CA VAL M 366 2.40 4.76 -35.78
C VAL M 366 2.86 5.90 -36.67
N PHE M 367 3.02 7.09 -36.09
CA PHE M 367 3.56 8.23 -36.83
C PHE M 367 5.01 7.98 -37.21
N ALA M 368 5.40 8.51 -38.36
CA ALA M 368 6.78 8.47 -38.82
C ALA M 368 7.50 9.76 -38.46
N VAL M 369 8.77 9.62 -38.09
CA VAL M 369 9.60 10.76 -37.70
C VAL M 369 10.72 10.90 -38.70
N ALA M 370 10.86 12.09 -39.28
CA ALA M 370 11.90 12.39 -40.25
C ALA M 370 12.76 13.51 -39.67
N SER M 371 14.02 13.20 -39.38
CA SER M 371 14.92 14.17 -38.76
C SER M 371 16.36 13.85 -39.15
N GLY M 372 17.21 14.86 -39.08
CA GLY M 372 18.62 14.68 -39.39
C GLY M 372 18.99 15.08 -40.80
N GLY M 373 19.87 16.07 -40.92
CA GLY M 373 20.34 16.51 -42.22
C GLY M 373 19.27 17.08 -43.12
N ILE M 374 18.28 17.76 -42.55
CA ILE M 374 17.18 18.34 -43.31
C ILE M 374 16.94 19.76 -42.84
N HIS M 375 16.43 20.58 -43.76
CA HIS M 375 16.04 21.96 -43.47
C HIS M 375 14.99 22.37 -44.50
N VAL M 376 14.77 23.69 -44.63
CA VAL M 376 13.63 24.21 -45.37
C VAL M 376 13.64 23.74 -46.82
N TRP M 377 14.82 23.63 -47.43
CA TRP M 377 14.90 23.36 -48.87
C TRP M 377 14.33 21.99 -49.23
N HIS M 378 14.34 21.03 -48.31
CA HIS M 378 13.92 19.68 -48.62
C HIS M 378 12.42 19.45 -48.43
N MET M 379 11.72 20.36 -47.77
CA MET M 379 10.38 20.09 -47.28
C MET M 379 9.37 19.61 -48.33
N PRO M 380 9.32 20.18 -49.56
CA PRO M 380 8.33 19.68 -50.54
C PRO M 380 8.44 18.19 -50.81
N ALA M 381 9.66 17.72 -51.07
CA ALA M 381 9.87 16.30 -51.30
C ALA M 381 9.52 15.47 -50.07
N LEU M 382 9.82 16.00 -48.87
CA LEU M 382 9.48 15.29 -47.64
C LEU M 382 7.96 15.11 -47.51
N VAL M 383 7.21 16.17 -47.80
CA VAL M 383 5.75 16.09 -47.79
C VAL M 383 5.26 15.09 -48.83
N ALA M 384 5.87 15.11 -50.01
CA ALA M 384 5.44 14.21 -51.07
C ALA M 384 5.65 12.75 -50.69
N ILE M 385 6.78 12.44 -50.04
CA ILE M 385 7.12 11.04 -49.80
C ILE M 385 6.48 10.52 -48.52
N PHE M 386 6.39 11.35 -47.48
CA PHE M 386 5.90 10.91 -46.18
C PHE M 386 4.39 11.11 -46.00
N GLY M 387 3.72 11.77 -46.94
CA GLY M 387 2.30 11.99 -46.75
C GLY M 387 2.05 12.97 -45.59
N ASP M 388 0.84 12.91 -45.07
CA ASP M 388 0.42 13.81 -44.00
C ASP M 388 0.63 13.22 -42.61
N ASP M 389 0.89 11.92 -42.50
CA ASP M 389 1.04 11.24 -41.21
C ASP M 389 2.52 11.10 -40.89
N SER M 390 3.14 12.22 -40.52
CA SER M 390 4.56 12.23 -40.20
C SER M 390 4.89 13.50 -39.44
N VAL M 391 6.10 13.56 -38.90
CA VAL M 391 6.59 14.73 -38.18
C VAL M 391 7.99 15.06 -38.70
N LEU M 392 8.28 16.35 -38.83
CA LEU M 392 9.56 16.83 -39.33
C LEU M 392 10.29 17.60 -38.23
N GLN M 393 11.55 17.24 -38.01
CA GLN M 393 12.38 17.87 -36.98
C GLN M 393 13.59 18.52 -37.63
N PHE M 394 13.85 19.78 -37.28
CA PHE M 394 15.00 20.54 -37.77
C PHE M 394 15.69 21.16 -36.56
N GLY M 395 16.60 20.41 -35.95
CA GLY M 395 17.31 20.89 -34.79
C GLY M 395 18.22 22.06 -35.10
N GLY M 396 19.25 21.81 -35.91
CA GLY M 396 20.16 22.88 -36.27
C GLY M 396 19.52 23.93 -37.16
N GLY M 397 18.68 23.50 -38.09
CA GLY M 397 18.11 24.43 -39.05
C GLY M 397 17.27 25.52 -38.41
N THR M 398 16.39 25.13 -37.49
CA THR M 398 15.59 26.12 -36.78
C THR M 398 16.44 26.94 -35.82
N HIS M 399 17.36 26.28 -35.10
CA HIS M 399 18.20 27.00 -34.16
C HIS M 399 19.29 27.80 -34.87
N GLY M 400 19.89 27.24 -35.92
CA GLY M 400 20.94 27.96 -36.64
C GLY M 400 20.44 29.10 -37.50
N HIS M 401 19.13 29.32 -37.55
CA HIS M 401 18.60 30.46 -38.28
C HIS M 401 19.10 31.75 -37.63
N PRO M 402 19.63 32.70 -38.40
CA PRO M 402 20.23 33.90 -37.79
C PRO M 402 19.26 34.75 -36.99
N TRP M 403 17.96 34.65 -37.27
CA TRP M 403 16.96 35.45 -36.56
C TRP M 403 16.49 34.81 -35.27
N GLY M 404 16.93 33.59 -34.97
CA GLY M 404 16.54 32.93 -33.74
C GLY M 404 15.71 31.69 -34.00
N SER M 405 15.57 30.87 -32.95
CA SER M 405 14.84 29.62 -33.07
C SER M 405 13.37 29.86 -33.39
N ALA M 406 12.77 30.89 -32.78
CA ALA M 406 11.37 31.19 -33.03
C ALA M 406 11.13 31.55 -34.50
N ALA M 407 12.00 32.41 -35.05
CA ALA M 407 11.85 32.80 -36.45
C ALA M 407 12.07 31.62 -37.38
N GLY M 408 13.07 30.78 -37.09
CA GLY M 408 13.28 29.59 -37.92
C GLY M 408 12.11 28.64 -37.87
N ALA M 409 11.55 28.42 -36.68
CA ALA M 409 10.38 27.56 -36.56
C ALA M 409 9.19 28.13 -37.31
N ALA M 410 8.99 29.44 -37.23
CA ALA M 410 7.90 30.07 -37.97
C ALA M 410 8.11 29.94 -39.47
N ALA M 411 9.34 30.10 -39.94
CA ALA M 411 9.63 29.95 -41.36
C ALA M 411 9.35 28.53 -41.83
N ASN M 412 9.78 27.53 -41.05
CA ASN M 412 9.50 26.15 -41.43
C ASN M 412 8.00 25.86 -41.39
N ARG M 413 7.30 26.44 -40.41
CA ARG M 413 5.86 26.24 -40.31
C ARG M 413 5.13 26.80 -41.53
N VAL M 414 5.47 28.03 -41.92
CA VAL M 414 4.80 28.62 -43.07
C VAL M 414 5.21 27.92 -44.36
N ALA M 415 6.45 27.44 -44.44
CA ALA M 415 6.85 26.64 -45.60
C ALA M 415 6.02 25.37 -45.70
N LEU M 416 5.82 24.68 -44.58
CA LEU M 416 4.99 23.48 -44.57
C LEU M 416 3.55 23.81 -44.94
N GLU M 417 3.02 24.91 -44.42
CA GLU M 417 1.65 25.30 -44.75
C GLU M 417 1.50 25.56 -46.24
N ALA M 418 2.43 26.32 -46.83
CA ALA M 418 2.36 26.60 -48.26
C ALA M 418 2.51 25.33 -49.08
N CYS M 419 3.42 24.44 -48.67
CA CYS M 419 3.62 23.20 -49.41
C CYS M 419 2.38 22.32 -49.38
N VAL M 420 1.77 22.17 -48.21
CA VAL M 420 0.58 21.33 -48.12
C VAL M 420 -0.60 21.99 -48.83
N LYS M 421 -0.64 23.33 -48.85
CA LYS M 421 -1.67 24.01 -49.62
C LYS M 421 -1.52 23.73 -51.11
N ALA M 422 -0.29 23.85 -51.63
CA ALA M 422 -0.05 23.59 -53.04
C ALA M 422 -0.32 22.12 -53.38
N ARG M 423 0.04 21.21 -52.48
CA ARG M 423 -0.27 19.80 -52.70
C ARG M 423 -1.77 19.57 -52.75
N ASN M 424 -2.51 20.18 -51.81
CA ASN M 424 -3.97 20.10 -51.85
C ASN M 424 -4.54 20.79 -53.08
N ALA M 425 -3.81 21.77 -53.63
CA ALA M 425 -4.26 22.42 -54.85
C ALA M 425 -4.21 21.50 -56.06
N GLY M 426 -3.59 20.33 -55.94
CA GLY M 426 -3.44 19.42 -57.06
C GLY M 426 -2.18 19.61 -57.87
N ARG M 427 -1.15 20.21 -57.29
CA ARG M 427 0.06 20.58 -58.00
C ARG M 427 1.18 19.59 -57.71
N GLU M 428 2.06 19.41 -58.69
CA GLU M 428 3.25 18.57 -58.54
C GLU M 428 4.32 19.42 -57.84
N ILE M 429 4.52 19.15 -56.54
CA ILE M 429 5.30 20.06 -55.70
C ILE M 429 6.79 19.94 -55.99
N GLU M 430 7.25 18.74 -56.37
CA GLU M 430 8.69 18.48 -56.45
C GLU M 430 9.37 19.39 -57.47
N LYS M 431 8.74 19.60 -58.63
CA LYS M 431 9.36 20.37 -59.69
C LYS M 431 9.32 21.87 -59.40
N GLU M 432 8.12 22.41 -59.18
CA GLU M 432 7.95 23.84 -58.95
C GLU M 432 8.21 24.25 -57.51
N SER M 433 8.95 23.44 -56.75
CA SER M 433 9.20 23.74 -55.35
C SER M 433 9.84 25.11 -55.15
N ARG M 434 10.72 25.51 -56.08
CA ARG M 434 11.36 26.81 -55.98
C ARG M 434 10.33 27.93 -56.05
N ASP M 435 9.37 27.82 -56.98
CA ASP M 435 8.31 28.82 -57.06
C ASP M 435 7.46 28.82 -55.79
N ILE M 436 7.19 27.65 -55.24
CA ILE M 436 6.38 27.56 -54.01
C ILE M 436 7.09 28.28 -52.87
N LEU M 437 8.39 28.02 -52.70
CA LEU M 437 9.12 28.66 -51.60
C LEU M 437 9.29 30.16 -51.83
N MET M 438 9.46 30.60 -53.07
CA MET M 438 9.52 32.03 -53.34
C MET M 438 8.19 32.70 -53.02
N GLU M 439 7.08 32.07 -53.41
CA GLU M 439 5.76 32.63 -53.10
C GLU M 439 5.52 32.67 -51.60
N ALA M 440 5.96 31.65 -50.87
CA ALA M 440 5.87 31.68 -49.42
C ALA M 440 6.73 32.79 -48.83
N ALA M 441 7.93 32.99 -49.37
CA ALA M 441 8.82 34.04 -48.90
C ALA M 441 8.28 35.43 -49.20
N LYS M 442 7.37 35.55 -50.18
CA LYS M 442 6.73 36.83 -50.44
C LYS M 442 5.92 37.36 -49.26
N HIS M 443 5.76 36.57 -48.19
CA HIS M 443 5.13 37.06 -46.97
C HIS M 443 5.89 36.68 -45.71
N SER M 444 7.06 36.06 -45.84
CA SER M 444 7.85 35.63 -44.67
C SER M 444 9.32 35.88 -44.96
N PRO M 445 9.83 37.06 -44.58
CA PRO M 445 11.26 37.35 -44.82
C PRO M 445 12.20 36.38 -44.14
N GLU M 446 11.82 35.84 -42.98
CA GLU M 446 12.65 34.82 -42.33
C GLU M 446 12.78 33.58 -43.19
N LEU M 447 11.68 33.18 -43.85
CA LEU M 447 11.76 32.07 -44.80
C LEU M 447 12.68 32.42 -45.96
N ALA M 448 12.63 33.67 -46.44
CA ALA M 448 13.50 34.08 -47.53
C ALA M 448 14.97 33.97 -47.15
N ILE M 449 15.32 34.48 -45.96
CA ILE M 449 16.72 34.41 -45.56
C ILE M 449 17.16 32.99 -45.27
N ALA M 450 16.25 32.14 -44.75
CA ALA M 450 16.59 30.73 -44.54
C ALA M 450 16.87 30.04 -45.87
N LEU M 451 15.97 30.21 -46.84
CA LEU M 451 16.21 29.63 -48.16
C LEU M 451 17.47 30.18 -48.80
N GLU M 452 17.83 31.43 -48.49
CA GLU M 452 19.10 31.98 -48.93
C GLU M 452 20.28 31.29 -48.26
N THR M 453 20.15 30.91 -46.99
CA THR M 453 21.27 30.35 -46.25
C THR M 453 21.73 29.03 -46.83
N TRP M 454 20.80 28.15 -47.20
CA TRP M 454 21.16 26.79 -47.60
C TRP M 454 20.62 26.47 -48.98
N LYS M 455 20.83 27.38 -49.93
CA LYS M 455 20.39 27.17 -51.31
C LYS M 455 21.07 25.96 -51.95
N VAL N 7 18.34 41.65 -38.10
CA VAL N 7 17.72 42.97 -38.05
C VAL N 7 16.20 42.83 -37.94
N GLY N 8 15.64 43.40 -36.88
CA GLY N 8 14.22 43.35 -36.65
C GLY N 8 13.80 42.07 -35.93
N ASP N 9 12.67 42.17 -35.25
CA ASP N 9 12.11 41.07 -34.48
C ASP N 9 10.81 40.59 -35.10
N TYR N 10 10.44 39.35 -34.77
CA TYR N 10 9.17 38.77 -35.19
C TYR N 10 8.25 38.73 -33.97
N GLN N 11 7.25 39.59 -33.94
CA GLN N 11 6.35 39.67 -32.81
C GLN N 11 5.42 38.47 -32.77
N THR N 12 5.11 38.02 -31.56
CA THR N 12 4.16 36.92 -31.41
C THR N 12 2.77 37.35 -31.87
N VAL N 13 2.13 36.50 -32.66
CA VAL N 13 0.82 36.80 -33.25
C VAL N 13 -0.14 35.68 -32.89
N ALA N 14 -1.33 36.04 -32.44
CA ALA N 14 -2.38 35.06 -32.18
C ALA N 14 -2.86 34.53 -33.52
N THR N 15 -2.34 33.38 -33.92
CA THR N 15 -2.61 32.81 -35.22
C THR N 15 -3.71 31.77 -35.13
N LEU N 16 -4.17 31.33 -36.30
CA LEU N 16 -5.39 30.54 -36.36
C LEU N 16 -5.21 29.21 -37.09
N GLU N 17 -4.22 28.41 -36.68
CA GLU N 17 -4.23 26.99 -37.00
C GLU N 17 -4.15 26.66 -38.49
N THR N 18 -2.94 26.69 -39.06
CA THR N 18 -2.72 26.21 -40.43
C THR N 18 -3.37 27.12 -41.48
N PHE N 19 -2.61 28.16 -41.87
CA PHE N 19 -3.00 29.33 -42.66
C PHE N 19 -3.55 30.45 -41.77
N GLY N 20 -3.20 30.40 -40.49
CA GLY N 20 -3.36 31.57 -39.65
C GLY N 20 -2.27 32.61 -39.87
N PHE N 21 -1.11 32.17 -40.36
CA PHE N 21 0.01 33.08 -40.60
C PHE N 21 -0.16 33.86 -41.89
N LEU N 22 -0.57 33.19 -42.96
CA LEU N 22 -0.71 33.84 -44.26
C LEU N 22 -1.85 34.85 -44.23
N PRO N 23 -1.84 35.83 -45.14
CA PRO N 23 -2.96 36.76 -45.23
C PRO N 23 -4.24 36.02 -45.56
N PRO N 24 -5.39 36.60 -45.25
CA PRO N 24 -6.65 35.90 -45.48
C PRO N 24 -6.81 35.46 -46.93
N MET N 25 -7.30 34.24 -47.11
CA MET N 25 -7.35 33.63 -48.43
C MET N 25 -8.36 34.36 -49.32
N THR N 26 -8.05 34.40 -50.61
CA THR N 26 -8.96 34.97 -51.59
C THR N 26 -10.05 33.95 -51.94
N GLN N 27 -11.12 34.45 -52.54
CA GLN N 27 -12.29 33.62 -52.82
C GLN N 27 -11.94 32.50 -53.81
N ASP N 28 -11.11 32.80 -54.81
CA ASP N 28 -10.69 31.76 -55.74
C ASP N 28 -9.89 30.67 -55.02
N GLU N 29 -9.08 31.06 -54.04
CA GLU N 29 -8.37 30.07 -53.24
C GLU N 29 -9.33 29.22 -52.42
N ILE N 30 -10.42 29.83 -51.94
CA ILE N 30 -11.46 29.06 -51.25
C ILE N 30 -12.09 28.06 -52.21
N TYR N 31 -12.35 28.48 -53.45
CA TYR N 31 -12.88 27.57 -54.47
C TYR N 31 -11.93 26.40 -54.67
N ASP N 32 -10.63 26.70 -54.78
CA ASP N 32 -9.65 25.63 -55.00
C ASP N 32 -9.60 24.67 -53.81
N GLN N 33 -9.66 25.22 -52.59
CA GLN N 33 -9.63 24.38 -51.39
C GLN N 33 -10.84 23.46 -51.34
N ILE N 34 -12.03 24.00 -51.59
CA ILE N 34 -13.23 23.15 -51.53
C ILE N 34 -13.23 22.15 -52.67
N ALA N 35 -12.70 22.52 -53.84
CA ALA N 35 -12.58 21.56 -54.94
C ALA N 35 -11.64 20.42 -54.56
N TYR N 36 -10.54 20.74 -53.87
CA TYR N 36 -9.65 19.69 -53.38
C TYR N 36 -10.35 18.80 -52.38
N ILE N 37 -11.13 19.39 -51.47
CA ILE N 37 -11.88 18.59 -50.50
C ILE N 37 -12.82 17.64 -51.23
N ILE N 38 -13.48 18.11 -52.29
CA ILE N 38 -14.34 17.26 -53.09
C ILE N 38 -13.52 16.14 -53.75
N ALA N 39 -12.35 16.49 -54.29
CA ALA N 39 -11.52 15.52 -54.99
C ALA N 39 -10.98 14.43 -54.07
N GLN N 40 -10.92 14.69 -52.77
CA GLN N 40 -10.46 13.69 -51.80
C GLN N 40 -11.59 12.86 -51.22
N GLY N 41 -12.83 13.09 -51.64
CA GLY N 41 -13.95 12.33 -51.11
C GLY N 41 -14.36 12.72 -49.72
N TRP N 42 -13.86 13.84 -49.20
CA TRP N 42 -14.20 14.29 -47.86
C TRP N 42 -15.53 15.06 -47.91
N SER N 43 -15.95 15.58 -46.76
CA SER N 43 -17.21 16.31 -46.68
C SER N 43 -16.99 17.67 -46.03
N PRO N 44 -17.55 18.73 -46.61
CA PRO N 44 -17.40 20.05 -46.00
C PRO N 44 -18.21 20.19 -44.72
N LEU N 45 -17.68 20.98 -43.80
CA LEU N 45 -18.37 21.27 -42.54
C LEU N 45 -17.95 22.65 -42.07
N ILE N 46 -18.94 23.45 -41.65
CA ILE N 46 -18.73 24.85 -41.28
C ILE N 46 -18.77 24.97 -39.78
N GLU N 47 -17.76 25.62 -39.20
CA GLU N 47 -17.66 25.84 -37.77
C GLU N 47 -17.50 27.33 -37.50
N HIS N 48 -18.28 27.85 -36.56
CA HIS N 48 -18.15 29.23 -36.10
C HIS N 48 -18.11 29.24 -34.58
N VAL N 49 -17.32 30.14 -34.01
CA VAL N 49 -17.19 30.24 -32.55
C VAL N 49 -16.66 31.62 -32.23
N HIS N 50 -16.99 32.11 -31.03
CA HIS N 50 -16.47 33.38 -30.58
C HIS N 50 -14.95 33.29 -30.41
N PRO N 51 -14.20 34.32 -30.83
CA PRO N 51 -12.74 34.23 -30.73
C PRO N 51 -12.22 34.06 -29.31
N SER N 52 -13.00 34.47 -28.30
CA SER N 52 -12.56 34.29 -26.92
C SER N 52 -12.45 32.81 -26.54
N ARG N 53 -13.22 31.95 -27.20
CA ARG N 53 -13.25 30.52 -26.90
C ARG N 53 -12.53 29.70 -27.97
N SER N 54 -11.46 30.25 -28.55
CA SER N 54 -10.73 29.53 -29.58
C SER N 54 -10.06 28.27 -29.03
N MET N 55 -9.81 28.24 -27.72
CA MET N 55 -9.12 27.11 -27.10
C MET N 55 -10.06 25.94 -26.80
N ALA N 56 -11.34 26.06 -27.11
CA ALA N 56 -12.27 24.96 -26.90
C ALA N 56 -11.97 23.83 -27.88
N THR N 57 -12.58 22.67 -27.60
CA THR N 57 -12.38 21.49 -28.43
C THR N 57 -13.38 21.38 -29.57
N TYR N 58 -14.62 21.82 -29.37
CA TYR N 58 -15.66 21.74 -30.38
C TYR N 58 -16.27 23.12 -30.59
N TRP N 59 -16.30 23.57 -31.85
CA TRP N 59 -16.91 24.84 -32.18
C TRP N 59 -18.39 24.64 -32.49
N SER N 60 -19.12 25.76 -32.59
CA SER N 60 -20.54 25.72 -32.90
C SER N 60 -20.71 25.37 -34.38
N TYR N 61 -21.25 24.19 -34.65
CA TYR N 61 -21.36 23.71 -36.03
C TYR N 61 -22.55 24.34 -36.72
N TRP N 62 -22.40 24.58 -38.04
CA TRP N 62 -23.49 25.03 -38.89
C TRP N 62 -24.36 23.83 -39.25
N LYS N 63 -25.21 23.97 -40.28
CA LYS N 63 -26.04 22.88 -40.75
C LYS N 63 -25.21 21.61 -40.96
N LEU N 64 -25.86 20.46 -40.86
CA LEU N 64 -25.15 19.17 -40.82
C LEU N 64 -24.22 19.02 -42.01
N PRO N 65 -23.14 18.25 -41.86
CA PRO N 65 -22.19 18.08 -42.96
C PRO N 65 -22.87 17.54 -44.21
N PHE N 66 -22.43 18.05 -45.36
CA PHE N 66 -23.06 17.75 -46.64
C PHE N 66 -22.38 16.55 -47.26
N PHE N 67 -23.08 15.41 -47.28
CA PHE N 67 -22.55 14.17 -47.82
C PHE N 67 -23.15 13.94 -49.20
N GLY N 68 -22.29 13.62 -50.16
CA GLY N 68 -22.69 13.53 -51.54
C GLY N 68 -22.76 14.86 -52.25
N GLU N 69 -22.43 15.96 -51.58
CA GLU N 69 -22.46 17.28 -52.19
C GLU N 69 -21.15 17.52 -52.93
N LYS N 70 -21.25 17.81 -54.23
CA LYS N 70 -20.07 17.98 -55.09
C LYS N 70 -20.07 19.32 -55.81
N ASP N 71 -20.81 20.30 -55.31
CA ASP N 71 -20.90 21.62 -55.95
C ASP N 71 -20.20 22.65 -55.08
N LEU N 72 -19.40 23.50 -55.72
CA LEU N 72 -18.69 24.54 -55.00
C LEU N 72 -19.62 25.70 -54.63
N GLY N 73 -20.57 26.02 -55.52
CA GLY N 73 -21.40 27.20 -55.32
C GLY N 73 -22.24 27.13 -54.05
N VAL N 74 -22.82 25.95 -53.76
CA VAL N 74 -23.61 25.81 -52.55
C VAL N 74 -22.73 25.97 -51.31
N ILE N 75 -21.49 25.46 -51.39
CA ILE N 75 -20.56 25.61 -50.26
C ILE N 75 -20.25 27.10 -50.03
N VAL N 76 -20.02 27.84 -51.11
CA VAL N 76 -19.72 29.27 -50.98
C VAL N 76 -20.93 30.01 -50.42
N SER N 77 -22.14 29.65 -50.89
CA SER N 77 -23.35 30.29 -50.38
C SER N 77 -23.52 30.02 -48.88
N GLU N 78 -23.27 28.78 -48.45
CA GLU N 78 -23.35 28.46 -47.03
C GLU N 78 -22.30 29.22 -46.24
N LEU N 79 -21.10 29.36 -46.80
CA LEU N 79 -20.04 30.10 -46.11
C LEU N 79 -20.42 31.55 -45.91
N GLU N 80 -20.95 32.21 -46.96
CA GLU N 80 -21.31 33.61 -46.81
C GLU N 80 -22.53 33.76 -45.89
N ALA N 81 -23.47 32.82 -45.94
CA ALA N 81 -24.62 32.88 -45.05
C ALA N 81 -24.19 32.76 -43.59
N CYS N 82 -23.31 31.80 -43.29
CA CYS N 82 -22.86 31.63 -41.91
C CYS N 82 -22.00 32.81 -41.46
N HIS N 83 -21.22 33.39 -42.39
CA HIS N 83 -20.45 34.59 -42.07
C HIS N 83 -21.38 35.74 -41.70
N ARG N 84 -22.46 35.92 -42.45
CA ARG N 84 -23.43 36.95 -42.09
C ARG N 84 -24.20 36.60 -40.81
N ALA N 85 -24.29 35.31 -40.47
CA ALA N 85 -24.97 34.93 -39.23
C ALA N 85 -24.19 35.41 -38.01
N TYR N 86 -22.88 35.19 -37.99
CA TYR N 86 -22.01 35.62 -36.90
C TYR N 86 -20.80 36.33 -37.48
N PRO N 87 -20.95 37.60 -37.87
CA PRO N 87 -19.82 38.33 -38.47
C PRO N 87 -18.73 38.70 -37.47
N ASP N 88 -18.90 38.40 -36.18
CA ASP N 88 -17.87 38.65 -35.18
C ASP N 88 -17.20 37.38 -34.70
N HIS N 89 -17.68 36.20 -35.10
CA HIS N 89 -17.07 34.94 -34.73
C HIS N 89 -16.01 34.52 -35.73
N HIS N 90 -15.11 33.65 -35.28
CA HIS N 90 -14.17 32.99 -36.19
C HIS N 90 -14.89 31.87 -36.92
N VAL N 91 -14.76 31.85 -38.24
CA VAL N 91 -15.44 30.86 -39.08
C VAL N 91 -14.39 30.10 -39.87
N ARG N 92 -14.42 28.77 -39.76
CA ARG N 92 -13.49 27.91 -40.46
C ARG N 92 -14.23 26.81 -41.20
N LEU N 93 -13.56 26.23 -42.19
CA LEU N 93 -14.10 25.16 -43.01
C LEU N 93 -13.25 23.91 -42.84
N VAL N 94 -13.91 22.77 -42.61
CA VAL N 94 -13.23 21.52 -42.29
C VAL N 94 -13.71 20.43 -43.24
N GLY N 95 -12.77 19.64 -43.75
CA GLY N 95 -13.08 18.48 -44.54
C GLY N 95 -12.99 17.22 -43.70
N TYR N 96 -14.09 16.48 -43.65
CA TYR N 96 -14.20 15.29 -42.80
C TYR N 96 -14.06 14.03 -43.63
N ASP N 97 -13.20 13.12 -43.18
CA ASP N 97 -12.99 11.83 -43.83
C ASP N 97 -13.69 10.76 -42.98
N ALA N 98 -14.69 10.10 -43.58
CA ALA N 98 -15.44 9.09 -42.85
C ALA N 98 -14.62 7.83 -42.61
N TYR N 99 -13.75 7.47 -43.56
CA TYR N 99 -13.02 6.21 -43.49
C TYR N 99 -11.87 6.25 -42.47
N THR N 100 -11.40 7.43 -42.10
CA THR N 100 -10.33 7.54 -41.11
C THR N 100 -10.75 8.29 -39.84
N GLN N 101 -11.96 8.84 -39.80
CA GLN N 101 -12.48 9.51 -38.61
C GLN N 101 -11.56 10.63 -38.15
N SER N 102 -11.03 11.41 -39.10
CA SER N 102 -10.16 12.53 -38.82
C SER N 102 -10.55 13.70 -39.70
N GLN N 103 -9.89 14.83 -39.49
CA GLN N 103 -10.10 16.03 -40.30
C GLN N 103 -9.03 16.05 -41.38
N GLY N 104 -9.44 15.79 -42.62
CA GLY N 104 -8.48 15.76 -43.72
C GLY N 104 -7.81 17.09 -43.97
N ALA N 105 -8.56 18.18 -43.83
CA ALA N 105 -8.03 19.52 -44.02
C ALA N 105 -8.96 20.52 -43.37
N CYS N 106 -8.38 21.52 -42.71
CA CYS N 106 -9.18 22.54 -42.04
C CYS N 106 -8.38 23.83 -41.94
N PHE N 107 -9.08 24.95 -42.12
CA PHE N 107 -8.45 26.26 -42.02
C PHE N 107 -9.56 27.31 -41.87
N VAL N 108 -9.16 28.48 -41.36
CA VAL N 108 -10.12 29.55 -41.11
C VAL N 108 -10.43 30.27 -42.42
N VAL N 109 -11.69 30.63 -42.60
CA VAL N 109 -12.14 31.40 -43.76
C VAL N 109 -12.38 32.85 -43.41
N PHE N 110 -13.16 33.10 -42.35
CA PHE N 110 -13.44 34.46 -41.88
C PHE N 110 -12.97 34.61 -40.46
N GLU N 111 -12.26 35.70 -40.18
CA GLU N 111 -11.84 36.05 -38.83
C GLU N 111 -12.71 37.18 -38.32
N GLY N 112 -13.07 37.11 -37.03
CA GLY N 112 -13.98 38.08 -36.46
C GLY N 112 -13.33 39.44 -36.26
N ARG N 113 -14.18 40.42 -35.97
CA ARG N 113 -13.73 41.78 -35.74
C ARG N 113 -12.86 41.87 -34.49
N GLU O 11 -42.74 -40.70 -3.42
CA GLU O 11 -43.69 -39.72 -2.92
C GLU O 11 -43.05 -38.78 -1.90
N TYR O 12 -43.19 -37.48 -2.13
CA TYR O 12 -42.62 -36.47 -1.25
C TYR O 12 -43.66 -35.52 -0.66
N ARG O 13 -44.95 -35.70 -0.97
CA ARG O 13 -45.97 -34.82 -0.44
C ARG O 13 -46.03 -34.87 1.09
N ASP O 14 -45.84 -36.08 1.65
CA ASP O 14 -46.05 -36.29 3.08
C ASP O 14 -45.18 -35.39 3.94
N THR O 15 -44.01 -35.01 3.44
CA THR O 15 -43.11 -34.14 4.19
C THR O 15 -42.83 -32.81 3.49
N TYR O 16 -43.28 -32.62 2.25
CA TYR O 16 -43.02 -31.37 1.54
C TYR O 16 -44.28 -30.75 0.94
N TRP O 17 -45.46 -31.24 1.30
CA TRP O 17 -46.72 -30.55 1.00
C TRP O 17 -47.45 -30.29 2.30
N THR O 18 -47.78 -29.02 2.56
CA THR O 18 -48.41 -28.61 3.80
C THR O 18 -49.83 -28.16 3.56
N PRO O 19 -50.83 -28.97 3.88
CA PRO O 19 -52.22 -28.61 3.56
C PRO O 19 -52.75 -27.41 4.33
N ASP O 20 -52.23 -27.12 5.53
CA ASP O 20 -52.79 -26.08 6.38
C ASP O 20 -51.74 -25.17 6.99
N TYR O 21 -50.54 -25.12 6.43
CA TYR O 21 -49.49 -24.26 6.98
C TYR O 21 -49.69 -22.82 6.55
N VAL O 22 -49.42 -21.90 7.47
CA VAL O 22 -49.48 -20.46 7.23
C VAL O 22 -48.04 -19.93 7.25
N PRO O 23 -47.60 -19.24 6.20
CA PRO O 23 -46.21 -18.78 6.16
C PRO O 23 -45.90 -17.81 7.29
N LEU O 24 -44.67 -17.89 7.80
CA LEU O 24 -44.18 -16.93 8.78
C LEU O 24 -43.73 -15.66 8.07
N ASP O 25 -43.85 -14.53 8.78
CA ASP O 25 -43.53 -13.21 8.23
C ASP O 25 -42.06 -13.00 7.96
N THR O 26 -41.19 -13.91 8.38
CA THR O 26 -39.77 -13.88 8.08
C THR O 26 -39.37 -14.88 7.01
N ASP O 27 -40.33 -15.59 6.43
CA ASP O 27 -40.05 -16.58 5.42
C ASP O 27 -39.91 -15.92 4.05
N LEU O 28 -39.30 -16.64 3.13
CA LEU O 28 -39.24 -16.22 1.73
C LEU O 28 -40.28 -17.01 0.95
N LEU O 29 -41.23 -16.30 0.35
CA LEU O 29 -42.35 -16.91 -0.35
C LEU O 29 -42.11 -16.80 -1.86
N ALA O 30 -42.25 -17.93 -2.55
CA ALA O 30 -42.00 -17.99 -3.98
C ALA O 30 -43.21 -18.58 -4.68
N CYS O 31 -43.54 -18.04 -5.85
CA CYS O 31 -44.65 -18.50 -6.68
C CYS O 31 -44.11 -19.12 -7.95
N PHE O 32 -44.53 -20.35 -8.24
CA PHE O 32 -44.10 -21.07 -9.43
C PHE O 32 -45.32 -21.47 -10.24
N LYS O 33 -45.32 -21.12 -11.53
CA LYS O 33 -46.32 -21.65 -12.45
C LYS O 33 -45.80 -22.98 -12.98
N CYS O 34 -46.42 -24.07 -12.55
CA CYS O 34 -45.88 -25.41 -12.76
C CYS O 34 -46.78 -26.21 -13.67
N THR O 35 -46.15 -26.98 -14.57
CA THR O 35 -46.86 -27.96 -15.41
C THR O 35 -46.08 -29.26 -15.32
N GLY O 36 -46.59 -30.22 -14.56
CA GLY O 36 -46.01 -31.54 -14.50
C GLY O 36 -46.39 -32.36 -15.72
N GLN O 37 -45.99 -33.62 -15.68
CA GLN O 37 -46.38 -34.54 -16.75
C GLN O 37 -47.88 -34.78 -16.72
N GLU O 38 -48.41 -35.32 -17.81
CA GLU O 38 -49.85 -35.54 -17.89
C GLU O 38 -50.29 -36.59 -16.88
N GLY O 39 -51.40 -36.30 -16.20
CA GLY O 39 -51.97 -37.22 -15.23
C GLY O 39 -51.10 -37.48 -14.02
N VAL O 40 -50.42 -36.45 -13.51
CA VAL O 40 -49.64 -36.59 -12.28
C VAL O 40 -50.31 -35.79 -11.18
N PRO O 41 -50.14 -36.18 -9.91
CA PRO O 41 -50.68 -35.38 -8.80
C PRO O 41 -50.03 -34.01 -8.76
N LYS O 42 -50.87 -32.96 -8.78
CA LYS O 42 -50.36 -31.60 -8.72
C LYS O 42 -49.67 -31.33 -7.38
N GLU O 43 -50.24 -31.86 -6.30
CA GLU O 43 -49.59 -31.74 -4.99
C GLU O 43 -48.22 -32.40 -4.99
N GLU O 44 -48.12 -33.58 -5.61
CA GLU O 44 -46.85 -34.30 -5.63
C GLU O 44 -45.79 -33.54 -6.41
N VAL O 45 -46.14 -32.99 -7.58
CA VAL O 45 -45.15 -32.26 -8.37
C VAL O 45 -44.78 -30.94 -7.68
N ALA O 46 -45.73 -30.28 -7.04
CA ALA O 46 -45.41 -29.08 -6.28
C ALA O 46 -44.47 -29.39 -5.13
N ALA O 47 -44.70 -30.50 -4.43
CA ALA O 47 -43.80 -30.90 -3.34
C ALA O 47 -42.43 -31.29 -3.89
N ALA O 48 -42.40 -31.91 -5.07
CA ALA O 48 -41.12 -32.24 -5.70
C ALA O 48 -40.34 -30.98 -6.03
N VAL O 49 -41.00 -29.95 -6.56
CA VAL O 49 -40.33 -28.69 -6.84
C VAL O 49 -39.80 -28.08 -5.54
N ALA O 50 -40.65 -28.06 -4.51
CA ALA O 50 -40.24 -27.47 -3.23
C ALA O 50 -39.03 -28.19 -2.65
N ALA O 51 -39.04 -29.52 -2.69
CA ALA O 51 -37.90 -30.28 -2.19
C ALA O 51 -36.66 -30.05 -3.04
N GLU O 52 -36.81 -30.08 -4.37
CA GLU O 52 -35.69 -29.87 -5.27
C GLU O 52 -35.07 -28.49 -5.10
N SER O 53 -35.81 -27.55 -4.49
CA SER O 53 -35.21 -26.29 -4.10
C SER O 53 -34.36 -26.43 -2.84
N SER O 54 -34.72 -27.34 -1.93
CA SER O 54 -33.96 -27.48 -0.69
C SER O 54 -33.29 -28.84 -0.53
N THR O 55 -34.06 -29.92 -0.63
CA THR O 55 -33.58 -31.25 -0.26
C THR O 55 -34.01 -32.30 -1.29
N GLY O 56 -33.08 -33.20 -1.61
CA GLY O 56 -33.36 -34.28 -2.55
C GLY O 56 -32.52 -35.52 -2.34
N THR O 57 -33.16 -36.66 -2.13
CA THR O 57 -32.49 -37.94 -1.96
C THR O 57 -33.20 -39.00 -2.79
N TRP O 58 -32.43 -39.95 -3.29
CA TRP O 58 -32.98 -41.04 -4.09
C TRP O 58 -33.35 -42.26 -3.27
N SER O 59 -32.94 -42.33 -2.00
CA SER O 59 -33.26 -43.45 -1.13
C SER O 59 -33.04 -43.01 0.31
N THR O 60 -33.12 -43.96 1.22
CA THR O 60 -32.90 -43.68 2.64
C THR O 60 -31.48 -43.19 2.88
N VAL O 61 -31.35 -42.16 3.71
CA VAL O 61 -30.07 -41.49 3.92
C VAL O 61 -29.82 -41.34 5.41
N TRP O 62 -28.55 -41.13 5.76
CA TRP O 62 -28.12 -41.12 7.16
C TRP O 62 -27.84 -39.71 7.69
N SER O 63 -27.06 -38.91 6.96
CA SER O 63 -26.56 -37.63 7.48
C SER O 63 -27.69 -36.65 7.77
N GLU O 64 -28.84 -36.82 7.13
CA GLU O 64 -29.98 -35.93 7.37
C GLU O 64 -30.57 -36.10 8.77
N LEU O 65 -30.16 -37.13 9.51
CA LEU O 65 -30.58 -37.29 10.89
C LEU O 65 -29.66 -36.56 11.87
N LEU O 66 -28.57 -35.97 11.41
CA LEU O 66 -27.70 -35.16 12.25
C LEU O 66 -28.09 -33.68 12.25
N VAL O 67 -28.90 -33.24 11.29
CA VAL O 67 -29.44 -31.89 11.28
C VAL O 67 -30.94 -31.99 11.10
N ASP O 68 -31.68 -31.10 11.79
CA ASP O 68 -33.13 -31.18 11.76
C ASP O 68 -33.66 -30.78 10.40
N LEU O 69 -33.91 -31.77 9.54
CA LEU O 69 -34.49 -31.51 8.23
C LEU O 69 -35.86 -30.87 8.32
N ASP O 70 -36.56 -31.09 9.45
CA ASP O 70 -37.90 -30.54 9.63
C ASP O 70 -37.89 -29.02 9.59
N PHE O 71 -36.90 -28.40 10.25
CA PHE O 71 -36.81 -26.95 10.31
C PHE O 71 -36.17 -26.33 9.07
N TYR O 72 -35.15 -26.98 8.51
CA TYR O 72 -34.48 -26.46 7.32
C TYR O 72 -35.03 -27.13 6.06
N LYS O 73 -36.30 -26.84 5.77
CA LYS O 73 -36.93 -27.35 4.56
C LYS O 73 -38.01 -26.37 4.13
N GLY O 74 -38.24 -26.32 2.81
CA GLY O 74 -39.28 -25.48 2.28
C GLY O 74 -40.66 -26.08 2.46
N ARG O 75 -41.67 -25.24 2.32
CA ARG O 75 -43.06 -25.66 2.47
C ARG O 75 -43.89 -25.04 1.36
N CYS O 76 -44.35 -25.87 0.43
CA CYS O 76 -45.39 -25.46 -0.50
C CYS O 76 -46.74 -25.58 0.21
N TYR O 77 -47.44 -24.45 0.36
CA TYR O 77 -48.63 -24.36 1.18
C TYR O 77 -49.90 -24.04 0.43
N ARG O 78 -49.83 -23.75 -0.86
CA ARG O 78 -51.04 -23.40 -1.59
C ARG O 78 -50.87 -23.68 -3.07
N ILE O 79 -51.80 -24.46 -3.62
CA ILE O 79 -51.89 -24.72 -5.05
C ILE O 79 -53.18 -24.08 -5.54
N GLU O 80 -53.06 -23.15 -6.49
CA GLU O 80 -54.19 -22.43 -7.06
C GLU O 80 -54.26 -22.69 -8.56
N ASP O 81 -55.48 -22.72 -9.07
CA ASP O 81 -55.71 -23.02 -10.49
C ASP O 81 -55.43 -21.77 -11.33
N VAL O 82 -54.56 -21.90 -12.32
CA VAL O 82 -54.20 -20.76 -13.16
C VAL O 82 -55.41 -20.35 -14.00
N PRO O 83 -55.73 -19.05 -14.06
CA PRO O 83 -56.88 -18.63 -14.90
C PRO O 83 -56.54 -18.68 -16.39
N GLY O 84 -56.74 -19.83 -17.01
CA GLY O 84 -56.47 -19.98 -18.43
C GLY O 84 -55.94 -21.36 -18.82
N ASP O 85 -55.32 -22.05 -17.87
CA ASP O 85 -54.89 -23.42 -18.08
C ASP O 85 -55.16 -24.23 -16.81
N LYS O 86 -55.76 -25.41 -16.99
CA LYS O 86 -56.02 -26.30 -15.87
C LYS O 86 -54.89 -27.30 -15.65
N GLU O 87 -53.96 -27.41 -16.59
CA GLU O 87 -52.75 -28.19 -16.35
C GLU O 87 -51.67 -27.36 -15.67
N ALA O 88 -51.55 -26.08 -16.04
CA ALA O 88 -50.66 -25.17 -15.33
C ALA O 88 -51.33 -24.70 -14.04
N PHE O 89 -50.56 -24.64 -12.96
CA PHE O 89 -51.09 -24.22 -11.68
C PHE O 89 -50.06 -23.39 -10.94
N TYR O 90 -50.54 -22.37 -10.22
CA TYR O 90 -49.68 -21.58 -9.37
C TYR O 90 -49.42 -22.31 -8.06
N ALA O 91 -48.14 -22.37 -7.68
CA ALA O 91 -47.72 -23.02 -6.45
C ALA O 91 -46.94 -22.02 -5.61
N PHE O 92 -47.29 -21.93 -4.32
CA PHE O 92 -46.66 -21.00 -3.39
C PHE O 92 -45.82 -21.81 -2.41
N ILE O 93 -44.50 -21.61 -2.45
CA ILE O 93 -43.55 -22.36 -1.63
C ILE O 93 -42.91 -21.40 -0.65
N ALA O 94 -42.84 -21.82 0.62
CA ALA O 94 -42.21 -21.05 1.67
C ALA O 94 -40.76 -21.49 1.85
N TYR O 95 -39.96 -20.59 2.42
CA TYR O 95 -38.55 -20.86 2.69
C TYR O 95 -38.16 -20.25 4.03
N PRO O 96 -37.62 -21.04 4.96
CA PRO O 96 -37.08 -20.46 6.19
C PRO O 96 -35.97 -19.46 5.88
N LEU O 97 -35.92 -18.41 6.70
CA LEU O 97 -35.00 -17.29 6.45
C LEU O 97 -33.55 -17.76 6.40
N ASP O 98 -33.21 -18.80 7.15
CA ASP O 98 -31.83 -19.24 7.28
C ASP O 98 -31.28 -19.90 6.01
N LEU O 99 -32.12 -20.19 5.04
CA LEU O 99 -31.65 -20.87 3.82
C LEU O 99 -30.87 -19.96 2.89
N PHE O 100 -30.56 -18.71 3.23
CA PHE O 100 -29.94 -17.79 2.29
C PHE O 100 -28.85 -17.00 3.01
N GLU O 101 -28.12 -16.21 2.25
CA GLU O 101 -27.08 -15.33 2.77
C GLU O 101 -27.68 -13.97 3.09
N GLU O 102 -27.07 -13.28 4.05
CA GLU O 102 -27.55 -11.98 4.49
C GLU O 102 -27.23 -10.91 3.44
N GLY O 103 -28.11 -10.77 2.44
CA GLY O 103 -27.93 -9.76 1.42
C GLY O 103 -27.21 -10.25 0.18
N SER O 104 -27.45 -11.49 -0.23
CA SER O 104 -26.84 -12.02 -1.45
C SER O 104 -27.96 -12.43 -2.39
N VAL O 105 -28.25 -11.59 -3.38
CA VAL O 105 -29.22 -11.96 -4.40
C VAL O 105 -28.73 -13.17 -5.19
N THR O 106 -27.40 -13.30 -5.33
CA THR O 106 -26.82 -14.46 -6.00
C THR O 106 -27.21 -15.74 -5.27
N ASN O 107 -27.12 -15.73 -3.94
CA ASN O 107 -27.50 -16.89 -3.16
C ASN O 107 -28.98 -17.20 -3.32
N VAL O 108 -29.82 -16.16 -3.39
CA VAL O 108 -31.24 -16.36 -3.60
C VAL O 108 -31.50 -17.05 -4.93
N LEU O 109 -30.83 -16.59 -5.99
CA LEU O 109 -31.04 -17.21 -7.30
C LEU O 109 -30.53 -18.66 -7.31
N THR O 110 -29.38 -18.91 -6.69
CA THR O 110 -28.86 -20.27 -6.63
C THR O 110 -29.80 -21.19 -5.87
N SER O 111 -30.34 -20.73 -4.74
CA SER O 111 -31.23 -21.57 -3.95
C SER O 111 -32.60 -21.71 -4.58
N LEU O 112 -32.99 -20.79 -5.47
CA LEU O 112 -34.33 -20.85 -6.04
C LEU O 112 -34.39 -21.60 -7.37
N VAL O 113 -33.45 -21.36 -8.29
CA VAL O 113 -33.50 -21.95 -9.62
C VAL O 113 -32.21 -22.69 -9.94
N GLY O 114 -31.44 -23.05 -8.91
CA GLY O 114 -30.16 -23.70 -9.14
C GLY O 114 -30.30 -25.06 -9.82
N ASN O 115 -31.20 -25.89 -9.32
CA ASN O 115 -31.36 -27.25 -9.83
C ASN O 115 -32.80 -27.65 -10.12
N VAL O 116 -33.78 -26.83 -9.77
CA VAL O 116 -35.19 -27.23 -9.90
C VAL O 116 -35.58 -27.41 -11.36
N PHE O 117 -34.95 -26.66 -12.27
CA PHE O 117 -35.34 -26.71 -13.68
C PHE O 117 -34.87 -27.97 -14.38
N GLY O 118 -34.09 -28.83 -13.73
CA GLY O 118 -33.58 -30.04 -14.33
C GLY O 118 -34.35 -31.30 -14.03
N PHE O 119 -35.38 -31.24 -13.19
CA PHE O 119 -36.13 -32.43 -12.83
C PHE O 119 -37.04 -32.85 -13.97
N LYS O 120 -37.00 -34.14 -14.32
CA LYS O 120 -37.76 -34.65 -15.45
C LYS O 120 -39.27 -34.65 -15.20
N ALA O 121 -39.69 -34.71 -13.94
CA ALA O 121 -41.12 -34.79 -13.63
C ALA O 121 -41.86 -33.47 -13.85
N LEU O 122 -41.25 -32.46 -14.47
CA LEU O 122 -41.90 -31.18 -14.71
C LEU O 122 -41.80 -30.86 -16.19
N ARG O 123 -42.95 -30.76 -16.87
CA ARG O 123 -42.95 -30.36 -18.27
C ARG O 123 -42.46 -28.93 -18.43
N HIS O 124 -42.96 -28.01 -17.60
CA HIS O 124 -42.52 -26.63 -17.62
C HIS O 124 -42.56 -26.08 -16.20
N LEU O 125 -41.67 -25.13 -15.93
CA LEU O 125 -41.62 -24.45 -14.65
C LEU O 125 -41.30 -22.98 -14.89
N ARG O 126 -42.04 -22.09 -14.24
CA ARG O 126 -41.82 -20.66 -14.37
C ARG O 126 -41.90 -20.00 -13.02
N LEU O 127 -40.87 -19.25 -12.65
CA LEU O 127 -40.86 -18.47 -11.42
C LEU O 127 -41.64 -17.19 -11.64
N GLU O 128 -42.71 -16.99 -10.88
CA GLU O 128 -43.62 -15.86 -11.09
C GLU O 128 -43.37 -14.71 -10.13
N ASP O 129 -43.45 -14.96 -8.82
CA ASP O 129 -43.38 -13.89 -7.83
C ASP O 129 -42.57 -14.36 -6.63
N ILE O 130 -41.92 -13.39 -5.97
CA ILE O 130 -41.14 -13.65 -4.76
C ILE O 130 -41.54 -12.61 -3.71
N ARG O 131 -41.80 -13.07 -2.49
CA ARG O 131 -42.11 -12.17 -1.38
C ARG O 131 -40.91 -12.14 -0.45
N PHE O 132 -40.06 -11.14 -0.62
CA PHE O 132 -38.86 -11.04 0.19
C PHE O 132 -39.22 -10.54 1.59
N PRO O 133 -38.75 -11.20 2.65
CA PRO O 133 -39.01 -10.70 4.00
C PRO O 133 -38.32 -9.39 4.26
N MET O 134 -38.89 -8.60 5.18
CA MET O 134 -38.33 -7.29 5.51
C MET O 134 -36.89 -7.42 6.00
N ALA O 135 -36.58 -8.49 6.73
CA ALA O 135 -35.24 -8.68 7.26
C ALA O 135 -34.22 -8.79 6.13
N PHE O 136 -34.47 -9.67 5.16
CA PHE O 136 -33.53 -9.86 4.07
C PHE O 136 -33.37 -8.58 3.25
N ILE O 137 -34.43 -7.80 3.09
CA ILE O 137 -34.32 -6.53 2.40
C ILE O 137 -33.45 -5.56 3.18
N LYS O 138 -33.61 -5.54 4.51
CA LYS O 138 -32.76 -4.67 5.33
C LYS O 138 -31.32 -5.12 5.34
N THR O 139 -31.05 -6.40 5.05
CA THR O 139 -29.66 -6.86 5.00
C THR O 139 -28.94 -6.42 3.74
N CYS O 140 -29.63 -6.40 2.61
CA CYS O 140 -28.97 -6.10 1.35
C CYS O 140 -28.59 -4.62 1.27
N PRO O 141 -27.51 -4.29 0.55
CA PRO O 141 -27.11 -2.88 0.43
C PRO O 141 -28.16 -2.00 -0.23
N GLY O 142 -28.91 -2.52 -1.21
CA GLY O 142 -29.92 -1.75 -1.88
C GLY O 142 -29.31 -0.76 -2.86
N PRO O 143 -30.16 0.02 -3.53
CA PRO O 143 -29.68 1.05 -4.45
C PRO O 143 -28.79 2.05 -3.72
N PRO O 144 -27.70 2.48 -4.35
CA PRO O 144 -26.78 3.39 -3.67
C PRO O 144 -27.37 4.77 -3.40
N ASN O 145 -28.20 5.30 -4.30
CA ASN O 145 -28.73 6.65 -4.15
C ASN O 145 -30.23 6.65 -3.87
N GLY O 146 -31.03 6.11 -4.78
CA GLY O 146 -32.47 6.17 -4.65
C GLY O 146 -33.09 7.20 -5.58
N ILE O 147 -34.42 7.15 -5.68
CA ILE O 147 -35.15 8.01 -6.62
C ILE O 147 -35.01 9.47 -6.22
N CYS O 148 -35.42 9.80 -4.99
CA CYS O 148 -35.39 11.19 -4.55
C CYS O 148 -33.97 11.71 -4.48
N VAL O 149 -33.02 10.86 -4.09
CA VAL O 149 -31.63 11.29 -3.99
C VAL O 149 -31.06 11.58 -5.38
N GLU O 150 -31.41 10.76 -6.37
CA GLU O 150 -31.00 11.06 -7.74
C GLU O 150 -31.61 12.36 -8.23
N ARG O 151 -32.90 12.58 -7.92
CA ARG O 151 -33.53 13.84 -8.31
C ARG O 151 -32.82 15.03 -7.67
N ASP O 152 -32.42 14.88 -6.40
CA ASP O 152 -31.69 15.95 -5.73
C ASP O 152 -30.34 16.19 -6.37
N ARG O 153 -29.61 15.10 -6.71
CA ARG O 153 -28.28 15.24 -7.30
C ARG O 153 -28.33 15.78 -8.71
N MET O 154 -29.44 15.61 -9.43
CA MET O 154 -29.61 16.19 -10.76
C MET O 154 -30.43 17.46 -10.76
N ASN O 155 -31.13 17.77 -9.66
CA ASN O 155 -31.97 18.96 -9.56
C ASN O 155 -33.01 19.01 -10.68
N LYS O 156 -33.58 17.85 -11.01
CA LYS O 156 -34.57 17.71 -12.06
C LYS O 156 -35.86 17.16 -11.46
N TYR O 157 -36.96 17.86 -11.70
CA TYR O 157 -38.25 17.48 -11.13
C TYR O 157 -39.33 17.84 -12.14
N GLY O 158 -40.60 17.65 -11.74
CA GLY O 158 -41.73 18.05 -12.55
C GLY O 158 -42.01 17.13 -13.73
N ARG O 159 -40.96 16.75 -14.45
CA ARG O 159 -41.05 15.96 -15.66
C ARG O 159 -40.23 14.69 -15.53
N PRO O 160 -40.57 13.64 -16.27
CA PRO O 160 -39.62 12.52 -16.45
C PRO O 160 -38.39 12.99 -17.21
N LEU O 161 -37.33 12.21 -17.08
CA LEU O 161 -36.05 12.55 -17.71
C LEU O 161 -35.97 11.94 -19.10
N LEU O 162 -35.09 12.50 -19.93
CA LEU O 162 -35.01 12.17 -21.35
C LEU O 162 -33.60 11.72 -21.68
N GLY O 163 -33.46 10.48 -22.17
CA GLY O 163 -32.20 9.95 -22.61
C GLY O 163 -32.24 9.59 -24.09
N CYS O 164 -31.13 9.00 -24.55
CA CYS O 164 -31.06 8.47 -25.91
C CYS O 164 -29.81 7.60 -26.02
N THR O 165 -29.94 6.48 -26.73
CA THR O 165 -28.78 5.68 -27.06
C THR O 165 -28.00 6.32 -28.20
N ILE O 166 -26.67 6.26 -28.12
CA ILE O 166 -25.83 6.86 -29.14
C ILE O 166 -25.78 5.91 -30.33
N LYS O 167 -26.44 6.29 -31.43
CA LYS O 167 -26.43 5.57 -32.70
C LYS O 167 -25.33 6.12 -33.60
N PRO O 168 -24.69 5.26 -34.40
CA PRO O 168 -24.89 3.82 -34.57
C PRO O 168 -24.42 3.02 -33.36
N LYS O 169 -24.64 1.70 -33.38
CA LYS O 169 -24.29 0.86 -32.23
C LYS O 169 -22.80 0.89 -31.93
N LEU O 170 -21.96 1.15 -32.92
CA LEU O 170 -20.51 1.17 -32.73
C LEU O 170 -19.88 1.88 -33.92
N GLY O 171 -18.55 1.93 -33.93
CA GLY O 171 -17.79 2.53 -35.00
C GLY O 171 -17.23 3.89 -34.70
N LEU O 172 -17.67 4.54 -33.62
CA LEU O 172 -17.27 5.90 -33.32
C LEU O 172 -15.93 5.92 -32.59
N SER O 173 -15.09 6.90 -32.94
CA SER O 173 -13.88 7.16 -32.18
C SER O 173 -14.22 8.00 -30.95
N GLY O 174 -13.21 8.23 -30.12
CA GLY O 174 -13.43 9.01 -28.91
C GLY O 174 -13.95 10.40 -29.19
N LYS O 175 -13.32 11.10 -30.13
CA LYS O 175 -13.76 12.44 -30.48
C LYS O 175 -15.15 12.43 -31.10
N ASN O 176 -15.38 11.51 -32.04
CA ASN O 176 -16.68 11.46 -32.70
C ASN O 176 -17.79 11.07 -31.72
N TYR O 177 -17.54 10.07 -30.87
CA TYR O 177 -18.52 9.69 -29.86
C TYR O 177 -18.81 10.85 -28.92
N GLY O 178 -17.75 11.55 -28.48
CA GLY O 178 -17.94 12.68 -27.59
C GLY O 178 -18.74 13.80 -28.22
N ARG O 179 -18.47 14.14 -29.47
CA ARG O 179 -19.20 15.22 -30.11
C ARG O 179 -20.64 14.83 -30.39
N VAL O 180 -20.89 13.56 -30.72
CA VAL O 180 -22.28 13.11 -30.87
C VAL O 180 -23.03 13.20 -29.55
N VAL O 181 -22.38 12.78 -28.46
CA VAL O 181 -23.00 12.88 -27.14
C VAL O 181 -23.27 14.34 -26.79
N TYR O 182 -22.33 15.23 -27.11
CA TYR O 182 -22.53 16.65 -26.84
C TYR O 182 -23.70 17.21 -27.63
N GLU O 183 -23.81 16.84 -28.91
CA GLU O 183 -24.92 17.32 -29.72
C GLU O 183 -26.26 16.81 -29.18
N CYS O 184 -26.30 15.56 -28.75
CA CYS O 184 -27.52 15.04 -28.14
C CYS O 184 -27.84 15.76 -26.82
N LEU O 185 -26.82 16.03 -26.02
CA LEU O 185 -27.03 16.56 -24.67
C LEU O 185 -27.43 18.02 -24.69
N ARG O 186 -26.85 18.82 -25.59
CA ARG O 186 -27.10 20.26 -25.60
C ARG O 186 -28.53 20.61 -26.00
N GLY O 187 -29.30 19.66 -26.51
CA GLY O 187 -30.68 19.90 -26.87
C GLY O 187 -31.68 19.77 -25.75
N GLY O 188 -31.23 19.82 -24.50
CA GLY O 188 -32.10 19.63 -23.36
C GLY O 188 -32.27 18.19 -22.93
N LEU O 189 -31.64 17.25 -23.62
CA LEU O 189 -31.70 15.85 -23.23
C LEU O 189 -31.01 15.64 -21.88
N ASP O 190 -31.63 14.81 -21.03
CA ASP O 190 -31.11 14.64 -19.68
C ASP O 190 -29.82 13.82 -19.67
N PHE O 191 -29.83 12.64 -20.29
CA PHE O 191 -28.68 11.75 -20.29
C PHE O 191 -28.52 11.13 -21.66
N THR O 192 -27.43 10.38 -21.82
CA THR O 192 -27.22 9.49 -22.95
C THR O 192 -26.60 8.20 -22.42
N LYS O 193 -27.02 7.07 -22.96
CA LYS O 193 -26.52 5.78 -22.54
C LYS O 193 -25.64 5.19 -23.63
N ASP O 194 -24.46 4.70 -23.24
CA ASP O 194 -23.64 3.94 -24.16
C ASP O 194 -24.35 2.63 -24.51
N ASP O 195 -23.92 2.01 -25.61
CA ASP O 195 -24.53 0.77 -26.04
C ASP O 195 -24.08 -0.38 -25.15
N GLU O 196 -25.02 -1.31 -24.90
CA GLU O 196 -24.80 -2.35 -23.90
C GLU O 196 -23.65 -3.27 -24.27
N ASN O 197 -23.37 -3.43 -25.57
CA ASN O 197 -22.32 -4.30 -26.05
C ASN O 197 -21.03 -3.56 -26.38
N ILE O 198 -20.92 -2.31 -25.96
CA ILE O 198 -19.76 -1.47 -26.28
C ILE O 198 -19.14 -1.01 -24.97
N ASN O 199 -18.04 -1.65 -24.58
CA ASN O 199 -17.24 -1.24 -23.44
C ASN O 199 -15.81 -0.85 -23.83
N SER O 200 -15.12 -1.74 -24.54
CA SER O 200 -13.75 -1.46 -25.00
C SER O 200 -13.56 -2.24 -26.30
N GLN O 201 -13.18 -1.54 -27.36
CA GLN O 201 -13.12 -2.12 -28.69
C GLN O 201 -11.78 -1.80 -29.33
N PRO O 202 -11.36 -2.60 -30.32
CA PRO O 202 -10.13 -2.25 -31.05
C PRO O 202 -10.23 -0.91 -31.77
N PHE O 203 -11.43 -0.53 -32.23
CA PHE O 203 -11.59 0.78 -32.85
C PHE O 203 -11.76 1.90 -31.82
N GLN O 204 -11.99 1.57 -30.56
CA GLN O 204 -12.26 2.58 -29.54
C GLN O 204 -11.87 2.02 -28.18
N ARG O 205 -10.79 2.55 -27.61
CA ARG O 205 -10.40 2.19 -26.25
C ARG O 205 -11.19 3.03 -25.25
N TRP O 206 -11.59 2.41 -24.15
CA TRP O 206 -12.55 3.02 -23.24
C TRP O 206 -12.03 4.32 -22.62
N GLN O 207 -10.72 4.41 -22.43
CA GLN O 207 -10.16 5.62 -21.80
C GLN O 207 -10.44 6.86 -22.64
N ASN O 208 -10.22 6.75 -23.96
CA ASN O 208 -10.46 7.88 -24.85
C ASN O 208 -11.93 8.27 -24.86
N ARG O 209 -12.83 7.27 -24.91
CA ARG O 209 -14.25 7.57 -24.91
C ARG O 209 -14.66 8.28 -23.61
N PHE O 210 -14.17 7.78 -22.47
CA PHE O 210 -14.53 8.40 -21.20
C PHE O 210 -13.99 9.83 -21.12
N GLU O 211 -12.75 10.06 -21.55
CA GLU O 211 -12.17 11.39 -21.50
C GLU O 211 -12.96 12.37 -22.38
N PHE O 212 -13.20 11.98 -23.64
CA PHE O 212 -13.89 12.87 -24.56
C PHE O 212 -15.33 13.11 -24.14
N VAL O 213 -16.02 12.07 -23.65
CA VAL O 213 -17.40 12.25 -23.25
C VAL O 213 -17.49 13.09 -21.98
N ALA O 214 -16.50 12.99 -21.08
CA ALA O 214 -16.48 13.87 -19.91
C ALA O 214 -16.27 15.32 -20.33
N GLU O 215 -15.36 15.56 -21.27
CA GLU O 215 -15.15 16.91 -21.77
C GLU O 215 -16.42 17.46 -22.42
N ALA O 216 -17.08 16.64 -23.23
CA ALA O 216 -18.32 17.07 -23.89
C ALA O 216 -19.42 17.34 -22.90
N VAL O 217 -19.55 16.49 -21.86
CA VAL O 217 -20.55 16.70 -20.83
C VAL O 217 -20.29 18.00 -20.09
N ALA O 218 -19.02 18.27 -19.76
CA ALA O 218 -18.69 19.52 -19.09
C ALA O 218 -19.04 20.73 -19.96
N LEU O 219 -18.69 20.66 -21.25
CA LEU O 219 -18.98 21.77 -22.15
C LEU O 219 -20.48 22.00 -22.28
N ALA O 220 -21.25 20.92 -22.44
CA ALA O 220 -22.70 21.06 -22.56
C ALA O 220 -23.32 21.57 -21.28
N GLN O 221 -22.81 21.11 -20.13
CA GLN O 221 -23.31 21.60 -18.84
C GLN O 221 -23.05 23.09 -18.68
N GLN O 222 -21.86 23.56 -19.08
CA GLN O 222 -21.58 24.98 -19.03
C GLN O 222 -22.49 25.76 -19.97
N GLU O 223 -22.73 25.23 -21.18
CA GLU O 223 -23.49 25.98 -22.18
C GLU O 223 -24.97 26.06 -21.82
N THR O 224 -25.59 24.92 -21.48
CA THR O 224 -27.04 24.90 -21.29
C THR O 224 -27.46 25.38 -19.91
N GLY O 225 -26.53 25.50 -18.97
CA GLY O 225 -26.88 25.90 -17.62
C GLY O 225 -27.71 24.87 -16.87
N GLU O 226 -27.38 23.58 -17.01
CA GLU O 226 -28.06 22.51 -16.31
C GLU O 226 -27.07 21.42 -15.97
N LYS O 227 -27.27 20.77 -14.83
CA LYS O 227 -26.41 19.65 -14.43
C LYS O 227 -26.74 18.45 -15.30
N LYS O 228 -25.80 18.03 -16.14
CA LYS O 228 -26.02 16.95 -17.10
C LYS O 228 -25.01 15.84 -16.88
N GLY O 229 -25.23 14.73 -17.57
CA GLY O 229 -24.33 13.61 -17.48
C GLY O 229 -24.63 12.58 -18.54
N HIS O 230 -23.67 11.68 -18.76
CA HIS O 230 -23.79 10.58 -19.70
C HIS O 230 -23.56 9.26 -18.97
N TYR O 231 -24.26 8.22 -19.40
CA TYR O 231 -24.10 6.92 -18.78
C TYR O 231 -22.81 6.27 -19.31
N LEU O 232 -21.88 6.00 -18.40
CA LEU O 232 -20.61 5.36 -18.75
C LEU O 232 -20.65 3.90 -18.34
N ASN O 233 -20.23 3.02 -19.24
CA ASN O 233 -20.29 1.58 -19.01
C ASN O 233 -18.98 1.09 -18.39
N CYS O 234 -19.12 0.29 -17.33
CA CYS O 234 -17.98 -0.34 -16.68
C CYS O 234 -17.99 -1.85 -16.78
N THR O 235 -19.01 -2.44 -17.41
CA THR O 235 -19.02 -3.88 -17.63
C THR O 235 -17.85 -4.28 -18.51
N ALA O 236 -17.02 -5.18 -18.02
CA ALA O 236 -15.78 -5.53 -18.71
C ALA O 236 -15.42 -6.98 -18.37
N ALA O 237 -14.20 -7.37 -18.72
CA ALA O 237 -13.77 -8.75 -18.55
C ALA O 237 -13.54 -9.09 -17.08
N THR O 238 -12.90 -8.19 -16.33
CA THR O 238 -12.55 -8.48 -14.96
C THR O 238 -13.12 -7.43 -14.01
N PRO O 239 -13.41 -7.80 -12.77
CA PRO O 239 -13.85 -6.80 -11.79
C PRO O 239 -12.82 -5.71 -11.54
N GLU O 240 -11.52 -6.04 -11.65
CA GLU O 240 -10.49 -5.02 -11.48
C GLU O 240 -10.62 -3.94 -12.54
N GLU O 241 -10.84 -4.33 -13.80
CA GLU O 241 -11.04 -3.35 -14.85
C GLU O 241 -12.30 -2.54 -14.62
N MET O 242 -13.37 -3.18 -14.13
CA MET O 242 -14.61 -2.48 -13.85
C MET O 242 -14.39 -1.40 -12.79
N TYR O 243 -13.73 -1.75 -11.68
CA TYR O 243 -13.47 -0.78 -10.63
C TYR O 243 -12.54 0.33 -11.12
N GLU O 244 -11.54 -0.03 -11.94
CA GLU O 244 -10.62 0.96 -12.48
C GLU O 244 -11.36 1.98 -13.34
N ARG O 245 -12.23 1.50 -14.23
CA ARG O 245 -13.00 2.41 -15.07
C ARG O 245 -13.97 3.26 -14.26
N ALA O 246 -14.60 2.65 -13.24
CA ALA O 246 -15.51 3.40 -12.39
C ALA O 246 -14.78 4.52 -11.65
N GLU O 247 -13.59 4.22 -11.13
CA GLU O 247 -12.83 5.25 -10.41
C GLU O 247 -12.31 6.31 -11.36
N PHE O 248 -11.95 5.91 -12.58
CA PHE O 248 -11.55 6.89 -13.60
C PHE O 248 -12.70 7.84 -13.92
N ALA O 249 -13.92 7.30 -14.05
CA ALA O 249 -15.09 8.14 -14.26
C ALA O 249 -15.33 9.05 -13.06
N LYS O 250 -15.13 8.53 -11.85
CA LYS O 250 -15.26 9.34 -10.65
C LYS O 250 -14.28 10.51 -10.65
N GLU O 251 -13.04 10.26 -11.07
CA GLU O 251 -12.04 11.33 -11.12
C GLU O 251 -12.41 12.39 -12.16
N LEU O 252 -13.05 11.99 -13.25
CA LEU O 252 -13.44 12.90 -14.32
C LEU O 252 -14.74 13.62 -14.02
N GLY O 253 -15.25 13.54 -12.79
CA GLY O 253 -16.43 14.30 -12.41
C GLY O 253 -17.72 13.84 -13.04
N GLN O 254 -17.75 12.66 -13.62
CA GLN O 254 -18.98 12.16 -14.21
C GLN O 254 -19.90 11.62 -13.12
N PRO O 255 -21.14 12.07 -13.05
CA PRO O 255 -22.02 11.74 -11.92
C PRO O 255 -22.79 10.43 -12.05
N ILE O 256 -22.61 9.66 -13.12
CA ILE O 256 -23.37 8.43 -13.29
C ILE O 256 -22.58 7.47 -14.18
N ILE O 257 -22.66 6.18 -13.87
CA ILE O 257 -22.09 5.12 -14.68
C ILE O 257 -23.17 4.06 -14.89
N MET O 258 -22.96 3.24 -15.92
CA MET O 258 -23.94 2.22 -16.30
C MET O 258 -23.29 0.84 -16.32
N HIS O 259 -24.13 -0.18 -16.26
CA HIS O 259 -23.66 -1.56 -16.16
C HIS O 259 -24.74 -2.50 -16.68
N ASP O 260 -24.31 -3.69 -17.08
CA ASP O 260 -25.20 -4.79 -17.48
C ASP O 260 -25.12 -5.85 -16.39
N TYR O 261 -26.16 -5.95 -15.56
CA TYR O 261 -26.07 -6.80 -14.38
C TYR O 261 -26.20 -8.29 -14.69
N ILE O 262 -26.97 -8.65 -15.72
CA ILE O 262 -27.12 -10.07 -16.05
C ILE O 262 -25.85 -10.61 -16.67
N THR O 263 -25.33 -9.93 -17.70
CA THR O 263 -24.13 -10.40 -18.37
C THR O 263 -22.91 -10.28 -17.45
N GLY O 264 -22.74 -9.13 -16.82
CA GLY O 264 -21.64 -8.97 -15.88
C GLY O 264 -21.78 -9.88 -14.67
N GLY O 265 -22.99 -10.04 -14.17
CA GLY O 265 -23.23 -10.92 -13.04
C GLY O 265 -23.85 -10.21 -11.85
N PHE O 266 -24.63 -10.95 -11.06
CA PHE O 266 -25.22 -10.38 -9.85
C PHE O 266 -24.14 -9.98 -8.85
N THR O 267 -23.09 -10.79 -8.73
CA THR O 267 -21.98 -10.44 -7.84
C THR O 267 -21.31 -9.15 -8.28
N ALA O 268 -21.05 -9.02 -9.59
CA ALA O 268 -20.44 -7.80 -10.11
C ALA O 268 -21.35 -6.60 -9.91
N ASN O 269 -22.65 -6.77 -10.12
CA ASN O 269 -23.60 -5.68 -9.92
C ASN O 269 -23.63 -5.23 -8.47
N THR O 270 -23.65 -6.19 -7.53
CA THR O 270 -23.65 -5.85 -6.12
C THR O 270 -22.37 -5.12 -5.72
N GLY O 271 -21.22 -5.60 -6.21
CA GLY O 271 -19.97 -4.91 -5.93
C GLY O 271 -19.94 -3.51 -6.50
N LEU O 272 -20.44 -3.35 -7.73
CA LEU O 272 -20.48 -2.02 -8.34
C LEU O 272 -21.40 -1.08 -7.58
N SER O 273 -22.55 -1.58 -7.12
CA SER O 273 -23.46 -0.75 -6.34
C SER O 273 -22.84 -0.34 -5.01
N LYS O 274 -22.17 -1.29 -4.34
CA LYS O 274 -21.49 -0.95 -3.09
C LYS O 274 -20.41 0.10 -3.32
N TRP O 275 -19.65 -0.03 -4.41
CA TRP O 275 -18.62 0.96 -4.72
C TRP O 275 -19.24 2.31 -5.02
N CYS O 276 -20.37 2.33 -5.74
CA CYS O 276 -21.04 3.59 -6.03
C CYS O 276 -21.52 4.27 -4.76
N ARG O 277 -22.08 3.50 -3.83
CA ARG O 277 -22.49 4.08 -2.55
C ARG O 277 -21.27 4.61 -1.79
N LYS O 278 -20.18 3.84 -1.77
CA LYS O 278 -18.98 4.25 -1.06
C LYS O 278 -18.31 5.47 -1.70
N ASN O 279 -18.56 5.71 -2.99
CA ASN O 279 -17.95 6.82 -3.70
C ASN O 279 -18.96 7.88 -4.14
N GLY O 280 -20.24 7.72 -3.78
CA GLY O 280 -21.25 8.68 -4.15
C GLY O 280 -21.49 8.77 -5.64
N MET O 281 -21.77 7.64 -6.27
CA MET O 281 -21.97 7.57 -7.72
C MET O 281 -23.34 7.01 -8.04
N LEU O 282 -23.91 7.47 -9.16
CA LEU O 282 -25.16 6.94 -9.67
C LEU O 282 -24.90 5.72 -10.55
N LEU O 283 -25.84 4.78 -10.52
CA LEU O 283 -25.69 3.51 -11.21
C LEU O 283 -26.86 3.30 -12.18
N HIS O 284 -26.55 3.22 -13.46
CA HIS O 284 -27.52 2.87 -14.49
C HIS O 284 -27.36 1.40 -14.87
N ILE O 285 -28.46 0.75 -15.20
CA ILE O 285 -28.44 -0.68 -15.52
C ILE O 285 -29.30 -0.93 -16.74
N HIS O 286 -28.82 -1.80 -17.63
CA HIS O 286 -29.58 -2.27 -18.77
C HIS O 286 -29.85 -3.76 -18.61
N ARG O 287 -30.96 -4.22 -19.20
CA ARG O 287 -31.46 -5.57 -19.01
C ARG O 287 -31.04 -6.52 -20.13
N ALA O 288 -29.82 -6.37 -20.65
CA ALA O 288 -29.34 -7.23 -21.74
C ALA O 288 -29.42 -8.70 -21.34
N MET O 289 -30.00 -9.51 -22.23
CA MET O 289 -30.23 -10.96 -22.10
C MET O 289 -31.39 -11.27 -21.17
N HIS O 290 -32.21 -10.28 -20.79
CA HIS O 290 -33.39 -10.57 -19.97
C HIS O 290 -34.44 -11.34 -20.76
N ALA O 291 -34.56 -11.05 -22.06
CA ALA O 291 -35.56 -11.72 -22.88
C ALA O 291 -35.30 -13.22 -22.96
N VAL O 292 -34.03 -13.62 -23.04
CA VAL O 292 -33.69 -15.03 -23.03
C VAL O 292 -34.23 -15.73 -21.78
N ILE O 293 -34.55 -14.96 -20.74
CA ILE O 293 -35.15 -15.52 -19.54
C ILE O 293 -36.66 -15.28 -19.46
N ASP O 294 -37.19 -14.28 -20.18
CA ASP O 294 -38.60 -13.95 -20.07
C ASP O 294 -39.34 -13.83 -21.39
N ARG O 295 -38.69 -14.08 -22.53
CA ARG O 295 -39.39 -14.02 -23.81
C ARG O 295 -40.52 -15.04 -23.87
N HIS O 296 -40.26 -16.26 -23.41
CA HIS O 296 -41.28 -17.30 -23.41
C HIS O 296 -42.31 -16.99 -22.33
N PRO O 297 -43.59 -16.87 -22.69
CA PRO O 297 -44.60 -16.47 -21.69
C PRO O 297 -45.03 -17.60 -20.75
N LYS O 298 -44.62 -18.83 -21.01
CA LYS O 298 -45.05 -19.97 -20.21
C LYS O 298 -43.93 -20.59 -19.38
N HIS O 299 -42.67 -20.37 -19.75
CA HIS O 299 -41.54 -20.99 -19.07
C HIS O 299 -40.42 -19.99 -18.91
N GLY O 300 -39.64 -20.14 -17.83
CA GLY O 300 -38.52 -19.28 -17.55
C GLY O 300 -38.71 -18.54 -16.23
N ILE O 301 -38.25 -17.29 -16.19
CA ILE O 301 -38.42 -16.43 -15.03
C ILE O 301 -39.07 -15.13 -15.51
N HIS O 302 -40.15 -14.72 -14.86
CA HIS O 302 -40.81 -13.47 -15.22
C HIS O 302 -39.90 -12.29 -14.88
N PHE O 303 -40.03 -11.22 -15.68
CA PHE O 303 -39.15 -10.07 -15.50
C PHE O 303 -39.36 -9.36 -14.18
N ARG O 304 -40.51 -9.56 -13.53
CA ARG O 304 -40.71 -8.95 -12.22
C ARG O 304 -39.75 -9.51 -11.19
N VAL O 305 -39.46 -10.82 -11.27
CA VAL O 305 -38.50 -11.42 -10.34
C VAL O 305 -37.12 -10.82 -10.55
N LEU O 306 -36.69 -10.68 -11.81
CA LEU O 306 -35.40 -10.08 -12.10
C LEU O 306 -35.35 -8.64 -11.63
N ALA O 307 -36.46 -7.91 -11.79
CA ALA O 307 -36.52 -6.53 -11.31
C ALA O 307 -36.39 -6.46 -9.79
N LYS O 308 -37.07 -7.37 -9.08
CA LYS O 308 -36.93 -7.44 -7.64
C LYS O 308 -35.48 -7.73 -7.25
N CYS O 309 -34.85 -8.68 -7.93
CA CYS O 309 -33.47 -9.04 -7.62
C CYS O 309 -32.52 -7.87 -7.86
N LEU O 310 -32.72 -7.14 -8.95
CA LEU O 310 -31.87 -5.98 -9.22
C LEU O 310 -32.09 -4.88 -8.19
N ARG O 311 -33.35 -4.63 -7.80
CA ARG O 311 -33.63 -3.61 -6.80
C ARG O 311 -32.98 -3.97 -5.46
N LEU O 312 -33.03 -5.26 -5.08
CA LEU O 312 -32.35 -5.69 -3.87
C LEU O 312 -30.84 -5.55 -4.00
N SER O 313 -30.28 -5.93 -5.15
CA SER O 313 -28.84 -5.87 -5.37
C SER O 313 -28.33 -4.45 -5.54
N GLY O 314 -29.21 -3.47 -5.69
CA GLY O 314 -28.78 -2.11 -5.89
C GLY O 314 -28.93 -1.67 -7.33
N GLY O 315 -29.14 -0.38 -7.51
CA GLY O 315 -29.29 0.21 -8.83
C GLY O 315 -30.30 1.33 -8.86
N ASP O 316 -30.10 2.27 -9.78
CA ASP O 316 -30.95 3.44 -9.87
C ASP O 316 -31.89 3.43 -11.06
N GLN O 317 -31.56 2.69 -12.13
CA GLN O 317 -32.39 2.65 -13.33
C GLN O 317 -32.45 1.24 -13.88
N LEU O 318 -33.59 0.87 -14.46
CA LEU O 318 -33.79 -0.46 -15.01
C LEU O 318 -34.63 -0.37 -16.27
N HIS O 319 -34.17 -0.99 -17.35
CA HIS O 319 -34.88 -0.95 -18.62
C HIS O 319 -36.15 -1.79 -18.57
N THR O 320 -37.20 -1.30 -19.23
CA THR O 320 -38.48 -2.01 -19.30
C THR O 320 -39.15 -2.00 -20.66
N GLY O 321 -38.73 -1.16 -21.61
CA GLY O 321 -39.69 -0.79 -22.64
C GLY O 321 -40.76 0.03 -21.94
N THR O 322 -41.88 0.27 -22.63
CA THR O 322 -43.08 0.64 -21.89
C THR O 322 -43.98 -0.58 -21.82
N VAL O 323 -44.86 -0.80 -22.79
CA VAL O 323 -45.12 -2.08 -23.42
C VAL O 323 -45.52 -1.72 -24.84
N VAL O 324 -45.86 -0.43 -25.00
CA VAL O 324 -46.63 0.05 -26.15
C VAL O 324 -45.69 0.63 -27.20
N GLY O 325 -46.21 0.79 -28.40
CA GLY O 325 -45.44 1.27 -29.53
C GLY O 325 -45.47 0.25 -30.65
N LYS O 326 -45.36 -1.02 -30.28
CA LYS O 326 -45.42 -2.12 -31.25
C LYS O 326 -46.49 -3.12 -30.82
N LEU O 327 -46.65 -3.32 -29.50
CA LEU O 327 -47.55 -4.33 -28.94
C LEU O 327 -48.36 -3.70 -27.80
N GLU O 328 -49.66 -3.51 -28.04
CA GLU O 328 -50.57 -2.98 -27.02
C GLU O 328 -50.49 -3.84 -25.76
N GLY O 329 -50.42 -5.15 -25.95
CA GLY O 329 -50.12 -6.16 -24.97
C GLY O 329 -51.01 -6.09 -23.74
N ASP O 330 -50.37 -6.31 -22.59
CA ASP O 330 -51.04 -6.51 -21.30
C ASP O 330 -50.44 -5.55 -20.27
N ARG O 331 -50.48 -4.25 -20.60
CA ARG O 331 -49.80 -3.23 -19.80
C ARG O 331 -50.08 -3.32 -18.31
N GLN O 332 -51.11 -4.08 -17.91
CA GLN O 332 -51.43 -4.24 -16.49
C GLN O 332 -50.25 -4.78 -15.68
N THR O 333 -49.69 -5.91 -16.12
CA THR O 333 -48.58 -6.51 -15.39
C THR O 333 -47.32 -5.66 -15.50
N THR O 334 -47.16 -4.94 -16.62
CA THR O 334 -46.04 -4.02 -16.73
C THR O 334 -46.12 -2.92 -15.68
N LEU O 335 -47.30 -2.28 -15.56
CA LEU O 335 -47.53 -1.30 -14.51
C LEU O 335 -47.37 -1.93 -13.13
N GLY O 336 -47.69 -3.21 -13.00
CA GLY O 336 -47.45 -3.92 -11.76
C GLY O 336 -45.98 -3.97 -11.38
N PHE O 337 -45.12 -4.36 -12.32
CA PHE O 337 -43.70 -4.38 -11.97
C PHE O 337 -43.15 -2.97 -11.81
N ILE O 338 -43.77 -1.99 -12.48
CA ILE O 338 -43.41 -0.59 -12.22
C ILE O 338 -43.72 -0.23 -10.78
N ASP O 339 -44.89 -0.65 -10.28
CA ASP O 339 -45.25 -0.45 -8.88
C ASP O 339 -44.22 -1.10 -7.97
N GLN O 340 -43.85 -2.34 -8.27
CA GLN O 340 -42.81 -3.02 -7.50
C GLN O 340 -41.46 -2.34 -7.60
N LEU O 341 -41.23 -1.54 -8.65
CA LEU O 341 -39.98 -0.81 -8.81
C LEU O 341 -39.96 0.51 -8.05
N ARG O 342 -41.11 1.15 -7.86
CA ARG O 342 -41.16 2.48 -7.28
C ARG O 342 -41.69 2.52 -5.85
N GLU O 343 -42.83 1.91 -5.59
CA GLU O 343 -43.50 2.07 -4.30
C GLU O 343 -42.81 1.26 -3.21
N SER O 344 -42.91 1.76 -1.97
CA SER O 344 -42.38 1.03 -0.83
C SER O 344 -43.23 -0.19 -0.49
N PHE O 345 -44.54 -0.11 -0.69
CA PHE O 345 -45.44 -1.23 -0.49
C PHE O 345 -46.37 -1.34 -1.68
N ILE O 346 -46.76 -2.58 -2.01
CA ILE O 346 -47.68 -2.83 -3.10
C ILE O 346 -48.72 -3.86 -2.65
N PRO O 347 -50.00 -3.54 -2.72
CA PRO O 347 -51.03 -4.54 -2.42
C PRO O 347 -51.11 -5.61 -3.50
N GLU O 348 -51.69 -6.74 -3.12
CA GLU O 348 -51.82 -7.87 -4.04
C GLU O 348 -52.71 -7.49 -5.23
N ASP O 349 -52.32 -7.96 -6.41
CA ASP O 349 -53.07 -7.71 -7.63
C ASP O 349 -52.80 -8.86 -8.59
N ARG O 350 -53.79 -9.75 -8.75
CA ARG O 350 -53.61 -10.88 -9.65
C ARG O 350 -53.47 -10.43 -11.09
N SER O 351 -54.22 -9.40 -11.50
CA SER O 351 -54.11 -8.89 -12.85
C SER O 351 -52.73 -8.31 -13.13
N ARG O 352 -52.17 -7.60 -12.16
CA ARG O 352 -50.83 -7.01 -12.31
C ARG O 352 -49.72 -8.02 -12.05
N GLY O 353 -50.06 -9.27 -11.77
CA GLY O 353 -49.04 -10.26 -11.46
C GLY O 353 -48.33 -10.03 -10.15
N ASN O 354 -49.07 -9.63 -9.11
CA ASN O 354 -48.52 -9.41 -7.78
C ASN O 354 -49.24 -10.34 -6.82
N PHE O 355 -48.60 -11.46 -6.48
CA PHE O 355 -49.23 -12.53 -5.71
C PHE O 355 -48.95 -12.43 -4.21
N PHE O 356 -48.27 -11.38 -3.76
CA PHE O 356 -47.95 -11.25 -2.35
C PHE O 356 -48.07 -9.79 -1.92
N ASP O 357 -48.34 -9.60 -0.63
CA ASP O 357 -48.34 -8.28 -0.01
C ASP O 357 -46.89 -7.94 0.34
N GLN O 358 -46.21 -7.25 -0.57
CA GLN O 358 -44.79 -6.99 -0.45
C GLN O 358 -44.55 -5.57 0.03
N ASP O 359 -43.80 -5.43 1.12
CA ASP O 359 -43.43 -4.14 1.68
C ASP O 359 -41.91 -4.03 1.69
N TRP O 360 -41.40 -2.88 1.25
CA TRP O 360 -39.98 -2.61 1.22
C TRP O 360 -39.52 -1.74 2.39
N GLY O 361 -40.39 -1.49 3.36
CA GLY O 361 -40.04 -0.59 4.45
C GLY O 361 -39.85 0.82 3.92
N SER O 362 -38.69 1.40 4.22
CA SER O 362 -38.36 2.72 3.70
C SER O 362 -37.11 2.65 2.83
N MET O 363 -37.02 1.61 2.02
CA MET O 363 -35.88 1.40 1.14
C MET O 363 -36.17 2.02 -0.22
N PRO O 364 -35.36 2.98 -0.68
CA PRO O 364 -35.71 3.75 -1.88
C PRO O 364 -35.84 2.88 -3.12
N GLY O 365 -36.72 3.31 -4.02
CA GLY O 365 -37.01 2.58 -5.22
C GLY O 365 -36.02 2.85 -6.34
N VAL O 366 -36.39 2.42 -7.54
CA VAL O 366 -35.52 2.46 -8.71
C VAL O 366 -36.27 3.11 -9.86
N PHE O 367 -35.59 3.97 -10.61
CA PHE O 367 -36.19 4.57 -11.80
C PHE O 367 -36.45 3.51 -12.86
N ALA O 368 -37.51 3.73 -13.63
CA ALA O 368 -37.84 2.87 -14.76
C ALA O 368 -37.31 3.48 -16.06
N VAL O 369 -36.84 2.62 -16.94
CA VAL O 369 -36.27 3.04 -18.22
C VAL O 369 -37.16 2.48 -19.34
N ALA O 370 -37.62 3.37 -20.21
CA ALA O 370 -38.46 3.00 -21.35
C ALA O 370 -37.73 3.39 -22.62
N SER O 371 -37.33 2.39 -23.40
CA SER O 371 -36.56 2.64 -24.62
C SER O 371 -36.85 1.54 -25.62
N GLY O 372 -36.61 1.83 -26.90
CA GLY O 372 -36.80 0.86 -27.95
C GLY O 372 -38.14 0.97 -28.66
N GLY O 373 -38.10 1.26 -29.96
CA GLY O 373 -39.31 1.34 -30.75
C GLY O 373 -40.25 2.44 -30.34
N ILE O 374 -39.73 3.57 -29.87
CA ILE O 374 -40.55 4.69 -29.44
C ILE O 374 -39.99 5.98 -30.02
N HIS O 375 -40.89 6.95 -30.21
CA HIS O 375 -40.53 8.28 -30.66
C HIS O 375 -41.62 9.24 -30.20
N VAL O 376 -41.66 10.43 -30.82
CA VAL O 376 -42.47 11.54 -30.29
C VAL O 376 -43.94 11.17 -30.20
N TRP O 377 -44.44 10.37 -31.15
CA TRP O 377 -45.87 10.13 -31.23
C TRP O 377 -46.41 9.36 -30.02
N HIS O 378 -45.56 8.58 -29.36
CA HIS O 378 -46.01 7.74 -28.26
C HIS O 378 -45.99 8.43 -26.90
N MET O 379 -45.32 9.58 -26.80
CA MET O 379 -44.99 10.16 -25.50
C MET O 379 -46.16 10.38 -24.55
N PRO O 380 -47.34 10.88 -24.99
CA PRO O 380 -48.45 11.07 -24.02
C PRO O 380 -48.83 9.80 -23.26
N ALA O 381 -49.00 8.70 -24.00
CA ALA O 381 -49.32 7.42 -23.36
C ALA O 381 -48.19 6.97 -22.44
N LEU O 382 -46.94 7.21 -22.84
CA LEU O 382 -45.81 6.83 -22.00
C LEU O 382 -45.84 7.58 -20.68
N VAL O 383 -46.10 8.88 -20.73
CA VAL O 383 -46.24 9.68 -19.50
C VAL O 383 -47.39 9.16 -18.66
N ALA O 384 -48.52 8.83 -19.31
CA ALA O 384 -49.68 8.38 -18.56
C ALA O 384 -49.39 7.07 -17.83
N ILE O 385 -48.66 6.14 -18.47
CA ILE O 385 -48.49 4.82 -17.89
C ILE O 385 -47.33 4.77 -16.91
N PHE O 386 -46.23 5.49 -17.20
CA PHE O 386 -45.03 5.41 -16.39
C PHE O 386 -44.97 6.47 -15.29
N GLY O 387 -45.93 7.39 -15.25
CA GLY O 387 -45.84 8.42 -14.23
C GLY O 387 -44.65 9.34 -14.45
N ASP O 388 -44.25 10.01 -13.38
CA ASP O 388 -43.15 10.97 -13.44
C ASP O 388 -41.80 10.37 -13.10
N ASP O 389 -41.78 9.16 -12.53
CA ASP O 389 -40.53 8.52 -12.09
C ASP O 389 -40.10 7.52 -13.16
N SER O 390 -39.57 8.05 -14.26
CA SER O 390 -39.13 7.23 -15.37
C SER O 390 -38.23 8.06 -16.28
N VAL O 391 -37.58 7.38 -17.22
CA VAL O 391 -36.73 8.02 -18.22
C VAL O 391 -37.08 7.46 -19.59
N LEU O 392 -37.08 8.34 -20.60
CA LEU O 392 -37.43 7.97 -21.97
C LEU O 392 -36.21 8.14 -22.87
N GLN O 393 -35.90 7.11 -23.63
CA GLN O 393 -34.75 7.11 -24.55
C GLN O 393 -35.23 6.92 -25.97
N PHE O 394 -34.75 7.78 -26.87
CA PHE O 394 -35.08 7.73 -28.29
C PHE O 394 -33.76 7.80 -29.07
N GLY O 395 -33.13 6.65 -29.29
CA GLY O 395 -31.87 6.61 -29.99
C GLY O 395 -32.00 7.01 -31.45
N GLY O 396 -32.72 6.21 -32.23
CA GLY O 396 -32.92 6.53 -33.64
C GLY O 396 -33.78 7.77 -33.85
N GLY O 397 -34.82 7.93 -33.02
CA GLY O 397 -35.76 9.02 -33.24
C GLY O 397 -35.11 10.38 -33.12
N THR O 398 -34.31 10.59 -32.08
CA THR O 398 -33.60 11.86 -31.93
C THR O 398 -32.51 12.00 -32.97
N HIS O 399 -31.76 10.93 -33.24
CA HIS O 399 -30.69 10.99 -34.22
C HIS O 399 -31.22 11.01 -35.64
N GLY O 400 -32.26 10.20 -35.93
CA GLY O 400 -32.83 10.17 -37.26
C GLY O 400 -33.63 11.39 -37.65
N HIS O 401 -33.79 12.35 -36.74
CA HIS O 401 -34.47 13.58 -37.07
C HIS O 401 -33.68 14.31 -38.15
N PRO O 402 -34.32 14.77 -39.23
CA PRO O 402 -33.57 15.38 -40.34
C PRO O 402 -32.80 16.63 -39.95
N TRP O 403 -33.20 17.34 -38.90
CA TRP O 403 -32.52 18.56 -38.49
C TRP O 403 -31.34 18.31 -37.56
N GLY O 404 -31.09 17.07 -37.18
CA GLY O 404 -29.97 16.76 -36.33
C GLY O 404 -30.40 16.25 -34.96
N SER O 405 -29.44 15.67 -34.25
CA SER O 405 -29.72 15.09 -32.93
C SER O 405 -30.15 16.16 -31.94
N ALA O 406 -29.53 17.35 -31.99
CA ALA O 406 -29.89 18.42 -31.07
C ALA O 406 -31.34 18.85 -31.28
N ALA O 407 -31.74 19.03 -32.53
CA ALA O 407 -33.11 19.45 -32.82
C ALA O 407 -34.11 18.38 -32.42
N GLY O 408 -33.80 17.11 -32.69
CA GLY O 408 -34.69 16.04 -32.27
C GLY O 408 -34.83 15.96 -30.76
N ALA O 409 -33.71 16.10 -30.04
CA ALA O 409 -33.76 16.10 -28.58
C ALA O 409 -34.58 17.27 -28.05
N ALA O 410 -34.41 18.45 -28.66
CA ALA O 410 -35.21 19.60 -28.25
C ALA O 410 -36.69 19.38 -28.52
N ALA O 411 -37.02 18.78 -29.66
CA ALA O 411 -38.41 18.50 -29.98
C ALA O 411 -39.02 17.53 -28.97
N ASN O 412 -38.29 16.47 -28.64
CA ASN O 412 -38.79 15.51 -27.65
C ASN O 412 -38.91 16.17 -26.27
N ARG O 413 -37.96 17.05 -25.93
CA ARG O 413 -38.02 17.74 -24.64
C ARG O 413 -39.25 18.64 -24.55
N VAL O 414 -39.52 19.42 -25.59
CA VAL O 414 -40.67 20.31 -25.53
C VAL O 414 -41.97 19.51 -25.62
N ALA O 415 -41.98 18.39 -26.34
CA ALA O 415 -43.15 17.52 -26.32
C ALA O 415 -43.42 16.99 -24.92
N LEU O 416 -42.38 16.54 -24.22
CA LEU O 416 -42.54 16.06 -22.86
C LEU O 416 -43.02 17.18 -21.94
N GLU O 417 -42.47 18.38 -22.10
CA GLU O 417 -42.90 19.51 -21.27
C GLU O 417 -44.37 19.82 -21.49
N ALA O 418 -44.80 19.88 -22.75
CA ALA O 418 -46.20 20.16 -23.04
C ALA O 418 -47.11 19.06 -22.51
N CYS O 419 -46.69 17.80 -22.65
CA CYS O 419 -47.50 16.69 -22.19
C CYS O 419 -47.66 16.71 -20.68
N VAL O 420 -46.56 16.93 -19.95
CA VAL O 420 -46.66 16.96 -18.49
C VAL O 420 -47.42 18.20 -18.03
N LYS O 421 -47.34 19.30 -18.78
CA LYS O 421 -48.14 20.48 -18.45
C LYS O 421 -49.63 20.17 -18.58
N ALA O 422 -50.01 19.53 -19.70
CA ALA O 422 -51.42 19.20 -19.91
C ALA O 422 -51.90 18.18 -18.89
N ARG O 423 -51.04 17.23 -18.52
CA ARG O 423 -51.39 16.28 -17.48
C ARG O 423 -51.61 16.98 -16.14
N ASN O 424 -50.70 17.90 -15.79
CA ASN O 424 -50.88 18.70 -14.59
C ASN O 424 -52.09 19.60 -14.69
N ALA O 425 -52.50 19.97 -15.91
CA ALA O 425 -53.70 20.76 -16.09
C ALA O 425 -54.98 19.99 -15.73
N GLY O 426 -54.89 18.69 -15.52
CA GLY O 426 -56.06 17.88 -15.24
C GLY O 426 -56.72 17.30 -16.47
N ARG O 427 -55.99 17.16 -17.57
CA ARG O 427 -56.56 16.74 -18.85
C ARG O 427 -56.24 15.27 -19.12
N GLU O 428 -57.15 14.62 -19.85
CA GLU O 428 -56.95 13.24 -20.29
C GLU O 428 -56.09 13.27 -21.55
N ILE O 429 -54.81 12.93 -21.40
CA ILE O 429 -53.83 13.20 -22.45
C ILE O 429 -53.99 12.22 -23.61
N GLU O 430 -54.42 10.99 -23.31
CA GLU O 430 -54.38 9.93 -24.32
C GLU O 430 -55.25 10.26 -25.53
N LYS O 431 -56.44 10.82 -25.29
CA LYS O 431 -57.38 11.08 -26.38
C LYS O 431 -56.98 12.30 -27.18
N GLU O 432 -56.83 13.45 -26.52
CA GLU O 432 -56.50 14.70 -27.19
C GLU O 432 -55.02 14.87 -27.47
N SER O 433 -54.27 13.78 -27.49
CA SER O 433 -52.82 13.85 -27.69
C SER O 433 -52.47 14.58 -28.99
N ARG O 434 -53.27 14.38 -30.04
CA ARG O 434 -53.01 15.06 -31.30
C ARG O 434 -53.10 16.57 -31.15
N ASP O 435 -54.11 17.06 -30.42
CA ASP O 435 -54.21 18.48 -30.16
C ASP O 435 -53.03 18.98 -29.34
N ILE O 436 -52.59 18.19 -28.36
CA ILE O 436 -51.47 18.58 -27.52
C ILE O 436 -50.21 18.74 -28.37
N LEU O 437 -49.94 17.76 -29.24
CA LEU O 437 -48.73 17.84 -30.05
C LEU O 437 -48.82 18.94 -31.10
N MET O 438 -50.01 19.21 -31.65
CA MET O 438 -50.16 20.33 -32.57
C MET O 438 -49.91 21.65 -31.86
N GLU O 439 -50.45 21.81 -30.64
CA GLU O 439 -50.23 23.03 -29.88
C GLU O 439 -48.76 23.20 -29.54
N ALA O 440 -48.07 22.11 -29.20
CA ALA O 440 -46.63 22.17 -28.96
C ALA O 440 -45.88 22.57 -30.23
N ALA O 441 -46.29 22.01 -31.38
CA ALA O 441 -45.65 22.33 -32.65
C ALA O 441 -45.90 23.77 -33.06
N LYS O 442 -46.94 24.41 -32.52
CA LYS O 442 -47.17 25.82 -32.80
C LYS O 442 -46.04 26.73 -32.33
N HIS O 443 -45.05 26.18 -31.60
CA HIS O 443 -43.86 26.94 -31.24
C HIS O 443 -42.57 26.17 -31.47
N SER O 444 -42.62 24.97 -32.06
CA SER O 444 -41.43 24.15 -32.28
C SER O 444 -41.55 23.49 -33.65
N PRO O 445 -41.04 24.13 -34.70
CA PRO O 445 -41.12 23.52 -36.05
C PRO O 445 -40.44 22.18 -36.15
N GLU O 446 -39.36 21.96 -35.38
CA GLU O 446 -38.71 20.64 -35.37
C GLU O 446 -39.66 19.58 -34.85
N LEU O 447 -40.45 19.91 -33.82
CA LEU O 447 -41.47 18.98 -33.34
C LEU O 447 -42.50 18.72 -34.44
N ALA O 448 -42.88 19.76 -35.18
CA ALA O 448 -43.86 19.59 -36.24
C ALA O 448 -43.34 18.62 -37.31
N ILE O 449 -42.09 18.81 -37.75
CA ILE O 449 -41.56 17.93 -38.79
C ILE O 449 -41.36 16.51 -38.25
N ALA O 450 -40.99 16.37 -36.97
CA ALA O 450 -40.86 15.03 -36.39
C ALA O 450 -42.20 14.31 -36.37
N LEU O 451 -43.24 14.98 -35.87
CA LEU O 451 -44.58 14.40 -35.87
C LEU O 451 -45.05 14.10 -37.29
N GLU O 452 -44.60 14.89 -38.27
CA GLU O 452 -44.89 14.58 -39.67
C GLU O 452 -44.16 13.32 -40.12
N THR O 453 -42.94 13.09 -39.64
CA THR O 453 -42.14 11.96 -40.13
C THR O 453 -42.78 10.62 -39.78
N TRP O 454 -43.30 10.47 -38.57
CA TRP O 454 -43.77 9.16 -38.11
C TRP O 454 -45.22 9.24 -37.65
N LYS O 455 -46.07 9.85 -38.46
CA LYS O 455 -47.49 9.96 -38.17
C LYS O 455 -48.16 8.59 -38.07
N VAL P 7 -33.29 22.56 -43.16
CA VAL P 7 -33.22 23.99 -43.44
C VAL P 7 -33.26 24.78 -42.14
N GLY P 8 -32.21 25.57 -41.90
CA GLY P 8 -32.12 26.36 -40.70
C GLY P 8 -31.53 25.59 -39.53
N ASP P 9 -30.95 26.34 -38.60
CA ASP P 9 -30.32 25.77 -37.42
C ASP P 9 -31.09 26.16 -36.17
N TYR P 10 -30.88 25.40 -35.10
CA TYR P 10 -31.47 25.68 -33.80
C TYR P 10 -30.35 26.17 -32.89
N GLN P 11 -30.35 27.47 -32.60
CA GLN P 11 -29.29 28.06 -31.80
C GLN P 11 -29.43 27.65 -30.33
N THR P 12 -28.30 27.47 -29.67
CA THR P 12 -28.31 27.14 -28.26
C THR P 12 -28.87 28.32 -27.46
N VAL P 13 -29.76 28.02 -26.54
CA VAL P 13 -30.45 29.03 -25.74
C VAL P 13 -30.27 28.70 -24.27
N ALA P 14 -29.91 29.71 -23.47
CA ALA P 14 -29.81 29.54 -22.03
C ALA P 14 -31.23 29.40 -21.49
N THR P 15 -31.66 28.16 -21.27
CA THR P 15 -33.02 27.87 -20.87
C THR P 15 -33.11 27.69 -19.36
N LEU P 16 -34.34 27.61 -18.87
CA LEU P 16 -34.58 27.70 -17.44
C LEU P 16 -35.38 26.53 -16.90
N GLU P 17 -34.93 25.29 -17.16
CA GLU P 17 -35.35 24.15 -16.36
C GLU P 17 -36.84 23.85 -16.40
N THR P 18 -37.30 23.15 -17.45
CA THR P 18 -38.67 22.65 -17.50
C THR P 18 -39.71 23.76 -17.65
N PHE P 19 -39.96 24.15 -18.91
CA PHE P 19 -40.69 25.33 -19.38
C PHE P 19 -39.78 26.55 -19.49
N GLY P 20 -38.47 26.30 -19.59
CA GLY P 20 -37.57 27.34 -20.06
C GLY P 20 -37.62 27.52 -21.57
N PHE P 21 -38.03 26.47 -22.30
CA PHE P 21 -38.09 26.55 -23.76
C PHE P 21 -39.34 27.28 -24.23
N LEU P 22 -40.49 26.99 -23.64
CA LEU P 22 -41.75 27.60 -24.06
C LEU P 22 -41.76 29.09 -23.73
N PRO P 23 -42.58 29.86 -24.44
CA PRO P 23 -42.70 31.28 -24.10
C PRO P 23 -43.21 31.44 -22.68
N PRO P 24 -42.96 32.60 -22.06
CA PRO P 24 -43.36 32.79 -20.65
C PRO P 24 -44.85 32.53 -20.45
N MET P 25 -45.15 31.84 -19.36
CA MET P 25 -46.52 31.39 -19.11
C MET P 25 -47.45 32.56 -18.84
N THR P 26 -48.69 32.42 -19.27
CA THR P 26 -49.70 33.43 -18.98
C THR P 26 -50.23 33.26 -17.56
N GLN P 27 -50.89 34.31 -17.07
CA GLN P 27 -51.33 34.32 -15.68
C GLN P 27 -52.36 33.22 -15.40
N ASP P 28 -53.26 32.97 -16.37
CA ASP P 28 -54.22 31.88 -16.21
C ASP P 28 -53.51 30.54 -16.12
N GLU P 29 -52.43 30.36 -16.88
CA GLU P 29 -51.64 29.14 -16.78
C GLU P 29 -50.98 29.03 -15.41
N ILE P 30 -50.56 30.16 -14.84
CA ILE P 30 -50.02 30.15 -13.47
C ILE P 30 -51.11 29.73 -12.49
N TYR P 31 -52.33 30.23 -12.67
CA TYR P 31 -53.46 29.82 -11.83
C TYR P 31 -53.66 28.31 -11.93
N ASP P 32 -53.63 27.77 -13.15
CA ASP P 32 -53.83 26.34 -13.33
C ASP P 32 -52.70 25.53 -12.67
N GLN P 33 -51.46 26.00 -12.81
CA GLN P 33 -50.33 25.30 -12.19
C GLN P 33 -50.45 25.28 -10.68
N ILE P 34 -50.78 26.43 -10.07
CA ILE P 34 -50.89 26.45 -8.61
C ILE P 34 -52.10 25.65 -8.15
N ALA P 35 -53.18 25.65 -8.93
CA ALA P 35 -54.33 24.80 -8.59
C ALA P 35 -53.96 23.33 -8.63
N TYR P 36 -53.14 22.93 -9.61
CA TYR P 36 -52.65 21.55 -9.65
C TYR P 36 -51.79 21.24 -8.43
N ILE P 37 -50.91 22.18 -8.05
CA ILE P 37 -50.08 21.98 -6.87
C ILE P 37 -50.95 21.78 -5.65
N ILE P 38 -52.03 22.55 -5.53
CA ILE P 38 -52.97 22.37 -4.44
C ILE P 38 -53.63 21.00 -4.50
N ALA P 39 -54.03 20.57 -5.70
CA ALA P 39 -54.72 19.30 -5.88
C ALA P 39 -53.83 18.11 -5.56
N GLN P 40 -52.52 18.27 -5.61
CA GLN P 40 -51.59 17.20 -5.27
C GLN P 40 -51.17 17.19 -3.81
N GLY P 41 -51.70 18.12 -3.01
CA GLY P 41 -51.32 18.17 -1.61
C GLY P 41 -49.95 18.72 -1.33
N TRP P 42 -49.31 19.33 -2.34
CA TRP P 42 -47.98 19.89 -2.18
C TRP P 42 -48.09 21.29 -1.58
N SER P 43 -46.96 21.97 -1.41
CA SER P 43 -46.95 23.30 -0.83
C SER P 43 -46.18 24.26 -1.72
N PRO P 44 -46.72 25.44 -1.96
CA PRO P 44 -46.02 26.43 -2.79
C PRO P 44 -44.81 27.00 -2.07
N LEU P 45 -43.79 27.33 -2.86
CA LEU P 45 -42.59 27.96 -2.33
C LEU P 45 -41.97 28.83 -3.42
N ILE P 46 -41.59 30.05 -3.06
CA ILE P 46 -41.10 31.05 -4.01
C ILE P 46 -39.59 31.17 -3.87
N GLU P 47 -38.89 31.09 -4.99
CA GLU P 47 -37.44 31.22 -5.03
C GLU P 47 -37.05 32.31 -6.01
N HIS P 48 -36.15 33.18 -5.58
CA HIS P 48 -35.59 34.22 -6.45
C HIS P 48 -34.07 34.19 -6.30
N VAL P 49 -33.36 34.45 -7.40
CA VAL P 49 -31.91 34.45 -7.39
C VAL P 49 -31.43 35.25 -8.59
N HIS P 50 -30.24 35.83 -8.47
CA HIS P 50 -29.65 36.55 -9.59
C HIS P 50 -29.35 35.57 -10.72
N PRO P 51 -29.62 35.95 -11.97
CA PRO P 51 -29.38 35.01 -13.09
C PRO P 51 -27.95 34.56 -13.23
N SER P 52 -26.99 35.35 -12.73
CA SER P 52 -25.58 34.95 -12.81
C SER P 52 -25.31 33.69 -11.98
N ARG P 53 -26.10 33.46 -10.94
CA ARG P 53 -25.91 32.32 -10.05
C ARG P 53 -26.95 31.23 -10.26
N SER P 54 -27.39 31.05 -11.52
CA SER P 54 -28.40 30.03 -11.79
C SER P 54 -27.89 28.62 -11.51
N MET P 55 -26.56 28.44 -11.54
CA MET P 55 -25.97 27.12 -11.35
C MET P 55 -25.85 26.74 -9.88
N ALA P 56 -26.26 27.59 -8.96
CA ALA P 56 -26.21 27.26 -7.55
C ALA P 56 -27.24 26.18 -7.23
N THR P 57 -27.11 25.60 -6.04
CA THR P 57 -28.00 24.54 -5.59
C THR P 57 -29.23 25.05 -4.86
N TYR P 58 -29.11 26.14 -4.11
CA TYR P 58 -30.22 26.69 -3.34
C TYR P 58 -30.38 28.16 -3.71
N TRP P 59 -31.60 28.55 -4.09
CA TRP P 59 -31.90 29.94 -4.38
C TRP P 59 -32.36 30.66 -3.12
N SER P 60 -32.44 31.98 -3.22
CA SER P 60 -32.89 32.80 -2.09
C SER P 60 -34.39 32.63 -1.93
N TYR P 61 -34.81 32.00 -0.83
CA TYR P 61 -36.20 31.69 -0.62
C TYR P 61 -36.97 32.91 -0.12
N TRP P 62 -38.23 33.00 -0.54
CA TRP P 62 -39.15 34.02 -0.03
C TRP P 62 -39.68 33.58 1.32
N LYS P 63 -40.76 34.19 1.80
CA LYS P 63 -41.39 33.80 3.06
C LYS P 63 -41.62 32.30 3.12
N LEU P 64 -41.66 31.75 4.33
CA LEU P 64 -41.65 30.30 4.53
C LEU P 64 -42.76 29.62 3.73
N PRO P 65 -42.56 28.36 3.35
CA PRO P 65 -43.58 27.66 2.55
C PRO P 65 -44.92 27.64 3.26
N PHE P 66 -45.99 27.78 2.48
CA PHE P 66 -47.33 27.93 3.01
C PHE P 66 -47.98 26.56 3.10
N PHE P 67 -48.14 26.06 4.33
CA PHE P 67 -48.72 24.75 4.58
C PHE P 67 -50.16 24.92 5.02
N GLY P 68 -51.07 24.16 4.42
CA GLY P 68 -52.48 24.33 4.62
C GLY P 68 -53.10 25.44 3.81
N GLU P 69 -52.32 26.13 2.98
CA GLU P 69 -52.82 27.21 2.16
C GLU P 69 -53.42 26.62 0.88
N LYS P 70 -54.70 26.93 0.64
CA LYS P 70 -55.43 26.36 -0.50
C LYS P 70 -56.05 27.44 -1.38
N ASP P 71 -55.56 28.67 -1.32
CA ASP P 71 -56.10 29.78 -2.08
C ASP P 71 -55.11 30.20 -3.15
N LEU P 72 -55.60 30.41 -4.37
CA LEU P 72 -54.73 30.83 -5.47
C LEU P 72 -54.38 32.30 -5.36
N GLY P 73 -55.32 33.13 -4.90
CA GLY P 73 -55.12 34.58 -4.90
C GLY P 73 -53.94 35.01 -4.04
N VAL P 74 -53.80 34.40 -2.86
CA VAL P 74 -52.67 34.76 -1.99
C VAL P 74 -51.35 34.35 -2.65
N ILE P 75 -51.35 33.22 -3.35
CA ILE P 75 -50.14 32.79 -4.05
C ILE P 75 -49.77 33.79 -5.14
N VAL P 76 -50.77 34.25 -5.89
CA VAL P 76 -50.51 35.23 -6.95
C VAL P 76 -50.02 36.55 -6.36
N SER P 77 -50.61 36.97 -5.24
CA SER P 77 -50.17 38.20 -4.58
C SER P 77 -48.73 38.08 -4.12
N GLU P 78 -48.36 36.93 -3.53
CA GLU P 78 -46.98 36.73 -3.12
C GLU P 78 -46.04 36.71 -4.32
N LEU P 79 -46.48 36.10 -5.43
CA LEU P 79 -45.64 36.07 -6.63
C LEU P 79 -45.37 37.47 -7.15
N GLU P 80 -46.41 38.30 -7.24
CA GLU P 80 -46.20 39.65 -7.75
C GLU P 80 -45.39 40.50 -6.76
N ALA P 81 -45.59 40.29 -5.46
CA ALA P 81 -44.81 41.03 -4.47
C ALA P 81 -43.33 40.67 -4.57
N CYS P 82 -43.02 39.37 -4.67
CA CYS P 82 -41.62 38.97 -4.78
C CYS P 82 -41.02 39.40 -6.11
N HIS P 83 -41.82 39.41 -7.18
CA HIS P 83 -41.34 39.92 -8.45
C HIS P 83 -40.97 41.39 -8.36
N ARG P 84 -41.81 42.19 -7.70
CA ARG P 84 -41.46 43.59 -7.47
C ARG P 84 -40.30 43.75 -6.51
N ALA P 85 -40.05 42.77 -5.63
CA ALA P 85 -38.92 42.87 -4.72
C ALA P 85 -37.60 42.79 -5.49
N TYR P 86 -37.48 41.83 -6.40
CA TYR P 86 -36.28 41.65 -7.22
C TYR P 86 -36.68 41.50 -8.67
N PRO P 87 -37.00 42.62 -9.35
CA PRO P 87 -37.43 42.54 -10.75
C PRO P 87 -36.32 42.19 -11.73
N ASP P 88 -35.08 42.04 -11.26
CA ASP P 88 -33.97 41.63 -12.11
C ASP P 88 -33.51 40.20 -11.85
N HIS P 89 -34.04 39.55 -10.81
CA HIS P 89 -33.71 38.17 -10.50
C HIS P 89 -34.64 37.20 -11.23
N HIS P 90 -34.18 35.96 -11.39
CA HIS P 90 -35.03 34.89 -11.86
C HIS P 90 -35.91 34.40 -10.70
N VAL P 91 -37.21 34.31 -10.95
CA VAL P 91 -38.18 33.94 -9.91
C VAL P 91 -38.92 32.70 -10.40
N ARG P 92 -38.91 31.64 -9.59
CA ARG P 92 -39.59 30.40 -9.91
C ARG P 92 -40.47 29.96 -8.75
N LEU P 93 -41.43 29.10 -9.06
CA LEU P 93 -42.36 28.56 -8.08
C LEU P 93 -42.20 27.05 -8.01
N VAL P 94 -42.12 26.52 -6.79
CA VAL P 94 -41.83 25.11 -6.56
C VAL P 94 -42.90 24.53 -5.65
N GLY P 95 -43.37 23.33 -5.99
CA GLY P 95 -44.27 22.58 -5.15
C GLY P 95 -43.53 21.52 -4.38
N TYR P 96 -43.63 21.57 -3.06
CA TYR P 96 -42.88 20.69 -2.17
C TYR P 96 -43.79 19.58 -1.64
N ASP P 97 -43.33 18.34 -1.74
CA ASP P 97 -44.04 17.17 -1.22
C ASP P 97 -43.34 16.72 0.06
N ALA P 98 -44.07 16.79 1.17
CA ALA P 98 -43.49 16.42 2.47
C ALA P 98 -43.28 14.92 2.59
N TYR P 99 -44.16 14.12 1.99
CA TYR P 99 -44.10 12.67 2.15
C TYR P 99 -42.99 12.01 1.34
N THR P 100 -42.49 12.68 0.30
CA THR P 100 -41.41 12.15 -0.51
C THR P 100 -40.13 12.98 -0.47
N GLN P 101 -40.15 14.14 0.20
CA GLN P 101 -38.98 15.00 0.35
C GLN P 101 -38.35 15.35 -1.00
N SER P 102 -39.20 15.66 -1.98
CA SER P 102 -38.74 16.04 -3.32
C SER P 102 -39.57 17.22 -3.79
N GLN P 103 -39.22 17.74 -4.96
CA GLN P 103 -39.96 18.83 -5.60
C GLN P 103 -40.93 18.20 -6.59
N GLY P 104 -42.23 18.25 -6.26
CA GLY P 104 -43.23 17.66 -7.12
C GLY P 104 -43.32 18.33 -8.47
N ALA P 105 -43.17 19.66 -8.51
CA ALA P 105 -43.22 20.42 -9.74
C ALA P 105 -42.58 21.78 -9.51
N CYS P 106 -41.81 22.24 -10.48
CA CYS P 106 -41.14 23.53 -10.36
C CYS P 106 -40.88 24.09 -11.75
N PHE P 107 -41.03 25.40 -11.88
CA PHE P 107 -40.78 26.09 -13.14
C PHE P 107 -40.66 27.59 -12.86
N VAL P 108 -40.03 28.29 -13.80
CA VAL P 108 -39.80 29.72 -13.63
C VAL P 108 -41.07 30.49 -13.97
N VAL P 109 -41.34 31.54 -13.20
CA VAL P 109 -42.48 32.42 -13.42
C VAL P 109 -42.05 33.74 -14.04
N PHE P 110 -41.06 34.39 -13.45
CA PHE P 110 -40.53 35.65 -13.96
C PHE P 110 -39.04 35.48 -14.26
N GLU P 111 -38.63 35.94 -15.45
CA GLU P 111 -37.22 35.97 -15.82
C GLU P 111 -36.71 37.39 -15.73
N GLY P 112 -35.48 37.55 -15.26
CA GLY P 112 -34.92 38.86 -15.04
C GLY P 112 -34.57 39.58 -16.33
N ARG P 113 -34.28 40.87 -16.20
CA ARG P 113 -33.91 41.69 -17.34
C ARG P 113 -32.58 41.25 -17.94
#